data_8F4R
#
_entry.id   8F4R
#
_cell.length_a   1.00
_cell.length_b   1.00
_cell.length_c   1.00
_cell.angle_alpha   90.00
_cell.angle_beta   90.00
_cell.angle_gamma   90.00
#
_symmetry.space_group_name_H-M   'P 1'
#
loop_
_entity.id
_entity.type
_entity.pdbx_description
1 polymer 'Efflux pump membrane transporter'
2 non-polymer '(2R,3R,4R,5R)-2-((1S,2S,3R,4S,6R)-4,6-DIAMINO-3-((2R,3R,6S)-3-AMINO-6-(AMINOMETHYL)-TETRAHYDRO-2H-PYRAN-2-YLOXY)-2-HYDR OXYCYCLOHEXYLOXY)-5-METHYL-4-(METHYLAMINO)-TETRAHYDRO-2H-PYRAN-3,5-DIOL'
#
_entity_poly.entity_id   1
_entity_poly.type   'polypeptide(L)'
_entity_poly.pdbx_seq_one_letter_code
;MANFFIDRPIFAWVLAILLCLTGTLAIFSLPVEQYPDLAPPNVRVTANYPGASAQTLENTVTQVIEQNMTGLDNLMYMSS
QSSGTGQASVTLSFKAGTDPDEAVQQVQNQLQSAMRKLPQAVQNQGVTVRKTGDTNILTIAFVSTDGSMDKQDIADYVAS
NIQDPLSRVNGVGDIDAYGSQYSMRIWLDPAKLNSFQMTAKDVTDAIESQNAQIAVGQLGGTPSVDKQALNATINAQSLL
QTPEQFRDITLRVNQDGSEVRLGDVATVEMGAEKYDYLSRFNGKPASGLGVKLASGANEMATAELVLNRLDELAQYFPHG
LEYKVAYETTSFVKASIEDVVKTLLEAIALVFLVMYLFLQNFRATLIPTIAVPVVLMGTFSVLYAFGYSVNTLTMFAMVL
AIGLLVDDAIVVVENVERIMSEEGLTPREATRKSMGQIQGALVGIAMVLSAVFVPMAFFGGTTGAIYRQFSITIVAAMVL
SVLVAMILTPALCATLLKPLKKGEHHGQKGFFAWFNQMFNRNAERYEKGVAKILHRSLRWIVIYVLLLGGMVFLFLRLPT
SFLPLEDRGMFTTSVQLPSGSTQQQTLKVVEQIEKYYFTHEKDNIMSVFATVGSGPGGNGQNVARMFIRLKDWSERDSKT
GTSFAIIERATKAFNQIKEARVIASSPPAISGLGSSAGFDMELQDHAGAGHDALMAARNQLLALAAENPELTRVRHNGLD
DSPQLQIDIDQRKAQALGVAIDDINDTLQTAWGSSYVNDFMDRGRVKKVYVQAAAPYRMLPDDINLWYVRNKDGGMVPFS
AFATSRWETGSPRLERYNGYSAVEIVGEAAPGVSTGTAMDIMESLVKQLPNGFGLEWTAMSYQERLSGAQAPALYAISLL
VVFLCLAALYESWSVPFSVMLVVPLGVIGALLATWMRGLENDVYFQVGLLTVIGLSAKNAILIVEFANEMNQKGHDLFEA
TLHACRQRLRPILMTSLAFIFGVLPMATSTGAGSGGQHAVGTGVMGGMISATILAIYFVPLFFVLVRRRFPLKPRPE
;
_entity_poly.pdbx_strand_id   A,B,C
#
loop_
_chem_comp.id
_chem_comp.type
_chem_comp.name
_chem_comp.formula
LLL non-polymer '(2R,3R,4R,5R)-2-((1S,2S,3R,4S,6R)-4,6-DIAMINO-3-((2R,3R,6S)-3-AMINO-6-(AMINOMETHYL)-TETRAHYDRO-2H-PYRAN-2-YLOXY)-2-HYDR OXYCYCLOHEXYLOXY)-5-METHYL-4-(METHYLAMINO)-TETRAHYDRO-2H-PYRAN-3,5-DIOL' 'C19 H39 N5 O7'
#
# COMPACT_ATOMS: atom_id res chain seq x y z
N MET A 1 -7.27 -41.64 -5.77
CA MET A 1 -6.15 -40.94 -6.40
C MET A 1 -4.89 -41.78 -6.34
N ALA A 2 -4.77 -42.58 -5.28
CA ALA A 2 -3.59 -43.42 -5.11
C ALA A 2 -3.48 -44.44 -6.23
N ASN A 3 -4.60 -45.05 -6.61
CA ASN A 3 -4.58 -46.04 -7.69
C ASN A 3 -4.09 -45.42 -8.99
N PHE A 4 -4.33 -44.12 -9.19
CA PHE A 4 -3.89 -43.44 -10.39
C PHE A 4 -2.36 -43.44 -10.49
N PHE A 5 -1.68 -43.17 -9.38
CA PHE A 5 -0.23 -43.05 -9.42
C PHE A 5 0.46 -44.40 -9.25
N ILE A 6 -0.26 -45.42 -8.78
CA ILE A 6 0.33 -46.76 -8.69
C ILE A 6 0.71 -47.26 -10.07
N ASP A 7 -0.17 -47.04 -11.06
CA ASP A 7 0.10 -47.45 -12.44
C ASP A 7 0.93 -46.43 -13.21
N ARG A 8 1.22 -45.27 -12.61
CA ARG A 8 1.99 -44.22 -13.28
C ARG A 8 3.09 -43.74 -12.35
N PRO A 9 4.11 -44.59 -12.11
CA PRO A 9 5.21 -44.15 -11.24
C PRO A 9 5.96 -42.95 -11.79
N ILE A 10 6.06 -42.82 -13.10
CA ILE A 10 6.83 -41.74 -13.69
C ILE A 10 6.21 -40.39 -13.35
N PHE A 11 4.88 -40.33 -13.36
CA PHE A 11 4.20 -39.09 -13.00
C PHE A 11 4.50 -38.70 -11.56
N ALA A 12 4.49 -39.68 -10.66
CA ALA A 12 4.81 -39.39 -9.26
C ALA A 12 6.25 -38.92 -9.12
N TRP A 13 7.17 -39.54 -9.86
CA TRP A 13 8.55 -39.11 -9.83
C TRP A 13 8.69 -37.68 -10.35
N VAL A 14 7.95 -37.34 -11.40
CA VAL A 14 8.00 -35.99 -11.95
C VAL A 14 7.51 -34.97 -10.92
N LEU A 15 6.40 -35.28 -10.26
CA LEU A 15 5.88 -34.38 -9.23
C LEU A 15 6.87 -34.22 -8.08
N ALA A 16 7.49 -35.33 -7.66
CA ALA A 16 8.48 -35.27 -6.60
C ALA A 16 9.68 -34.43 -7.02
N ILE A 17 10.11 -34.57 -8.27
CA ILE A 17 11.25 -33.81 -8.78
C ILE A 17 10.92 -32.33 -8.78
N LEU A 18 9.71 -31.97 -9.22
CA LEU A 18 9.31 -30.57 -9.22
C LEU A 18 9.30 -30.01 -7.79
N LEU A 19 8.73 -30.78 -6.86
CA LEU A 19 8.71 -30.34 -5.47
C LEU A 19 10.11 -30.15 -4.92
N CYS A 20 11.01 -31.10 -5.21
CA CYS A 20 12.37 -31.02 -4.69
C CYS A 20 13.11 -29.83 -5.27
N LEU A 21 12.96 -29.60 -6.57
CA LEU A 21 13.64 -28.46 -7.22
C LEU A 21 13.13 -27.15 -6.66
N THR A 22 11.81 -27.01 -6.52
CA THR A 22 11.24 -25.79 -5.95
C THR A 22 11.71 -25.60 -4.52
N GLY A 23 11.78 -26.69 -3.75
CA GLY A 23 12.26 -26.59 -2.39
C GLY A 23 13.72 -26.16 -2.32
N THR A 24 14.56 -26.66 -3.22
CA THR A 24 15.95 -26.24 -3.27
C THR A 24 16.06 -24.75 -3.59
N LEU A 25 15.26 -24.30 -4.56
CA LEU A 25 15.24 -22.88 -4.89
C LEU A 25 14.82 -22.05 -3.68
N ALA A 26 13.77 -22.49 -2.99
CA ALA A 26 13.32 -21.78 -1.80
C ALA A 26 14.40 -21.74 -0.73
N ILE A 27 15.04 -22.88 -0.48
CA ILE A 27 16.08 -22.94 0.55
C ILE A 27 17.18 -21.95 0.24
N PHE A 28 17.64 -21.90 -1.01
CA PHE A 28 18.70 -20.97 -1.35
C PHE A 28 18.18 -19.53 -1.43
N SER A 29 16.85 -19.35 -1.40
CA SER A 29 16.33 -18.00 -1.53
C SER A 29 15.88 -17.41 -0.18
N LEU A 30 15.28 -18.22 0.68
CA LEU A 30 14.61 -17.66 1.85
C LEU A 30 15.63 -17.10 2.84
N PRO A 31 15.25 -16.10 3.63
CA PRO A 31 16.17 -15.56 4.65
C PRO A 31 16.30 -16.49 5.84
N VAL A 32 17.38 -16.28 6.60
CA VAL A 32 17.64 -17.00 7.83
C VAL A 32 17.92 -15.98 8.93
N GLU A 33 17.26 -16.14 10.07
CA GLU A 33 17.41 -15.23 11.19
C GLU A 33 16.99 -15.95 12.46
N GLN A 34 17.39 -15.41 13.61
CA GLN A 34 17.06 -16.07 14.87
C GLN A 34 15.57 -16.03 15.14
N TYR A 35 14.96 -14.85 15.07
CA TYR A 35 13.55 -14.68 15.32
C TYR A 35 12.96 -13.71 14.31
N PRO A 36 11.71 -13.89 13.92
CA PRO A 36 11.06 -12.95 13.01
C PRO A 36 10.56 -11.71 13.73
N ASP A 37 9.87 -10.84 13.01
CA ASP A 37 9.29 -9.63 13.61
C ASP A 37 8.00 -10.05 14.30
N LEU A 38 8.11 -10.38 15.59
CA LEU A 38 7.01 -10.94 16.35
C LEU A 38 6.20 -9.90 17.10
N ALA A 39 6.76 -8.72 17.34
CA ALA A 39 6.07 -7.75 18.16
C ALA A 39 5.32 -6.76 17.28
N PRO A 40 4.21 -6.20 17.77
CA PRO A 40 3.49 -5.18 17.01
C PRO A 40 4.37 -3.97 16.77
N PRO A 41 4.19 -3.29 15.64
CA PRO A 41 5.07 -2.16 15.31
C PRO A 41 4.99 -1.06 16.35
N ASN A 42 6.16 -0.58 16.78
CA ASN A 42 6.28 0.56 17.68
C ASN A 42 7.08 1.64 16.97
N VAL A 43 6.57 2.86 17.01
CA VAL A 43 7.23 4.01 16.38
C VAL A 43 7.58 5.01 17.47
N ARG A 44 8.83 5.44 17.47
CA ARG A 44 9.34 6.34 18.50
C ARG A 44 9.75 7.67 17.87
N VAL A 45 9.27 8.76 18.43
CA VAL A 45 9.61 10.11 18.00
C VAL A 45 10.53 10.70 19.06
N THR A 46 11.76 11.01 18.67
CA THR A 46 12.77 11.47 19.61
C THR A 46 13.18 12.89 19.27
N ALA A 47 13.20 13.76 20.28
CA ALA A 47 13.60 15.15 20.13
C ALA A 47 14.63 15.50 21.19
N ASN A 48 15.61 16.30 20.82
CA ASN A 48 16.68 16.71 21.72
C ASN A 48 16.65 18.22 21.90
N TYR A 49 16.61 18.64 23.16
CA TYR A 49 16.64 20.06 23.52
C TYR A 49 17.78 20.25 24.50
N PRO A 50 18.95 20.70 24.06
CA PRO A 50 20.11 20.76 24.96
C PRO A 50 19.87 21.70 26.14
N GLY A 51 20.20 21.22 27.33
CA GLY A 51 20.05 22.02 28.53
C GLY A 51 18.63 22.21 29.01
N ALA A 52 17.69 21.41 28.53
CA ALA A 52 16.29 21.57 28.88
C ALA A 52 15.93 20.74 30.10
N SER A 53 15.06 21.28 30.93
CA SER A 53 14.52 20.58 32.08
C SER A 53 13.43 19.62 31.63
N ALA A 54 13.07 18.69 32.52
CA ALA A 54 11.99 17.77 32.23
C ALA A 54 10.67 18.51 32.05
N GLN A 55 10.39 19.45 32.96
CA GLN A 55 9.17 20.24 32.85
C GLN A 55 9.17 21.10 31.59
N THR A 56 10.32 21.73 31.31
CA THR A 56 10.42 22.55 30.10
C THR A 56 10.19 21.71 28.85
N LEU A 57 10.81 20.53 28.80
CA LEU A 57 10.66 19.66 27.65
C LEU A 57 9.21 19.20 27.49
N GLU A 58 8.55 18.83 28.59
CA GLU A 58 7.16 18.41 28.50
C GLU A 58 6.28 19.55 28.02
N ASN A 59 6.50 20.77 28.55
CA ASN A 59 5.65 21.89 28.19
C ASN A 59 5.82 22.30 26.74
N THR A 60 7.07 22.36 26.26
CA THR A 60 7.32 22.95 24.96
C THR A 60 7.46 21.96 23.82
N VAL A 61 7.70 20.68 24.10
CA VAL A 61 7.93 19.72 23.03
C VAL A 61 6.94 18.57 23.12
N THR A 62 6.96 17.85 24.26
CA THR A 62 6.21 16.61 24.38
C THR A 62 4.71 16.83 24.22
N GLN A 63 4.17 17.83 24.89
CA GLN A 63 2.74 18.10 24.78
C GLN A 63 2.37 18.53 23.37
N VAL A 64 3.21 19.37 22.75
CA VAL A 64 2.93 19.85 21.40
C VAL A 64 2.89 18.68 20.42
N ILE A 65 3.83 17.75 20.56
CA ILE A 65 3.85 16.58 19.67
C ILE A 65 2.62 15.73 19.89
N GLU A 66 2.25 15.50 21.16
CA GLU A 66 1.12 14.64 21.46
C GLU A 66 -0.18 15.21 20.90
N GLN A 67 -0.36 16.53 21.01
CA GLN A 67 -1.61 17.14 20.55
C GLN A 67 -1.80 17.00 19.05
N ASN A 68 -0.73 16.77 18.30
CA ASN A 68 -0.83 16.60 16.86
C ASN A 68 -0.72 15.16 16.41
N MET A 69 -0.55 14.22 17.34
CA MET A 69 -0.51 12.80 17.01
C MET A 69 -1.93 12.24 17.01
N THR A 70 -2.73 12.77 16.09
CA THR A 70 -4.13 12.40 15.95
C THR A 70 -4.38 11.88 14.55
N GLY A 71 -5.34 10.97 14.43
CA GLY A 71 -5.68 10.38 13.16
C GLY A 71 -4.84 9.19 12.76
N LEU A 72 -3.94 8.73 13.62
CA LEU A 72 -3.16 7.54 13.32
C LEU A 72 -4.05 6.31 13.28
N ASP A 73 -3.83 5.46 12.28
CA ASP A 73 -4.61 4.25 12.12
C ASP A 73 -4.02 3.11 12.94
N ASN A 74 -4.91 2.31 13.52
CA ASN A 74 -4.54 1.13 14.30
C ASN A 74 -3.56 1.49 15.42
N LEU A 75 -3.94 2.48 16.21
CA LEU A 75 -3.13 2.96 17.31
C LEU A 75 -3.64 2.35 18.61
N MET A 76 -2.81 1.56 19.27
CA MET A 76 -3.18 0.96 20.55
C MET A 76 -3.08 1.98 21.68
N TYR A 77 -1.89 2.51 21.90
CA TYR A 77 -1.69 3.50 22.95
C TYR A 77 -0.44 4.31 22.65
N MET A 78 -0.31 5.44 23.35
CA MET A 78 0.79 6.37 23.17
C MET A 78 1.49 6.58 24.50
N SER A 79 2.81 6.45 24.49
CA SER A 79 3.62 6.67 25.69
C SER A 79 4.66 7.75 25.41
N SER A 80 4.85 8.64 26.38
CA SER A 80 5.82 9.71 26.26
C SER A 80 6.62 9.82 27.55
N GLN A 81 7.83 10.32 27.43
CA GLN A 81 8.67 10.58 28.60
C GLN A 81 9.62 11.72 28.27
N SER A 82 9.71 12.69 29.16
CA SER A 82 10.58 13.86 29.00
C SER A 82 11.57 13.86 30.14
N SER A 83 12.82 13.51 29.85
CA SER A 83 13.85 13.41 30.86
C SER A 83 14.61 14.72 30.99
N GLY A 84 15.17 14.94 32.18
CA GLY A 84 15.98 16.13 32.41
C GLY A 84 17.28 16.15 31.65
N THR A 85 17.66 15.04 31.02
CA THR A 85 18.85 15.01 30.19
C THR A 85 18.76 15.99 29.04
N GLY A 86 17.55 16.22 28.52
CA GLY A 86 17.37 17.09 27.39
C GLY A 86 16.82 16.34 26.19
N GLN A 87 16.25 15.16 26.45
CA GLN A 87 15.71 14.30 25.41
C GLN A 87 14.29 13.92 25.76
N ALA A 88 13.41 13.97 24.76
CA ALA A 88 12.03 13.56 24.92
C ALA A 88 11.68 12.52 23.87
N SER A 89 10.80 11.60 24.22
CA SER A 89 10.39 10.53 23.33
C SER A 89 8.88 10.38 23.38
N VAL A 90 8.29 10.09 22.22
CA VAL A 90 6.85 9.82 22.14
C VAL A 90 6.66 8.49 21.41
N THR A 91 6.55 7.40 22.17
CA THR A 91 6.40 6.09 21.55
C THR A 91 4.94 5.84 21.20
N LEU A 92 4.71 5.40 19.96
CA LEU A 92 3.37 5.14 19.45
C LEU A 92 3.29 3.66 19.09
N SER A 93 2.53 2.89 19.87
CA SER A 93 2.41 1.46 19.66
C SER A 93 1.18 1.17 18.82
N PHE A 94 1.36 0.40 17.76
CA PHE A 94 0.29 0.13 16.80
C PHE A 94 -0.22 -1.29 16.94
N LYS A 95 -1.45 -1.50 16.47
CA LYS A 95 -2.09 -2.80 16.56
C LYS A 95 -1.32 -3.83 15.74
N ALA A 96 -1.31 -5.07 16.24
CA ALA A 96 -0.60 -6.15 15.56
C ALA A 96 -1.18 -6.36 14.17
N GLY A 97 -0.29 -6.57 13.20
CA GLY A 97 -0.66 -6.70 11.81
C GLY A 97 -0.53 -5.42 11.01
N THR A 98 -0.34 -4.28 11.67
CA THR A 98 -0.15 -3.03 10.96
C THR A 98 1.17 -3.05 10.20
N ASP A 99 1.16 -2.52 9.00
CA ASP A 99 2.38 -2.44 8.20
C ASP A 99 3.31 -1.42 8.85
N PRO A 100 4.51 -1.82 9.28
CA PRO A 100 5.40 -0.85 9.97
C PRO A 100 5.73 0.36 9.13
N ASP A 101 5.94 0.18 7.82
CA ASP A 101 6.24 1.31 6.95
C ASP A 101 5.08 2.29 6.91
N GLU A 102 3.85 1.77 6.79
CA GLU A 102 2.68 2.64 6.78
C GLU A 102 2.55 3.40 8.10
N ALA A 103 2.78 2.71 9.22
CA ALA A 103 2.67 3.36 10.52
C ALA A 103 3.69 4.47 10.67
N VAL A 104 4.95 4.20 10.32
CA VAL A 104 5.99 5.20 10.48
C VAL A 104 5.75 6.36 9.52
N GLN A 105 5.23 6.09 8.33
CA GLN A 105 4.91 7.15 7.39
C GLN A 105 3.80 8.05 7.93
N GLN A 106 2.76 7.45 8.51
CA GLN A 106 1.69 8.23 9.10
C GLN A 106 2.19 9.08 10.25
N VAL A 107 3.05 8.50 11.10
CA VAL A 107 3.60 9.25 12.23
C VAL A 107 4.43 10.42 11.74
N GLN A 108 5.25 10.19 10.72
CA GLN A 108 6.06 11.25 10.16
C GLN A 108 5.18 12.36 9.58
N ASN A 109 4.11 11.97 8.88
CA ASN A 109 3.21 12.96 8.30
C ASN A 109 2.56 13.81 9.37
N GLN A 110 2.11 13.18 10.45
CA GLN A 110 1.47 13.94 11.53
C GLN A 110 2.46 14.87 12.22
N LEU A 111 3.73 14.47 12.28
CA LEU A 111 4.73 15.28 12.95
C LEU A 111 5.04 16.54 12.16
N GLN A 112 4.93 16.48 10.83
CA GLN A 112 5.28 17.62 9.99
C GLN A 112 4.39 18.83 10.26
N SER A 113 3.19 18.60 10.81
CA SER A 113 2.28 19.67 11.16
C SER A 113 2.61 20.29 12.51
N ALA A 114 3.65 19.80 13.18
CA ALA A 114 4.02 20.30 14.50
C ALA A 114 5.46 20.78 14.60
N MET A 115 6.36 20.39 13.70
CA MET A 115 7.77 20.74 13.85
C MET A 115 7.98 22.24 13.80
N ARG A 116 7.07 22.97 13.16
CA ARG A 116 7.18 24.42 13.15
C ARG A 116 6.74 25.05 14.46
N LYS A 117 6.01 24.32 15.30
CA LYS A 117 5.63 24.82 16.61
C LYS A 117 6.67 24.54 17.69
N LEU A 118 7.63 23.66 17.42
CA LEU A 118 8.65 23.32 18.40
C LEU A 118 9.65 24.46 18.55
N PRO A 119 10.35 24.52 19.67
CA PRO A 119 11.39 25.55 19.82
C PRO A 119 12.48 25.40 18.77
N GLN A 120 13.07 26.53 18.38
CA GLN A 120 14.04 26.52 17.30
C GLN A 120 15.23 25.62 17.61
N ALA A 121 15.61 25.52 18.89
CA ALA A 121 16.70 24.65 19.26
C ALA A 121 16.36 23.19 18.95
N VAL A 122 15.13 22.79 19.27
CA VAL A 122 14.72 21.41 19.00
C VAL A 122 14.71 21.15 17.49
N GLN A 123 14.23 22.12 16.71
CA GLN A 123 14.24 21.96 15.26
C GLN A 123 15.65 21.85 14.72
N ASN A 124 16.57 22.65 15.25
CA ASN A 124 17.97 22.57 14.82
C ASN A 124 18.56 21.21 15.15
N GLN A 125 18.27 20.69 16.33
CA GLN A 125 18.76 19.36 16.69
C GLN A 125 18.15 18.29 15.80
N GLY A 126 16.93 18.50 15.35
CA GLY A 126 16.27 17.55 14.47
C GLY A 126 15.45 16.54 15.26
N VAL A 127 14.29 16.20 14.70
CA VAL A 127 13.37 15.25 15.32
C VAL A 127 13.29 14.03 14.41
N THR A 128 13.60 12.86 14.95
CA THR A 128 13.69 11.63 14.17
C THR A 128 12.53 10.71 14.51
N VAL A 129 11.99 10.06 13.50
CA VAL A 129 10.93 9.07 13.66
C VAL A 129 11.52 7.72 13.30
N ARG A 130 11.53 6.81 14.27
CA ARG A 130 12.16 5.51 14.11
C ARG A 130 11.21 4.40 14.55
N LYS A 131 11.38 3.23 13.94
CA LYS A 131 10.65 2.04 14.37
C LYS A 131 11.52 1.27 15.35
N THR A 132 11.13 1.25 16.62
CA THR A 132 11.89 0.54 17.62
C THR A 132 11.71 -0.97 17.45
N GLY A 133 12.60 -1.72 18.09
CA GLY A 133 12.57 -3.16 18.01
C GLY A 133 13.54 -3.79 17.04
N ASP A 134 14.46 -3.02 16.47
CA ASP A 134 15.46 -3.57 15.58
C ASP A 134 16.42 -4.47 16.35
N THR A 135 16.98 -5.44 15.63
CA THR A 135 17.87 -6.42 16.22
C THR A 135 19.32 -6.02 15.96
N ASN A 136 20.11 -5.94 17.03
CA ASN A 136 21.51 -5.53 16.94
C ASN A 136 22.35 -6.79 16.77
N ILE A 137 22.87 -7.00 15.55
CA ILE A 137 23.68 -8.20 15.30
C ILE A 137 24.99 -8.12 16.07
N LEU A 138 25.67 -6.99 15.98
CA LEU A 138 26.99 -6.83 16.57
C LEU A 138 27.07 -5.50 17.32
N THR A 139 28.01 -5.44 18.25
CA THR A 139 28.35 -4.20 18.94
C THR A 139 29.88 -4.11 18.97
N ILE A 140 30.43 -3.48 17.94
CA ILE A 140 31.87 -3.43 17.78
C ILE A 140 32.44 -2.24 18.56
N ALA A 141 33.43 -2.51 19.40
CA ALA A 141 34.06 -1.49 20.22
C ALA A 141 35.46 -1.23 19.71
N PHE A 142 35.79 0.04 19.51
CA PHE A 142 37.09 0.45 19.00
C PHE A 142 37.94 0.99 20.13
N VAL A 143 39.10 0.40 20.35
CA VAL A 143 39.97 0.75 21.46
C VAL A 143 41.37 1.03 20.94
N SER A 144 42.01 2.06 21.52
CA SER A 144 43.36 2.46 21.16
C SER A 144 44.34 1.77 22.09
N THR A 145 45.03 0.75 21.58
CA THR A 145 45.99 0.02 22.40
C THR A 145 47.16 0.91 22.78
N ASP A 146 47.67 1.69 21.84
CA ASP A 146 48.82 2.55 22.10
C ASP A 146 48.50 3.63 23.12
N GLY A 147 47.26 4.10 23.17
CA GLY A 147 46.93 5.24 24.00
C GLY A 147 47.14 6.59 23.36
N SER A 148 47.65 6.62 22.12
CA SER A 148 47.86 7.88 21.42
C SER A 148 46.52 8.56 21.15
N MET A 149 45.52 7.79 20.77
CA MET A 149 44.21 8.34 20.45
C MET A 149 43.37 8.50 21.72
N ASP A 150 42.85 9.70 21.92
CA ASP A 150 41.89 9.94 22.98
C ASP A 150 40.55 9.31 22.63
N LYS A 151 39.67 9.21 23.61
CA LYS A 151 38.35 8.65 23.38
C LYS A 151 37.61 9.42 22.30
N GLN A 152 37.66 10.75 22.37
CA GLN A 152 37.03 11.56 21.34
C GLN A 152 37.67 11.31 19.98
N ASP A 153 38.99 11.10 19.95
CA ASP A 153 39.65 10.81 18.68
C ASP A 153 39.15 9.50 18.10
N ILE A 154 38.99 8.48 18.93
CA ILE A 154 38.48 7.19 18.45
C ILE A 154 37.08 7.36 17.93
N ALA A 155 36.21 8.06 18.67
CA ALA A 155 34.84 8.24 18.24
C ALA A 155 34.76 9.00 16.93
N ASP A 156 35.56 10.07 16.80
CA ASP A 156 35.55 10.85 15.58
C ASP A 156 36.05 10.04 14.39
N TYR A 157 37.11 9.26 14.60
CA TYR A 157 37.62 8.43 13.51
C TYR A 157 36.57 7.40 13.09
N VAL A 158 35.88 6.80 14.06
CA VAL A 158 34.84 5.84 13.74
C VAL A 158 33.75 6.50 12.90
N ALA A 159 33.28 7.67 13.35
CA ALA A 159 32.21 8.35 12.63
C ALA A 159 32.65 8.75 11.23
N SER A 160 33.90 9.19 11.09
CA SER A 160 34.36 9.70 9.80
C SER A 160 34.63 8.57 8.81
N ASN A 161 35.27 7.49 9.25
CA ASN A 161 35.82 6.51 8.31
C ASN A 161 35.18 5.13 8.38
N ILE A 162 34.34 4.87 9.39
CA ILE A 162 33.80 3.53 9.59
C ILE A 162 32.30 3.48 9.35
N GLN A 163 31.56 4.52 9.75
CA GLN A 163 30.13 4.51 9.53
C GLN A 163 29.79 4.53 8.05
N ASP A 164 30.53 5.32 7.26
CA ASP A 164 30.24 5.41 5.83
C ASP A 164 30.38 4.07 5.12
N PRO A 165 31.49 3.33 5.25
CA PRO A 165 31.59 2.06 4.51
C PRO A 165 30.69 0.97 5.06
N LEU A 166 30.56 0.87 6.39
CA LEU A 166 29.79 -0.23 6.97
C LEU A 166 28.33 -0.15 6.59
N SER A 167 27.77 1.06 6.52
CA SER A 167 26.37 1.20 6.15
C SER A 167 26.13 0.80 4.70
N ARG A 168 27.19 0.69 3.90
CA ARG A 168 27.02 0.27 2.51
C ARG A 168 26.83 -1.24 2.38
N VAL A 169 27.14 -1.99 3.44
CA VAL A 169 26.94 -3.43 3.42
C VAL A 169 25.45 -3.72 3.25
N ASN A 170 25.15 -4.71 2.40
CA ASN A 170 23.78 -4.90 1.93
C ASN A 170 22.83 -5.21 3.08
N GLY A 171 23.24 -6.06 4.01
CA GLY A 171 22.33 -6.48 5.06
C GLY A 171 22.17 -5.50 6.20
N VAL A 172 22.95 -4.41 6.22
CA VAL A 172 22.92 -3.49 7.34
C VAL A 172 21.73 -2.55 7.22
N GLY A 173 20.74 -2.74 8.11
CA GLY A 173 19.64 -1.80 8.17
C GLY A 173 20.07 -0.43 8.65
N ASP A 174 20.92 -0.39 9.68
CA ASP A 174 21.38 0.85 10.27
C ASP A 174 22.53 0.55 11.22
N ILE A 175 23.41 1.53 11.40
CA ILE A 175 24.49 1.44 12.38
C ILE A 175 24.38 2.63 13.31
N ASP A 176 24.42 2.37 14.61
CA ASP A 176 24.32 3.40 15.63
C ASP A 176 25.64 3.54 16.35
N ALA A 177 26.11 4.77 16.51
CA ALA A 177 27.38 5.04 17.15
C ALA A 177 27.18 5.40 18.62
N TYR A 178 27.94 4.77 19.49
CA TYR A 178 27.92 5.06 20.92
C TYR A 178 28.88 6.18 21.30
N GLY A 179 29.64 6.70 20.34
CA GLY A 179 30.53 7.82 20.56
C GLY A 179 30.04 9.06 19.84
N SER A 180 30.67 10.18 20.15
CA SER A 180 30.32 11.47 19.59
C SER A 180 31.47 11.99 18.75
N GLN A 181 31.16 12.43 17.54
CA GLN A 181 32.19 12.98 16.66
C GLN A 181 32.71 14.30 17.20
N TYR A 182 33.72 14.83 16.52
CA TYR A 182 34.28 16.11 16.91
C TYR A 182 33.27 17.24 16.74
N SER A 183 33.39 18.26 17.58
CA SER A 183 32.57 19.45 17.46
C SER A 183 33.35 20.62 18.04
N MET A 184 33.37 21.74 17.32
CA MET A 184 34.13 22.89 17.78
C MET A 184 33.51 23.43 19.06
N ARG A 185 34.18 23.22 20.17
CA ARG A 185 33.67 23.62 21.49
C ARG A 185 34.26 24.95 21.88
N ILE A 186 33.40 25.93 22.13
CA ILE A 186 33.81 27.24 22.60
C ILE A 186 33.40 27.35 24.06
N TRP A 187 34.38 27.50 24.95
CA TRP A 187 34.15 27.57 26.38
C TRP A 187 34.26 29.02 26.82
N LEU A 188 33.12 29.65 27.08
CA LEU A 188 33.11 31.05 27.48
C LEU A 188 33.64 31.22 28.91
N ASP A 189 34.24 32.38 29.15
CA ASP A 189 34.77 32.73 30.46
C ASP A 189 34.09 34.01 30.92
N PRO A 190 33.21 33.94 31.92
CA PRO A 190 32.44 35.14 32.30
C PRO A 190 33.30 36.32 32.72
N ALA A 191 34.43 36.07 33.38
CA ALA A 191 35.30 37.17 33.80
C ALA A 191 35.84 37.93 32.59
N LYS A 192 36.29 37.19 31.58
CA LYS A 192 36.81 37.82 30.37
C LYS A 192 35.70 38.52 29.59
N LEU A 193 34.51 37.92 29.57
CA LEU A 193 33.37 38.58 28.93
C LEU A 193 33.05 39.91 29.60
N ASN A 194 33.09 39.92 30.94
CA ASN A 194 32.84 41.16 31.67
C ASN A 194 33.95 42.17 31.45
N SER A 195 35.19 41.69 31.30
CA SER A 195 36.31 42.60 31.10
C SER A 195 36.18 43.38 29.80
N PHE A 196 35.74 42.71 28.73
CA PHE A 196 35.60 43.32 27.42
C PHE A 196 34.20 43.83 27.16
N GLN A 197 33.35 43.90 28.18
CA GLN A 197 31.98 44.41 28.06
C GLN A 197 31.16 43.60 27.05
N MET A 198 31.47 42.33 26.88
CA MET A 198 30.77 41.47 25.94
C MET A 198 29.76 40.60 26.66
N THR A 199 28.90 39.97 25.88
CA THR A 199 27.93 39.00 26.38
C THR A 199 28.01 37.74 25.53
N ALA A 200 27.32 36.70 25.98
CA ALA A 200 27.27 35.46 25.22
C ALA A 200 26.60 35.68 23.87
N LYS A 201 25.64 36.59 23.82
CA LYS A 201 24.96 36.89 22.55
C LYS A 201 25.94 37.43 21.53
N ASP A 202 26.89 38.27 21.97
CA ASP A 202 27.88 38.82 21.05
C ASP A 202 28.73 37.71 20.44
N VAL A 203 29.17 36.76 21.27
CA VAL A 203 29.97 35.65 20.77
C VAL A 203 29.17 34.81 19.80
N THR A 204 27.93 34.49 20.15
CA THR A 204 27.09 33.69 19.27
C THR A 204 26.87 34.39 17.93
N ASP A 205 26.58 35.69 17.97
CA ASP A 205 26.34 36.44 16.74
C ASP A 205 27.59 36.51 15.89
N ALA A 206 28.76 36.73 16.51
CA ALA A 206 30.00 36.78 15.75
C ALA A 206 30.29 35.43 15.09
N ILE A 207 30.06 34.34 15.82
CA ILE A 207 30.28 33.01 15.26
C ILE A 207 29.33 32.77 14.09
N GLU A 208 28.08 33.22 14.23
CA GLU A 208 27.12 33.06 13.14
C GLU A 208 27.54 33.86 11.91
N SER A 209 27.98 35.09 12.11
CA SER A 209 28.28 35.96 10.97
C SER A 209 29.59 35.60 10.28
N GLN A 210 30.64 35.29 11.03
CA GLN A 210 31.96 35.09 10.47
C GLN A 210 32.23 33.65 10.07
N ASN A 211 31.30 32.73 10.32
CA ASN A 211 31.44 31.33 9.96
C ASN A 211 30.19 30.90 9.20
N ALA A 212 30.20 31.11 7.89
CA ALA A 212 29.05 30.76 7.06
C ALA A 212 29.50 30.57 5.63
N GLN A 213 28.65 29.92 4.84
CA GLN A 213 28.83 29.78 3.41
C GLN A 213 27.86 30.71 2.72
N ILE A 214 28.37 31.55 1.82
CA ILE A 214 27.56 32.53 1.11
C ILE A 214 27.61 32.21 -0.38
N ALA A 215 26.43 32.11 -0.99
CA ALA A 215 26.31 31.90 -2.43
C ALA A 215 25.97 33.25 -3.05
N VAL A 216 26.95 33.83 -3.76
CA VAL A 216 26.76 35.17 -4.32
C VAL A 216 25.82 35.12 -5.52
N GLY A 217 26.13 34.28 -6.49
CA GLY A 217 25.33 34.20 -7.69
C GLY A 217 26.19 33.72 -8.85
N GLN A 218 26.01 34.36 -10.01
CA GLN A 218 26.71 33.97 -11.22
C GLN A 218 27.23 35.19 -11.96
N LEU A 219 28.47 35.09 -12.43
CA LEU A 219 28.97 36.05 -13.39
C LEU A 219 28.24 35.88 -14.71
N GLY A 220 27.84 36.98 -15.32
CA GLY A 220 27.16 36.91 -16.60
C GLY A 220 25.86 36.13 -16.57
N GLY A 221 25.12 36.22 -15.47
CA GLY A 221 23.86 35.51 -15.37
C GLY A 221 22.83 36.06 -16.34
N THR A 222 21.79 35.27 -16.54
CA THR A 222 20.78 35.67 -17.51
C THR A 222 19.78 36.60 -16.86
N PRO A 223 19.40 37.73 -17.49
CA PRO A 223 19.83 38.22 -18.79
C PRO A 223 21.20 38.88 -18.73
N SER A 224 21.92 38.95 -19.84
CA SER A 224 23.27 39.48 -19.85
C SER A 224 23.43 40.44 -21.02
N VAL A 225 24.57 41.15 -21.03
CA VAL A 225 24.86 42.09 -22.09
C VAL A 225 25.06 41.33 -23.41
N ASP A 226 25.02 42.08 -24.51
CA ASP A 226 24.98 41.48 -25.84
C ASP A 226 26.17 40.57 -26.11
N LYS A 227 27.34 40.93 -25.60
CA LYS A 227 28.55 40.14 -25.87
C LYS A 227 29.23 39.75 -24.58
N GLN A 228 28.47 39.19 -23.64
CA GLN A 228 29.08 38.69 -22.41
C GLN A 228 30.06 37.56 -22.73
N ALA A 229 31.22 37.61 -22.08
CA ALA A 229 32.30 36.69 -22.41
C ALA A 229 32.15 35.32 -21.77
N LEU A 230 31.83 35.26 -20.47
CA LEU A 230 31.78 34.00 -19.77
C LEU A 230 30.65 34.01 -18.74
N ASN A 231 30.34 32.81 -18.24
CA ASN A 231 29.32 32.61 -17.21
C ASN A 231 29.92 31.69 -16.15
N ALA A 232 30.34 32.26 -15.03
CA ALA A 232 30.96 31.52 -13.95
C ALA A 232 30.19 31.71 -12.65
N THR A 233 30.12 30.64 -11.86
CA THR A 233 29.49 30.72 -10.55
C THR A 233 30.39 31.49 -9.59
N ILE A 234 29.77 32.29 -8.73
CA ILE A 234 30.49 33.12 -7.78
C ILE A 234 30.20 32.61 -6.38
N ASN A 235 31.25 32.41 -5.60
CA ASN A 235 31.15 31.97 -4.21
C ASN A 235 31.83 32.97 -3.30
N ALA A 236 31.47 32.92 -2.03
CA ALA A 236 32.01 33.82 -1.02
C ALA A 236 32.58 33.02 0.14
N GLN A 237 32.88 33.70 1.25
CA GLN A 237 33.49 33.07 2.42
C GLN A 237 32.86 31.72 2.73
N SER A 238 33.69 30.80 3.19
CA SER A 238 33.27 29.45 3.54
C SER A 238 33.44 29.21 5.03
N LEU A 239 33.03 28.01 5.47
CA LEU A 239 33.07 27.68 6.87
C LEU A 239 34.49 27.60 7.39
N LEU A 240 34.68 28.02 8.63
CA LEU A 240 35.98 27.89 9.27
C LEU A 240 36.27 26.42 9.57
N GLN A 241 37.55 26.06 9.57
CA GLN A 241 37.90 24.66 9.73
C GLN A 241 38.67 24.39 11.03
N THR A 242 39.77 25.10 11.24
CA THR A 242 40.62 24.80 12.38
C THR A 242 40.16 25.56 13.62
N PRO A 243 40.48 25.06 14.81
CA PRO A 243 40.20 25.85 16.03
C PRO A 243 40.91 27.18 16.05
N GLU A 244 42.06 27.28 15.38
CA GLU A 244 42.78 28.56 15.35
C GLU A 244 41.97 29.62 14.61
N GLN A 245 41.23 29.22 13.59
CA GLN A 245 40.41 30.18 12.85
C GLN A 245 39.35 30.79 13.74
N PHE A 246 38.72 29.97 14.60
CA PHE A 246 37.70 30.49 15.49
C PHE A 246 38.27 31.47 16.51
N ARG A 247 39.49 31.20 16.98
CA ARG A 247 40.11 32.10 17.94
C ARG A 247 40.42 33.47 17.34
N ASP A 248 40.43 33.58 16.01
CA ASP A 248 40.66 34.84 15.35
C ASP A 248 39.36 35.54 14.94
N ILE A 249 38.21 34.99 15.30
CA ILE A 249 36.94 35.65 15.01
C ILE A 249 36.91 36.99 15.72
N THR A 250 36.71 38.05 14.95
CA THR A 250 36.74 39.41 15.48
C THR A 250 35.40 39.72 16.14
N LEU A 251 35.40 39.83 17.47
CA LEU A 251 34.19 40.23 18.17
C LEU A 251 33.89 41.70 17.98
N ARG A 252 34.92 42.55 18.01
CA ARG A 252 34.77 43.97 17.74
C ARG A 252 36.16 44.57 17.52
N VAL A 253 36.19 45.67 16.79
CA VAL A 253 37.42 46.42 16.55
C VAL A 253 37.27 47.77 17.23
N ASN A 254 38.17 48.07 18.14
CA ASN A 254 38.13 49.35 18.85
C ASN A 254 38.57 50.47 17.92
N GLN A 255 38.17 51.70 18.28
CA GLN A 255 38.50 52.86 17.45
C GLN A 255 40.00 53.08 17.35
N ASP A 256 40.74 52.66 18.39
CA ASP A 256 42.18 52.80 18.39
C ASP A 256 42.84 51.83 17.44
N GLY A 257 42.10 50.85 16.91
CA GLY A 257 42.64 49.79 16.10
C GLY A 257 42.81 48.49 16.83
N SER A 258 42.68 48.49 18.15
CA SER A 258 42.75 47.26 18.92
C SER A 258 41.57 46.35 18.58
N GLU A 259 41.82 45.06 18.60
CA GLU A 259 40.86 44.05 18.18
C GLU A 259 40.55 43.12 19.33
N VAL A 260 39.28 42.80 19.50
CA VAL A 260 38.82 41.85 20.52
C VAL A 260 38.45 40.57 19.78
N ARG A 261 39.29 39.55 19.92
CA ARG A 261 39.06 38.29 19.24
C ARG A 261 38.26 37.35 20.14
N LEU A 262 37.81 36.24 19.55
CA LEU A 262 37.10 35.23 20.33
C LEU A 262 38.02 34.58 21.36
N GLY A 263 39.28 34.35 20.99
CA GLY A 263 40.20 33.73 21.92
C GLY A 263 40.42 34.56 23.16
N ASP A 264 40.20 35.88 23.07
CA ASP A 264 40.38 36.73 24.23
C ASP A 264 39.34 36.45 25.30
N VAL A 265 38.15 35.97 24.91
CA VAL A 265 37.05 35.81 25.83
C VAL A 265 36.65 34.36 26.03
N ALA A 266 37.26 33.43 25.32
CA ALA A 266 36.84 32.03 25.41
C ALA A 266 38.01 31.13 25.08
N THR A 267 37.85 29.86 25.41
CA THR A 267 38.83 28.82 25.10
C THR A 267 38.23 27.92 24.03
N VAL A 268 38.81 27.95 22.85
CA VAL A 268 38.29 27.18 21.72
C VAL A 268 39.06 25.88 21.61
N GLU A 269 38.34 24.76 21.57
CA GLU A 269 38.95 23.46 21.40
C GLU A 269 37.98 22.58 20.63
N MET A 270 38.52 21.53 20.02
CA MET A 270 37.69 20.61 19.23
C MET A 270 37.34 19.38 20.07
N GLY A 271 36.33 19.57 20.91
CA GLY A 271 35.85 18.51 21.78
C GLY A 271 34.73 17.72 21.13
N ALA A 272 34.06 16.93 21.96
CA ALA A 272 32.95 16.12 21.50
C ALA A 272 31.65 16.91 21.59
N GLU A 273 30.67 16.52 20.77
CA GLU A 273 29.40 17.23 20.77
C GLU A 273 28.54 16.83 21.96
N LYS A 274 28.63 15.58 22.39
CA LYS A 274 27.86 15.10 23.54
C LYS A 274 28.83 14.46 24.52
N TYR A 275 29.02 15.11 25.67
CA TYR A 275 29.91 14.61 26.70
C TYR A 275 29.22 13.66 27.66
N ASP A 276 27.94 13.38 27.44
CA ASP A 276 27.19 12.55 28.38
C ASP A 276 27.60 11.08 28.29
N TYR A 277 27.99 10.63 27.10
CA TYR A 277 28.27 9.22 26.87
C TYR A 277 29.75 8.92 27.05
N LEU A 278 30.06 7.94 27.91
CA LEU A 278 31.41 7.44 28.09
C LEU A 278 31.39 5.93 27.91
N SER A 279 32.03 5.45 26.86
CA SER A 279 32.11 4.02 26.58
C SER A 279 33.47 3.52 27.06
N ARG A 280 33.48 2.33 27.66
CA ARG A 280 34.68 1.76 28.24
C ARG A 280 34.68 0.27 27.95
N PHE A 281 35.74 -0.22 27.32
CA PHE A 281 35.87 -1.62 26.93
C PHE A 281 37.05 -2.24 27.66
N ASN A 282 36.76 -3.23 28.49
CA ASN A 282 37.78 -3.95 29.26
C ASN A 282 38.65 -2.99 30.07
N GLY A 283 37.99 -1.99 30.66
CA GLY A 283 38.68 -1.03 31.50
C GLY A 283 39.52 0.00 30.77
N LYS A 284 39.42 0.07 29.44
CA LYS A 284 40.19 1.00 28.66
C LYS A 284 39.26 1.96 27.92
N PRO A 285 39.55 3.25 27.88
CA PRO A 285 38.71 4.18 27.13
C PRO A 285 38.56 3.79 25.67
N ALA A 286 37.33 3.57 25.22
CA ALA A 286 37.08 3.05 23.89
C ALA A 286 35.74 3.57 23.40
N SER A 287 35.60 3.69 22.08
CA SER A 287 34.32 4.02 21.49
C SER A 287 33.60 2.75 21.04
N GLY A 288 32.39 2.93 20.53
CA GLY A 288 31.57 1.78 20.18
C GLY A 288 30.78 2.03 18.91
N LEU A 289 30.21 0.95 18.38
CA LEU A 289 29.43 1.00 17.16
C LEU A 289 28.55 -0.24 17.09
N GLY A 290 27.24 -0.01 16.99
CA GLY A 290 26.31 -1.12 16.92
C GLY A 290 25.57 -1.17 15.59
N VAL A 291 25.49 -2.34 14.99
CA VAL A 291 24.94 -2.51 13.65
C VAL A 291 23.63 -3.28 13.73
N LYS A 292 22.57 -2.70 13.17
CA LYS A 292 21.26 -3.33 13.11
C LYS A 292 21.13 -4.15 11.83
N LEU A 293 20.08 -4.96 11.78
CA LEU A 293 19.84 -5.85 10.65
C LEU A 293 18.67 -5.34 9.82
N ALA A 294 18.87 -5.25 8.52
CA ALA A 294 17.78 -4.93 7.61
C ALA A 294 16.78 -6.08 7.57
N SER A 295 15.51 -5.74 7.43
CA SER A 295 14.46 -6.74 7.45
C SER A 295 14.61 -7.73 6.30
N GLY A 296 14.43 -9.01 6.60
CA GLY A 296 14.53 -10.06 5.59
C GLY A 296 15.93 -10.24 5.05
N ALA A 297 16.93 -10.25 5.93
CA ALA A 297 18.32 -10.46 5.53
C ALA A 297 18.95 -11.53 6.41
N ASN A 298 19.85 -12.31 5.83
CA ASN A 298 20.55 -13.35 6.57
C ASN A 298 21.45 -12.70 7.61
N GLU A 299 21.08 -12.82 8.88
CA GLU A 299 21.86 -12.16 9.93
C GLU A 299 23.26 -12.75 10.02
N MET A 300 23.39 -14.06 9.79
CA MET A 300 24.71 -14.67 9.79
C MET A 300 25.56 -14.13 8.65
N ALA A 301 25.01 -14.12 7.43
CA ALA A 301 25.75 -13.61 6.28
C ALA A 301 26.02 -12.12 6.43
N THR A 302 25.03 -11.37 6.95
CA THR A 302 25.22 -9.94 7.16
C THR A 302 26.34 -9.66 8.15
N ALA A 303 26.36 -10.39 9.26
CA ALA A 303 27.41 -10.20 10.25
C ALA A 303 28.77 -10.59 9.67
N GLU A 304 28.81 -11.67 8.90
CA GLU A 304 30.06 -12.07 8.27
C GLU A 304 30.57 -10.99 7.31
N LEU A 305 29.66 -10.41 6.53
CA LEU A 305 30.06 -9.35 5.60
C LEU A 305 30.55 -8.12 6.36
N VAL A 306 29.87 -7.76 7.46
CA VAL A 306 30.29 -6.60 8.24
C VAL A 306 31.68 -6.84 8.82
N LEU A 307 31.92 -8.04 9.36
CA LEU A 307 33.23 -8.33 9.93
C LEU A 307 34.30 -8.32 8.86
N ASN A 308 34.01 -8.89 7.69
CA ASN A 308 34.97 -8.90 6.60
C ASN A 308 35.30 -7.48 6.15
N ARG A 309 34.27 -6.64 5.99
CA ARG A 309 34.50 -5.27 5.56
C ARG A 309 35.31 -4.51 6.59
N LEU A 310 35.00 -4.68 7.87
CA LEU A 310 35.75 -4.00 8.92
C LEU A 310 37.18 -4.49 8.96
N ASP A 311 37.39 -5.76 8.63
CA ASP A 311 38.75 -6.27 8.46
C ASP A 311 39.46 -5.54 7.33
N GLU A 312 38.74 -5.29 6.24
CA GLU A 312 39.31 -4.51 5.13
C GLU A 312 39.67 -3.10 5.58
N LEU A 313 38.78 -2.47 6.36
CA LEU A 313 39.04 -1.11 6.82
C LEU A 313 40.21 -1.07 7.82
N ALA A 314 40.49 -2.19 8.48
CA ALA A 314 41.53 -2.19 9.50
C ALA A 314 42.92 -1.99 8.91
N GLN A 315 43.06 -2.17 7.60
CA GLN A 315 44.37 -2.02 6.97
C GLN A 315 44.83 -0.57 7.00
N TYR A 316 43.89 0.38 6.97
CA TYR A 316 44.22 1.79 6.99
C TYR A 316 44.02 2.43 8.36
N PHE A 317 43.83 1.62 9.40
CA PHE A 317 43.65 2.17 10.73
C PHE A 317 44.93 2.89 11.18
N PRO A 318 44.81 3.97 11.92
CA PRO A 318 46.00 4.57 12.54
C PRO A 318 46.60 3.63 13.57
N HIS A 319 47.91 3.78 13.77
CA HIS A 319 48.62 2.90 14.69
C HIS A 319 48.00 2.94 16.08
N GLY A 320 47.70 1.76 16.62
CA GLY A 320 47.14 1.60 17.93
C GLY A 320 45.64 1.34 17.96
N LEU A 321 44.93 1.62 16.87
CA LEU A 321 43.49 1.47 16.85
C LEU A 321 43.11 0.05 16.41
N GLU A 322 42.25 -0.59 17.18
CA GLU A 322 41.78 -1.94 16.91
C GLU A 322 40.29 -2.03 17.16
N TYR A 323 39.64 -2.95 16.47
CA TYR A 323 38.21 -3.19 16.65
C TYR A 323 38.00 -4.51 17.37
N LYS A 324 37.11 -4.50 18.35
CA LYS A 324 36.78 -5.67 19.14
C LYS A 324 35.29 -5.91 19.09
N VAL A 325 34.88 -7.17 18.97
CA VAL A 325 33.47 -7.53 18.89
C VAL A 325 32.98 -7.76 20.33
N ALA A 326 32.30 -6.76 20.89
CA ALA A 326 31.81 -6.84 22.25
C ALA A 326 30.43 -7.50 22.35
N TYR A 327 29.82 -7.84 21.22
CA TYR A 327 28.52 -8.49 21.21
C TYR A 327 28.33 -9.15 19.85
N GLU A 328 27.90 -10.41 19.86
CA GLU A 328 27.78 -11.16 18.63
C GLU A 328 26.66 -12.17 18.76
N THR A 329 25.85 -12.28 17.71
CA THR A 329 24.78 -13.27 17.66
C THR A 329 25.01 -14.36 16.63
N THR A 330 26.09 -14.28 15.86
CA THR A 330 26.34 -15.28 14.82
C THR A 330 26.55 -16.67 15.42
N SER A 331 27.30 -16.74 16.52
CA SER A 331 27.62 -18.03 17.12
C SER A 331 26.36 -18.77 17.55
N PHE A 332 25.46 -18.07 18.25
CA PHE A 332 24.27 -18.72 18.79
C PHE A 332 23.36 -19.20 17.68
N VAL A 333 23.12 -18.36 16.67
CA VAL A 333 22.21 -18.74 15.59
C VAL A 333 22.81 -19.86 14.75
N LYS A 334 24.12 -19.81 14.52
CA LYS A 334 24.78 -20.88 13.78
C LYS A 334 24.67 -22.20 14.52
N ALA A 335 24.87 -22.16 15.84
CA ALA A 335 24.74 -23.38 16.65
C ALA A 335 23.32 -23.90 16.59
N SER A 336 22.33 -23.00 16.66
CA SER A 336 20.93 -23.42 16.62
C SER A 336 20.60 -24.09 15.31
N ILE A 337 21.00 -23.48 14.19
CA ILE A 337 20.69 -24.05 12.87
C ILE A 337 21.41 -25.38 12.70
N GLU A 338 22.67 -25.45 13.15
CA GLU A 338 23.41 -26.70 13.07
C GLU A 338 22.73 -27.81 13.87
N ASP A 339 22.28 -27.48 15.08
CA ASP A 339 21.59 -28.48 15.90
C ASP A 339 20.30 -28.94 15.25
N VAL A 340 19.55 -28.00 14.65
CA VAL A 340 18.30 -28.37 14.01
C VAL A 340 18.54 -29.32 12.84
N VAL A 341 19.49 -28.97 11.97
CA VAL A 341 19.75 -29.82 10.80
C VAL A 341 20.32 -31.16 11.24
N LYS A 342 21.14 -31.17 12.29
CA LYS A 342 21.68 -32.42 12.80
C LYS A 342 20.56 -33.31 13.33
N THR A 343 19.61 -32.72 14.05
CA THR A 343 18.49 -33.51 14.56
C THR A 343 17.64 -34.05 13.43
N LEU A 344 17.44 -33.26 12.37
CA LEU A 344 16.68 -33.75 11.23
C LEU A 344 17.37 -34.94 10.56
N LEU A 345 18.69 -34.82 10.34
CA LEU A 345 19.43 -35.92 9.73
C LEU A 345 19.39 -37.16 10.62
N GLU A 346 19.55 -36.97 11.93
CA GLU A 346 19.50 -38.09 12.86
C GLU A 346 18.12 -38.72 12.88
N ALA A 347 17.08 -37.90 12.73
CA ALA A 347 15.72 -38.43 12.67
C ALA A 347 15.54 -39.32 11.45
N ILE A 348 16.04 -38.86 10.30
CA ILE A 348 15.95 -39.69 9.10
C ILE A 348 16.72 -40.99 9.28
N ALA A 349 17.92 -40.90 9.85
CA ALA A 349 18.73 -42.10 10.08
C ALA A 349 18.04 -43.06 11.03
N LEU A 350 17.40 -42.54 12.08
CA LEU A 350 16.71 -43.38 13.03
C LEU A 350 15.48 -44.04 12.40
N VAL A 351 14.81 -43.31 11.51
CA VAL A 351 13.70 -43.92 10.77
C VAL A 351 14.21 -45.09 9.94
N PHE A 352 15.33 -44.88 9.26
CA PHE A 352 15.98 -45.97 8.52
C PHE A 352 16.23 -47.16 9.43
N LEU A 353 16.84 -46.89 10.59
CA LEU A 353 17.22 -47.97 11.51
C LEU A 353 16.01 -48.75 11.99
N VAL A 354 14.95 -48.05 12.40
CA VAL A 354 13.77 -48.73 12.95
C VAL A 354 13.05 -49.49 11.84
N MET A 355 12.95 -48.89 10.65
CA MET A 355 12.31 -49.58 9.53
C MET A 355 13.05 -50.87 9.20
N TYR A 356 14.37 -50.84 9.19
CA TYR A 356 15.11 -52.08 8.94
C TYR A 356 15.02 -53.04 10.12
N LEU A 357 14.84 -52.51 11.33
CA LEU A 357 14.72 -53.38 12.50
C LEU A 357 13.43 -54.17 12.47
N PHE A 358 12.33 -53.54 12.05
CA PHE A 358 11.02 -54.20 12.07
C PHE A 358 10.75 -54.93 10.75
N LEU A 359 10.79 -54.20 9.63
CA LEU A 359 10.43 -54.80 8.36
C LEU A 359 11.53 -55.71 7.84
N GLN A 360 12.79 -55.36 8.12
CA GLN A 360 13.96 -56.10 7.65
C GLN A 360 14.05 -56.15 6.14
N ASN A 361 13.42 -55.20 5.45
CA ASN A 361 13.42 -55.11 4.00
C ASN A 361 14.11 -53.80 3.63
N PHE A 362 15.21 -53.90 2.87
CA PHE A 362 16.02 -52.72 2.59
C PHE A 362 15.27 -51.70 1.74
N ARG A 363 14.55 -52.16 0.72
CA ARG A 363 13.84 -51.25 -0.16
C ARG A 363 12.67 -50.59 0.55
N ALA A 364 11.95 -51.37 1.36
CA ALA A 364 10.93 -50.80 2.21
C ALA A 364 11.53 -49.74 3.13
N THR A 365 12.76 -49.97 3.59
CA THR A 365 13.45 -48.95 4.38
C THR A 365 13.75 -47.71 3.55
N LEU A 366 14.11 -47.90 2.28
CA LEU A 366 14.44 -46.77 1.43
C LEU A 366 13.23 -45.91 1.15
N ILE A 367 12.03 -46.49 1.14
CA ILE A 367 10.84 -45.74 0.77
C ILE A 367 10.61 -44.50 1.64
N PRO A 368 10.58 -44.59 2.99
CA PRO A 368 10.43 -43.36 3.78
C PRO A 368 11.63 -42.43 3.68
N THR A 369 12.81 -43.02 3.50
CA THR A 369 14.04 -42.23 3.44
C THR A 369 14.02 -41.25 2.28
N ILE A 370 13.22 -41.52 1.25
CA ILE A 370 13.09 -40.59 0.13
C ILE A 370 11.75 -39.87 0.25
N ALA A 371 10.76 -40.51 0.86
CA ALA A 371 9.45 -39.89 0.99
C ALA A 371 9.50 -38.64 1.84
N VAL A 372 10.23 -38.69 2.96
CA VAL A 372 10.30 -37.54 3.87
C VAL A 372 10.98 -36.33 3.23
N PRO A 373 12.16 -36.45 2.60
CA PRO A 373 12.82 -35.25 2.07
C PRO A 373 12.01 -34.45 1.07
N VAL A 374 11.19 -35.12 0.24
CA VAL A 374 10.37 -34.36 -0.70
C VAL A 374 9.32 -33.55 0.04
N VAL A 375 8.81 -34.08 1.15
CA VAL A 375 7.89 -33.31 1.98
C VAL A 375 8.61 -32.14 2.60
N LEU A 376 9.86 -32.33 3.01
CA LEU A 376 10.64 -31.22 3.56
C LEU A 376 10.82 -30.11 2.52
N MET A 377 11.16 -30.49 1.29
CA MET A 377 11.35 -29.50 0.23
C MET A 377 10.05 -28.78 -0.07
N GLY A 378 8.94 -29.51 -0.10
CA GLY A 378 7.65 -28.86 -0.29
C GLY A 378 7.32 -27.89 0.81
N THR A 379 7.64 -28.26 2.05
CA THR A 379 7.39 -27.36 3.18
C THR A 379 8.22 -26.09 3.05
N PHE A 380 9.49 -26.23 2.64
CA PHE A 380 10.32 -25.05 2.43
C PHE A 380 9.76 -24.17 1.32
N SER A 381 9.28 -24.79 0.24
CA SER A 381 8.68 -24.04 -0.84
C SER A 381 7.47 -23.26 -0.36
N VAL A 382 6.61 -23.89 0.43
CA VAL A 382 5.42 -23.22 0.94
C VAL A 382 5.82 -22.08 1.88
N LEU A 383 6.85 -22.31 2.70
CA LEU A 383 7.32 -21.26 3.60
C LEU A 383 7.81 -20.05 2.82
N TYR A 384 8.56 -20.27 1.75
CA TYR A 384 9.00 -19.15 0.93
C TYR A 384 7.82 -18.47 0.25
N ALA A 385 6.83 -19.25 -0.16
CA ALA A 385 5.64 -18.67 -0.79
C ALA A 385 4.89 -17.77 0.20
N PHE A 386 4.86 -18.15 1.46
CA PHE A 386 4.15 -17.35 2.46
C PHE A 386 4.99 -16.19 2.99
N GLY A 387 6.22 -16.03 2.51
CA GLY A 387 7.08 -14.96 2.98
C GLY A 387 7.77 -15.23 4.29
N TYR A 388 7.62 -16.43 4.85
CA TYR A 388 8.26 -16.76 6.11
C TYR A 388 9.75 -16.95 5.91
N SER A 389 10.48 -16.97 7.03
CA SER A 389 11.92 -17.09 7.03
C SER A 389 12.33 -18.20 7.98
N VAL A 390 13.53 -18.75 7.74
CA VAL A 390 14.06 -19.76 8.64
C VAL A 390 14.41 -19.09 9.96
N ASN A 391 13.66 -19.43 11.01
CA ASN A 391 13.87 -18.89 12.33
C ASN A 391 14.10 -20.04 13.30
N THR A 392 14.30 -19.68 14.57
CA THR A 392 14.28 -20.70 15.61
C THR A 392 12.93 -21.37 15.69
N LEU A 393 11.85 -20.57 15.63
CA LEU A 393 10.50 -21.10 15.73
C LEU A 393 10.18 -22.01 14.56
N THR A 394 10.51 -21.57 13.34
CA THR A 394 10.21 -22.38 12.17
C THR A 394 11.01 -23.68 12.17
N MET A 395 12.27 -23.61 12.58
CA MET A 395 13.09 -24.82 12.64
C MET A 395 12.56 -25.80 13.67
N PHE A 396 12.16 -25.30 14.84
CA PHE A 396 11.56 -26.18 15.83
C PHE A 396 10.25 -26.77 15.34
N ALA A 397 9.47 -25.98 14.60
CA ALA A 397 8.23 -26.51 14.03
C ALA A 397 8.52 -27.60 13.01
N MET A 398 9.58 -27.44 12.22
CA MET A 398 9.98 -28.49 11.29
C MET A 398 10.38 -29.75 12.05
N VAL A 399 11.12 -29.58 13.14
CA VAL A 399 11.49 -30.73 13.97
C VAL A 399 10.25 -31.45 14.46
N LEU A 400 9.24 -30.68 14.90
CA LEU A 400 7.99 -31.28 15.35
C LEU A 400 7.27 -32.01 14.22
N ALA A 401 7.24 -31.39 13.03
CA ALA A 401 6.46 -31.95 11.92
C ALA A 401 7.12 -33.19 11.34
N ILE A 402 8.43 -33.37 11.60
CA ILE A 402 9.11 -34.56 11.12
C ILE A 402 8.42 -35.81 11.66
N GLY A 403 7.84 -35.72 12.85
CA GLY A 403 7.12 -36.83 13.42
C GLY A 403 5.91 -37.22 12.59
N LEU A 404 5.13 -36.22 12.18
CA LEU A 404 3.95 -36.50 11.36
C LEU A 404 4.35 -37.08 10.01
N LEU A 405 5.38 -36.52 9.39
CA LEU A 405 5.81 -37.03 8.08
C LEU A 405 6.28 -38.48 8.19
N VAL A 406 7.08 -38.76 9.23
CA VAL A 406 7.53 -40.12 9.46
C VAL A 406 6.36 -41.04 9.71
N ASP A 407 5.37 -40.58 10.47
CA ASP A 407 4.22 -41.43 10.77
C ASP A 407 3.48 -41.80 9.48
N ASP A 408 3.27 -40.83 8.60
CA ASP A 408 2.58 -41.13 7.34
C ASP A 408 3.36 -42.14 6.51
N ALA A 409 4.67 -41.91 6.34
CA ALA A 409 5.47 -42.83 5.53
C ALA A 409 5.47 -44.23 6.15
N ILE A 410 5.63 -44.30 7.47
CA ILE A 410 5.69 -45.58 8.16
C ILE A 410 4.38 -46.32 7.98
N VAL A 411 3.25 -45.65 8.17
CA VAL A 411 1.98 -46.38 8.11
C VAL A 411 1.74 -46.91 6.72
N VAL A 412 2.00 -46.10 5.68
CA VAL A 412 1.71 -46.60 4.34
C VAL A 412 2.63 -47.76 3.98
N VAL A 413 3.94 -47.61 4.20
CA VAL A 413 4.86 -48.66 3.77
C VAL A 413 4.66 -49.92 4.60
N GLU A 414 4.38 -49.77 5.90
CA GLU A 414 4.17 -50.93 6.76
C GLU A 414 2.90 -51.67 6.38
N ASN A 415 1.85 -50.93 6.02
CA ASN A 415 0.62 -51.60 5.60
C ASN A 415 0.85 -52.40 4.33
N VAL A 416 1.55 -51.82 3.35
CA VAL A 416 1.77 -52.60 2.13
C VAL A 416 2.70 -53.79 2.40
N GLU A 417 3.68 -53.62 3.30
CA GLU A 417 4.56 -54.72 3.65
C GLU A 417 3.79 -55.85 4.34
N ARG A 418 2.88 -55.50 5.24
CA ARG A 418 2.09 -56.51 5.93
C ARG A 418 1.18 -57.25 4.96
N ILE A 419 0.58 -56.53 4.01
CA ILE A 419 -0.25 -57.19 3.02
C ILE A 419 0.58 -58.17 2.21
N MET A 420 1.77 -57.74 1.77
CA MET A 420 2.64 -58.61 1.00
C MET A 420 3.03 -59.86 1.80
N SER A 421 3.39 -59.67 3.06
CA SER A 421 3.91 -60.79 3.84
C SER A 421 2.80 -61.76 4.24
N GLU A 422 1.59 -61.25 4.46
CA GLU A 422 0.51 -62.13 4.87
C GLU A 422 -0.14 -62.82 3.68
N GLU A 423 -0.64 -62.04 2.73
CA GLU A 423 -1.41 -62.59 1.63
C GLU A 423 -0.57 -62.96 0.42
N GLY A 424 0.73 -62.68 0.44
CA GLY A 424 1.57 -63.00 -0.69
C GLY A 424 1.25 -62.24 -1.95
N LEU A 425 0.62 -61.07 -1.85
CA LEU A 425 0.16 -60.36 -3.02
C LEU A 425 1.32 -59.73 -3.78
N THR A 426 1.10 -59.48 -5.06
CA THR A 426 2.03 -58.73 -5.88
C THR A 426 2.17 -57.32 -5.32
N PRO A 427 3.38 -56.74 -5.36
CA PRO A 427 3.55 -55.38 -4.82
C PRO A 427 2.58 -54.36 -5.39
N ARG A 428 2.26 -54.44 -6.68
CA ARG A 428 1.24 -53.55 -7.23
C ARG A 428 -0.12 -53.85 -6.63
N GLU A 429 -0.50 -55.13 -6.60
CA GLU A 429 -1.79 -55.52 -6.04
C GLU A 429 -1.85 -55.22 -4.55
N ALA A 430 -0.74 -55.47 -3.84
CA ALA A 430 -0.71 -55.19 -2.41
C ALA A 430 -0.85 -53.69 -2.15
N THR A 431 -0.17 -52.87 -2.95
CA THR A 431 -0.29 -51.42 -2.79
C THR A 431 -1.70 -50.95 -3.08
N ARG A 432 -2.34 -51.52 -4.09
CA ARG A 432 -3.73 -51.17 -4.38
C ARG A 432 -4.63 -51.56 -3.22
N LYS A 433 -4.40 -52.74 -2.65
CA LYS A 433 -5.21 -53.19 -1.52
C LYS A 433 -5.04 -52.26 -0.31
N SER A 434 -3.79 -51.92 0.02
CA SER A 434 -3.53 -51.13 1.22
C SER A 434 -4.19 -49.76 1.11
N MET A 435 -4.06 -49.11 -0.04
CA MET A 435 -4.68 -47.81 -0.23
C MET A 435 -6.20 -47.93 -0.23
N GLY A 436 -6.73 -49.11 -0.58
CA GLY A 436 -8.17 -49.29 -0.52
C GLY A 436 -8.71 -49.15 0.88
N GLN A 437 -7.96 -49.60 1.88
CA GLN A 437 -8.37 -49.56 3.27
C GLN A 437 -7.75 -48.41 4.04
N ILE A 438 -7.00 -47.52 3.38
CA ILE A 438 -6.34 -46.42 4.08
C ILE A 438 -6.51 -45.08 3.39
N GLN A 439 -7.10 -45.01 2.20
CA GLN A 439 -7.20 -43.74 1.49
C GLN A 439 -8.04 -42.73 2.26
N GLY A 440 -9.27 -43.12 2.64
CA GLY A 440 -10.14 -42.20 3.35
C GLY A 440 -9.61 -41.87 4.74
N ALA A 441 -8.97 -42.84 5.39
CA ALA A 441 -8.40 -42.59 6.71
C ALA A 441 -7.38 -41.48 6.66
N LEU A 442 -6.57 -41.44 5.60
CA LEU A 442 -5.58 -40.36 5.46
C LEU A 442 -6.25 -39.00 5.33
N VAL A 443 -7.36 -38.93 4.58
CA VAL A 443 -8.05 -37.65 4.42
C VAL A 443 -8.64 -37.19 5.74
N GLY A 444 -9.27 -38.11 6.48
CA GLY A 444 -9.80 -37.76 7.78
C GLY A 444 -8.70 -37.34 8.75
N ILE A 445 -7.56 -38.02 8.69
CA ILE A 445 -6.41 -37.67 9.51
C ILE A 445 -5.96 -36.26 9.18
N ALA A 446 -5.88 -35.94 7.89
CA ALA A 446 -5.48 -34.60 7.47
C ALA A 446 -6.44 -33.55 8.02
N MET A 447 -7.74 -33.83 7.93
CA MET A 447 -8.73 -32.88 8.41
C MET A 447 -8.60 -32.65 9.91
N VAL A 448 -8.56 -33.72 10.70
CA VAL A 448 -8.51 -33.56 12.15
C VAL A 448 -7.17 -32.96 12.58
N LEU A 449 -6.10 -33.35 11.92
CA LEU A 449 -4.79 -32.83 12.26
C LEU A 449 -4.68 -31.35 11.94
N SER A 450 -5.28 -30.92 10.84
CA SER A 450 -5.35 -29.49 10.52
C SER A 450 -6.18 -28.76 11.57
N ALA A 451 -7.32 -29.34 11.95
CA ALA A 451 -8.14 -28.71 12.98
C ALA A 451 -7.43 -28.66 14.32
N VAL A 452 -6.42 -29.51 14.53
CA VAL A 452 -5.63 -29.43 15.75
C VAL A 452 -4.75 -28.19 15.76
N PHE A 453 -4.07 -27.90 14.64
CA PHE A 453 -3.04 -26.87 14.61
C PHE A 453 -3.52 -25.52 14.13
N VAL A 454 -4.50 -25.48 13.22
CA VAL A 454 -4.98 -24.22 12.64
C VAL A 454 -5.46 -23.22 13.70
N PRO A 455 -6.24 -23.63 14.71
CA PRO A 455 -6.78 -22.60 15.64
C PRO A 455 -5.72 -21.78 16.34
N MET A 456 -4.55 -22.35 16.64
CA MET A 456 -3.54 -21.59 17.37
C MET A 456 -3.02 -20.42 16.53
N ALA A 457 -3.21 -20.48 15.21
CA ALA A 457 -2.75 -19.40 14.35
C ALA A 457 -3.50 -18.11 14.62
N PHE A 458 -4.74 -18.19 15.08
CA PHE A 458 -5.58 -17.01 15.20
C PHE A 458 -5.47 -16.30 16.54
N PHE A 459 -4.58 -16.75 17.43
CA PHE A 459 -4.34 -16.03 18.67
C PHE A 459 -3.71 -14.67 18.37
N GLY A 460 -3.93 -13.72 19.27
CA GLY A 460 -3.48 -12.36 19.08
C GLY A 460 -2.22 -12.04 19.87
N GLY A 461 -1.51 -11.01 19.38
CA GLY A 461 -0.32 -10.52 20.04
C GLY A 461 0.95 -11.22 19.59
N THR A 462 2.02 -10.98 20.35
CA THR A 462 3.30 -11.60 20.06
C THR A 462 3.22 -13.12 20.21
N THR A 463 2.56 -13.58 21.26
CA THR A 463 2.34 -15.01 21.42
C THR A 463 1.51 -15.56 20.28
N GLY A 464 0.54 -14.78 19.81
CA GLY A 464 -0.22 -15.17 18.64
C GLY A 464 0.66 -15.32 17.41
N ALA A 465 1.62 -14.42 17.25
CA ALA A 465 2.53 -14.51 16.11
C ALA A 465 3.40 -15.76 16.19
N ILE A 466 3.89 -16.08 17.40
CA ILE A 466 4.70 -17.28 17.57
C ILE A 466 3.87 -18.52 17.23
N TYR A 467 2.66 -18.59 17.77
CA TYR A 467 1.79 -19.72 17.49
C TYR A 467 1.45 -19.78 16.01
N ARG A 468 1.33 -18.62 15.36
CA ARG A 468 1.04 -18.60 13.93
C ARG A 468 2.20 -19.19 13.13
N GLN A 469 3.42 -18.83 13.49
CA GLN A 469 4.59 -19.41 12.83
C GLN A 469 4.56 -20.94 12.94
N PHE A 470 4.40 -21.43 14.17
CA PHE A 470 4.39 -22.87 14.39
C PHE A 470 3.26 -23.54 13.61
N SER A 471 2.06 -22.95 13.67
CA SER A 471 0.90 -23.56 13.04
C SER A 471 1.04 -23.61 11.54
N ILE A 472 1.49 -22.51 10.93
CA ILE A 472 1.63 -22.49 9.47
C ILE A 472 2.66 -23.52 9.04
N THR A 473 3.80 -23.57 9.72
CA THR A 473 4.83 -24.53 9.34
C THR A 473 4.30 -25.96 9.44
N ILE A 474 3.68 -26.30 10.56
CA ILE A 474 3.25 -27.68 10.78
C ILE A 474 2.11 -28.05 9.84
N VAL A 475 1.19 -27.11 9.60
CA VAL A 475 0.07 -27.39 8.71
C VAL A 475 0.56 -27.61 7.29
N ALA A 476 1.49 -26.77 6.83
CA ALA A 476 2.05 -26.95 5.49
C ALA A 476 2.74 -28.31 5.38
N ALA A 477 3.53 -28.67 6.39
CA ALA A 477 4.22 -29.96 6.35
C ALA A 477 3.23 -31.11 6.34
N MET A 478 2.18 -31.04 7.15
CA MET A 478 1.20 -32.10 7.22
C MET A 478 0.47 -32.27 5.89
N VAL A 479 0.03 -31.16 5.30
CA VAL A 479 -0.67 -31.24 4.02
C VAL A 479 0.24 -31.81 2.96
N LEU A 480 1.50 -31.37 2.93
CA LEU A 480 2.45 -31.91 1.96
C LEU A 480 2.64 -33.41 2.15
N SER A 481 2.77 -33.87 3.39
CA SER A 481 2.95 -35.29 3.64
C SER A 481 1.74 -36.09 3.18
N VAL A 482 0.55 -35.59 3.48
CA VAL A 482 -0.68 -36.29 3.11
C VAL A 482 -0.75 -36.39 1.60
N LEU A 483 -0.44 -35.30 0.90
CA LEU A 483 -0.41 -35.33 -0.56
C LEU A 483 0.65 -36.30 -1.06
N VAL A 484 1.83 -36.29 -0.46
CA VAL A 484 2.86 -37.25 -0.84
C VAL A 484 2.43 -38.67 -0.51
N ALA A 485 1.77 -38.85 0.63
CA ALA A 485 1.38 -40.19 1.06
C ALA A 485 0.42 -40.83 0.07
N MET A 486 -0.39 -40.05 -0.62
CA MET A 486 -1.37 -40.58 -1.57
C MET A 486 -0.87 -40.58 -3.00
N ILE A 487 0.33 -40.03 -3.26
CA ILE A 487 0.80 -39.86 -4.63
C ILE A 487 2.12 -40.58 -4.84
N LEU A 488 3.13 -40.21 -4.06
CA LEU A 488 4.47 -40.73 -4.29
C LEU A 488 4.66 -42.09 -3.63
N THR A 489 4.36 -42.20 -2.34
CA THR A 489 4.62 -43.44 -1.63
C THR A 489 3.93 -44.67 -2.22
N PRO A 490 2.66 -44.63 -2.64
CA PRO A 490 2.10 -45.82 -3.32
C PRO A 490 2.87 -46.18 -4.58
N ALA A 491 3.32 -45.19 -5.35
CA ALA A 491 4.10 -45.46 -6.54
C ALA A 491 5.43 -46.10 -6.19
N LEU A 492 6.10 -45.59 -5.14
CA LEU A 492 7.36 -46.17 -4.72
C LEU A 492 7.18 -47.61 -4.24
N CYS A 493 6.11 -47.85 -3.48
CA CYS A 493 5.84 -49.21 -3.01
C CYS A 493 5.58 -50.15 -4.18
N ALA A 494 4.82 -49.69 -5.17
CA ALA A 494 4.55 -50.53 -6.33
C ALA A 494 5.78 -50.72 -7.21
N THR A 495 6.72 -49.80 -7.20
CA THR A 495 7.84 -49.83 -8.14
C THR A 495 9.10 -50.47 -7.57
N LEU A 496 9.62 -49.96 -6.45
CA LEU A 496 10.94 -50.36 -5.98
C LEU A 496 10.89 -51.36 -4.83
N LEU A 497 9.74 -51.99 -4.60
CA LEU A 497 9.59 -53.00 -3.55
C LEU A 497 9.53 -54.37 -4.19
N LYS A 498 10.46 -55.25 -3.82
CA LYS A 498 10.61 -56.52 -4.50
C LYS A 498 9.46 -57.46 -4.12
N PRO A 499 9.01 -58.31 -5.05
CA PRO A 499 7.86 -59.17 -4.76
C PRO A 499 8.20 -60.32 -3.82
N LEU A 500 9.44 -60.79 -3.83
CA LEU A 500 9.83 -61.96 -3.04
C LEU A 500 9.95 -61.60 -1.55
N LYS A 501 8.79 -61.27 -0.97
CA LYS A 501 8.76 -60.97 0.46
C LYS A 501 9.13 -62.20 1.28
N LYS A 502 8.69 -63.38 0.85
CA LYS A 502 9.06 -64.61 1.55
C LYS A 502 10.55 -64.86 1.46
N GLY A 503 11.17 -64.54 0.32
CA GLY A 503 12.60 -64.74 0.18
C GLY A 503 13.40 -63.93 1.18
N GLU A 504 13.02 -62.66 1.38
CA GLU A 504 13.69 -61.85 2.39
C GLU A 504 13.30 -62.29 3.80
N HIS A 505 12.08 -62.79 3.97
CA HIS A 505 11.61 -63.20 5.28
C HIS A 505 12.39 -64.40 5.82
N HIS A 506 12.58 -65.41 4.97
CA HIS A 506 13.25 -66.62 5.44
C HIS A 506 14.76 -66.44 5.53
N GLY A 507 15.30 -65.42 4.85
CA GLY A 507 16.73 -65.19 4.86
C GLY A 507 17.20 -64.27 5.98
N GLN A 508 16.79 -64.58 7.20
CA GLN A 508 17.20 -63.79 8.36
C GLN A 508 17.55 -64.75 9.49
N LYS A 509 18.72 -64.53 10.09
CA LYS A 509 19.22 -65.39 11.16
C LYS A 509 19.80 -64.52 12.27
N GLY A 510 20.20 -65.18 13.35
CA GLY A 510 20.85 -64.47 14.44
C GLY A 510 19.92 -63.50 15.13
N PHE A 511 20.33 -62.24 15.18
CA PHE A 511 19.60 -61.23 15.95
C PHE A 511 18.19 -61.01 15.41
N PHE A 512 18.05 -60.98 14.09
CA PHE A 512 16.76 -60.62 13.50
C PHE A 512 15.69 -61.65 13.82
N ALA A 513 16.04 -62.93 13.77
CA ALA A 513 15.06 -63.97 14.10
C ALA A 513 14.64 -63.87 15.57
N TRP A 514 15.61 -63.61 16.45
CA TRP A 514 15.29 -63.44 17.87
C TRP A 514 14.37 -62.24 18.08
N PHE A 515 14.64 -61.15 17.36
CA PHE A 515 13.80 -59.96 17.47
C PHE A 515 12.39 -60.24 16.98
N ASN A 516 12.27 -60.97 15.86
CA ASN A 516 10.95 -61.31 15.36
C ASN A 516 10.17 -62.16 16.36
N GLN A 517 10.85 -63.15 16.95
CA GLN A 517 10.20 -63.99 17.95
C GLN A 517 9.77 -63.17 19.16
N MET A 518 10.64 -62.28 19.63
CA MET A 518 10.32 -61.47 20.79
C MET A 518 9.15 -60.54 20.52
N PHE A 519 9.13 -59.93 19.33
CA PHE A 519 8.03 -59.05 18.98
C PHE A 519 6.72 -59.81 18.86
N ASN A 520 6.78 -61.01 18.29
CA ASN A 520 5.56 -61.83 18.21
C ASN A 520 5.05 -62.18 19.60
N ARG A 521 5.95 -62.56 20.50
CA ARG A 521 5.54 -62.91 21.86
C ARG A 521 4.92 -61.70 22.57
N ASN A 522 5.55 -60.54 22.44
CA ASN A 522 5.01 -59.34 23.08
C ASN A 522 3.68 -58.95 22.47
N ALA A 523 3.52 -59.12 21.16
CA ALA A 523 2.25 -58.83 20.52
C ALA A 523 1.15 -59.77 21.01
N GLU A 524 1.47 -61.05 21.18
CA GLU A 524 0.49 -61.98 21.73
C GLU A 524 0.09 -61.59 23.14
N ARG A 525 1.07 -61.20 23.96
CA ARG A 525 0.75 -60.76 25.32
C ARG A 525 -0.11 -59.52 25.30
N TYR A 526 0.17 -58.59 24.38
CA TYR A 526 -0.62 -57.37 24.26
C TYR A 526 -2.04 -57.68 23.85
N GLU A 527 -2.22 -58.62 22.91
CA GLU A 527 -3.55 -59.01 22.49
C GLU A 527 -4.33 -59.63 23.65
N LYS A 528 -3.67 -60.50 24.41
CA LYS A 528 -4.31 -61.09 25.58
C LYS A 528 -4.70 -60.03 26.59
N GLY A 529 -3.83 -59.05 26.80
CA GLY A 529 -4.15 -57.97 27.73
C GLY A 529 -5.32 -57.12 27.24
N VAL A 530 -5.39 -56.88 25.94
CA VAL A 530 -6.52 -56.14 25.39
C VAL A 530 -7.82 -56.91 25.62
N ALA A 531 -7.78 -58.23 25.41
CA ALA A 531 -8.96 -59.04 25.69
C ALA A 531 -9.35 -58.94 27.16
N LYS A 532 -8.37 -59.00 28.06
CA LYS A 532 -8.66 -58.91 29.48
C LYS A 532 -9.30 -57.59 29.84
N ILE A 533 -8.75 -56.48 29.32
CA ILE A 533 -9.31 -55.17 29.67
C ILE A 533 -10.68 -54.98 29.04
N LEU A 534 -10.93 -55.65 27.91
CA LEU A 534 -12.28 -55.63 27.34
C LEU A 534 -13.27 -56.36 28.24
N HIS A 535 -12.84 -57.45 28.87
CA HIS A 535 -13.75 -58.19 29.75
C HIS A 535 -13.92 -57.49 31.09
N ARG A 536 -13.07 -56.52 31.43
CA ARG A 536 -13.06 -55.88 32.75
C ARG A 536 -13.08 -54.36 32.57
N SER A 537 -14.03 -53.87 31.77
CA SER A 537 -14.01 -52.49 31.31
C SER A 537 -14.10 -51.49 32.47
N LEU A 538 -14.88 -51.80 33.50
CA LEU A 538 -15.21 -50.82 34.53
C LEU A 538 -13.97 -50.33 35.28
N ARG A 539 -13.09 -51.25 35.65
CA ARG A 539 -11.86 -50.86 36.34
C ARG A 539 -11.04 -49.89 35.50
N TRP A 540 -10.96 -50.16 34.20
CA TRP A 540 -10.15 -49.31 33.34
C TRP A 540 -10.84 -47.98 33.06
N ILE A 541 -12.16 -47.95 33.11
CA ILE A 541 -12.86 -46.67 33.04
C ILE A 541 -12.52 -45.82 34.26
N VAL A 542 -12.49 -46.45 35.44
CA VAL A 542 -12.08 -45.74 36.66
C VAL A 542 -10.64 -45.26 36.52
N ILE A 543 -9.78 -46.09 35.93
CA ILE A 543 -8.39 -45.71 35.72
C ILE A 543 -8.30 -44.49 34.81
N TYR A 544 -9.12 -44.48 33.75
CA TYR A 544 -9.15 -43.35 32.84
C TYR A 544 -9.61 -42.08 33.54
N VAL A 545 -10.61 -42.20 34.42
CA VAL A 545 -11.05 -41.04 35.18
C VAL A 545 -9.94 -40.52 36.08
N LEU A 546 -9.21 -41.44 36.73
CA LEU A 546 -8.09 -41.04 37.56
C LEU A 546 -7.02 -40.33 36.75
N LEU A 547 -6.72 -40.85 35.56
CA LEU A 547 -5.75 -40.19 34.68
C LEU A 547 -6.23 -38.80 34.27
N LEU A 548 -7.52 -38.67 33.98
CA LEU A 548 -8.08 -37.37 33.61
C LEU A 548 -7.95 -36.37 34.76
N GLY A 549 -8.17 -36.81 35.99
CA GLY A 549 -7.99 -35.95 37.14
C GLY A 549 -6.53 -35.56 37.36
N GLY A 550 -5.63 -36.53 37.21
CA GLY A 550 -4.22 -36.25 37.33
C GLY A 550 -3.74 -35.26 36.28
N MET A 551 -4.35 -35.31 35.10
CA MET A 551 -4.03 -34.34 34.06
C MET A 551 -4.30 -32.93 34.53
N VAL A 552 -5.47 -32.70 35.11
CA VAL A 552 -5.83 -31.37 35.60
C VAL A 552 -4.91 -30.96 36.74
N PHE A 553 -4.62 -31.90 37.65
CA PHE A 553 -3.72 -31.60 38.75
C PHE A 553 -2.36 -31.13 38.24
N LEU A 554 -1.77 -31.89 37.31
CA LEU A 554 -0.47 -31.52 36.78
C LEU A 554 -0.53 -30.19 36.02
N PHE A 555 -1.61 -29.97 35.26
CA PHE A 555 -1.75 -28.72 34.53
C PHE A 555 -1.78 -27.53 35.47
N LEU A 556 -2.49 -27.67 36.59
CA LEU A 556 -2.48 -26.62 37.60
C LEU A 556 -1.09 -26.44 38.21
N ARG A 557 -0.37 -27.55 38.38
CA ARG A 557 0.98 -27.47 38.95
C ARG A 557 1.93 -26.70 38.03
N LEU A 558 1.82 -26.92 36.72
CA LEU A 558 2.82 -26.45 35.79
C LEU A 558 2.85 -24.91 35.73
N PRO A 559 3.99 -24.29 35.97
CA PRO A 559 4.10 -22.83 35.80
C PRO A 559 3.99 -22.44 34.33
N THR A 560 3.56 -21.20 34.10
CA THR A 560 3.30 -20.69 32.77
C THR A 560 4.36 -19.67 32.39
N SER A 561 4.85 -19.77 31.16
CA SER A 561 5.83 -18.83 30.62
C SER A 561 5.63 -18.73 29.11
N PHE A 562 6.49 -17.97 28.44
CA PHE A 562 6.38 -17.83 27.00
C PHE A 562 7.57 -18.47 26.29
N LEU A 563 8.78 -18.03 26.63
CA LEU A 563 9.96 -18.58 26.02
C LEU A 563 11.02 -18.89 27.07
N PRO A 564 11.70 -20.04 26.96
CA PRO A 564 12.77 -20.34 27.91
C PRO A 564 13.95 -19.40 27.71
N LEU A 565 14.72 -19.23 28.78
CA LEU A 565 15.96 -18.47 28.73
C LEU A 565 17.11 -19.40 28.39
N GLU A 566 17.98 -18.96 27.48
CA GLU A 566 19.10 -19.78 27.05
C GLU A 566 20.39 -19.02 27.29
N ASP A 567 21.45 -19.78 27.58
CA ASP A 567 22.79 -19.22 27.69
C ASP A 567 23.30 -18.87 26.30
N ARG A 568 23.05 -17.64 25.86
CA ARG A 568 23.41 -17.21 24.52
C ARG A 568 24.76 -16.50 24.47
N GLY A 569 25.60 -16.74 25.47
CA GLY A 569 26.98 -16.26 25.46
C GLY A 569 27.19 -14.88 26.03
N MET A 570 26.13 -14.15 26.36
CA MET A 570 26.27 -12.81 26.91
C MET A 570 25.11 -12.49 27.82
N PHE A 571 25.35 -11.56 28.74
CA PHE A 571 24.32 -11.05 29.63
C PHE A 571 24.61 -9.59 29.94
N THR A 572 23.64 -8.92 30.54
CA THR A 572 23.68 -7.49 30.75
C THR A 572 23.77 -7.17 32.23
N THR A 573 24.54 -6.15 32.58
CA THR A 573 24.63 -5.65 33.94
C THR A 573 24.28 -4.17 33.93
N SER A 574 23.26 -3.79 34.71
CA SER A 574 22.76 -2.43 34.74
C SER A 574 23.11 -1.78 36.06
N VAL A 575 23.66 -0.56 36.00
CA VAL A 575 24.11 0.17 37.17
C VAL A 575 23.28 1.45 37.26
N GLN A 576 22.73 1.73 38.45
CA GLN A 576 21.95 2.94 38.67
C GLN A 576 22.31 3.52 40.04
N LEU A 577 23.06 4.62 40.02
CA LEU A 577 23.42 5.34 41.24
C LEU A 577 22.23 6.14 41.74
N PRO A 578 22.26 6.60 42.99
CA PRO A 578 21.19 7.48 43.47
C PRO A 578 21.15 8.78 42.70
N SER A 579 20.04 9.50 42.87
CA SER A 579 19.82 10.73 42.13
C SER A 579 20.86 11.79 42.51
N GLY A 580 21.16 12.66 41.55
CA GLY A 580 22.18 13.67 41.75
C GLY A 580 23.57 13.10 41.90
N SER A 581 23.92 12.14 41.06
CA SER A 581 25.25 11.53 41.08
C SER A 581 25.95 11.84 39.77
N THR A 582 27.15 12.39 39.86
CA THR A 582 27.92 12.75 38.68
C THR A 582 28.42 11.50 37.97
N GLN A 583 28.77 11.66 36.70
CA GLN A 583 29.19 10.51 35.91
C GLN A 583 30.54 9.99 36.37
N GLN A 584 31.30 10.79 37.12
CA GLN A 584 32.55 10.31 37.67
C GLN A 584 32.31 9.24 38.73
N GLN A 585 31.32 9.46 39.60
CA GLN A 585 30.96 8.44 40.59
C GLN A 585 30.42 7.18 39.92
N THR A 586 29.59 7.37 38.89
CA THR A 586 29.11 6.23 38.12
C THR A 586 30.26 5.47 37.48
N LEU A 587 31.27 6.20 37.02
CA LEU A 587 32.46 5.61 36.43
C LEU A 587 33.22 4.79 37.47
N LYS A 588 33.33 5.31 38.69
CA LYS A 588 33.97 4.55 39.75
C LYS A 588 33.22 3.24 40.03
N VAL A 589 31.89 3.32 40.08
CA VAL A 589 31.10 2.11 40.32
C VAL A 589 31.29 1.12 39.17
N VAL A 590 31.29 1.62 37.94
CA VAL A 590 31.47 0.74 36.78
C VAL A 590 32.85 0.10 36.81
N GLU A 591 33.86 0.85 37.24
CA GLU A 591 35.20 0.27 37.38
C GLU A 591 35.20 -0.84 38.41
N GLN A 592 34.49 -0.64 39.53
CA GLN A 592 34.40 -1.69 40.54
C GLN A 592 33.73 -2.94 39.95
N ILE A 593 32.66 -2.73 39.19
CA ILE A 593 31.93 -3.87 38.60
C ILE A 593 32.82 -4.64 37.64
N GLU A 594 33.52 -3.92 36.76
CA GLU A 594 34.35 -4.60 35.77
C GLU A 594 35.55 -5.26 36.43
N LYS A 595 36.05 -4.69 37.53
CA LYS A 595 37.11 -5.34 38.29
C LYS A 595 36.62 -6.66 38.86
N TYR A 596 35.39 -6.66 39.40
CA TYR A 596 34.80 -7.90 39.89
C TYR A 596 34.70 -8.94 38.78
N TYR A 597 34.22 -8.51 37.61
CA TYR A 597 34.05 -9.44 36.50
C TYR A 597 35.39 -10.01 36.04
N PHE A 598 36.41 -9.17 35.96
CA PHE A 598 37.72 -9.64 35.52
C PHE A 598 38.43 -10.46 36.57
N THR A 599 38.06 -10.32 37.84
CA THR A 599 38.73 -11.05 38.90
C THR A 599 38.10 -12.41 39.14
N HIS A 600 36.80 -12.42 39.44
CA HIS A 600 36.16 -13.66 39.90
C HIS A 600 35.75 -14.54 38.73
N GLU A 601 35.27 -13.94 37.64
CA GLU A 601 34.81 -14.68 36.47
C GLU A 601 35.85 -14.73 35.36
N LYS A 602 37.12 -14.83 35.73
CA LYS A 602 38.21 -14.71 34.75
C LYS A 602 38.14 -15.77 33.66
N ASP A 603 37.87 -17.01 34.04
CA ASP A 603 37.86 -18.10 33.07
C ASP A 603 36.68 -17.98 32.12
N ASN A 604 35.49 -17.70 32.64
CA ASN A 604 34.29 -17.71 31.82
C ASN A 604 34.22 -16.48 30.91
N ILE A 605 34.55 -15.31 31.44
CA ILE A 605 34.30 -14.07 30.72
C ILE A 605 35.29 -13.91 29.57
N MET A 606 34.88 -13.15 28.56
CA MET A 606 35.75 -12.81 27.44
C MET A 606 36.04 -11.33 27.32
N SER A 607 35.03 -10.48 27.48
CA SER A 607 35.19 -9.03 27.44
C SER A 607 33.93 -8.38 27.95
N VAL A 608 34.09 -7.25 28.62
CA VAL A 608 32.96 -6.48 29.16
C VAL A 608 33.01 -5.08 28.56
N PHE A 609 31.90 -4.67 27.97
CA PHE A 609 31.78 -3.36 27.34
C PHE A 609 30.79 -2.52 28.14
N ALA A 610 31.26 -1.37 28.62
CA ALA A 610 30.46 -0.51 29.48
C ALA A 610 30.13 0.79 28.77
N THR A 611 28.93 1.31 29.06
CA THR A 611 28.45 2.54 28.44
C THR A 611 27.90 3.44 29.55
N VAL A 612 28.77 4.28 30.10
CA VAL A 612 28.37 5.18 31.18
C VAL A 612 27.50 6.29 30.61
N GLY A 613 26.42 6.62 31.33
CA GLY A 613 25.52 7.66 30.94
C GLY A 613 24.25 7.17 30.28
N SER A 614 24.23 5.94 29.78
CA SER A 614 23.06 5.37 29.14
C SER A 614 22.77 4.01 29.77
N GLY A 615 21.52 3.80 30.17
CA GLY A 615 21.12 2.56 30.77
C GLY A 615 19.62 2.36 30.75
N PRO A 616 19.15 1.25 31.29
CA PRO A 616 17.70 1.03 31.38
C PRO A 616 17.06 2.10 32.24
N GLY A 617 15.83 2.47 31.87
CA GLY A 617 15.12 3.52 32.57
C GLY A 617 15.53 4.92 32.20
N GLY A 618 16.03 5.12 30.98
CA GLY A 618 16.42 6.43 30.51
C GLY A 618 17.91 6.68 30.63
N ASN A 619 18.32 7.86 30.18
CA ASN A 619 19.71 8.26 30.15
C ASN A 619 19.98 9.28 31.25
N GLY A 620 21.07 9.09 31.98
CA GLY A 620 21.45 10.02 33.02
C GLY A 620 22.87 9.76 33.45
N GLN A 621 23.44 10.73 34.16
CA GLN A 621 24.81 10.57 34.63
C GLN A 621 24.93 9.51 35.72
N ASN A 622 23.84 9.19 36.40
CA ASN A 622 23.86 8.20 37.47
C ASN A 622 23.46 6.81 37.01
N VAL A 623 23.29 6.60 35.70
CA VAL A 623 22.85 5.32 35.16
C VAL A 623 23.87 4.84 34.14
N ALA A 624 24.23 3.55 34.23
CA ALA A 624 25.15 2.94 33.31
C ALA A 624 24.65 1.56 32.91
N ARG A 625 25.08 1.10 31.74
CA ARG A 625 24.72 -0.22 31.24
C ARG A 625 26.00 -0.91 30.77
N MET A 626 26.12 -2.21 31.07
CA MET A 626 27.32 -2.97 30.75
C MET A 626 26.93 -4.28 30.08
N PHE A 627 27.65 -4.60 29.00
CA PHE A 627 27.48 -5.86 28.28
C PHE A 627 28.66 -6.76 28.57
N ILE A 628 28.39 -8.00 28.96
CA ILE A 628 29.43 -8.96 29.30
C ILE A 628 29.38 -10.08 28.28
N ARG A 629 30.50 -10.35 27.62
CA ARG A 629 30.60 -11.38 26.60
C ARG A 629 31.35 -12.56 27.18
N LEU A 630 30.70 -13.73 27.20
CA LEU A 630 31.30 -14.93 27.74
C LEU A 630 31.99 -15.71 26.62
N LYS A 631 32.91 -16.60 27.02
CA LYS A 631 33.62 -17.41 26.06
C LYS A 631 32.69 -18.43 25.41
N ASP A 632 33.23 -19.14 24.42
CA ASP A 632 32.45 -20.15 23.73
C ASP A 632 32.02 -21.24 24.70
N TRP A 633 30.85 -21.83 24.44
CA TRP A 633 30.28 -22.81 25.35
C TRP A 633 31.23 -23.98 25.61
N SER A 634 32.06 -24.32 24.63
CA SER A 634 32.98 -25.44 24.80
C SER A 634 34.03 -25.13 25.86
N GLU A 635 34.53 -23.90 25.88
CA GLU A 635 35.64 -23.57 26.78
C GLU A 635 35.19 -23.51 28.23
N ARG A 636 34.07 -22.83 28.49
CA ARG A 636 33.58 -22.75 29.86
C ARG A 636 32.86 -24.03 30.27
N ASP A 637 33.04 -24.43 31.52
CA ASP A 637 32.44 -25.66 32.01
C ASP A 637 30.93 -25.50 32.14
N SER A 638 30.19 -26.51 31.67
CA SER A 638 28.74 -26.47 31.76
C SER A 638 28.24 -26.59 33.19
N LYS A 639 29.08 -27.05 34.11
CA LYS A 639 28.63 -27.22 35.49
C LYS A 639 28.35 -25.87 36.15
N THR A 640 29.29 -24.94 36.06
CA THR A 640 29.14 -23.66 36.72
C THR A 640 29.49 -22.47 35.84
N GLY A 641 29.99 -22.68 34.63
CA GLY A 641 30.27 -21.60 33.71
C GLY A 641 29.09 -21.14 32.89
N THR A 642 27.91 -21.72 33.11
CA THR A 642 26.73 -21.30 32.38
C THR A 642 26.36 -19.87 32.75
N SER A 643 25.64 -19.19 31.85
CA SER A 643 25.25 -17.82 32.10
C SER A 643 24.45 -17.69 33.38
N PHE A 644 23.63 -18.70 33.68
CA PHE A 644 22.75 -18.60 34.85
C PHE A 644 23.54 -18.63 36.15
N ALA A 645 24.50 -19.54 36.27
CA ALA A 645 25.33 -19.57 37.47
C ALA A 645 26.15 -18.29 37.60
N ILE A 646 26.66 -17.79 36.49
CA ILE A 646 27.47 -16.58 36.51
C ILE A 646 26.63 -15.41 37.00
N ILE A 647 25.41 -15.25 36.45
CA ILE A 647 24.58 -14.13 36.87
C ILE A 647 24.09 -14.31 38.29
N GLU A 648 23.94 -15.57 38.75
CA GLU A 648 23.56 -15.78 40.14
C GLU A 648 24.65 -15.31 41.09
N ARG A 649 25.89 -15.71 40.81
CA ARG A 649 27.01 -15.25 41.64
C ARG A 649 27.15 -13.73 41.55
N ALA A 650 26.97 -13.18 40.35
CA ALA A 650 27.05 -11.73 40.18
C ALA A 650 25.96 -11.02 40.99
N THR A 651 24.75 -11.57 40.99
CA THR A 651 23.67 -10.95 41.75
C THR A 651 23.99 -10.96 43.23
N LYS A 652 24.55 -12.06 43.73
CA LYS A 652 24.96 -12.08 45.13
C LYS A 652 25.99 -11.00 45.41
N ALA A 653 27.06 -10.98 44.61
CA ALA A 653 28.16 -10.03 44.87
C ALA A 653 27.68 -8.59 44.73
N PHE A 654 26.71 -8.34 43.86
CA PHE A 654 26.24 -6.98 43.64
C PHE A 654 25.23 -6.57 44.71
N ASN A 655 24.47 -7.53 45.24
CA ASN A 655 23.67 -7.25 46.42
C ASN A 655 24.55 -6.91 47.60
N GLN A 656 25.78 -7.44 47.62
CA GLN A 656 26.73 -7.01 48.63
C GLN A 656 27.11 -5.54 48.47
N ILE A 657 26.96 -5.00 47.25
CA ILE A 657 27.33 -3.61 47.00
C ILE A 657 26.24 -2.68 47.51
N LYS A 658 26.65 -1.64 48.24
CA LYS A 658 25.70 -0.71 48.83
C LYS A 658 25.80 0.71 48.28
N GLU A 659 26.82 1.01 47.46
CA GLU A 659 26.94 2.35 46.92
C GLU A 659 25.78 2.68 45.97
N ALA A 660 25.37 1.70 45.17
CA ALA A 660 24.33 1.92 44.16
C ALA A 660 23.57 0.62 43.98
N ARG A 661 22.64 0.63 43.03
CA ARG A 661 21.84 -0.54 42.70
C ARG A 661 22.33 -1.09 41.36
N VAL A 662 22.88 -2.30 41.37
CA VAL A 662 23.42 -2.94 40.18
C VAL A 662 22.84 -4.34 40.10
N ILE A 663 22.24 -4.67 38.96
CA ILE A 663 21.62 -5.97 38.74
C ILE A 663 22.19 -6.57 37.45
N ALA A 664 22.50 -7.86 37.49
CA ALA A 664 22.97 -8.59 36.34
C ALA A 664 21.88 -9.55 35.89
N SER A 665 21.42 -9.38 34.65
CA SER A 665 20.29 -10.16 34.16
C SER A 665 20.55 -10.58 32.72
N SER A 666 20.13 -11.81 32.40
CA SER A 666 20.23 -12.30 31.03
C SER A 666 19.25 -11.54 30.14
N PRO A 667 19.62 -11.27 28.89
CA PRO A 667 18.73 -10.54 27.99
C PRO A 667 17.51 -11.39 27.64
N PRO A 668 16.33 -10.78 27.60
CA PRO A 668 15.15 -11.51 27.13
C PRO A 668 15.29 -11.86 25.65
N ALA A 669 14.74 -13.01 25.27
CA ALA A 669 14.78 -13.42 23.87
C ALA A 669 14.06 -12.42 22.98
N ILE A 670 12.86 -12.02 23.39
CA ILE A 670 12.08 -11.00 22.69
C ILE A 670 11.72 -9.91 23.69
N SER A 671 11.95 -8.66 23.31
CA SER A 671 11.70 -7.56 24.22
C SER A 671 10.23 -7.46 24.61
N GLY A 672 9.34 -7.86 23.72
CA GLY A 672 7.92 -7.82 24.00
C GLY A 672 7.50 -8.70 25.15
N LEU A 673 8.00 -9.94 25.18
CA LEU A 673 7.63 -10.87 26.24
C LEU A 673 8.24 -10.45 27.56
N GLY A 674 7.45 -10.58 28.63
CA GLY A 674 7.94 -10.33 29.97
C GLY A 674 7.58 -11.47 30.90
N SER A 675 7.67 -11.24 32.21
CA SER A 675 7.26 -12.26 33.16
C SER A 675 5.76 -12.51 33.02
N SER A 676 5.38 -13.79 33.02
CA SER A 676 3.98 -14.15 32.83
C SER A 676 3.10 -13.62 33.95
N ALA A 677 3.64 -13.45 35.15
CA ALA A 677 2.89 -12.92 36.28
C ALA A 677 2.93 -11.40 36.36
N GLY A 678 3.75 -10.75 35.53
CA GLY A 678 3.86 -9.31 35.60
C GLY A 678 2.67 -8.59 35.01
N PHE A 679 2.59 -7.30 35.29
CA PHE A 679 1.55 -6.44 34.71
C PHE A 679 2.08 -5.01 34.63
N ASP A 680 1.74 -4.31 33.56
CA ASP A 680 2.12 -2.92 33.38
C ASP A 680 0.87 -2.05 33.51
N MET A 681 0.91 -1.11 34.46
CA MET A 681 -0.20 -0.21 34.70
C MET A 681 0.30 1.23 34.67
N GLU A 682 -0.48 2.11 34.06
CA GLU A 682 -0.16 3.53 33.97
C GLU A 682 -1.18 4.29 34.81
N LEU A 683 -0.78 4.66 36.02
CA LEU A 683 -1.65 5.40 36.92
C LEU A 683 -1.76 6.84 36.42
N GLN A 684 -2.84 7.16 35.73
CA GLN A 684 -2.99 8.44 35.08
C GLN A 684 -3.62 9.48 36.01
N ASP A 685 -3.62 10.73 35.55
CA ASP A 685 -4.19 11.85 36.27
C ASP A 685 -5.22 12.52 35.36
N HIS A 686 -6.46 12.03 35.44
CA HIS A 686 -7.50 12.52 34.54
C HIS A 686 -7.98 13.91 34.94
N ALA A 687 -7.94 14.24 36.22
CA ALA A 687 -8.43 15.52 36.70
C ALA A 687 -7.40 16.64 36.58
N GLY A 688 -6.19 16.32 36.13
CA GLY A 688 -5.14 17.31 36.06
C GLY A 688 -4.78 17.86 37.43
N ALA A 689 -4.70 16.96 38.41
CA ALA A 689 -4.46 17.39 39.78
C ALA A 689 -3.09 18.05 39.92
N GLY A 690 -2.08 17.49 39.28
CA GLY A 690 -0.73 18.04 39.34
C GLY A 690 0.28 16.93 39.58
N HIS A 691 1.55 17.26 39.34
CA HIS A 691 2.60 16.25 39.49
C HIS A 691 2.72 15.79 40.94
N ASP A 692 2.67 16.73 41.88
CA ASP A 692 2.82 16.36 43.29
C ASP A 692 1.67 15.47 43.75
N ALA A 693 0.45 15.81 43.35
CA ALA A 693 -0.70 14.97 43.70
C ALA A 693 -0.56 13.59 43.08
N LEU A 694 -0.08 13.52 41.84
CA LEU A 694 0.12 12.23 41.19
C LEU A 694 1.15 11.39 41.93
N MET A 695 2.25 12.02 42.35
CA MET A 695 3.29 11.30 43.07
C MET A 695 2.77 10.81 44.42
N ALA A 696 1.98 11.64 45.11
CA ALA A 696 1.39 11.23 46.37
C ALA A 696 0.45 10.05 46.17
N ALA A 697 -0.35 10.09 45.10
CA ALA A 697 -1.23 8.98 44.79
C ALA A 697 -0.43 7.72 44.48
N ARG A 698 0.69 7.86 43.77
CA ARG A 698 1.54 6.71 43.48
C ARG A 698 2.10 6.11 44.76
N ASN A 699 2.54 6.95 45.69
CA ASN A 699 3.05 6.46 46.95
C ASN A 699 1.96 5.72 47.72
N GLN A 700 0.75 6.29 47.74
CA GLN A 700 -0.37 5.64 48.42
C GLN A 700 -0.68 4.29 47.80
N LEU A 701 -0.69 4.23 46.46
CA LEU A 701 -1.00 2.99 45.76
C LEU A 701 0.07 1.93 46.03
N LEU A 702 1.34 2.34 46.03
CA LEU A 702 2.41 1.41 46.35
C LEU A 702 2.29 0.90 47.78
N ALA A 703 1.89 1.78 48.70
CA ALA A 703 1.68 1.35 50.08
C ALA A 703 0.55 0.34 50.17
N LEU A 704 -0.55 0.58 49.45
CA LEU A 704 -1.66 -0.36 49.46
C LEU A 704 -1.27 -1.70 48.86
N ALA A 705 -0.48 -1.69 47.78
CA ALA A 705 -0.14 -2.91 47.08
C ALA A 705 0.67 -3.85 47.97
N ALA A 706 1.57 -3.29 48.78
CA ALA A 706 2.39 -4.12 49.66
C ALA A 706 1.54 -4.89 50.66
N GLU A 707 0.37 -4.34 51.01
CA GLU A 707 -0.52 -5.02 51.94
C GLU A 707 -1.10 -6.28 51.32
N ASN A 708 -1.48 -6.22 50.05
CA ASN A 708 -2.11 -7.37 49.40
C ASN A 708 -1.08 -8.46 49.16
N PRO A 709 -1.28 -9.67 49.69
CA PRO A 709 -0.29 -10.74 49.48
C PRO A 709 -0.35 -11.35 48.09
N GLU A 710 -1.41 -11.11 47.32
CA GLU A 710 -1.51 -11.66 45.98
C GLU A 710 -0.67 -10.90 44.96
N LEU A 711 -0.11 -9.76 45.34
CA LEU A 711 0.72 -8.97 44.46
C LEU A 711 2.14 -8.91 45.02
N THR A 712 3.12 -9.14 44.15
CA THR A 712 4.51 -9.25 44.58
C THR A 712 5.36 -8.24 43.82
N ARG A 713 6.18 -7.51 44.56
CA ARG A 713 7.14 -6.57 43.99
C ARG A 713 6.47 -5.52 43.12
N VAL A 714 5.35 -4.99 43.59
CA VAL A 714 4.67 -3.89 42.91
C VAL A 714 5.50 -2.64 43.11
N ARG A 715 5.91 -2.01 42.01
CA ARG A 715 6.80 -0.87 42.06
C ARG A 715 6.51 0.05 40.88
N HIS A 716 7.01 1.28 40.99
CA HIS A 716 6.96 2.21 39.88
C HIS A 716 8.20 2.05 39.02
N ASN A 717 8.03 2.23 37.71
CA ASN A 717 9.12 2.11 36.76
C ASN A 717 9.78 3.45 36.47
N GLY A 718 9.34 4.52 37.12
CA GLY A 718 9.88 5.85 36.90
C GLY A 718 11.01 6.17 37.86
N LEU A 719 11.26 7.48 37.99
CA LEU A 719 12.30 8.00 38.87
C LEU A 719 11.67 8.93 39.89
N ASP A 720 12.12 8.83 41.13
CA ASP A 720 11.60 9.70 42.18
C ASP A 720 12.07 11.13 41.96
N ASP A 721 11.35 12.07 42.56
CA ASP A 721 11.70 13.47 42.45
C ASP A 721 13.05 13.75 43.09
N SER A 722 13.77 14.70 42.51
CA SER A 722 15.12 15.03 42.97
C SER A 722 15.22 16.53 43.23
N PRO A 723 16.16 16.96 44.06
CA PRO A 723 16.35 18.40 44.26
C PRO A 723 16.71 19.10 42.97
N GLN A 724 16.16 20.29 42.77
CA GLN A 724 16.42 21.10 41.59
C GLN A 724 16.64 22.54 42.01
N LEU A 725 17.52 23.23 41.30
CA LEU A 725 17.74 24.64 41.55
C LEU A 725 16.73 25.48 40.78
N GLN A 726 16.17 26.48 41.46
CA GLN A 726 15.21 27.39 40.86
C GLN A 726 15.79 28.80 40.86
N ILE A 727 15.84 29.42 39.70
CA ILE A 727 16.35 30.78 39.56
C ILE A 727 15.18 31.75 39.54
N ASP A 728 15.19 32.71 40.46
CA ASP A 728 14.15 33.73 40.53
C ASP A 728 14.71 35.00 39.91
N ILE A 729 14.13 35.42 38.79
CA ILE A 729 14.55 36.64 38.11
C ILE A 729 13.52 37.71 38.42
N ASP A 730 13.93 38.75 39.14
CA ASP A 730 13.03 39.85 39.47
C ASP A 730 12.85 40.70 38.22
N GLN A 731 11.70 40.53 37.56
CA GLN A 731 11.45 41.25 36.32
C GLN A 731 11.47 42.76 36.54
N ARG A 732 10.83 43.21 37.62
CA ARG A 732 10.78 44.64 37.89
C ARG A 732 12.17 45.19 38.16
N LYS A 733 12.97 44.49 38.94
CA LYS A 733 14.32 44.98 39.26
C LYS A 733 15.22 44.94 38.04
N ALA A 734 15.07 43.90 37.21
CA ALA A 734 15.85 43.83 35.98
C ALA A 734 15.51 44.98 35.06
N GLN A 735 14.21 45.31 34.94
CA GLN A 735 13.82 46.47 34.15
C GLN A 735 14.37 47.75 34.76
N ALA A 736 14.35 47.86 36.09
CA ALA A 736 14.83 49.07 36.75
C ALA A 736 16.30 49.28 36.47
N LEU A 737 17.09 48.21 36.48
CA LEU A 737 18.50 48.33 36.12
C LEU A 737 18.71 48.50 34.62
N GLY A 738 17.66 48.39 33.83
CA GLY A 738 17.76 48.56 32.39
C GLY A 738 18.04 47.30 31.61
N VAL A 739 18.28 46.18 32.28
CA VAL A 739 18.59 44.93 31.61
C VAL A 739 17.31 44.32 31.06
N ALA A 740 17.32 43.97 29.78
CA ALA A 740 16.18 43.29 29.17
C ALA A 740 16.12 41.85 29.64
N ILE A 741 14.91 41.34 29.82
CA ILE A 741 14.74 39.95 30.24
C ILE A 741 15.27 39.00 29.19
N ASP A 742 15.16 39.40 27.92
CA ASP A 742 15.64 38.54 26.83
C ASP A 742 17.14 38.31 26.95
N ASP A 743 17.89 39.35 27.31
CA ASP A 743 19.33 39.19 27.49
C ASP A 743 19.63 38.23 28.63
N ILE A 744 18.89 38.32 29.73
CA ILE A 744 19.10 37.40 30.86
C ILE A 744 18.83 35.97 30.43
N ASN A 745 17.71 35.75 29.75
CA ASN A 745 17.36 34.40 29.33
C ASN A 745 18.38 33.86 28.34
N ASP A 746 18.85 34.69 27.42
CA ASP A 746 19.89 34.24 26.50
C ASP A 746 21.15 33.85 27.26
N THR A 747 21.68 34.76 28.07
CA THR A 747 22.89 34.46 28.82
C THR A 747 22.77 33.14 29.58
N LEU A 748 21.63 32.93 30.23
CA LEU A 748 21.41 31.67 30.95
C LEU A 748 21.40 30.48 29.99
N GLN A 749 20.73 30.63 28.85
CA GLN A 749 20.51 29.49 27.97
C GLN A 749 21.79 29.08 27.24
N THR A 750 22.53 30.04 26.73
CA THR A 750 23.76 29.77 26.00
C THR A 750 24.99 29.70 26.89
N ALA A 751 24.86 29.99 28.19
CA ALA A 751 26.01 29.86 29.07
C ALA A 751 25.93 28.55 29.84
N TRP A 752 24.84 28.36 30.60
CA TRP A 752 24.69 27.13 31.36
C TRP A 752 24.29 25.97 30.47
N GLY A 753 23.38 26.19 29.54
CA GLY A 753 23.06 25.21 28.53
C GLY A 753 23.90 25.43 27.30
N SER A 754 23.93 24.42 26.43
CA SER A 754 24.70 24.54 25.20
C SER A 754 23.99 25.46 24.23
N SER A 755 24.61 25.65 23.06
CA SER A 755 24.01 26.44 21.99
C SER A 755 24.60 26.00 20.67
N TYR A 756 23.82 25.26 19.89
CA TYR A 756 24.25 24.79 18.58
C TYR A 756 24.09 25.90 17.55
N VAL A 757 25.17 26.64 17.27
CA VAL A 757 25.03 27.86 16.50
C VAL A 757 25.15 27.58 15.00
N ASN A 758 26.18 26.85 14.59
CA ASN A 758 26.45 26.71 13.16
C ASN A 758 27.08 25.33 12.91
N ASP A 759 27.61 25.16 11.71
CA ASP A 759 28.38 23.99 11.33
C ASP A 759 29.70 24.44 10.73
N PHE A 760 30.76 23.68 10.98
CA PHE A 760 32.07 23.98 10.43
C PHE A 760 32.62 22.74 9.74
N MET A 761 33.38 22.96 8.68
CA MET A 761 33.89 21.86 7.87
C MET A 761 35.21 21.39 8.44
N ASP A 762 35.24 20.16 8.95
CA ASP A 762 36.43 19.56 9.52
C ASP A 762 36.84 18.37 8.68
N ARG A 763 37.97 18.47 8.00
CA ARG A 763 38.53 17.38 7.21
C ARG A 763 37.51 16.82 6.22
N GLY A 764 36.79 17.72 5.55
CA GLY A 764 35.84 17.32 4.54
C GLY A 764 34.47 16.92 5.06
N ARG A 765 34.22 17.08 6.35
CA ARG A 765 32.93 16.76 6.95
C ARG A 765 32.47 17.92 7.82
N VAL A 766 31.16 18.13 7.87
CA VAL A 766 30.60 19.26 8.60
C VAL A 766 30.19 18.78 9.99
N LYS A 767 30.84 19.31 11.01
CA LYS A 767 30.52 19.01 12.39
C LYS A 767 29.66 20.14 12.96
N LYS A 768 29.45 20.12 14.28
CA LYS A 768 28.63 21.12 14.95
C LYS A 768 29.50 22.05 15.77
N VAL A 769 29.01 23.27 15.97
CA VAL A 769 29.68 24.28 16.79
C VAL A 769 28.80 24.56 18.00
N TYR A 770 29.33 24.31 19.20
CA TYR A 770 28.59 24.49 20.43
C TYR A 770 29.27 25.56 21.28
N VAL A 771 28.48 26.51 21.77
CA VAL A 771 28.97 27.56 22.66
C VAL A 771 28.38 27.33 24.04
N GLN A 772 29.24 27.28 25.04
CA GLN A 772 28.81 27.01 26.40
C GLN A 772 29.86 27.56 27.36
N ALA A 773 29.46 27.74 28.60
CA ALA A 773 30.39 28.21 29.63
C ALA A 773 31.44 27.15 29.91
N ALA A 774 32.62 27.60 30.32
CA ALA A 774 33.65 26.67 30.75
C ALA A 774 33.18 25.92 31.99
N ALA A 775 33.72 24.72 32.18
CA ALA A 775 33.27 23.85 33.27
C ALA A 775 33.31 24.51 34.64
N PRO A 776 34.39 25.15 35.08
CA PRO A 776 34.42 25.64 36.47
C PRO A 776 33.42 26.74 36.76
N TYR A 777 32.84 27.35 35.73
CA TYR A 777 31.94 28.49 35.91
C TYR A 777 30.47 28.09 35.88
N ARG A 778 30.16 26.81 35.78
CA ARG A 778 28.77 26.36 35.81
C ARG A 778 28.63 25.11 36.67
N MET A 779 29.30 25.10 37.82
CA MET A 779 29.29 23.94 38.70
C MET A 779 28.52 24.12 39.99
N LEU A 780 28.33 25.35 40.46
CA LEU A 780 27.71 25.61 41.75
C LEU A 780 26.66 26.69 41.60
N PRO A 781 25.67 26.74 42.49
CA PRO A 781 24.67 27.82 42.41
C PRO A 781 25.27 29.21 42.52
N ASP A 782 26.38 29.36 43.24
CA ASP A 782 27.00 30.67 43.34
C ASP A 782 27.62 31.10 42.02
N ASP A 783 27.87 30.15 41.11
CA ASP A 783 28.48 30.49 39.83
C ASP A 783 27.55 31.34 38.98
N ILE A 784 26.27 31.41 39.34
CA ILE A 784 25.34 32.29 38.64
C ILE A 784 25.78 33.73 38.77
N ASN A 785 26.23 34.13 39.96
CA ASN A 785 26.58 35.53 40.21
C ASN A 785 27.82 35.93 39.42
N LEU A 786 28.57 34.98 38.88
CA LEU A 786 29.76 35.32 38.10
C LEU A 786 29.43 35.93 36.75
N TRP A 787 28.18 35.83 36.31
CA TRP A 787 27.81 36.29 34.98
C TRP A 787 27.31 37.72 35.00
N TYR A 788 27.68 38.47 33.97
CA TYR A 788 27.33 39.88 33.85
C TYR A 788 26.52 40.08 32.57
N VAL A 789 25.52 40.95 32.65
CA VAL A 789 24.64 41.23 31.52
C VAL A 789 24.72 42.72 31.23
N ARG A 790 24.80 43.07 29.95
CA ARG A 790 24.92 44.47 29.56
C ARG A 790 23.54 45.12 29.48
N ASN A 791 23.43 46.32 30.04
CA ASN A 791 22.18 47.06 30.03
C ASN A 791 22.10 47.95 28.80
N LYS A 792 21.10 48.85 28.79
CA LYS A 792 20.91 49.73 27.64
C LYS A 792 22.09 50.65 27.43
N ASP A 793 22.66 51.18 28.52
CA ASP A 793 23.74 52.14 28.43
C ASP A 793 25.09 51.51 28.17
N GLY A 794 25.17 50.20 27.99
CA GLY A 794 26.42 49.53 27.75
C GLY A 794 27.21 49.18 28.99
N GLY A 795 26.63 49.32 30.17
CA GLY A 795 27.31 48.96 31.40
C GLY A 795 26.91 47.58 31.85
N MET A 796 27.91 46.75 32.13
CA MET A 796 27.65 45.38 32.58
C MET A 796 26.99 45.39 33.95
N VAL A 797 25.97 44.55 34.11
CA VAL A 797 25.21 44.46 35.34
C VAL A 797 25.40 43.05 35.90
N PRO A 798 25.80 42.89 37.15
CA PRO A 798 26.01 41.56 37.71
C PRO A 798 24.70 40.78 37.79
N PHE A 799 24.82 39.46 37.71
CA PHE A 799 23.64 38.60 37.81
C PHE A 799 23.09 38.62 39.23
N SER A 800 23.94 38.87 40.22
CA SER A 800 23.48 38.87 41.60
C SER A 800 22.55 40.03 41.89
N ALA A 801 22.54 41.04 41.03
CA ALA A 801 21.70 42.22 41.27
C ALA A 801 20.23 41.89 41.13
N PHE A 802 19.86 41.13 40.10
CA PHE A 802 18.46 40.90 39.75
C PHE A 802 18.08 39.42 39.76
N ALA A 803 18.86 38.59 40.44
CA ALA A 803 18.56 37.16 40.42
C ALA A 803 18.90 36.55 41.77
N THR A 804 18.10 35.56 42.15
CA THR A 804 18.29 34.83 43.39
C THR A 804 17.86 33.39 43.15
N SER A 805 18.65 32.44 43.65
CA SER A 805 18.38 31.03 43.46
C SER A 805 17.87 30.40 44.74
N ARG A 806 17.14 29.31 44.59
CA ARG A 806 16.65 28.55 45.73
C ARG A 806 16.48 27.09 45.30
N TRP A 807 16.40 26.21 46.28
CA TRP A 807 16.31 24.78 46.02
C TRP A 807 14.87 24.31 46.06
N GLU A 808 14.50 23.47 45.09
CA GLU A 808 13.15 22.95 44.95
C GLU A 808 13.25 21.49 44.53
N THR A 809 12.10 20.82 44.49
CA THR A 809 12.04 19.42 44.11
C THR A 809 11.29 19.28 42.80
N GLY A 810 11.83 18.46 41.91
CA GLY A 810 11.20 18.24 40.61
C GLY A 810 11.55 16.87 40.08
N SER A 811 10.75 16.43 39.12
CA SER A 811 10.92 15.09 38.57
C SER A 811 12.03 15.10 37.52
N PRO A 812 13.04 14.23 37.66
CA PRO A 812 14.04 14.13 36.58
C PRO A 812 13.45 13.67 35.27
N ARG A 813 12.43 12.82 35.30
CA ARG A 813 11.80 12.32 34.08
C ARG A 813 10.29 12.32 34.26
N LEU A 814 9.59 13.03 33.39
CA LEU A 814 8.14 13.11 33.42
C LEU A 814 7.55 12.20 32.36
N GLU A 815 6.57 11.40 32.75
CA GLU A 815 5.97 10.40 31.87
C GLU A 815 4.51 10.73 31.61
N ARG A 816 4.08 10.47 30.37
CA ARG A 816 2.70 10.67 29.96
C ARG A 816 2.21 9.44 29.22
N TYR A 817 0.95 9.08 29.43
CA TYR A 817 0.35 7.92 28.79
C TYR A 817 -1.00 8.33 28.21
N ASN A 818 -1.14 8.21 26.89
CA ASN A 818 -2.36 8.59 26.18
C ASN A 818 -2.76 10.02 26.48
N GLY A 819 -1.80 10.91 26.55
CA GLY A 819 -2.08 12.31 26.77
C GLY A 819 -2.32 12.72 28.22
N TYR A 820 -2.20 11.79 29.16
CA TYR A 820 -2.39 12.08 30.57
C TYR A 820 -1.08 11.84 31.30
N SER A 821 -0.75 12.73 32.24
CA SER A 821 0.39 12.49 33.11
C SER A 821 0.18 11.21 33.89
N ALA A 822 1.17 10.33 33.85
CA ALA A 822 1.00 9.01 34.45
C ALA A 822 2.34 8.48 34.92
N VAL A 823 2.28 7.52 35.83
CA VAL A 823 3.46 6.82 36.33
C VAL A 823 3.28 5.34 36.05
N GLU A 824 4.31 4.72 35.47
CA GLU A 824 4.23 3.32 35.04
C GLU A 824 4.51 2.44 36.24
N ILE A 825 3.43 1.98 36.88
CA ILE A 825 3.54 1.07 38.02
C ILE A 825 3.60 -0.36 37.48
N VAL A 826 4.70 -1.05 37.76
CA VAL A 826 4.94 -2.39 37.27
C VAL A 826 5.05 -3.34 38.47
N GLY A 827 4.22 -4.39 38.46
CA GLY A 827 4.27 -5.37 39.51
C GLY A 827 4.08 -6.76 38.95
N GLU A 828 4.28 -7.75 39.81
CA GLU A 828 4.13 -9.15 39.45
C GLU A 828 3.11 -9.82 40.36
N ALA A 829 2.27 -10.66 39.76
CA ALA A 829 1.32 -11.44 40.52
C ALA A 829 2.05 -12.48 41.36
N ALA A 830 1.59 -12.68 42.59
CA ALA A 830 2.19 -13.67 43.47
C ALA A 830 2.00 -15.06 42.89
N PRO A 831 2.93 -15.98 43.14
CA PRO A 831 2.77 -17.36 42.63
C PRO A 831 1.48 -17.97 43.14
N GLY A 832 0.79 -18.69 42.26
CA GLY A 832 -0.51 -19.24 42.57
C GLY A 832 -1.65 -18.26 42.45
N VAL A 833 -1.43 -17.08 41.89
CA VAL A 833 -2.45 -16.05 41.74
C VAL A 833 -2.61 -15.75 40.25
N SER A 834 -3.86 -15.75 39.78
CA SER A 834 -4.13 -15.49 38.38
C SER A 834 -3.81 -14.04 38.04
N THR A 835 -3.34 -13.83 36.80
CA THR A 835 -3.04 -12.48 36.36
C THR A 835 -4.29 -11.62 36.30
N GLY A 836 -5.41 -12.19 35.87
CA GLY A 836 -6.66 -11.44 35.89
C GLY A 836 -7.06 -11.03 37.29
N THR A 837 -6.84 -11.93 38.26
CA THR A 837 -7.10 -11.59 39.65
C THR A 837 -6.21 -10.44 40.12
N ALA A 838 -4.93 -10.48 39.73
CA ALA A 838 -4.02 -9.40 40.08
C ALA A 838 -4.48 -8.08 39.49
N MET A 839 -4.90 -8.10 38.23
CA MET A 839 -5.39 -6.88 37.59
C MET A 839 -6.64 -6.36 38.28
N ASP A 840 -7.54 -7.25 38.66
CA ASP A 840 -8.75 -6.83 39.37
C ASP A 840 -8.41 -6.21 40.72
N ILE A 841 -7.45 -6.81 41.43
CA ILE A 841 -7.04 -6.27 42.73
C ILE A 841 -6.43 -4.89 42.56
N MET A 842 -5.58 -4.74 41.55
CA MET A 842 -4.97 -3.43 41.29
C MET A 842 -6.02 -2.40 40.90
N GLU A 843 -7.02 -2.81 40.12
CA GLU A 843 -8.09 -1.89 39.75
C GLU A 843 -8.88 -1.46 40.97
N SER A 844 -9.17 -2.39 41.88
CA SER A 844 -9.84 -2.02 43.12
C SER A 844 -9.01 -1.06 43.94
N LEU A 845 -7.70 -1.31 44.02
CA LEU A 845 -6.82 -0.41 44.76
C LEU A 845 -6.84 0.99 44.15
N VAL A 846 -6.81 1.07 42.82
CA VAL A 846 -6.90 2.37 42.15
C VAL A 846 -8.23 3.04 42.46
N LYS A 847 -9.31 2.25 42.55
CA LYS A 847 -10.58 2.79 42.99
C LYS A 847 -10.48 3.37 44.40
N GLN A 848 -9.70 2.74 45.27
CA GLN A 848 -9.52 3.27 46.63
C GLN A 848 -8.80 4.61 46.63
N LEU A 849 -8.08 4.93 45.56
CA LEU A 849 -7.34 6.18 45.49
C LEU A 849 -8.30 7.36 45.34
N PRO A 850 -7.82 8.58 45.63
CA PRO A 850 -8.69 9.75 45.47
C PRO A 850 -9.15 9.93 44.04
N ASN A 851 -10.29 10.59 43.88
CA ASN A 851 -10.88 10.77 42.56
C ASN A 851 -9.93 11.54 41.64
N GLY A 852 -10.15 11.38 40.35
CA GLY A 852 -9.31 11.99 39.34
C GLY A 852 -8.18 11.11 38.84
N PHE A 853 -8.03 9.92 39.37
CA PHE A 853 -6.97 9.00 38.96
C PHE A 853 -7.58 7.74 38.34
N GLY A 854 -6.96 7.27 37.27
CA GLY A 854 -7.41 6.07 36.61
C GLY A 854 -6.23 5.23 36.15
N LEU A 855 -6.53 4.01 35.74
CA LEU A 855 -5.52 3.07 35.31
C LEU A 855 -5.79 2.64 33.86
N GLU A 856 -4.72 2.35 33.13
CA GLU A 856 -4.81 1.77 31.80
C GLU A 856 -3.67 0.79 31.64
N TRP A 857 -4.00 -0.47 31.38
CA TRP A 857 -2.98 -1.50 31.26
C TRP A 857 -2.20 -1.33 29.96
N THR A 858 -0.94 -1.72 30.00
CA THR A 858 -0.01 -1.49 28.90
C THR A 858 0.72 -2.78 28.55
N ALA A 859 1.08 -2.89 27.27
CA ALA A 859 1.90 -4.00 26.76
C ALA A 859 1.13 -5.31 27.00
N MET A 860 1.79 -6.30 27.59
CA MET A 860 1.19 -7.64 27.69
C MET A 860 -0.12 -7.61 28.46
N SER A 861 -0.21 -6.77 29.48
CA SER A 861 -1.45 -6.69 30.24
C SER A 861 -2.60 -6.19 29.38
N TYR A 862 -2.35 -5.15 28.58
CA TYR A 862 -3.38 -4.65 27.68
C TYR A 862 -3.75 -5.70 26.64
N GLN A 863 -2.77 -6.41 26.11
CA GLN A 863 -3.03 -7.46 25.14
C GLN A 863 -3.89 -8.56 25.76
N GLU A 864 -3.58 -8.93 26.99
CA GLU A 864 -4.38 -9.93 27.71
C GLU A 864 -5.80 -9.45 27.91
N ARG A 865 -5.96 -8.16 28.23
CA ARG A 865 -7.30 -7.59 28.35
C ARG A 865 -8.07 -7.72 27.05
N LEU A 866 -7.41 -7.40 25.92
CA LEU A 866 -8.08 -7.51 24.63
C LEU A 866 -8.36 -8.96 24.28
N SER A 867 -7.35 -9.82 24.37
CA SER A 867 -7.48 -11.23 23.98
C SER A 867 -7.76 -12.06 25.22
N GLY A 868 -9.05 -12.16 25.56
CA GLY A 868 -9.49 -12.90 26.72
C GLY A 868 -10.25 -14.16 26.29
N ALA A 869 -9.76 -15.31 26.76
CA ALA A 869 -10.37 -16.60 26.52
C ALA A 869 -10.53 -16.93 25.04
N GLN A 870 -9.59 -16.47 24.20
CA GLN A 870 -9.63 -16.85 22.79
C GLN A 870 -9.34 -18.33 22.62
N ALA A 871 -8.36 -18.84 23.37
CA ALA A 871 -7.96 -20.25 23.23
C ALA A 871 -9.08 -21.23 23.54
N PRO A 872 -9.84 -21.08 24.64
CA PRO A 872 -10.93 -22.05 24.88
C PRO A 872 -11.96 -22.08 23.77
N ALA A 873 -12.39 -20.91 23.28
CA ALA A 873 -13.39 -20.89 22.22
C ALA A 873 -12.84 -21.48 20.93
N LEU A 874 -11.60 -21.11 20.58
CA LEU A 874 -10.99 -21.61 19.35
C LEU A 874 -10.86 -23.12 19.39
N TYR A 875 -10.43 -23.67 20.54
CA TYR A 875 -10.24 -25.11 20.61
C TYR A 875 -11.56 -25.83 20.78
N ALA A 876 -12.60 -25.17 21.30
CA ALA A 876 -13.92 -25.77 21.27
C ALA A 876 -14.42 -25.91 19.82
N ILE A 877 -14.20 -24.87 19.03
CA ILE A 877 -14.53 -24.95 17.60
C ILE A 877 -13.74 -26.05 16.93
N SER A 878 -12.45 -26.15 17.28
CA SER A 878 -11.60 -27.18 16.72
C SER A 878 -12.11 -28.57 17.08
N LEU A 879 -12.51 -28.76 18.34
CA LEU A 879 -13.02 -30.05 18.78
C LEU A 879 -14.31 -30.41 18.04
N LEU A 880 -15.19 -29.41 17.84
CA LEU A 880 -16.41 -29.67 17.10
C LEU A 880 -16.11 -30.07 15.66
N VAL A 881 -15.15 -29.38 15.03
CA VAL A 881 -14.79 -29.71 13.65
C VAL A 881 -14.20 -31.12 13.58
N VAL A 882 -13.36 -31.47 14.55
CA VAL A 882 -12.77 -32.80 14.60
C VAL A 882 -13.87 -33.86 14.72
N PHE A 883 -14.83 -33.62 15.61
CA PHE A 883 -15.92 -34.57 15.79
C PHE A 883 -16.71 -34.72 14.50
N LEU A 884 -17.00 -33.62 13.82
CA LEU A 884 -17.76 -33.69 12.58
C LEU A 884 -17.01 -34.46 11.51
N CYS A 885 -15.72 -34.19 11.36
CA CYS A 885 -14.92 -34.89 10.35
C CYS A 885 -14.85 -36.38 10.66
N LEU A 886 -14.67 -36.73 11.93
CA LEU A 886 -14.62 -38.15 12.29
C LEU A 886 -15.95 -38.83 12.09
N ALA A 887 -17.06 -38.12 12.37
CA ALA A 887 -18.38 -38.68 12.12
C ALA A 887 -18.58 -38.94 10.64
N ALA A 888 -18.14 -38.02 9.79
CA ALA A 888 -18.23 -38.22 8.35
C ALA A 888 -17.38 -39.42 7.94
N LEU A 889 -16.19 -39.55 8.52
CA LEU A 889 -15.30 -40.65 8.15
C LEU A 889 -15.88 -42.00 8.54
N TYR A 890 -16.38 -42.12 9.76
CA TYR A 890 -16.85 -43.40 10.29
C TYR A 890 -18.32 -43.66 10.02
N GLU A 891 -19.03 -42.70 9.45
CA GLU A 891 -20.45 -42.84 9.15
C GLU A 891 -21.24 -43.21 10.42
N SER A 892 -20.93 -42.53 11.51
CA SER A 892 -21.63 -42.75 12.76
C SER A 892 -21.46 -41.51 13.64
N TRP A 893 -22.45 -41.25 14.49
CA TRP A 893 -22.38 -40.14 15.42
C TRP A 893 -21.75 -40.53 16.75
N SER A 894 -21.45 -41.81 16.95
CA SER A 894 -20.94 -42.30 18.23
C SER A 894 -19.48 -42.71 18.15
N VAL A 895 -19.07 -43.38 17.07
CA VAL A 895 -17.70 -43.85 16.90
C VAL A 895 -16.68 -42.72 17.06
N PRO A 896 -16.91 -41.51 16.53
CA PRO A 896 -15.94 -40.43 16.76
C PRO A 896 -15.65 -40.14 18.22
N PHE A 897 -16.53 -40.53 19.15
CA PHE A 897 -16.23 -40.34 20.56
C PHE A 897 -15.10 -41.26 21.01
N SER A 898 -14.91 -42.38 20.32
CA SER A 898 -13.80 -43.28 20.64
C SER A 898 -12.46 -42.60 20.41
N VAL A 899 -12.33 -41.87 19.29
CA VAL A 899 -11.08 -41.21 18.98
C VAL A 899 -10.83 -40.04 19.92
N MET A 900 -11.86 -39.22 20.16
CA MET A 900 -11.64 -37.96 20.86
C MET A 900 -11.29 -38.18 22.33
N LEU A 901 -11.49 -39.39 22.85
CA LEU A 901 -11.16 -39.66 24.24
C LEU A 901 -9.68 -40.00 24.44
N VAL A 902 -8.91 -40.12 23.36
CA VAL A 902 -7.50 -40.45 23.49
C VAL A 902 -6.64 -39.21 23.67
N VAL A 903 -7.23 -38.02 23.54
CA VAL A 903 -6.50 -36.77 23.72
C VAL A 903 -5.94 -36.67 25.14
N PRO A 904 -6.70 -36.98 26.20
CA PRO A 904 -6.09 -36.95 27.54
C PRO A 904 -4.98 -37.97 27.73
N LEU A 905 -4.94 -39.03 26.92
CA LEU A 905 -3.92 -40.04 27.10
C LEU A 905 -2.52 -39.51 26.80
N GLY A 906 -2.39 -38.66 25.78
CA GLY A 906 -1.09 -38.16 25.42
C GLY A 906 -0.62 -36.99 26.26
N VAL A 907 -1.57 -36.18 26.74
CA VAL A 907 -1.21 -34.96 27.45
C VAL A 907 -0.63 -35.27 28.81
N ILE A 908 -1.09 -36.35 29.46
CA ILE A 908 -0.67 -36.64 30.82
C ILE A 908 0.83 -36.94 30.86
N GLY A 909 1.32 -37.70 29.89
CA GLY A 909 2.73 -38.02 29.84
C GLY A 909 3.61 -36.81 29.61
N ALA A 910 3.22 -35.95 28.67
CA ALA A 910 3.98 -34.73 28.44
C ALA A 910 3.99 -33.85 29.68
N LEU A 911 2.82 -33.72 30.33
CA LEU A 911 2.72 -32.91 31.53
C LEU A 911 3.61 -33.47 32.64
N LEU A 912 3.57 -34.77 32.85
CA LEU A 912 4.36 -35.39 33.91
C LEU A 912 5.85 -35.27 33.60
N ALA A 913 6.25 -35.49 32.35
CA ALA A 913 7.66 -35.42 31.99
C ALA A 913 8.20 -34.01 32.16
N THR A 914 7.42 -33.01 31.73
CA THR A 914 7.88 -31.63 31.88
C THR A 914 7.81 -31.17 33.33
N TRP A 915 6.95 -31.78 34.13
CA TRP A 915 6.87 -31.42 35.54
C TRP A 915 8.04 -32.00 36.33
N MET A 916 8.38 -33.25 36.07
CA MET A 916 9.46 -33.89 36.81
C MET A 916 10.80 -33.23 36.52
N ARG A 917 10.98 -32.72 35.29
CA ARG A 917 12.24 -32.11 34.91
C ARG A 917 12.34 -30.65 35.32
N GLY A 918 11.30 -30.10 35.94
CA GLY A 918 11.32 -28.72 36.37
C GLY A 918 10.98 -27.70 35.31
N LEU A 919 10.70 -28.14 34.08
CA LEU A 919 10.34 -27.21 33.03
C LEU A 919 8.94 -26.66 33.24
N GLU A 920 8.63 -25.59 32.52
CA GLU A 920 7.37 -24.87 32.66
C GLU A 920 6.54 -25.00 31.39
N ASN A 921 5.41 -24.30 31.37
CA ASN A 921 4.45 -24.39 30.28
C ASN A 921 4.69 -23.26 29.26
N ASP A 922 5.82 -23.34 28.57
CA ASP A 922 6.15 -22.37 27.54
C ASP A 922 5.50 -22.77 26.21
N VAL A 923 5.67 -21.92 25.21
CA VAL A 923 5.03 -22.16 23.92
C VAL A 923 5.60 -23.40 23.25
N TYR A 924 6.87 -23.70 23.49
CA TYR A 924 7.45 -24.93 22.95
C TYR A 924 6.74 -26.16 23.49
N PHE A 925 6.42 -26.13 24.79
CA PHE A 925 5.64 -27.23 25.37
C PHE A 925 4.26 -27.30 24.72
N GLN A 926 3.65 -26.15 24.45
CA GLN A 926 2.34 -26.15 23.79
C GLN A 926 2.40 -26.83 22.44
N VAL A 927 3.42 -26.49 21.64
CA VAL A 927 3.53 -27.06 20.30
C VAL A 927 3.81 -28.56 20.39
N GLY A 928 4.71 -28.96 21.29
CA GLY A 928 4.98 -30.38 21.44
C GLY A 928 3.76 -31.16 21.90
N LEU A 929 2.99 -30.57 22.82
CA LEU A 929 1.76 -31.20 23.29
C LEU A 929 0.77 -31.37 22.15
N LEU A 930 0.64 -30.34 21.30
CA LEU A 930 -0.25 -30.46 20.15
C LEU A 930 0.22 -31.57 19.20
N THR A 931 1.53 -31.66 18.97
CA THR A 931 2.03 -32.69 18.06
C THR A 931 1.78 -34.09 18.61
N VAL A 932 2.02 -34.30 19.90
CA VAL A 932 1.78 -35.63 20.46
C VAL A 932 0.30 -35.95 20.48
N ILE A 933 -0.54 -34.92 20.70
CA ILE A 933 -1.99 -35.11 20.60
C ILE A 933 -2.34 -35.57 19.19
N GLY A 934 -1.77 -34.92 18.18
CA GLY A 934 -2.06 -35.28 16.81
C GLY A 934 -1.65 -36.70 16.48
N LEU A 935 -0.46 -37.09 16.93
CA LEU A 935 0.01 -38.45 16.66
C LEU A 935 -0.86 -39.49 17.34
N SER A 936 -1.24 -39.24 18.60
CA SER A 936 -2.14 -40.16 19.30
C SER A 936 -3.48 -40.24 18.60
N ALA A 937 -3.99 -39.11 18.13
CA ALA A 937 -5.25 -39.09 17.41
C ALA A 937 -5.15 -39.90 16.12
N LYS A 938 -4.03 -39.77 15.40
CA LYS A 938 -3.86 -40.54 14.17
C LYS A 938 -3.83 -42.03 14.46
N ASN A 939 -3.11 -42.44 15.51
CA ASN A 939 -3.06 -43.86 15.86
C ASN A 939 -4.45 -44.37 16.21
N ALA A 940 -5.19 -43.62 17.01
CA ALA A 940 -6.54 -44.04 17.38
C ALA A 940 -7.45 -44.10 16.17
N ILE A 941 -7.30 -43.15 15.24
CA ILE A 941 -8.11 -43.15 14.02
C ILE A 941 -7.85 -44.41 13.22
N LEU A 942 -6.58 -44.77 13.03
CA LEU A 942 -6.27 -45.98 12.28
C LEU A 942 -6.85 -47.20 12.96
N ILE A 943 -6.69 -47.30 14.29
CA ILE A 943 -7.17 -48.48 15.01
C ILE A 943 -8.67 -48.62 14.87
N VAL A 944 -9.40 -47.55 15.12
CA VAL A 944 -10.86 -47.64 15.09
C VAL A 944 -11.37 -47.81 13.67
N GLU A 945 -10.67 -47.25 12.68
CA GLU A 945 -11.09 -47.43 11.30
C GLU A 945 -10.96 -48.88 10.88
N PHE A 946 -9.82 -49.50 11.21
CA PHE A 946 -9.67 -50.92 10.92
C PHE A 946 -10.70 -51.76 11.65
N ALA A 947 -10.96 -51.43 12.92
CA ALA A 947 -11.95 -52.18 13.69
C ALA A 947 -13.34 -52.05 13.06
N ASN A 948 -13.71 -50.85 12.64
CA ASN A 948 -15.01 -50.63 12.04
C ASN A 948 -15.14 -51.36 10.71
N GLU A 949 -14.09 -51.33 9.89
CA GLU A 949 -14.13 -52.05 8.62
C GLU A 949 -14.29 -53.54 8.85
N MET A 950 -13.51 -54.11 9.79
CA MET A 950 -13.63 -55.53 10.06
C MET A 950 -14.98 -55.87 10.68
N ASN A 951 -15.56 -54.95 11.44
CA ASN A 951 -16.91 -55.16 11.96
C ASN A 951 -17.92 -55.23 10.83
N GLN A 952 -17.79 -54.34 9.85
CA GLN A 952 -18.68 -54.39 8.70
C GLN A 952 -18.47 -55.67 7.89
N LYS A 953 -17.24 -56.19 7.87
CA LYS A 953 -16.97 -57.40 7.11
C LYS A 953 -17.57 -58.65 7.75
N GLY A 954 -18.11 -58.56 8.95
CA GLY A 954 -18.80 -59.65 9.60
C GLY A 954 -18.19 -60.10 10.91
N HIS A 955 -16.99 -59.64 11.22
CA HIS A 955 -16.35 -59.99 12.49
C HIS A 955 -17.13 -59.41 13.66
N ASP A 956 -17.13 -60.15 14.77
CA ASP A 956 -17.69 -59.61 16.01
C ASP A 956 -16.83 -58.45 16.51
N LEU A 957 -17.46 -57.55 17.25
CA LEU A 957 -16.74 -56.35 17.69
C LEU A 957 -15.55 -56.71 18.55
N PHE A 958 -15.68 -57.76 19.37
CA PHE A 958 -14.54 -58.22 20.16
C PHE A 958 -13.43 -58.75 19.26
N GLU A 959 -13.77 -59.67 18.35
CA GLU A 959 -12.78 -60.24 17.45
C GLU A 959 -12.21 -59.17 16.52
N ALA A 960 -13.07 -58.31 15.97
CA ALA A 960 -12.61 -57.27 15.07
C ALA A 960 -11.68 -56.31 15.79
N THR A 961 -12.03 -55.92 17.02
CA THR A 961 -11.20 -55.01 17.78
C THR A 961 -9.83 -55.62 18.07
N LEU A 962 -9.83 -56.89 18.50
CA LEU A 962 -8.55 -57.54 18.78
C LEU A 962 -7.70 -57.65 17.53
N HIS A 963 -8.31 -58.03 16.40
CA HIS A 963 -7.54 -58.17 15.17
C HIS A 963 -6.99 -56.83 14.71
N ALA A 964 -7.79 -55.78 14.81
CA ALA A 964 -7.34 -54.46 14.40
C ALA A 964 -6.19 -53.97 15.26
N CYS A 965 -6.30 -54.17 16.58
CA CYS A 965 -5.22 -53.74 17.46
C CYS A 965 -3.95 -54.54 17.20
N ARG A 966 -4.09 -55.85 16.95
CA ARG A 966 -2.93 -56.66 16.63
C ARG A 966 -2.27 -56.19 15.34
N GLN A 967 -3.08 -55.86 14.32
CA GLN A 967 -2.51 -55.37 13.07
C GLN A 967 -1.81 -54.03 13.26
N ARG A 968 -2.41 -53.13 14.03
CA ARG A 968 -1.85 -51.80 14.18
C ARG A 968 -0.74 -51.73 15.23
N LEU A 969 -0.48 -52.80 15.97
CA LEU A 969 0.53 -52.75 17.01
C LEU A 969 1.90 -52.39 16.44
N ARG A 970 2.30 -53.04 15.35
CA ARG A 970 3.65 -52.81 14.82
C ARG A 970 3.88 -51.39 14.33
N PRO A 971 3.05 -50.81 13.46
CA PRO A 971 3.36 -49.45 12.98
C PRO A 971 3.33 -48.41 14.09
N ILE A 972 2.46 -48.56 15.09
CA ILE A 972 2.41 -47.59 16.18
C ILE A 972 3.71 -47.61 16.96
N LEU A 973 4.20 -48.80 17.31
CA LEU A 973 5.47 -48.91 18.00
C LEU A 973 6.61 -48.37 17.14
N MET A 974 6.58 -48.68 15.84
CA MET A 974 7.62 -48.20 14.94
C MET A 974 7.70 -46.67 14.94
N THR A 975 6.55 -46.02 14.72
CA THR A 975 6.52 -44.56 14.67
C THR A 975 6.90 -43.95 16.01
N SER A 976 6.35 -44.48 17.10
CA SER A 976 6.63 -43.91 18.42
C SER A 976 8.11 -44.03 18.76
N LEU A 977 8.71 -45.19 18.49
CA LEU A 977 10.13 -45.36 18.76
C LEU A 977 10.97 -44.42 17.91
N ALA A 978 10.62 -44.29 16.63
CA ALA A 978 11.36 -43.39 15.76
C ALA A 978 11.31 -41.96 16.28
N PHE A 979 10.12 -41.49 16.65
CA PHE A 979 10.00 -40.11 17.13
C PHE A 979 10.71 -39.91 18.46
N ILE A 980 10.62 -40.91 19.35
CA ILE A 980 11.29 -40.81 20.65
C ILE A 980 12.78 -40.66 20.46
N PHE A 981 13.38 -41.53 19.65
CA PHE A 981 14.83 -41.47 19.47
C PHE A 981 15.22 -40.24 18.65
N GLY A 982 14.32 -39.74 17.81
CA GLY A 982 14.61 -38.53 17.07
C GLY A 982 14.70 -37.32 17.97
N VAL A 983 13.78 -37.21 18.94
CA VAL A 983 13.79 -36.07 19.85
C VAL A 983 14.67 -36.30 21.07
N LEU A 984 15.23 -37.49 21.23
CA LEU A 984 16.15 -37.73 22.35
C LEU A 984 17.34 -36.75 22.35
N PRO A 985 18.00 -36.45 21.23
CA PRO A 985 19.05 -35.42 21.28
C PRO A 985 18.53 -34.06 21.75
N MET A 986 17.31 -33.70 21.37
CA MET A 986 16.72 -32.46 21.86
C MET A 986 16.55 -32.49 23.37
N ALA A 987 16.11 -33.62 23.91
CA ALA A 987 15.82 -33.71 25.34
C ALA A 987 17.10 -33.57 26.16
N THR A 988 18.20 -34.15 25.71
CA THR A 988 19.45 -34.14 26.45
C THR A 988 20.49 -33.21 25.85
N SER A 989 20.06 -32.21 25.09
CA SER A 989 21.00 -31.27 24.48
C SER A 989 21.70 -30.45 25.55
N THR A 990 22.99 -30.19 25.33
CA THR A 990 23.79 -29.36 26.21
C THR A 990 24.55 -28.36 25.34
N GLY A 991 24.31 -27.09 25.54
CA GLY A 991 25.02 -26.07 24.79
C GLY A 991 24.10 -24.91 24.47
N ALA A 992 24.38 -24.28 23.32
CA ALA A 992 23.59 -23.15 22.88
C ALA A 992 22.17 -23.57 22.54
N GLY A 993 21.20 -22.75 22.91
CA GLY A 993 19.82 -23.05 22.65
C GLY A 993 19.26 -24.22 23.44
N SER A 994 19.91 -24.61 24.52
CA SER A 994 19.50 -25.82 25.23
C SER A 994 18.13 -25.67 25.88
N GLY A 995 17.67 -24.43 26.09
CA GLY A 995 16.38 -24.25 26.75
C GLY A 995 15.21 -24.76 25.91
N GLY A 996 15.06 -24.22 24.71
CA GLY A 996 13.97 -24.66 23.85
C GLY A 996 14.10 -26.12 23.46
N GLN A 997 15.31 -26.57 23.19
CA GLN A 997 15.52 -27.97 22.84
C GLN A 997 15.12 -28.88 23.99
N HIS A 998 15.51 -28.52 25.22
CA HIS A 998 15.10 -29.30 26.37
C HIS A 998 13.58 -29.33 26.51
N ALA A 999 12.95 -28.17 26.32
CA ALA A 999 11.49 -28.12 26.47
C ALA A 999 10.81 -29.03 25.46
N VAL A 1000 11.15 -28.88 24.18
CA VAL A 1000 10.48 -29.67 23.14
C VAL A 1000 10.79 -31.15 23.31
N GLY A 1001 12.05 -31.48 23.60
CA GLY A 1001 12.42 -32.87 23.76
C GLY A 1001 11.70 -33.53 24.91
N THR A 1002 11.68 -32.87 26.07
CA THR A 1002 11.01 -33.46 27.23
C THR A 1002 9.53 -33.64 26.96
N GLY A 1003 8.88 -32.58 26.45
CA GLY A 1003 7.44 -32.68 26.20
C GLY A 1003 7.11 -33.78 25.22
N VAL A 1004 7.82 -33.82 24.09
CA VAL A 1004 7.53 -34.80 23.06
C VAL A 1004 7.82 -36.21 23.54
N MET A 1005 8.96 -36.41 24.23
CA MET A 1005 9.31 -37.73 24.70
C MET A 1005 8.25 -38.27 25.66
N GLY A 1006 7.92 -37.48 26.70
CA GLY A 1006 6.92 -37.93 27.64
C GLY A 1006 5.57 -38.15 27.00
N GLY A 1007 5.14 -37.20 26.15
CA GLY A 1007 3.84 -37.34 25.52
C GLY A 1007 3.76 -38.56 24.63
N MET A 1008 4.79 -38.81 23.82
CA MET A 1008 4.78 -39.96 22.94
C MET A 1008 4.78 -41.27 23.72
N ILE A 1009 5.61 -41.35 24.76
CA ILE A 1009 5.66 -42.58 25.54
C ILE A 1009 4.29 -42.88 26.15
N SER A 1010 3.71 -41.90 26.84
CA SER A 1010 2.41 -42.11 27.47
C SER A 1010 1.34 -42.37 26.43
N ALA A 1011 1.38 -41.63 25.32
CA ALA A 1011 0.36 -41.78 24.28
C ALA A 1011 0.35 -43.19 23.74
N THR A 1012 1.50 -43.71 23.32
CA THR A 1012 1.51 -45.06 22.78
C THR A 1012 1.09 -46.07 23.84
N ILE A 1013 1.70 -46.00 25.04
CA ILE A 1013 1.46 -47.04 26.04
C ILE A 1013 0.00 -47.08 26.45
N LEU A 1014 -0.60 -45.92 26.70
CA LEU A 1014 -1.99 -45.89 27.13
C LEU A 1014 -2.94 -46.16 25.97
N ALA A 1015 -2.67 -45.57 24.81
CA ALA A 1015 -3.62 -45.63 23.70
C ALA A 1015 -3.77 -47.06 23.18
N ILE A 1016 -2.66 -47.79 23.03
CA ILE A 1016 -2.75 -49.11 22.42
C ILE A 1016 -3.71 -50.01 23.18
N TYR A 1017 -3.99 -49.69 24.44
CA TYR A 1017 -4.97 -50.42 25.23
C TYR A 1017 -6.31 -49.71 25.31
N PHE A 1018 -6.31 -48.38 25.48
CA PHE A 1018 -7.56 -47.69 25.77
C PHE A 1018 -8.42 -47.51 24.53
N VAL A 1019 -7.80 -47.33 23.36
CA VAL A 1019 -8.59 -47.17 22.13
C VAL A 1019 -9.47 -48.38 21.86
N PRO A 1020 -8.97 -49.63 21.93
CA PRO A 1020 -9.90 -50.77 21.84
C PRO A 1020 -10.99 -50.74 22.88
N LEU A 1021 -10.68 -50.34 24.10
CA LEU A 1021 -11.68 -50.28 25.15
C LEU A 1021 -12.79 -49.29 24.80
N PHE A 1022 -12.40 -48.11 24.32
CA PHE A 1022 -13.39 -47.10 23.97
C PHE A 1022 -14.25 -47.54 22.80
N PHE A 1023 -13.62 -48.14 21.78
CA PHE A 1023 -14.40 -48.59 20.63
C PHE A 1023 -15.38 -49.69 21.03
N VAL A 1024 -14.93 -50.64 21.84
CA VAL A 1024 -15.81 -51.72 22.27
C VAL A 1024 -16.94 -51.18 23.13
N LEU A 1025 -16.65 -50.18 23.96
CA LEU A 1025 -17.70 -49.57 24.78
C LEU A 1025 -18.76 -48.91 23.90
N VAL A 1026 -18.33 -48.07 22.95
CA VAL A 1026 -19.31 -47.35 22.14
C VAL A 1026 -20.08 -48.30 21.24
N ARG A 1027 -19.47 -49.41 20.83
CA ARG A 1027 -20.21 -50.37 20.03
C ARG A 1027 -21.09 -51.27 20.88
N ARG A 1028 -20.77 -51.44 22.16
CA ARG A 1028 -21.69 -52.10 23.08
C ARG A 1028 -22.94 -51.26 23.26
N ARG A 1029 -22.77 -49.96 23.51
CA ARG A 1029 -23.94 -49.08 23.60
C ARG A 1029 -24.65 -48.97 22.25
N PHE A 1030 -23.87 -48.92 21.18
CA PHE A 1030 -24.45 -48.74 19.86
C PHE A 1030 -25.38 -47.56 19.94
N PRO A 1031 -24.88 -46.44 20.48
CA PRO A 1031 -25.78 -45.29 20.69
C PRO A 1031 -26.55 -44.94 19.43
N MET B 1 -13.75 -36.53 -23.81
CA MET B 1 -14.81 -35.53 -23.99
C MET B 1 -15.14 -35.34 -25.46
N ALA B 2 -14.28 -35.88 -26.32
CA ALA B 2 -14.46 -35.71 -27.76
C ALA B 2 -15.75 -36.36 -28.23
N ASN B 3 -16.02 -37.58 -27.78
CA ASN B 3 -17.24 -38.26 -28.19
C ASN B 3 -18.48 -37.55 -27.68
N PHE B 4 -18.35 -36.84 -26.56
CA PHE B 4 -19.48 -36.10 -26.00
C PHE B 4 -19.93 -35.00 -26.96
N PHE B 5 -18.97 -34.26 -27.52
CA PHE B 5 -19.32 -33.10 -28.34
C PHE B 5 -19.59 -33.49 -29.78
N ILE B 6 -19.20 -34.69 -30.20
CA ILE B 6 -19.52 -35.14 -31.55
C ILE B 6 -21.01 -35.24 -31.74
N ASP B 7 -21.73 -35.74 -30.72
CA ASP B 7 -23.18 -35.85 -30.78
C ASP B 7 -23.89 -34.56 -30.42
N ARG B 8 -23.16 -33.55 -29.94
CA ARG B 8 -23.75 -32.29 -29.49
C ARG B 8 -23.02 -31.12 -30.13
N PRO B 9 -23.23 -30.90 -31.43
CA PRO B 9 -22.59 -29.74 -32.07
C PRO B 9 -23.05 -28.42 -31.49
N ILE B 10 -24.30 -28.33 -31.03
CA ILE B 10 -24.84 -27.06 -30.56
C ILE B 10 -24.09 -26.60 -29.32
N PHE B 11 -23.71 -27.54 -28.45
CA PHE B 11 -22.95 -27.18 -27.26
C PHE B 11 -21.62 -26.55 -27.63
N ALA B 12 -20.90 -27.18 -28.57
CA ALA B 12 -19.61 -26.65 -28.99
C ALA B 12 -19.76 -25.28 -29.65
N TRP B 13 -20.79 -25.13 -30.48
CA TRP B 13 -21.03 -23.84 -31.11
C TRP B 13 -21.32 -22.76 -30.07
N VAL B 14 -22.10 -23.12 -29.04
CA VAL B 14 -22.40 -22.16 -27.98
C VAL B 14 -21.12 -21.75 -27.26
N LEU B 15 -20.26 -22.72 -26.96
CA LEU B 15 -19.00 -22.41 -26.30
C LEU B 15 -18.14 -21.48 -27.15
N ALA B 16 -18.07 -21.77 -28.45
CA ALA B 16 -17.27 -20.93 -29.35
C ALA B 16 -17.83 -19.51 -29.41
N ILE B 17 -19.15 -19.40 -29.48
CA ILE B 17 -19.81 -18.09 -29.56
C ILE B 17 -19.57 -17.32 -28.27
N LEU B 18 -19.64 -18.00 -27.13
CA LEU B 18 -19.38 -17.34 -25.85
C LEU B 18 -17.94 -16.82 -25.80
N LEU B 19 -16.99 -17.63 -26.25
CA LEU B 19 -15.60 -17.18 -26.27
C LEU B 19 -15.43 -15.98 -27.19
N CYS B 20 -16.08 -16.02 -28.36
CA CYS B 20 -15.97 -14.90 -29.30
C CYS B 20 -16.57 -13.63 -28.69
N LEU B 21 -17.70 -13.75 -28.02
CA LEU B 21 -18.33 -12.59 -27.40
C LEU B 21 -17.43 -12.00 -26.32
N THR B 22 -16.87 -12.86 -25.45
CA THR B 22 -16.01 -12.37 -24.39
C THR B 22 -14.78 -11.69 -24.96
N GLY B 23 -14.18 -12.28 -25.99
CA GLY B 23 -13.03 -11.67 -26.62
C GLY B 23 -13.35 -10.34 -27.27
N THR B 24 -14.48 -10.27 -27.97
CA THR B 24 -14.87 -9.02 -28.62
C THR B 24 -15.12 -7.92 -27.60
N LEU B 25 -15.77 -8.25 -26.48
CA LEU B 25 -15.95 -7.27 -25.43
C LEU B 25 -14.62 -6.86 -24.82
N ALA B 26 -13.69 -7.80 -24.68
CA ALA B 26 -12.38 -7.48 -24.11
C ALA B 26 -11.60 -6.54 -25.01
N ILE B 27 -11.66 -6.77 -26.32
CA ILE B 27 -10.85 -6.00 -27.27
C ILE B 27 -11.17 -4.51 -27.18
N PHE B 28 -12.44 -4.16 -27.07
CA PHE B 28 -12.83 -2.76 -27.01
C PHE B 28 -12.52 -2.11 -25.67
N SER B 29 -12.10 -2.87 -24.68
CA SER B 29 -11.72 -2.31 -23.38
C SER B 29 -10.25 -2.52 -23.04
N LEU B 30 -9.49 -3.23 -23.85
CA LEU B 30 -8.09 -3.47 -23.55
C LEU B 30 -7.27 -2.22 -23.83
N PRO B 31 -6.42 -1.78 -22.90
CA PRO B 31 -5.53 -0.66 -23.18
C PRO B 31 -4.52 -1.02 -24.26
N VAL B 32 -4.11 -0.01 -25.02
CA VAL B 32 -3.16 -0.17 -26.11
C VAL B 32 -1.95 0.70 -25.83
N GLU B 33 -0.76 0.12 -26.00
CA GLU B 33 0.48 0.83 -25.73
C GLU B 33 1.60 0.14 -26.49
N GLN B 34 2.73 0.82 -26.58
CA GLN B 34 3.88 0.21 -27.25
C GLN B 34 4.48 -0.91 -26.40
N TYR B 35 4.71 -0.65 -25.12
CA TYR B 35 5.32 -1.62 -24.23
C TYR B 35 4.58 -1.59 -22.90
N PRO B 36 4.61 -2.70 -22.16
CA PRO B 36 4.09 -2.67 -20.78
C PRO B 36 5.07 -1.95 -19.87
N ASP B 37 4.82 -1.95 -18.57
CA ASP B 37 5.65 -1.18 -17.63
C ASP B 37 7.05 -1.79 -17.53
N LEU B 38 7.77 -1.72 -18.65
CA LEU B 38 9.14 -2.24 -18.70
C LEU B 38 10.12 -1.31 -18.00
N ALA B 39 9.87 -0.01 -18.04
CA ALA B 39 10.81 0.94 -17.48
C ALA B 39 10.88 0.78 -15.96
N PRO B 40 12.07 0.57 -15.40
CA PRO B 40 12.20 0.46 -13.96
C PRO B 40 11.87 1.77 -13.27
N PRO B 41 11.12 1.73 -12.18
CA PRO B 41 10.77 2.97 -11.48
C PRO B 41 12.01 3.68 -10.96
N ASN B 42 11.99 5.00 -11.02
CA ASN B 42 13.08 5.82 -10.50
C ASN B 42 12.54 6.78 -9.45
N VAL B 43 13.28 6.92 -8.37
CA VAL B 43 12.93 7.82 -7.27
C VAL B 43 14.08 8.79 -7.05
N ARG B 44 13.78 10.09 -7.06
CA ARG B 44 14.80 11.12 -6.99
C ARG B 44 14.71 11.82 -5.64
N VAL B 45 15.82 11.87 -4.92
CA VAL B 45 15.90 12.56 -3.65
C VAL B 45 16.75 13.80 -3.85
N THR B 46 16.16 14.97 -3.66
CA THR B 46 16.83 16.24 -3.91
C THR B 46 16.89 17.06 -2.63
N ALA B 47 18.09 17.49 -2.28
CA ALA B 47 18.31 18.42 -1.17
C ALA B 47 19.24 19.51 -1.64
N ASN B 48 19.10 20.69 -1.07
CA ASN B 48 19.92 21.84 -1.45
C ASN B 48 20.65 22.37 -0.24
N TYR B 49 21.94 22.68 -0.43
CA TYR B 49 22.80 23.23 0.60
C TYR B 49 23.38 24.54 0.07
N PRO B 50 22.71 25.68 0.28
CA PRO B 50 23.15 26.93 -0.33
C PRO B 50 24.57 27.32 0.04
N GLY B 51 25.31 27.84 -0.92
CA GLY B 51 26.66 28.30 -0.68
C GLY B 51 27.70 27.21 -0.58
N ALA B 52 27.35 25.98 -0.92
CA ALA B 52 28.26 24.85 -0.80
C ALA B 52 28.87 24.55 -2.16
N SER B 53 30.19 24.37 -2.18
CA SER B 53 30.86 23.98 -3.41
C SER B 53 30.41 22.58 -3.82
N ALA B 54 30.66 22.23 -5.08
CA ALA B 54 30.23 20.94 -5.57
C ALA B 54 30.86 19.80 -4.79
N GLN B 55 32.17 19.90 -4.54
CA GLN B 55 32.85 18.87 -3.76
C GLN B 55 32.33 18.83 -2.33
N THR B 56 32.14 19.99 -1.71
CA THR B 56 31.62 20.04 -0.36
C THR B 56 30.21 19.47 -0.30
N LEU B 57 29.38 19.84 -1.27
CA LEU B 57 28.01 19.32 -1.31
C LEU B 57 28.02 17.80 -1.46
N GLU B 58 28.87 17.28 -2.34
CA GLU B 58 28.96 15.84 -2.53
C GLU B 58 29.43 15.14 -1.26
N ASN B 59 30.42 15.70 -0.57
CA ASN B 59 30.96 15.05 0.61
C ASN B 59 29.97 15.08 1.78
N THR B 60 29.24 16.18 1.93
CA THR B 60 28.45 16.36 3.15
C THR B 60 26.99 15.95 3.00
N VAL B 61 26.41 16.10 1.81
CA VAL B 61 24.97 15.88 1.66
C VAL B 61 24.71 14.59 0.88
N THR B 62 25.19 14.53 -0.36
CA THR B 62 24.84 13.43 -1.25
C THR B 62 25.32 12.09 -0.70
N GLN B 63 26.57 12.05 -0.24
CA GLN B 63 27.12 10.79 0.26
C GLN B 63 26.36 10.31 1.49
N VAL B 64 26.00 11.24 2.39
CA VAL B 64 25.25 10.88 3.58
C VAL B 64 23.89 10.31 3.20
N ILE B 65 23.22 10.95 2.24
CA ILE B 65 21.92 10.45 1.78
C ILE B 65 22.08 9.06 1.16
N GLU B 66 23.15 8.85 0.40
CA GLU B 66 23.36 7.55 -0.22
C GLU B 66 23.63 6.46 0.80
N GLN B 67 24.24 6.82 1.94
CA GLN B 67 24.66 5.82 2.90
C GLN B 67 23.55 4.85 3.27
N ASN B 68 22.48 5.37 3.87
CA ASN B 68 21.45 4.50 4.43
C ASN B 68 20.61 3.84 3.35
N MET B 69 20.40 4.54 2.24
CA MET B 69 19.48 4.04 1.21
C MET B 69 20.03 2.80 0.52
N THR B 70 21.33 2.55 0.61
CA THR B 70 21.87 1.29 0.11
C THR B 70 21.36 0.15 0.97
N GLY B 71 20.73 -0.83 0.33
CA GLY B 71 20.06 -1.92 1.02
C GLY B 71 18.55 -1.89 0.91
N LEU B 72 17.99 -0.89 0.22
CA LEU B 72 16.56 -0.85 -0.01
C LEU B 72 16.13 -2.06 -0.84
N ASP B 73 14.93 -2.54 -0.57
CA ASP B 73 14.42 -3.70 -1.29
C ASP B 73 14.24 -3.38 -2.77
N ASN B 74 14.63 -4.32 -3.62
CA ASN B 74 14.49 -4.19 -5.07
C ASN B 74 15.24 -2.99 -5.63
N LEU B 75 16.37 -2.63 -5.02
CA LEU B 75 17.17 -1.51 -5.48
C LEU B 75 18.18 -2.03 -6.51
N MET B 76 18.24 -1.36 -7.65
CA MET B 76 19.23 -1.74 -8.66
C MET B 76 20.52 -0.95 -8.49
N TYR B 77 20.45 0.38 -8.55
CA TYR B 77 21.63 1.21 -8.46
C TYR B 77 21.23 2.62 -8.07
N MET B 78 22.22 3.41 -7.66
CA MET B 78 22.04 4.80 -7.28
C MET B 78 22.87 5.69 -8.18
N SER B 79 22.47 6.95 -8.27
CA SER B 79 23.20 7.91 -9.10
C SER B 79 23.07 9.33 -8.55
N SER B 80 24.09 9.81 -7.84
CA SER B 80 24.06 11.16 -7.34
C SER B 80 24.55 12.14 -8.41
N GLN B 81 24.03 13.37 -8.35
CA GLN B 81 24.32 14.40 -9.34
C GLN B 81 24.60 15.73 -8.62
N SER B 82 25.46 15.69 -7.61
CA SER B 82 25.78 16.89 -6.83
C SER B 82 26.25 18.02 -7.73
N SER B 83 25.47 19.10 -7.76
CA SER B 83 25.71 20.21 -8.68
C SER B 83 26.66 21.22 -8.04
N GLY B 84 26.90 22.34 -8.71
CA GLY B 84 27.84 23.33 -8.22
C GLY B 84 27.17 24.54 -7.61
N THR B 85 25.87 24.69 -7.84
CA THR B 85 25.11 25.77 -7.22
C THR B 85 24.61 25.42 -5.83
N GLY B 86 24.74 24.16 -5.42
CA GLY B 86 24.34 23.76 -4.09
C GLY B 86 23.10 22.88 -4.07
N GLN B 87 22.78 22.25 -5.18
CA GLN B 87 21.62 21.36 -5.27
C GLN B 87 22.11 19.93 -5.46
N ALA B 88 21.64 19.04 -4.58
CA ALA B 88 21.97 17.63 -4.64
C ALA B 88 20.80 16.86 -5.23
N SER B 89 21.10 15.68 -5.79
CA SER B 89 20.08 14.86 -6.42
C SER B 89 20.56 13.42 -6.43
N VAL B 90 19.85 12.55 -5.72
CA VAL B 90 20.14 11.13 -5.71
C VAL B 90 18.98 10.41 -6.38
N THR B 91 19.27 9.64 -7.42
CA THR B 91 18.26 8.98 -8.23
C THR B 91 18.37 7.47 -8.02
N LEU B 92 17.42 6.91 -7.28
CA LEU B 92 17.39 5.48 -7.05
C LEU B 92 16.51 4.80 -8.08
N SER B 93 17.04 3.74 -8.69
CA SER B 93 16.31 2.98 -9.70
C SER B 93 16.03 1.59 -9.14
N PHE B 94 14.75 1.22 -9.12
CA PHE B 94 14.32 -0.05 -8.56
C PHE B 94 14.04 -1.04 -9.68
N LYS B 95 13.89 -2.30 -9.28
CA LYS B 95 13.61 -3.36 -10.26
C LYS B 95 12.24 -3.15 -10.89
N ALA B 96 12.11 -3.60 -12.14
CA ALA B 96 10.85 -3.48 -12.86
C ALA B 96 9.77 -4.30 -12.16
N GLY B 97 8.58 -3.71 -12.04
CA GLY B 97 7.49 -4.33 -11.33
C GLY B 97 7.35 -3.88 -9.89
N THR B 98 8.31 -3.12 -9.38
CA THR B 98 8.22 -2.58 -8.02
C THR B 98 7.20 -1.44 -8.01
N ASP B 99 6.36 -1.39 -6.99
CA ASP B 99 5.35 -0.33 -6.89
C ASP B 99 5.99 1.00 -6.58
N PRO B 100 5.87 1.97 -7.51
CA PRO B 100 6.54 3.26 -7.29
C PRO B 100 6.17 3.92 -5.98
N ASP B 101 4.91 3.84 -5.59
CA ASP B 101 4.48 4.42 -4.35
C ASP B 101 5.24 3.78 -3.20
N GLU B 102 5.20 2.46 -3.13
CA GLU B 102 5.87 1.75 -2.05
C GLU B 102 7.35 2.10 -2.01
N ALA B 103 7.98 2.25 -3.19
CA ALA B 103 9.37 2.64 -3.24
C ALA B 103 9.57 4.03 -2.63
N VAL B 104 8.71 4.97 -2.98
CA VAL B 104 8.82 6.33 -2.44
C VAL B 104 8.64 6.31 -0.94
N GLN B 105 7.66 5.53 -0.46
CA GLN B 105 7.44 5.43 0.98
C GLN B 105 8.66 4.86 1.68
N GLN B 106 9.25 3.82 1.11
CA GLN B 106 10.43 3.20 1.71
C GLN B 106 11.60 4.18 1.74
N VAL B 107 11.79 4.94 0.67
CA VAL B 107 12.86 5.92 0.63
C VAL B 107 12.64 6.99 1.70
N GLN B 108 11.40 7.49 1.81
CA GLN B 108 11.10 8.50 2.83
C GLN B 108 11.37 7.97 4.23
N ASN B 109 10.97 6.72 4.49
CA ASN B 109 11.21 6.13 5.80
C ASN B 109 12.70 6.01 6.08
N GLN B 110 13.48 5.60 5.07
CA GLN B 110 14.92 5.49 5.28
C GLN B 110 15.58 6.84 5.38
N LEU B 111 14.91 7.91 4.94
CA LEU B 111 15.51 9.23 4.97
C LEU B 111 15.69 9.74 6.39
N GLN B 112 14.70 9.50 7.26
CA GLN B 112 14.77 10.01 8.62
C GLN B 112 15.92 9.39 9.39
N SER B 113 16.38 8.22 8.97
CA SER B 113 17.54 7.60 9.61
C SER B 113 18.80 8.45 9.43
N ALA B 114 18.98 9.03 8.25
CA ALA B 114 20.14 9.86 7.95
C ALA B 114 19.82 11.35 7.96
N MET B 115 18.64 11.75 8.43
CA MET B 115 18.29 13.17 8.44
C MET B 115 19.15 13.95 9.42
N ARG B 116 19.46 13.35 10.58
CA ARG B 116 20.28 14.05 11.57
C ARG B 116 21.71 14.29 11.10
N LYS B 117 22.26 13.40 10.27
CA LYS B 117 23.64 13.54 9.82
C LYS B 117 23.82 14.69 8.84
N LEU B 118 22.75 15.18 8.23
CA LEU B 118 22.86 16.27 7.29
C LEU B 118 23.14 17.59 8.03
N PRO B 119 23.72 18.57 7.34
CA PRO B 119 23.95 19.87 7.97
C PRO B 119 22.64 20.54 8.35
N GLN B 120 22.73 21.53 9.23
CA GLN B 120 21.53 22.24 9.69
C GLN B 120 20.84 22.96 8.53
N ALA B 121 21.63 23.60 7.66
CA ALA B 121 21.05 24.35 6.55
C ALA B 121 20.28 23.41 5.61
N VAL B 122 20.84 22.22 5.38
CA VAL B 122 20.17 21.26 4.50
C VAL B 122 18.83 20.84 5.07
N GLN B 123 18.79 20.56 6.37
CA GLN B 123 17.53 20.20 7.02
C GLN B 123 16.53 21.36 6.97
N ASN B 124 17.02 22.58 7.19
CA ASN B 124 16.14 23.74 7.13
C ASN B 124 15.53 23.92 5.75
N GLN B 125 16.35 23.72 4.71
CA GLN B 125 15.83 23.80 3.34
C GLN B 125 14.83 22.70 3.07
N GLY B 126 15.07 21.52 3.60
CA GLY B 126 14.16 20.40 3.42
C GLY B 126 14.64 19.45 2.33
N VAL B 127 14.26 18.18 2.47
CA VAL B 127 14.63 17.14 1.53
C VAL B 127 13.34 16.57 0.94
N THR B 128 13.27 16.54 -0.39
CA THR B 128 12.07 16.11 -1.10
C THR B 128 12.32 14.80 -1.82
N VAL B 129 11.35 13.90 -1.75
CA VAL B 129 11.42 12.61 -2.42
C VAL B 129 10.24 12.55 -3.39
N ARG B 130 10.54 12.45 -4.68
CA ARG B 130 9.54 12.37 -5.73
C ARG B 130 9.89 11.24 -6.68
N LYS B 131 8.86 10.58 -7.21
CA LYS B 131 9.06 9.52 -8.19
C LYS B 131 9.30 10.18 -9.54
N THR B 132 10.55 10.17 -9.99
CA THR B 132 10.95 10.87 -11.21
C THR B 132 11.03 9.89 -12.36
N GLY B 133 10.46 10.29 -13.49
CA GLY B 133 10.58 9.50 -14.70
C GLY B 133 11.30 10.26 -15.81
N ASP B 134 11.36 9.67 -16.99
CA ASP B 134 11.93 10.37 -18.14
C ASP B 134 11.09 10.18 -19.39
N THR B 135 9.86 9.70 -19.26
CA THR B 135 9.00 9.40 -20.41
C THR B 135 8.31 10.68 -20.85
N ASN B 136 8.81 11.30 -21.91
CA ASN B 136 8.19 12.50 -22.46
C ASN B 136 7.09 12.08 -23.43
N ILE B 137 5.85 12.10 -22.95
CA ILE B 137 4.73 11.77 -23.81
C ILE B 137 4.56 12.81 -24.89
N LEU B 138 4.56 14.07 -24.51
CA LEU B 138 4.37 15.16 -25.45
C LEU B 138 5.34 16.29 -25.12
N THR B 139 5.70 17.06 -26.14
CA THR B 139 6.44 18.31 -25.96
C THR B 139 5.73 19.34 -26.83
N ILE B 140 4.76 20.01 -26.24
CA ILE B 140 3.95 20.97 -26.98
C ILE B 140 4.64 22.33 -26.98
N ALA B 141 4.80 22.90 -28.16
CA ALA B 141 5.44 24.20 -28.33
C ALA B 141 4.39 25.24 -28.66
N PHE B 142 4.39 26.34 -27.92
CA PHE B 142 3.42 27.41 -28.09
C PHE B 142 4.08 28.56 -28.83
N VAL B 143 3.49 28.94 -29.95
CA VAL B 143 4.04 29.99 -30.81
C VAL B 143 2.94 30.95 -31.20
N SER B 144 3.27 32.24 -31.25
CA SER B 144 2.33 33.29 -31.64
C SER B 144 2.50 33.55 -33.12
N THR B 145 1.50 33.14 -33.92
CA THR B 145 1.60 33.27 -35.36
C THR B 145 1.61 34.73 -35.79
N ASP B 146 0.77 35.57 -35.16
CA ASP B 146 0.71 36.97 -35.53
C ASP B 146 2.03 37.68 -35.25
N GLY B 147 2.66 37.36 -34.13
CA GLY B 147 3.84 38.05 -33.68
C GLY B 147 3.59 39.14 -32.67
N SER B 148 2.34 39.31 -32.23
CA SER B 148 2.03 40.36 -31.26
C SER B 148 2.57 40.02 -29.88
N MET B 149 2.83 38.74 -29.60
CA MET B 149 3.25 38.30 -28.29
C MET B 149 4.74 37.99 -28.30
N ASP B 150 5.47 38.62 -27.38
CA ASP B 150 6.88 38.31 -27.18
C ASP B 150 7.02 36.92 -26.60
N LYS B 151 8.24 36.39 -26.64
CA LYS B 151 8.50 35.06 -26.07
C LYS B 151 8.17 35.03 -24.59
N GLN B 152 8.45 36.13 -23.88
CA GLN B 152 8.11 36.19 -22.47
C GLN B 152 6.59 36.21 -22.27
N ASP B 153 5.86 36.88 -23.15
CA ASP B 153 4.40 36.87 -23.06
C ASP B 153 3.85 35.46 -23.25
N ILE B 154 4.39 34.74 -24.24
CA ILE B 154 3.95 33.37 -24.48
C ILE B 154 4.27 32.49 -23.29
N ALA B 155 5.48 32.63 -22.74
CA ALA B 155 5.88 31.82 -21.61
C ALA B 155 4.99 32.11 -20.40
N ASP B 156 4.70 33.38 -20.16
CA ASP B 156 3.83 33.76 -19.05
C ASP B 156 2.44 33.18 -19.23
N TYR B 157 1.87 33.31 -20.42
CA TYR B 157 0.54 32.78 -20.65
C TYR B 157 0.50 31.28 -20.44
N VAL B 158 1.51 30.56 -20.94
CA VAL B 158 1.54 29.12 -20.76
C VAL B 158 1.66 28.77 -19.29
N ALA B 159 2.61 29.37 -18.59
CA ALA B 159 2.85 29.01 -17.20
C ALA B 159 1.68 29.41 -16.31
N SER B 160 0.86 30.36 -16.74
CA SER B 160 -0.23 30.81 -15.89
C SER B 160 -1.54 30.12 -16.19
N ASN B 161 -1.84 29.85 -17.47
CA ASN B 161 -3.14 29.33 -17.86
C ASN B 161 -3.13 27.90 -18.37
N ILE B 162 -1.97 27.38 -18.79
CA ILE B 162 -1.91 26.09 -19.47
C ILE B 162 -1.21 25.04 -18.64
N GLN B 163 -0.08 25.39 -18.00
CA GLN B 163 0.73 24.40 -17.32
C GLN B 163 -0.05 23.73 -16.19
N ASP B 164 -0.70 24.53 -15.36
CA ASP B 164 -1.44 23.97 -14.23
C ASP B 164 -2.62 23.09 -14.63
N PRO B 165 -3.52 23.50 -15.55
CA PRO B 165 -4.60 22.58 -15.94
C PRO B 165 -4.12 21.28 -16.55
N LEU B 166 -3.04 21.33 -17.34
CA LEU B 166 -2.52 20.11 -17.93
C LEU B 166 -1.84 19.23 -16.89
N SER B 167 -1.27 19.83 -15.86
CA SER B 167 -0.56 19.05 -14.85
C SER B 167 -1.51 18.23 -13.98
N ARG B 168 -2.80 18.55 -13.99
CA ARG B 168 -3.77 17.80 -13.22
C ARG B 168 -4.36 16.63 -13.97
N VAL B 169 -4.07 16.51 -15.28
CA VAL B 169 -4.64 15.43 -16.08
C VAL B 169 -4.12 14.10 -15.57
N ASN B 170 -5.01 13.12 -15.48
CA ASN B 170 -4.65 11.80 -14.96
C ASN B 170 -3.56 11.17 -15.80
N GLY B 171 -2.53 10.64 -15.13
CA GLY B 171 -1.41 10.01 -15.79
C GLY B 171 -0.23 10.94 -16.03
N VAL B 172 -0.40 12.23 -15.83
CA VAL B 172 0.67 13.19 -16.08
C VAL B 172 1.51 13.32 -14.82
N GLY B 173 2.65 12.64 -14.80
CA GLY B 173 3.52 12.67 -13.64
C GLY B 173 4.13 14.02 -13.36
N ASP B 174 4.63 14.67 -14.39
CA ASP B 174 5.29 15.97 -14.24
C ASP B 174 5.20 16.72 -15.56
N ILE B 175 5.26 18.04 -15.50
CA ILE B 175 5.30 18.86 -16.70
C ILE B 175 6.49 19.80 -16.63
N ASP B 176 7.56 19.46 -17.34
CA ASP B 176 8.69 20.37 -17.45
C ASP B 176 8.30 21.58 -18.28
N ALA B 177 8.66 22.75 -17.77
CA ALA B 177 8.32 24.01 -18.44
C ALA B 177 9.57 24.61 -19.05
N TYR B 178 9.46 24.95 -20.33
CA TYR B 178 10.55 25.62 -21.05
C TYR B 178 10.30 27.12 -21.12
N GLY B 179 9.59 27.65 -20.13
CA GLY B 179 9.33 29.06 -20.01
C GLY B 179 8.91 29.36 -18.59
N SER B 180 8.94 30.64 -18.24
CA SER B 180 8.65 31.05 -16.88
C SER B 180 7.64 32.20 -16.90
N GLN B 181 6.79 32.21 -15.89
CA GLN B 181 5.75 33.22 -15.80
C GLN B 181 6.36 34.60 -15.54
N TYR B 182 5.51 35.62 -15.60
CA TYR B 182 5.94 36.98 -15.35
C TYR B 182 6.38 37.16 -13.90
N SER B 183 7.27 38.12 -13.69
CA SER B 183 7.68 38.51 -12.36
C SER B 183 8.15 39.96 -12.41
N MET B 184 7.87 40.70 -11.34
CA MET B 184 8.22 42.12 -11.30
C MET B 184 9.71 42.24 -11.04
N ARG B 185 10.47 42.44 -12.12
CA ARG B 185 11.91 42.53 -12.02
C ARG B 185 12.32 43.94 -11.63
N ILE B 186 13.07 44.05 -10.54
CA ILE B 186 13.55 45.34 -10.03
C ILE B 186 15.05 45.38 -10.31
N TRP B 187 15.45 46.09 -11.36
CA TRP B 187 16.85 46.16 -11.74
C TRP B 187 17.53 47.30 -10.99
N LEU B 188 18.42 46.97 -10.08
CA LEU B 188 19.13 47.94 -9.26
C LEU B 188 20.26 48.58 -10.06
N ASP B 189 20.56 49.82 -9.73
CA ASP B 189 21.70 50.54 -10.31
C ASP B 189 22.63 50.98 -9.19
N PRO B 190 23.80 50.37 -9.06
CA PRO B 190 24.68 50.70 -7.92
C PRO B 190 25.09 52.16 -7.87
N ALA B 191 25.30 52.80 -9.02
CA ALA B 191 25.68 54.21 -9.04
C ALA B 191 24.59 55.07 -8.43
N LYS B 192 23.34 54.82 -8.81
CA LYS B 192 22.23 55.59 -8.27
C LYS B 192 22.04 55.29 -6.79
N LEU B 193 22.22 54.03 -6.39
CA LEU B 193 22.09 53.67 -4.99
C LEU B 193 23.13 54.40 -4.14
N ASN B 194 24.37 54.49 -4.64
CA ASN B 194 25.39 55.24 -3.93
C ASN B 194 25.09 56.72 -3.94
N SER B 195 24.45 57.21 -5.00
CA SER B 195 24.11 58.63 -5.09
C SER B 195 23.18 59.05 -3.98
N PHE B 196 22.18 58.23 -3.68
CA PHE B 196 21.19 58.54 -2.66
C PHE B 196 21.55 57.93 -1.30
N GLN B 197 22.78 57.46 -1.13
CA GLN B 197 23.23 56.84 0.11
C GLN B 197 22.32 55.68 0.52
N MET B 198 21.86 54.93 -0.47
CA MET B 198 21.01 53.78 -0.26
C MET B 198 21.82 52.50 -0.43
N THR B 199 21.30 51.42 0.13
CA THR B 199 21.87 50.09 -0.04
C THR B 199 20.82 49.17 -0.63
N ALA B 200 21.28 48.02 -1.14
CA ALA B 200 20.35 47.06 -1.73
C ALA B 200 19.34 46.57 -0.70
N LYS B 201 19.77 46.42 0.57
CA LYS B 201 18.85 45.98 1.61
C LYS B 201 17.77 47.01 1.88
N ASP B 202 18.06 48.29 1.66
CA ASP B 202 17.05 49.33 1.82
C ASP B 202 15.91 49.12 0.82
N VAL B 203 16.26 48.81 -0.42
CA VAL B 203 15.23 48.55 -1.44
C VAL B 203 14.45 47.30 -1.08
N THR B 204 15.15 46.24 -0.69
CA THR B 204 14.49 44.98 -0.38
C THR B 204 13.54 45.14 0.80
N ASP B 205 13.98 45.82 1.86
CA ASP B 205 13.11 46.02 3.03
C ASP B 205 11.93 46.90 2.68
N ALA B 206 12.16 47.97 1.89
CA ALA B 206 11.07 48.85 1.52
C ALA B 206 10.01 48.10 0.72
N ILE B 207 10.45 47.27 -0.24
CA ILE B 207 9.50 46.48 -1.03
C ILE B 207 8.78 45.48 -0.16
N GLU B 208 9.50 44.80 0.72
CA GLU B 208 8.90 43.78 1.57
C GLU B 208 7.96 44.37 2.60
N SER B 209 8.06 45.66 2.89
CA SER B 209 7.15 46.32 3.83
C SER B 209 5.97 47.01 3.16
N GLN B 210 6.17 47.59 1.98
CA GLN B 210 5.11 48.34 1.31
C GLN B 210 4.33 47.51 0.30
N ASN B 211 4.62 46.21 0.19
CA ASN B 211 3.97 45.33 -0.77
C ASN B 211 3.58 44.05 -0.05
N ALA B 212 2.98 44.19 1.14
CA ALA B 212 2.61 43.05 1.94
C ALA B 212 1.10 42.99 2.09
N GLN B 213 0.59 41.77 2.25
CA GLN B 213 -0.84 41.53 2.45
C GLN B 213 -1.06 41.31 3.93
N ILE B 214 -1.86 42.17 4.55
CA ILE B 214 -2.00 42.20 6.00
C ILE B 214 -3.34 41.61 6.41
N ALA B 215 -3.29 40.77 7.45
CA ALA B 215 -4.48 40.19 8.05
C ALA B 215 -4.95 41.12 9.16
N VAL B 216 -5.86 42.03 8.83
CA VAL B 216 -6.28 43.06 9.77
C VAL B 216 -7.39 42.54 10.69
N GLY B 217 -8.37 41.86 10.12
CA GLY B 217 -9.46 41.35 10.94
C GLY B 217 -10.83 41.73 10.43
N GLN B 218 -11.79 41.90 11.34
CA GLN B 218 -13.17 42.16 10.96
C GLN B 218 -13.76 43.24 11.85
N LEU B 219 -14.75 43.95 11.30
CA LEU B 219 -15.60 44.82 12.10
C LEU B 219 -16.61 43.99 12.86
N GLY B 220 -16.74 44.26 14.16
CA GLY B 220 -17.69 43.52 14.97
C GLY B 220 -17.39 42.04 15.05
N GLY B 221 -16.11 41.68 15.08
CA GLY B 221 -15.73 40.30 15.24
C GLY B 221 -15.99 39.83 16.66
N THR B 222 -16.43 38.58 16.78
CA THR B 222 -16.76 38.05 18.09
C THR B 222 -15.51 37.94 18.95
N PRO B 223 -15.60 38.27 20.25
CA PRO B 223 -16.78 38.76 20.96
C PRO B 223 -17.07 40.21 20.63
N SER B 224 -18.33 40.61 20.59
CA SER B 224 -18.71 41.95 20.19
C SER B 224 -19.66 42.56 21.20
N VAL B 225 -19.73 43.89 21.20
CA VAL B 225 -20.65 44.58 22.09
C VAL B 225 -22.08 44.24 21.70
N ASP B 226 -22.98 44.31 22.67
CA ASP B 226 -24.37 43.95 22.43
C ASP B 226 -25.00 44.90 21.41
N LYS B 227 -25.94 44.37 20.63
CA LYS B 227 -26.63 45.12 19.59
C LYS B 227 -25.66 45.69 18.57
N GLN B 228 -24.60 44.96 18.25
CA GLN B 228 -23.73 45.34 17.15
C GLN B 228 -24.51 45.28 15.84
N ALA B 229 -24.36 46.32 15.03
CA ALA B 229 -25.18 46.46 13.84
C ALA B 229 -24.61 45.72 12.63
N LEU B 230 -23.29 45.71 12.45
CA LEU B 230 -22.69 45.23 11.23
C LEU B 230 -21.46 44.40 11.53
N ASN B 231 -21.20 43.43 10.67
CA ASN B 231 -19.99 42.60 10.73
C ASN B 231 -19.40 42.51 9.33
N ALA B 232 -18.21 43.08 9.14
CA ALA B 232 -17.60 43.13 7.83
C ALA B 232 -16.09 42.91 7.94
N THR B 233 -15.53 42.31 6.91
CA THR B 233 -14.08 42.11 6.85
C THR B 233 -13.39 43.45 6.64
N ILE B 234 -12.23 43.62 7.25
CA ILE B 234 -11.46 44.86 7.07
C ILE B 234 -10.22 44.57 6.24
N ASN B 235 -10.31 44.82 4.93
CA ASN B 235 -9.13 44.70 4.10
C ASN B 235 -8.17 45.85 4.36
N ALA B 236 -6.94 45.68 3.91
CA ALA B 236 -5.89 46.66 4.15
C ALA B 236 -5.00 46.79 2.91
N GLN B 237 -3.83 47.40 3.09
CA GLN B 237 -2.84 47.50 2.03
C GLN B 237 -2.72 46.18 1.27
N SER B 238 -2.89 46.25 -0.04
CA SER B 238 -2.98 45.07 -0.89
C SER B 238 -1.74 44.94 -1.77
N LEU B 239 -1.58 43.76 -2.35
CA LEU B 239 -0.45 43.52 -3.24
C LEU B 239 -0.52 44.43 -4.45
N LEU B 240 0.62 45.00 -4.83
CA LEU B 240 0.68 45.89 -5.98
C LEU B 240 0.54 45.09 -7.27
N GLN B 241 0.10 45.77 -8.32
CA GLN B 241 -0.18 45.05 -9.55
C GLN B 241 0.59 45.57 -10.76
N THR B 242 0.77 46.87 -10.90
CA THR B 242 1.40 47.38 -12.11
C THR B 242 2.84 47.80 -11.83
N PRO B 243 3.70 47.75 -12.85
CA PRO B 243 5.09 48.20 -12.65
C PRO B 243 5.19 49.65 -12.19
N GLU B 244 4.26 50.51 -12.63
CA GLU B 244 4.34 51.91 -12.23
C GLU B 244 4.07 52.06 -10.74
N GLN B 245 3.29 51.15 -10.15
CA GLN B 245 3.09 51.17 -8.71
C GLN B 245 4.39 50.92 -7.97
N PHE B 246 5.20 49.99 -8.48
CA PHE B 246 6.50 49.73 -7.86
C PHE B 246 7.45 50.90 -8.03
N ARG B 247 7.40 51.57 -9.18
CA ARG B 247 8.25 52.74 -9.39
C ARG B 247 7.92 53.86 -8.43
N ASP B 248 6.72 53.87 -7.86
CA ASP B 248 6.31 54.90 -6.92
C ASP B 248 6.53 54.52 -5.47
N ILE B 249 7.11 53.36 -5.20
CA ILE B 249 7.38 52.96 -3.82
C ILE B 249 8.38 53.93 -3.21
N THR B 250 8.03 54.49 -2.06
CA THR B 250 8.83 55.54 -1.44
C THR B 250 9.87 54.91 -0.53
N LEU B 251 11.13 54.99 -0.95
CA LEU B 251 12.21 54.39 -0.15
C LEU B 251 12.52 55.23 1.07
N ARG B 252 12.51 56.55 0.93
CA ARG B 252 12.92 57.43 2.02
C ARG B 252 12.35 58.83 1.78
N VAL B 253 11.71 59.40 2.79
CA VAL B 253 11.23 60.77 2.73
C VAL B 253 12.22 61.65 3.49
N ASN B 254 12.81 62.61 2.79
CA ASN B 254 13.76 63.51 3.43
C ASN B 254 13.03 64.53 4.29
N GLN B 255 13.78 65.19 5.18
CA GLN B 255 13.21 66.21 6.04
C GLN B 255 12.67 67.37 5.23
N ASP B 256 13.29 67.65 4.07
CA ASP B 256 12.86 68.74 3.22
C ASP B 256 11.61 68.42 2.42
N GLY B 257 11.02 67.24 2.63
CA GLY B 257 9.89 66.79 1.84
C GLY B 257 10.27 66.07 0.58
N SER B 258 11.55 66.02 0.23
CA SER B 258 11.99 65.30 -0.95
C SER B 258 11.75 63.81 -0.78
N GLU B 259 11.27 63.18 -1.84
CA GLU B 259 10.91 61.77 -1.83
C GLU B 259 11.83 61.01 -2.75
N VAL B 260 12.40 59.92 -2.24
CA VAL B 260 13.26 59.05 -3.03
C VAL B 260 12.40 57.84 -3.41
N ARG B 261 11.81 57.90 -4.59
CA ARG B 261 11.00 56.80 -5.09
C ARG B 261 11.89 55.65 -5.53
N LEU B 262 11.28 54.47 -5.65
CA LEU B 262 12.02 53.29 -6.08
C LEU B 262 12.54 53.45 -7.50
N GLY B 263 11.73 54.06 -8.37
CA GLY B 263 12.16 54.27 -9.74
C GLY B 263 13.39 55.14 -9.85
N ASP B 264 13.67 55.94 -8.82
CA ASP B 264 14.83 56.81 -8.85
C ASP B 264 16.15 56.05 -8.77
N VAL B 265 16.13 54.82 -8.24
CA VAL B 265 17.34 54.04 -8.04
C VAL B 265 17.27 52.69 -8.74
N ALA B 266 16.21 52.42 -9.48
CA ALA B 266 16.04 51.10 -10.08
C ALA B 266 15.20 51.23 -11.35
N THR B 267 15.26 50.18 -12.16
CA THR B 267 14.52 50.09 -13.42
C THR B 267 13.47 49.00 -13.25
N VAL B 268 12.27 49.40 -12.81
CA VAL B 268 11.20 48.43 -12.62
C VAL B 268 10.64 48.04 -13.99
N GLU B 269 10.56 46.74 -14.23
CA GLU B 269 10.07 46.23 -15.51
C GLU B 269 9.61 44.80 -15.31
N MET B 270 8.47 44.47 -15.89
CA MET B 270 7.93 43.12 -15.72
C MET B 270 8.62 42.16 -16.68
N GLY B 271 9.34 41.20 -16.11
CA GLY B 271 10.08 40.24 -16.91
C GLY B 271 9.81 38.81 -16.49
N ALA B 272 10.70 37.90 -16.86
CA ALA B 272 10.52 36.49 -16.60
C ALA B 272 11.04 36.12 -15.22
N GLU B 273 10.34 35.20 -14.56
CA GLU B 273 10.80 34.71 -13.26
C GLU B 273 12.14 34.02 -13.39
N LYS B 274 12.31 33.20 -14.41
CA LYS B 274 13.57 32.51 -14.69
C LYS B 274 13.99 32.83 -16.12
N TYR B 275 15.10 33.51 -16.28
CA TYR B 275 15.59 33.88 -17.60
C TYR B 275 16.41 32.77 -18.24
N ASP B 276 16.56 31.63 -17.58
CA ASP B 276 17.43 30.57 -18.07
C ASP B 276 16.95 30.01 -19.40
N TYR B 277 15.65 29.75 -19.52
CA TYR B 277 15.14 29.01 -20.66
C TYR B 277 14.92 29.94 -21.86
N LEU B 278 15.18 29.39 -23.05
CA LEU B 278 15.02 30.13 -24.30
C LEU B 278 14.79 29.09 -25.39
N SER B 279 13.54 28.95 -25.83
CA SER B 279 13.16 27.93 -26.79
C SER B 279 12.70 28.56 -28.10
N ARG B 280 13.00 27.88 -29.20
CA ARG B 280 12.65 28.36 -30.54
C ARG B 280 12.06 27.20 -31.34
N PHE B 281 10.90 27.42 -31.92
CA PHE B 281 10.23 26.41 -32.73
C PHE B 281 10.24 26.83 -34.20
N ASN B 282 10.88 26.02 -35.03
CA ASN B 282 11.05 26.31 -36.44
C ASN B 282 11.67 27.68 -36.66
N GLY B 283 12.62 28.05 -35.81
CA GLY B 283 13.31 29.32 -35.95
C GLY B 283 12.56 30.53 -35.44
N LYS B 284 11.42 30.35 -34.80
CA LYS B 284 10.64 31.46 -34.28
C LYS B 284 10.58 31.39 -32.77
N PRO B 285 10.49 32.54 -32.09
CA PRO B 285 10.36 32.52 -30.63
C PRO B 285 9.14 31.75 -30.20
N ALA B 286 9.28 30.97 -29.13
CA ALA B 286 8.22 30.09 -28.68
C ALA B 286 8.46 29.71 -27.23
N SER B 287 7.48 29.03 -26.65
CA SER B 287 7.57 28.44 -25.33
C SER B 287 7.00 27.04 -25.40
N GLY B 288 7.44 26.18 -24.47
CA GLY B 288 7.03 24.79 -24.55
C GLY B 288 6.81 24.17 -23.20
N LEU B 289 6.05 23.09 -23.21
CA LEU B 289 5.81 22.25 -22.04
C LEU B 289 6.24 20.82 -22.34
N GLY B 290 6.98 20.22 -21.42
CA GLY B 290 7.33 18.83 -21.57
C GLY B 290 6.53 17.94 -20.65
N VAL B 291 5.54 17.24 -21.21
CA VAL B 291 4.70 16.37 -20.41
C VAL B 291 5.44 15.07 -20.11
N LYS B 292 5.47 14.69 -18.83
CA LYS B 292 6.18 13.50 -18.40
C LYS B 292 5.17 12.52 -17.82
N LEU B 293 5.19 11.29 -18.33
CA LEU B 293 4.18 10.31 -17.93
C LEU B 293 4.43 9.81 -16.51
N ALA B 294 3.35 9.68 -15.74
CA ALA B 294 3.42 9.02 -14.45
C ALA B 294 3.61 7.52 -14.64
N SER B 295 4.44 6.93 -13.81
CA SER B 295 4.71 5.50 -13.90
C SER B 295 3.43 4.70 -13.69
N GLY B 296 3.16 3.76 -14.59
CA GLY B 296 1.98 2.93 -14.50
C GLY B 296 0.72 3.61 -15.01
N ALA B 297 0.80 4.18 -16.21
CA ALA B 297 -0.36 4.82 -16.82
C ALA B 297 -0.26 4.65 -18.33
N ASN B 298 -1.40 4.48 -18.99
CA ASN B 298 -1.40 4.27 -20.44
C ASN B 298 -0.94 5.53 -21.15
N GLU B 299 0.10 5.39 -21.97
CA GLU B 299 0.66 6.55 -22.66
C GLU B 299 -0.33 7.14 -23.65
N MET B 300 -1.01 6.28 -24.42
CA MET B 300 -1.93 6.77 -25.44
C MET B 300 -3.13 7.50 -24.81
N ALA B 301 -3.69 6.91 -23.75
CA ALA B 301 -4.83 7.54 -23.09
C ALA B 301 -4.43 8.87 -22.46
N THR B 302 -3.27 8.91 -21.82
CA THR B 302 -2.81 10.15 -21.22
C THR B 302 -2.57 11.22 -22.27
N ALA B 303 -1.96 10.85 -23.39
CA ALA B 303 -1.74 11.80 -24.47
C ALA B 303 -3.05 12.32 -25.01
N GLU B 304 -4.04 11.44 -25.18
CA GLU B 304 -5.34 11.86 -25.68
C GLU B 304 -6.00 12.82 -24.71
N LEU B 305 -5.92 12.54 -23.42
CA LEU B 305 -6.51 13.43 -22.41
C LEU B 305 -5.82 14.79 -22.43
N VAL B 306 -4.49 14.80 -22.54
CA VAL B 306 -3.76 16.06 -22.58
C VAL B 306 -4.15 16.88 -23.80
N LEU B 307 -4.24 16.22 -24.95
CA LEU B 307 -4.62 16.92 -26.17
C LEU B 307 -6.04 17.45 -26.07
N ASN B 308 -6.95 16.68 -25.48
CA ASN B 308 -8.32 17.15 -25.32
C ASN B 308 -8.38 18.37 -24.41
N ARG B 309 -7.65 18.34 -23.29
CA ARG B 309 -7.63 19.48 -22.39
C ARG B 309 -7.06 20.70 -23.09
N LEU B 310 -5.98 20.52 -23.85
CA LEU B 310 -5.38 21.65 -24.54
C LEU B 310 -6.30 22.19 -25.61
N ASP B 311 -7.07 21.34 -26.27
CA ASP B 311 -8.08 21.81 -27.22
C ASP B 311 -9.15 22.61 -26.51
N GLU B 312 -9.55 22.17 -25.32
CA GLU B 312 -10.51 22.95 -24.53
C GLU B 312 -9.92 24.31 -24.17
N LEU B 313 -8.65 24.34 -23.76
CA LEU B 313 -8.02 25.61 -23.41
C LEU B 313 -7.73 26.45 -24.63
N ALA B 314 -7.62 25.83 -25.81
CA ALA B 314 -7.28 26.58 -27.01
C ALA B 314 -8.40 27.53 -27.43
N GLN B 315 -9.60 27.32 -26.90
CA GLN B 315 -10.71 28.21 -27.24
C GLN B 315 -10.49 29.61 -26.73
N TYR B 316 -9.90 29.75 -25.53
CA TYR B 316 -9.72 31.04 -24.90
C TYR B 316 -8.33 31.63 -25.14
N PHE B 317 -7.58 31.09 -26.09
CA PHE B 317 -6.25 31.61 -26.36
C PHE B 317 -6.36 33.04 -26.89
N PRO B 318 -5.38 33.90 -26.60
CA PRO B 318 -5.35 35.21 -27.23
C PRO B 318 -5.17 35.09 -28.73
N HIS B 319 -5.37 36.21 -29.41
CA HIS B 319 -5.30 36.20 -30.87
C HIS B 319 -3.87 35.92 -31.33
N GLY B 320 -3.70 34.85 -32.11
CA GLY B 320 -2.43 34.50 -32.71
C GLY B 320 -1.66 33.41 -32.00
N LEU B 321 -2.00 33.12 -30.75
CA LEU B 321 -1.28 32.09 -30.00
C LEU B 321 -1.80 30.72 -30.39
N GLU B 322 -0.92 29.87 -30.90
CA GLU B 322 -1.26 28.52 -31.31
C GLU B 322 -0.25 27.54 -30.74
N TYR B 323 -0.71 26.33 -30.44
CA TYR B 323 0.14 25.27 -29.93
C TYR B 323 0.44 24.28 -31.05
N LYS B 324 1.65 23.76 -31.06
CA LYS B 324 2.07 22.78 -32.06
C LYS B 324 2.85 21.66 -31.39
N VAL B 325 2.50 20.43 -31.71
CA VAL B 325 3.15 19.28 -31.09
C VAL B 325 4.52 19.07 -31.71
N ALA B 326 5.55 19.05 -30.87
CA ALA B 326 6.92 18.92 -31.35
C ALA B 326 7.54 17.56 -31.06
N TYR B 327 6.95 16.78 -30.15
CA TYR B 327 7.50 15.47 -29.80
C TYR B 327 6.32 14.59 -29.39
N GLU B 328 5.86 13.77 -30.33
CA GLU B 328 4.72 12.90 -30.11
C GLU B 328 5.13 11.44 -30.27
N THR B 329 4.66 10.61 -29.34
CA THR B 329 4.92 9.17 -29.40
C THR B 329 3.70 8.36 -29.79
N THR B 330 2.50 8.94 -29.71
CA THR B 330 1.28 8.19 -30.01
C THR B 330 1.24 7.75 -31.46
N SER B 331 1.78 8.56 -32.37
CA SER B 331 1.73 8.23 -33.79
C SER B 331 2.46 6.93 -34.08
N PHE B 332 3.65 6.75 -33.50
CA PHE B 332 4.40 5.53 -33.74
C PHE B 332 3.68 4.33 -33.14
N VAL B 333 3.08 4.49 -31.97
CA VAL B 333 2.35 3.38 -31.37
C VAL B 333 1.19 2.97 -32.25
N LYS B 334 0.43 3.93 -32.75
CA LYS B 334 -0.69 3.63 -33.64
C LYS B 334 -0.20 2.92 -34.90
N ALA B 335 0.86 3.45 -35.52
CA ALA B 335 1.37 2.85 -36.74
C ALA B 335 1.85 1.42 -36.50
N SER B 336 2.57 1.20 -35.40
CA SER B 336 3.07 -0.12 -35.09
C SER B 336 1.92 -1.11 -34.88
N ILE B 337 0.90 -0.69 -34.11
CA ILE B 337 -0.20 -1.59 -33.82
C ILE B 337 -0.96 -1.93 -35.10
N GLU B 338 -1.20 -0.93 -35.95
CA GLU B 338 -1.90 -1.18 -37.21
C GLU B 338 -1.09 -2.12 -38.09
N ASP B 339 0.24 -1.93 -38.14
CA ASP B 339 1.08 -2.79 -38.96
C ASP B 339 1.05 -4.23 -38.44
N VAL B 340 1.07 -4.40 -37.12
CA VAL B 340 1.07 -5.76 -36.57
C VAL B 340 -0.28 -6.43 -36.83
N VAL B 341 -1.37 -5.66 -36.74
CA VAL B 341 -2.68 -6.21 -37.07
C VAL B 341 -2.74 -6.62 -38.54
N LYS B 342 -2.14 -5.81 -39.41
CA LYS B 342 -2.07 -6.16 -40.82
C LYS B 342 -1.31 -7.47 -41.03
N THR B 343 -0.19 -7.63 -40.31
CA THR B 343 0.57 -8.87 -40.42
C THR B 343 -0.25 -10.05 -39.89
N LEU B 344 -1.02 -9.83 -38.83
CA LEU B 344 -1.90 -10.87 -38.31
C LEU B 344 -2.89 -11.34 -39.37
N LEU B 345 -3.57 -10.38 -40.01
CA LEU B 345 -4.56 -10.74 -41.03
C LEU B 345 -3.89 -11.44 -42.21
N GLU B 346 -2.74 -10.93 -42.65
CA GLU B 346 -2.04 -11.53 -43.77
C GLU B 346 -1.60 -12.96 -43.43
N ALA B 347 -1.15 -13.18 -42.19
CA ALA B 347 -0.74 -14.51 -41.78
C ALA B 347 -1.91 -15.46 -41.70
N ILE B 348 -3.07 -14.98 -41.24
CA ILE B 348 -4.26 -15.82 -41.25
C ILE B 348 -4.61 -16.22 -42.68
N ALA B 349 -4.55 -15.27 -43.61
CA ALA B 349 -4.83 -15.58 -45.00
C ALA B 349 -3.85 -16.63 -45.54
N LEU B 350 -2.57 -16.47 -45.23
CA LEU B 350 -1.56 -17.41 -45.72
C LEU B 350 -1.77 -18.80 -45.13
N VAL B 351 -2.12 -18.86 -43.84
CA VAL B 351 -2.40 -20.15 -43.20
C VAL B 351 -3.58 -20.82 -43.89
N PHE B 352 -4.63 -20.05 -44.17
CA PHE B 352 -5.78 -20.61 -44.87
C PHE B 352 -5.39 -21.12 -46.26
N LEU B 353 -4.52 -20.38 -46.95
CA LEU B 353 -4.09 -20.80 -48.27
C LEU B 353 -3.31 -22.12 -48.20
N VAL B 354 -2.44 -22.25 -47.20
CA VAL B 354 -1.70 -23.50 -47.02
C VAL B 354 -2.67 -24.65 -46.74
N MET B 355 -3.65 -24.40 -45.87
CA MET B 355 -4.67 -25.40 -45.59
C MET B 355 -5.36 -25.85 -46.86
N TYR B 356 -5.78 -24.90 -47.69
CA TYR B 356 -6.45 -25.25 -48.94
C TYR B 356 -5.51 -26.00 -49.86
N LEU B 357 -4.22 -25.68 -49.82
CA LEU B 357 -3.24 -26.39 -50.62
C LEU B 357 -3.18 -27.86 -50.23
N PHE B 358 -3.19 -28.15 -48.93
CA PHE B 358 -3.09 -29.54 -48.50
C PHE B 358 -4.46 -30.21 -48.42
N LEU B 359 -5.48 -29.47 -48.03
CA LEU B 359 -6.85 -29.97 -47.98
C LEU B 359 -7.63 -29.28 -49.09
N GLN B 360 -7.97 -30.04 -50.13
CA GLN B 360 -8.64 -29.45 -51.28
C GLN B 360 -10.05 -28.99 -50.94
N ASN B 361 -10.75 -29.74 -50.09
CA ASN B 361 -12.11 -29.36 -49.71
C ASN B 361 -12.12 -28.06 -48.92
N PHE B 362 -12.91 -27.09 -49.37
CA PHE B 362 -13.02 -25.83 -48.63
C PHE B 362 -13.68 -26.04 -47.27
N ARG B 363 -14.70 -26.89 -47.23
CA ARG B 363 -15.36 -27.19 -45.97
C ARG B 363 -14.37 -27.76 -44.96
N ALA B 364 -13.43 -28.57 -45.44
CA ALA B 364 -12.39 -29.10 -44.57
C ALA B 364 -11.50 -27.98 -44.04
N THR B 365 -11.14 -27.03 -44.90
CA THR B 365 -10.22 -25.97 -44.48
C THR B 365 -10.89 -24.98 -43.54
N LEU B 366 -12.22 -24.86 -43.60
CA LEU B 366 -12.91 -23.94 -42.70
C LEU B 366 -12.73 -24.37 -41.25
N ILE B 367 -12.68 -25.67 -40.99
CA ILE B 367 -12.66 -26.14 -39.60
C ILE B 367 -11.43 -25.64 -38.84
N PRO B 368 -10.20 -25.76 -39.35
CA PRO B 368 -9.08 -25.13 -38.64
C PRO B 368 -9.13 -23.62 -38.70
N THR B 369 -9.66 -23.06 -39.79
CA THR B 369 -9.77 -21.61 -39.90
C THR B 369 -10.70 -21.05 -38.84
N ILE B 370 -11.81 -21.74 -38.58
CA ILE B 370 -12.75 -21.30 -37.55
C ILE B 370 -12.09 -21.29 -36.17
N ALA B 371 -11.10 -22.15 -35.97
CA ALA B 371 -10.42 -22.20 -34.67
C ALA B 371 -9.69 -20.90 -34.38
N VAL B 372 -9.25 -20.20 -35.42
CA VAL B 372 -8.44 -19.00 -35.24
C VAL B 372 -9.21 -17.92 -34.49
N PRO B 373 -10.37 -17.46 -34.97
CA PRO B 373 -11.09 -16.42 -34.21
C PRO B 373 -11.44 -16.85 -32.80
N VAL B 374 -11.83 -18.11 -32.61
CA VAL B 374 -12.24 -18.55 -31.28
C VAL B 374 -11.07 -18.47 -30.31
N VAL B 375 -9.92 -19.02 -30.69
CA VAL B 375 -8.77 -19.04 -29.79
C VAL B 375 -8.24 -17.62 -29.60
N LEU B 376 -8.26 -16.80 -30.64
CA LEU B 376 -7.77 -15.44 -30.50
C LEU B 376 -8.65 -14.64 -29.54
N MET B 377 -9.97 -14.77 -29.65
CA MET B 377 -10.86 -14.08 -28.73
C MET B 377 -10.69 -14.61 -27.32
N GLY B 378 -10.49 -15.92 -27.17
CA GLY B 378 -10.21 -16.46 -25.86
C GLY B 378 -8.93 -15.90 -25.26
N THR B 379 -7.90 -15.75 -26.08
CA THR B 379 -6.64 -15.18 -25.62
C THR B 379 -6.82 -13.75 -25.18
N PHE B 380 -7.57 -12.97 -25.97
CA PHE B 380 -7.85 -11.59 -25.57
C PHE B 380 -8.60 -11.54 -24.26
N SER B 381 -9.59 -12.42 -24.08
CA SER B 381 -10.34 -12.47 -22.84
C SER B 381 -9.44 -12.82 -21.66
N VAL B 382 -8.54 -13.78 -21.86
CA VAL B 382 -7.63 -14.18 -20.79
C VAL B 382 -6.72 -13.03 -20.39
N LEU B 383 -6.13 -12.35 -21.38
CA LEU B 383 -5.18 -11.30 -21.06
C LEU B 383 -5.90 -10.05 -20.55
N TYR B 384 -7.21 -9.94 -20.82
CA TYR B 384 -7.98 -8.90 -20.15
C TYR B 384 -8.24 -9.28 -18.70
N ALA B 385 -8.58 -10.53 -18.44
CA ALA B 385 -8.85 -10.97 -17.08
C ALA B 385 -7.61 -10.85 -16.20
N PHE B 386 -6.45 -11.18 -16.73
CA PHE B 386 -5.22 -11.10 -15.96
C PHE B 386 -4.65 -9.69 -15.91
N GLY B 387 -5.24 -8.74 -16.62
CA GLY B 387 -4.85 -7.35 -16.51
C GLY B 387 -3.79 -6.89 -17.47
N TYR B 388 -3.53 -7.64 -18.54
CA TYR B 388 -2.55 -7.24 -19.53
C TYR B 388 -3.20 -6.33 -20.56
N SER B 389 -2.38 -5.82 -21.49
CA SER B 389 -2.83 -4.84 -22.46
C SER B 389 -2.38 -5.27 -23.85
N VAL B 390 -2.98 -4.64 -24.86
CA VAL B 390 -2.62 -4.91 -26.25
C VAL B 390 -1.39 -4.10 -26.59
N ASN B 391 -0.21 -4.69 -26.39
CA ASN B 391 1.03 -4.01 -26.70
C ASN B 391 1.76 -4.73 -27.83
N THR B 392 2.96 -4.25 -28.12
CA THR B 392 3.77 -4.85 -29.19
C THR B 392 4.11 -6.30 -28.87
N LEU B 393 4.43 -6.59 -27.61
CA LEU B 393 4.85 -7.93 -27.24
C LEU B 393 3.70 -8.92 -27.32
N THR B 394 2.53 -8.54 -26.80
CA THR B 394 1.38 -9.43 -26.86
C THR B 394 0.96 -9.68 -28.30
N MET B 395 0.97 -8.63 -29.12
CA MET B 395 0.64 -8.82 -30.54
C MET B 395 1.66 -9.71 -31.23
N PHE B 396 2.93 -9.53 -30.94
CA PHE B 396 3.96 -10.39 -31.53
C PHE B 396 3.73 -11.84 -31.15
N ALA B 397 3.43 -12.09 -29.88
CA ALA B 397 3.14 -13.46 -29.45
C ALA B 397 1.89 -13.99 -30.14
N MET B 398 0.91 -13.11 -30.36
CA MET B 398 -0.32 -13.52 -31.00
C MET B 398 -0.09 -13.93 -32.45
N VAL B 399 0.80 -13.23 -33.15
CA VAL B 399 1.12 -13.62 -34.52
C VAL B 399 1.83 -14.97 -34.55
N LEU B 400 2.72 -15.19 -33.58
CA LEU B 400 3.38 -16.49 -33.49
C LEU B 400 2.37 -17.60 -33.19
N ALA B 401 1.28 -17.27 -32.50
CA ALA B 401 0.37 -18.28 -32.01
C ALA B 401 -0.43 -18.93 -33.14
N ILE B 402 -0.79 -18.16 -34.17
CA ILE B 402 -1.83 -18.59 -35.10
C ILE B 402 -1.47 -19.89 -35.81
N GLY B 403 -0.18 -20.09 -36.16
CA GLY B 403 0.23 -21.38 -36.64
C GLY B 403 0.13 -22.45 -35.56
N LEU B 404 0.59 -22.13 -34.36
CA LEU B 404 0.44 -23.04 -33.24
C LEU B 404 -1.02 -23.21 -32.85
N LEU B 405 -1.84 -22.20 -33.08
CA LEU B 405 -3.29 -22.35 -32.88
C LEU B 405 -3.84 -23.43 -33.79
N VAL B 406 -3.56 -23.33 -35.09
CA VAL B 406 -4.12 -24.25 -36.06
C VAL B 406 -3.43 -25.59 -36.02
N ASP B 407 -2.33 -25.74 -35.27
CA ASP B 407 -1.64 -27.03 -35.17
C ASP B 407 -2.57 -28.20 -34.91
N ASP B 408 -3.26 -28.20 -33.76
CA ASP B 408 -4.07 -29.35 -33.37
C ASP B 408 -5.29 -29.49 -34.28
N ALA B 409 -5.89 -28.38 -34.70
CA ALA B 409 -7.02 -28.44 -35.61
C ALA B 409 -6.63 -29.11 -36.91
N ILE B 410 -5.44 -28.75 -37.43
CA ILE B 410 -4.91 -29.39 -38.63
C ILE B 410 -4.75 -30.87 -38.41
N VAL B 411 -4.16 -31.24 -37.27
CA VAL B 411 -3.96 -32.66 -36.97
C VAL B 411 -5.29 -33.41 -37.04
N VAL B 412 -6.30 -32.87 -36.37
CA VAL B 412 -7.59 -33.55 -36.28
C VAL B 412 -8.24 -33.65 -37.66
N VAL B 413 -8.29 -32.54 -38.38
CA VAL B 413 -8.98 -32.52 -39.67
C VAL B 413 -8.27 -33.42 -40.67
N GLU B 414 -6.93 -33.39 -40.67
CA GLU B 414 -6.17 -34.24 -41.57
C GLU B 414 -6.41 -35.70 -41.26
N ASN B 415 -6.43 -36.07 -39.97
CA ASN B 415 -6.65 -37.46 -39.61
C ASN B 415 -8.04 -37.91 -40.04
N VAL B 416 -9.04 -37.08 -39.83
CA VAL B 416 -10.41 -37.41 -40.21
C VAL B 416 -10.49 -37.58 -41.73
N GLU B 417 -9.84 -36.67 -42.47
CA GLU B 417 -9.86 -36.74 -43.92
C GLU B 417 -9.19 -38.01 -44.41
N ARG B 418 -8.08 -38.38 -43.79
CA ARG B 418 -7.39 -39.62 -44.16
C ARG B 418 -8.27 -40.84 -43.89
N ILE B 419 -8.95 -40.84 -42.74
CA ILE B 419 -9.83 -41.96 -42.42
C ILE B 419 -10.94 -42.08 -43.45
N MET B 420 -11.55 -40.95 -43.81
CA MET B 420 -12.61 -40.97 -44.81
C MET B 420 -12.08 -41.44 -46.16
N SER B 421 -10.89 -40.98 -46.55
CA SER B 421 -10.35 -41.33 -47.85
C SER B 421 -9.99 -42.81 -47.93
N GLU B 422 -9.44 -43.37 -46.86
CA GLU B 422 -8.99 -44.76 -46.87
C GLU B 422 -10.12 -45.75 -46.55
N GLU B 423 -10.76 -45.62 -45.39
CA GLU B 423 -11.76 -46.58 -44.97
C GLU B 423 -13.17 -46.21 -45.39
N GLY B 424 -13.36 -45.07 -46.03
CA GLY B 424 -14.68 -44.69 -46.51
C GLY B 424 -15.72 -44.50 -45.44
N LEU B 425 -15.31 -44.22 -44.21
CA LEU B 425 -16.25 -44.07 -43.13
C LEU B 425 -17.03 -42.76 -43.27
N THR B 426 -18.20 -42.73 -42.63
CA THR B 426 -19.00 -41.52 -42.61
C THR B 426 -18.30 -40.46 -41.75
N PRO B 427 -18.54 -39.17 -42.03
CA PRO B 427 -17.86 -38.13 -41.26
C PRO B 427 -18.06 -38.23 -39.76
N ARG B 428 -19.26 -38.59 -39.32
CA ARG B 428 -19.50 -38.79 -37.89
C ARG B 428 -18.67 -39.94 -37.35
N GLU B 429 -18.71 -41.08 -38.03
CA GLU B 429 -17.94 -42.23 -37.57
C GLU B 429 -16.45 -42.01 -37.75
N ALA B 430 -16.05 -41.30 -38.80
CA ALA B 430 -14.65 -40.98 -38.98
C ALA B 430 -14.13 -40.10 -37.85
N THR B 431 -14.92 -39.11 -37.45
CA THR B 431 -14.54 -38.28 -36.31
C THR B 431 -14.51 -39.08 -35.03
N ARG B 432 -15.45 -40.02 -34.86
CA ARG B 432 -15.43 -40.89 -33.69
C ARG B 432 -14.15 -41.70 -33.63
N LYS B 433 -13.73 -42.25 -34.77
CA LYS B 433 -12.54 -43.10 -34.81
C LYS B 433 -11.28 -42.26 -34.67
N SER B 434 -11.23 -41.10 -35.31
CA SER B 434 -10.01 -40.30 -35.36
C SER B 434 -9.63 -39.79 -33.98
N MET B 435 -10.59 -39.24 -33.24
CA MET B 435 -10.29 -38.61 -31.96
C MET B 435 -9.72 -39.61 -30.95
N GLY B 436 -10.02 -40.89 -31.10
CA GLY B 436 -9.41 -41.90 -30.25
C GLY B 436 -7.92 -42.05 -30.50
N GLN B 437 -7.52 -41.95 -31.77
CA GLN B 437 -6.12 -42.20 -32.13
C GLN B 437 -5.22 -41.07 -31.68
N ILE B 438 -5.62 -39.82 -31.92
CA ILE B 438 -4.72 -38.69 -31.74
C ILE B 438 -4.98 -37.91 -30.46
N GLN B 439 -5.78 -38.44 -29.54
CA GLN B 439 -6.05 -37.71 -28.30
C GLN B 439 -4.77 -37.48 -27.51
N GLY B 440 -3.89 -38.49 -27.46
CA GLY B 440 -2.62 -38.30 -26.80
C GLY B 440 -1.73 -37.30 -27.52
N ALA B 441 -1.77 -37.30 -28.85
CA ALA B 441 -0.91 -36.41 -29.62
C ALA B 441 -1.26 -34.96 -29.38
N LEU B 442 -2.55 -34.64 -29.35
CA LEU B 442 -2.99 -33.26 -29.15
C LEU B 442 -2.52 -32.74 -27.80
N VAL B 443 -2.72 -33.54 -26.75
CA VAL B 443 -2.31 -33.13 -25.41
C VAL B 443 -0.80 -33.00 -25.33
N GLY B 444 -0.07 -33.92 -25.98
CA GLY B 444 1.38 -33.81 -26.00
C GLY B 444 1.85 -32.53 -26.67
N ILE B 445 1.24 -32.19 -27.80
CA ILE B 445 1.62 -30.96 -28.52
C ILE B 445 1.31 -29.75 -27.66
N ALA B 446 0.14 -29.74 -27.02
CA ALA B 446 -0.22 -28.59 -26.18
C ALA B 446 0.73 -28.46 -25.00
N MET B 447 1.06 -29.56 -24.35
CA MET B 447 1.96 -29.50 -23.20
C MET B 447 3.35 -29.06 -23.63
N VAL B 448 3.81 -29.51 -24.80
CA VAL B 448 5.11 -29.09 -25.29
C VAL B 448 5.11 -27.60 -25.59
N LEU B 449 4.07 -27.10 -26.23
CA LEU B 449 4.07 -25.69 -26.60
C LEU B 449 3.71 -24.79 -25.45
N SER B 450 3.21 -25.31 -24.35
CA SER B 450 2.92 -24.51 -23.16
C SER B 450 4.01 -24.57 -22.11
N ALA B 451 4.65 -25.71 -21.91
CA ALA B 451 5.64 -25.85 -20.86
C ALA B 451 6.92 -25.09 -21.20
N VAL B 452 7.14 -24.80 -22.48
CA VAL B 452 8.30 -24.00 -22.85
C VAL B 452 8.21 -22.60 -22.27
N PHE B 453 7.04 -22.00 -22.33
CA PHE B 453 6.86 -20.59 -21.98
C PHE B 453 6.42 -20.39 -20.54
N VAL B 454 6.30 -21.45 -19.75
CA VAL B 454 5.93 -21.29 -18.35
C VAL B 454 7.10 -20.78 -17.53
N PRO B 455 8.28 -21.40 -17.64
CA PRO B 455 9.36 -20.93 -16.77
C PRO B 455 9.74 -19.47 -17.03
N MET B 456 9.68 -19.04 -18.28
CA MET B 456 10.11 -17.68 -18.60
C MET B 456 9.34 -16.64 -17.80
N ALA B 457 8.07 -16.91 -17.55
CA ALA B 457 7.24 -15.94 -16.85
C ALA B 457 7.77 -15.61 -15.46
N PHE B 458 8.40 -16.58 -14.82
CA PHE B 458 8.86 -16.36 -13.44
C PHE B 458 10.03 -15.39 -13.32
N PHE B 459 10.79 -15.23 -14.40
CA PHE B 459 11.94 -14.33 -14.36
C PHE B 459 11.50 -12.89 -14.08
N GLY B 460 12.35 -12.12 -13.42
CA GLY B 460 11.99 -10.76 -13.05
C GLY B 460 12.68 -9.67 -13.87
N GLY B 461 12.46 -8.42 -13.50
CA GLY B 461 13.05 -7.32 -14.25
C GLY B 461 12.29 -7.03 -15.53
N THR B 462 12.85 -6.15 -16.33
CA THR B 462 12.23 -5.81 -17.61
C THR B 462 12.24 -7.02 -18.50
N THR B 463 13.34 -7.77 -18.46
CA THR B 463 13.45 -8.95 -19.30
C THR B 463 12.33 -9.91 -18.96
N GLY B 464 12.15 -10.16 -17.68
CA GLY B 464 11.11 -11.06 -17.25
C GLY B 464 9.77 -10.56 -17.70
N ALA B 465 9.58 -9.24 -17.62
CA ALA B 465 8.31 -8.65 -18.02
C ALA B 465 8.04 -8.94 -19.48
N ILE B 466 9.05 -8.76 -20.32
CA ILE B 466 8.89 -9.04 -21.73
C ILE B 466 8.50 -10.49 -21.94
N TYR B 467 9.23 -11.40 -21.30
CA TYR B 467 8.95 -12.81 -21.46
C TYR B 467 7.55 -13.09 -20.98
N ARG B 468 7.15 -12.47 -19.88
CA ARG B 468 5.84 -12.75 -19.31
C ARG B 468 4.74 -12.41 -20.30
N GLN B 469 4.89 -11.30 -21.01
CA GLN B 469 3.88 -10.90 -21.98
C GLN B 469 3.72 -12.01 -23.00
N PHE B 470 4.83 -12.44 -23.59
CA PHE B 470 4.77 -13.50 -24.57
C PHE B 470 4.23 -14.77 -23.95
N SER B 471 4.66 -15.09 -22.75
CA SER B 471 4.23 -16.32 -22.10
C SER B 471 2.73 -16.36 -21.90
N ILE B 472 2.20 -15.36 -21.23
CA ILE B 472 0.77 -15.35 -20.93
C ILE B 472 -0.01 -15.50 -22.21
N THR B 473 0.39 -14.78 -23.23
CA THR B 473 -0.33 -14.82 -24.49
C THR B 473 -0.32 -16.22 -25.10
N ILE B 474 0.87 -16.81 -25.24
CA ILE B 474 0.97 -18.06 -25.99
C ILE B 474 0.51 -19.23 -25.15
N VAL B 475 0.65 -19.16 -23.83
CA VAL B 475 0.14 -20.24 -22.98
C VAL B 475 -1.38 -20.28 -23.05
N ALA B 476 -2.03 -19.12 -22.94
CA ALA B 476 -3.48 -19.09 -23.09
C ALA B 476 -3.89 -19.57 -24.47
N ALA B 477 -3.13 -19.17 -25.49
CA ALA B 477 -3.43 -19.58 -26.86
C ALA B 477 -3.36 -21.09 -27.00
N MET B 478 -2.34 -21.73 -26.44
CA MET B 478 -2.19 -23.18 -26.57
C MET B 478 -3.25 -23.91 -25.78
N VAL B 479 -3.58 -23.43 -24.57
CA VAL B 479 -4.61 -24.08 -23.78
C VAL B 479 -5.95 -24.03 -24.51
N LEU B 480 -6.29 -22.86 -25.07
CA LEU B 480 -7.53 -22.76 -25.82
C LEU B 480 -7.47 -23.60 -27.11
N SER B 481 -6.31 -23.68 -27.74
CA SER B 481 -6.18 -24.45 -28.96
C SER B 481 -6.43 -25.93 -28.72
N VAL B 482 -5.87 -26.47 -27.63
CA VAL B 482 -6.13 -27.87 -27.32
C VAL B 482 -7.56 -28.05 -26.86
N LEU B 483 -8.13 -27.05 -26.18
CA LEU B 483 -9.54 -27.14 -25.78
C LEU B 483 -10.45 -27.07 -27.00
N VAL B 484 -10.18 -26.15 -27.93
CA VAL B 484 -11.02 -26.04 -29.12
C VAL B 484 -10.89 -27.29 -29.97
N ALA B 485 -9.67 -27.81 -30.13
CA ALA B 485 -9.46 -28.97 -31.00
C ALA B 485 -10.10 -30.23 -30.44
N MET B 486 -10.50 -30.25 -29.18
CA MET B 486 -11.18 -31.40 -28.60
C MET B 486 -12.65 -31.12 -28.31
N ILE B 487 -13.12 -29.92 -28.62
CA ILE B 487 -14.50 -29.56 -28.32
C ILE B 487 -15.22 -29.12 -29.59
N LEU B 488 -14.67 -28.10 -30.25
CA LEU B 488 -15.32 -27.54 -31.43
C LEU B 488 -14.92 -28.26 -32.71
N THR B 489 -13.63 -28.56 -32.86
CA THR B 489 -13.17 -29.23 -34.07
C THR B 489 -13.80 -30.60 -34.29
N PRO B 490 -13.91 -31.49 -33.29
CA PRO B 490 -14.60 -32.76 -33.56
C PRO B 490 -16.04 -32.57 -34.01
N ALA B 491 -16.75 -31.60 -33.44
CA ALA B 491 -18.14 -31.38 -33.83
C ALA B 491 -18.23 -30.94 -35.28
N LEU B 492 -17.37 -30.01 -35.70
CA LEU B 492 -17.40 -29.54 -37.08
C LEU B 492 -17.01 -30.65 -38.05
N CYS B 493 -16.05 -31.49 -37.67
CA CYS B 493 -15.65 -32.60 -38.52
C CYS B 493 -16.76 -33.62 -38.69
N ALA B 494 -17.77 -33.56 -37.84
CA ALA B 494 -18.90 -34.47 -37.93
C ALA B 494 -20.10 -33.87 -38.66
N THR B 495 -20.18 -32.55 -38.76
CA THR B 495 -21.34 -31.92 -39.39
C THR B 495 -20.96 -31.21 -40.68
N LEU B 496 -19.98 -30.31 -40.62
CA LEU B 496 -19.62 -29.53 -41.80
C LEU B 496 -18.93 -30.39 -42.84
N LEU B 497 -18.13 -31.35 -42.41
CA LEU B 497 -17.33 -32.15 -43.32
C LEU B 497 -18.21 -33.01 -44.21
N LYS B 498 -18.15 -32.77 -45.52
CA LYS B 498 -19.00 -33.50 -46.46
C LYS B 498 -18.61 -34.97 -46.47
N PRO B 499 -19.59 -35.87 -46.63
CA PRO B 499 -19.25 -37.31 -46.73
C PRO B 499 -18.41 -37.65 -47.93
N LEU B 500 -18.33 -36.76 -48.93
CA LEU B 500 -17.50 -36.95 -50.11
C LEU B 500 -17.90 -38.24 -50.84
N LYS B 501 -16.96 -39.17 -50.98
CA LYS B 501 -17.18 -40.41 -51.71
C LYS B 501 -17.66 -40.16 -53.14
N LYS B 502 -17.24 -39.02 -53.72
CA LYS B 502 -17.69 -38.66 -55.05
C LYS B 502 -16.95 -39.40 -56.15
N GLY B 503 -15.87 -40.11 -55.82
CA GLY B 503 -15.08 -40.79 -56.82
C GLY B 503 -14.18 -39.84 -57.59
N GLU B 504 -14.77 -38.79 -58.14
CA GLU B 504 -14.02 -37.74 -58.82
C GLU B 504 -13.54 -36.65 -57.86
N HIS B 505 -13.47 -36.94 -56.56
CA HIS B 505 -12.96 -35.96 -55.61
C HIS B 505 -11.53 -35.56 -55.92
N HIS B 506 -10.77 -36.45 -56.57
CA HIS B 506 -9.39 -36.15 -56.91
C HIS B 506 -9.31 -34.90 -57.79
N GLY B 507 -8.19 -34.20 -57.72
CA GLY B 507 -7.99 -33.01 -58.52
C GLY B 507 -8.14 -33.27 -60.00
N GLN B 508 -8.99 -32.48 -60.66
CA GLN B 508 -9.22 -32.68 -62.08
C GLN B 508 -7.94 -32.43 -62.88
N LYS B 509 -7.19 -31.40 -62.51
CA LYS B 509 -5.93 -31.06 -63.17
C LYS B 509 -5.17 -30.03 -62.37
N GLY B 510 -4.07 -29.53 -62.92
CA GLY B 510 -3.31 -28.48 -62.29
C GLY B 510 -2.72 -28.89 -60.96
N PHE B 511 -2.76 -27.95 -60.01
CA PHE B 511 -2.12 -28.16 -58.72
C PHE B 511 -2.76 -29.32 -57.95
N PHE B 512 -4.08 -29.43 -58.01
CA PHE B 512 -4.75 -30.40 -57.15
C PHE B 512 -4.60 -31.83 -57.64
N ALA B 513 -3.94 -32.06 -58.76
CA ALA B 513 -3.58 -33.41 -59.20
C ALA B 513 -2.08 -33.60 -59.32
N TRP B 514 -1.39 -32.69 -60.00
CA TRP B 514 0.06 -32.77 -60.08
C TRP B 514 0.69 -32.67 -58.70
N PHE B 515 0.17 -31.77 -57.86
CA PHE B 515 0.68 -31.62 -56.51
C PHE B 515 0.49 -32.90 -55.70
N ASN B 516 -0.67 -33.54 -55.84
CA ASN B 516 -0.90 -34.80 -55.14
C ASN B 516 0.06 -35.88 -55.61
N GLN B 517 0.27 -35.95 -56.93
CA GLN B 517 1.23 -36.93 -57.46
C GLN B 517 2.63 -36.67 -56.93
N MET B 518 3.05 -35.39 -56.92
CA MET B 518 4.37 -35.03 -56.44
C MET B 518 4.51 -35.36 -54.96
N PHE B 519 3.47 -35.08 -54.18
CA PHE B 519 3.52 -35.37 -52.75
C PHE B 519 3.61 -36.86 -52.50
N ASN B 520 2.85 -37.66 -53.24
CA ASN B 520 2.94 -39.11 -53.08
C ASN B 520 4.33 -39.63 -53.44
N ARG B 521 4.88 -39.13 -54.55
CA ARG B 521 6.22 -39.57 -54.94
C ARG B 521 7.25 -39.20 -53.89
N ASN B 522 7.18 -37.97 -53.38
CA ASN B 522 8.13 -37.53 -52.37
C ASN B 522 7.94 -38.29 -51.08
N ALA B 523 6.70 -38.66 -50.74
CA ALA B 523 6.46 -39.44 -49.54
C ALA B 523 7.07 -40.83 -49.67
N GLU B 524 6.92 -41.47 -50.83
CA GLU B 524 7.55 -42.76 -51.04
C GLU B 524 9.06 -42.66 -50.97
N ARG B 525 9.63 -41.62 -51.59
CA ARG B 525 11.08 -41.43 -51.54
C ARG B 525 11.55 -41.18 -50.11
N TYR B 526 10.78 -40.39 -49.35
CA TYR B 526 11.13 -40.12 -47.96
C TYR B 526 11.08 -41.38 -47.11
N GLU B 527 10.07 -42.23 -47.35
CA GLU B 527 9.99 -43.49 -46.61
C GLU B 527 11.17 -44.38 -46.94
N LYS B 528 11.57 -44.44 -48.22
CA LYS B 528 12.75 -45.22 -48.57
C LYS B 528 14.00 -44.64 -47.93
N GLY B 529 14.12 -43.31 -47.89
CA GLY B 529 15.29 -42.70 -47.26
C GLY B 529 15.35 -42.99 -45.77
N VAL B 530 14.20 -42.94 -45.10
CA VAL B 530 14.16 -43.29 -43.68
C VAL B 530 14.55 -44.74 -43.48
N ALA B 531 14.07 -45.63 -44.36
CA ALA B 531 14.46 -47.02 -44.27
C ALA B 531 15.97 -47.18 -44.44
N LYS B 532 16.56 -46.39 -45.34
CA LYS B 532 18.01 -46.41 -45.50
C LYS B 532 18.71 -45.97 -44.22
N ILE B 533 18.29 -44.85 -43.64
CA ILE B 533 19.03 -44.26 -42.54
C ILE B 533 18.74 -44.97 -41.23
N LEU B 534 17.72 -45.82 -41.20
CA LEU B 534 17.53 -46.68 -40.02
C LEU B 534 18.69 -47.65 -39.88
N HIS B 535 19.17 -48.19 -41.00
CA HIS B 535 20.46 -48.83 -41.04
C HIS B 535 21.52 -47.77 -41.28
N ARG B 536 22.80 -48.13 -41.22
CA ARG B 536 23.90 -47.18 -41.39
C ARG B 536 23.73 -46.00 -40.43
N SER B 537 23.51 -46.32 -39.15
CA SER B 537 23.19 -45.29 -38.17
C SER B 537 24.41 -44.47 -37.79
N LEU B 538 25.61 -45.04 -37.91
CA LEU B 538 26.82 -44.35 -37.46
C LEU B 538 27.06 -43.08 -38.26
N ARG B 539 26.84 -43.13 -39.56
CA ARG B 539 27.00 -41.96 -40.42
C ARG B 539 26.15 -40.80 -39.93
N TRP B 540 24.87 -41.08 -39.66
CA TRP B 540 23.96 -40.01 -39.28
C TRP B 540 24.16 -39.58 -37.84
N ILE B 541 24.67 -40.47 -36.99
CA ILE B 541 25.08 -40.03 -35.66
C ILE B 541 26.23 -39.04 -35.76
N VAL B 542 27.20 -39.32 -36.62
CA VAL B 542 28.30 -38.38 -36.84
C VAL B 542 27.77 -37.07 -37.39
N ILE B 543 26.82 -37.13 -38.32
CA ILE B 543 26.23 -35.92 -38.88
C ILE B 543 25.54 -35.11 -37.79
N TYR B 544 24.83 -35.79 -36.89
CA TYR B 544 24.15 -35.10 -35.81
C TYR B 544 25.13 -34.43 -34.86
N VAL B 545 26.24 -35.12 -34.56
CA VAL B 545 27.26 -34.52 -33.71
C VAL B 545 27.86 -33.29 -34.38
N LEU B 546 28.08 -33.37 -35.70
CA LEU B 546 28.57 -32.21 -36.44
C LEU B 546 27.58 -31.06 -36.39
N LEU B 547 26.29 -31.36 -36.52
CA LEU B 547 25.27 -30.31 -36.42
C LEU B 547 25.28 -29.68 -35.04
N LEU B 548 25.44 -30.50 -34.00
CA LEU B 548 25.52 -29.97 -32.65
C LEU B 548 26.71 -29.04 -32.49
N GLY B 549 27.87 -29.46 -33.01
CA GLY B 549 29.04 -28.60 -32.93
C GLY B 549 28.87 -27.30 -33.69
N GLY B 550 28.26 -27.37 -34.88
CA GLY B 550 28.00 -26.16 -35.63
C GLY B 550 27.03 -25.23 -34.93
N MET B 551 26.01 -25.79 -34.30
CA MET B 551 25.08 -24.98 -33.51
C MET B 551 25.79 -24.29 -32.36
N VAL B 552 26.72 -25.01 -31.71
CA VAL B 552 27.53 -24.38 -30.67
C VAL B 552 28.36 -23.25 -31.25
N PHE B 553 28.96 -23.49 -32.42
CA PHE B 553 29.80 -22.47 -33.05
C PHE B 553 29.01 -21.23 -33.42
N LEU B 554 27.83 -21.43 -34.01
CA LEU B 554 27.02 -20.29 -34.43
C LEU B 554 26.52 -19.48 -33.25
N PHE B 555 26.28 -20.15 -32.11
CA PHE B 555 25.78 -19.44 -30.94
C PHE B 555 26.85 -18.54 -30.34
N LEU B 556 28.12 -18.81 -30.62
CA LEU B 556 29.23 -18.04 -30.07
C LEU B 556 29.78 -17.03 -31.06
N ARG B 557 29.16 -16.89 -32.22
CA ARG B 557 29.59 -15.90 -33.20
C ARG B 557 28.49 -14.89 -33.43
N LEU B 558 27.26 -15.25 -33.10
CA LEU B 558 26.14 -14.34 -33.26
C LEU B 558 26.27 -13.19 -32.27
N PRO B 559 26.25 -11.95 -32.74
CA PRO B 559 26.38 -10.81 -31.82
C PRO B 559 25.14 -10.67 -30.95
N THR B 560 25.31 -9.95 -29.84
CA THR B 560 24.30 -9.85 -28.79
C THR B 560 23.72 -8.45 -28.74
N SER B 561 22.42 -8.36 -28.46
CA SER B 561 21.74 -7.10 -28.30
C SER B 561 20.57 -7.29 -27.34
N PHE B 562 19.91 -6.19 -26.99
CA PHE B 562 18.76 -6.28 -26.10
C PHE B 562 17.45 -6.14 -26.88
N LEU B 563 17.27 -5.01 -27.56
CA LEU B 563 16.06 -4.75 -28.32
C LEU B 563 16.42 -3.96 -29.57
N PRO B 564 15.91 -4.33 -30.73
CA PRO B 564 16.24 -3.59 -31.95
C PRO B 564 15.71 -2.17 -31.91
N LEU B 565 16.46 -1.25 -32.51
CA LEU B 565 16.02 0.13 -32.65
C LEU B 565 15.09 0.26 -33.84
N GLU B 566 14.04 1.07 -33.67
CA GLU B 566 13.02 1.24 -34.69
C GLU B 566 12.77 2.72 -34.93
N ASP B 567 12.48 3.04 -36.19
CA ASP B 567 12.24 4.42 -36.59
C ASP B 567 10.96 4.91 -35.95
N ARG B 568 11.08 5.79 -34.96
CA ARG B 568 9.93 6.37 -34.29
C ARG B 568 9.47 7.67 -34.91
N GLY B 569 10.19 8.17 -35.91
CA GLY B 569 9.87 9.46 -36.50
C GLY B 569 10.41 10.65 -35.75
N MET B 570 11.13 10.44 -34.65
CA MET B 570 11.75 11.53 -33.90
C MET B 570 13.19 11.16 -33.57
N PHE B 571 14.01 12.19 -33.38
CA PHE B 571 15.33 12.01 -32.79
C PHE B 571 15.74 13.34 -32.16
N THR B 572 16.73 13.27 -31.29
CA THR B 572 17.12 14.40 -30.46
C THR B 572 18.61 14.66 -30.61
N THR B 573 18.98 15.93 -30.68
CA THR B 573 20.38 16.34 -30.69
C THR B 573 20.70 17.14 -29.44
N SER B 574 21.93 17.02 -28.98
CA SER B 574 22.38 17.70 -27.77
C SER B 574 23.55 18.60 -28.13
N VAL B 575 23.49 19.84 -27.67
CA VAL B 575 24.53 20.82 -27.92
C VAL B 575 25.21 21.14 -26.59
N GLN B 576 26.54 21.12 -26.58
CA GLN B 576 27.30 21.41 -25.37
C GLN B 576 28.54 22.21 -25.75
N LEU B 577 28.46 23.53 -25.59
CA LEU B 577 29.60 24.38 -25.81
C LEU B 577 30.61 24.21 -24.67
N PRO B 578 31.86 24.64 -24.86
CA PRO B 578 32.85 24.51 -23.79
C PRO B 578 32.41 25.22 -22.53
N SER B 579 32.86 24.72 -21.38
CA SER B 579 32.38 25.23 -20.10
C SER B 579 32.69 26.71 -19.95
N GLY B 580 31.80 27.41 -19.26
CA GLY B 580 31.89 28.85 -19.12
C GLY B 580 31.32 29.64 -20.27
N SER B 581 30.71 28.97 -21.24
CA SER B 581 30.09 29.68 -22.35
C SER B 581 28.78 30.34 -21.89
N THR B 582 28.31 31.29 -22.70
CA THR B 582 27.13 32.06 -22.37
C THR B 582 25.95 31.60 -23.23
N GLN B 583 24.76 32.06 -22.85
CA GLN B 583 23.53 31.63 -23.52
C GLN B 583 23.50 32.09 -24.97
N GLN B 584 24.03 33.28 -25.24
CA GLN B 584 23.98 33.81 -26.60
C GLN B 584 24.82 32.97 -27.55
N GLN B 585 26.00 32.52 -27.10
CA GLN B 585 26.83 31.68 -27.95
C GLN B 585 26.15 30.35 -28.23
N THR B 586 25.53 29.75 -27.21
CA THR B 586 24.79 28.52 -27.41
C THR B 586 23.65 28.75 -28.40
N LEU B 587 22.99 29.90 -28.31
CA LEU B 587 21.91 30.21 -29.24
C LEU B 587 22.44 30.32 -30.66
N LYS B 588 23.62 30.92 -30.83
CA LYS B 588 24.21 31.02 -32.15
C LYS B 588 24.51 29.64 -32.73
N VAL B 589 25.07 28.75 -31.90
CA VAL B 589 25.36 27.39 -32.36
C VAL B 589 24.06 26.67 -32.72
N VAL B 590 23.02 26.84 -31.90
CA VAL B 590 21.74 26.22 -32.17
C VAL B 590 21.15 26.74 -33.47
N GLU B 591 21.33 28.04 -33.74
CA GLU B 591 20.87 28.60 -35.00
C GLU B 591 21.60 27.95 -36.17
N GLN B 592 22.91 27.74 -36.03
CA GLN B 592 23.66 27.08 -37.10
C GLN B 592 23.13 25.67 -37.34
N ILE B 593 22.89 24.92 -36.27
CA ILE B 593 22.41 23.54 -36.41
C ILE B 593 21.01 23.53 -37.03
N GLU B 594 20.16 24.46 -36.61
CA GLU B 594 18.81 24.56 -37.15
C GLU B 594 18.84 24.90 -38.63
N LYS B 595 19.75 25.80 -39.03
CA LYS B 595 19.92 26.10 -40.45
C LYS B 595 20.36 24.87 -41.22
N TYR B 596 21.28 24.09 -40.65
CA TYR B 596 21.68 22.84 -41.28
C TYR B 596 20.48 21.92 -41.50
N TYR B 597 19.67 21.74 -40.46
CA TYR B 597 18.54 20.83 -40.56
C TYR B 597 17.51 21.32 -41.57
N PHE B 598 17.25 22.63 -41.59
CA PHE B 598 16.27 23.15 -42.54
C PHE B 598 16.82 23.19 -43.96
N THR B 599 18.14 23.12 -44.12
CA THR B 599 18.72 23.19 -45.46
C THR B 599 18.84 21.80 -46.09
N HIS B 600 19.60 20.91 -45.46
CA HIS B 600 19.90 19.63 -46.08
C HIS B 600 18.76 18.63 -45.90
N GLU B 601 18.42 18.31 -44.65
CA GLU B 601 17.35 17.35 -44.36
C GLU B 601 16.01 18.07 -44.36
N LYS B 602 15.62 18.53 -45.55
CA LYS B 602 14.37 19.26 -45.67
C LYS B 602 13.19 18.38 -46.05
N ASP B 603 13.43 17.30 -46.79
CA ASP B 603 12.33 16.43 -47.20
C ASP B 603 11.88 15.50 -46.08
N ASN B 604 12.67 15.35 -45.03
CA ASN B 604 12.41 14.37 -44.00
C ASN B 604 12.00 14.98 -42.66
N ILE B 605 12.04 16.30 -42.52
CA ILE B 605 11.83 16.94 -41.23
C ILE B 605 10.58 17.79 -41.29
N MET B 606 9.70 17.60 -40.31
CA MET B 606 8.49 18.41 -40.17
C MET B 606 8.70 19.64 -39.31
N SER B 607 9.35 19.50 -38.16
CA SER B 607 9.61 20.63 -37.29
C SER B 607 10.75 20.28 -36.36
N VAL B 608 11.44 21.31 -35.89
CA VAL B 608 12.52 21.17 -34.91
C VAL B 608 12.21 22.13 -33.76
N PHE B 609 12.34 21.65 -32.54
CA PHE B 609 12.11 22.46 -31.35
C PHE B 609 13.36 22.46 -30.50
N ALA B 610 13.96 23.62 -30.33
CA ALA B 610 15.26 23.75 -29.68
C ALA B 610 15.13 24.59 -28.43
N THR B 611 15.57 24.05 -27.30
CA THR B 611 15.55 24.75 -26.01
C THR B 611 16.99 24.99 -25.58
N VAL B 612 17.30 26.21 -25.21
CA VAL B 612 18.63 26.56 -24.74
C VAL B 612 18.63 26.64 -23.22
N GLY B 613 19.63 26.04 -22.60
CA GLY B 613 19.76 26.04 -21.15
C GLY B 613 19.41 24.72 -20.50
N SER B 614 18.81 23.79 -21.23
CA SER B 614 18.46 22.49 -20.71
C SER B 614 19.13 21.41 -21.53
N GLY B 615 19.65 20.38 -20.87
CA GLY B 615 20.31 19.30 -21.53
C GLY B 615 20.17 17.98 -20.81
N PRO B 616 20.52 16.89 -21.49
CA PRO B 616 20.42 15.58 -20.84
C PRO B 616 21.38 15.44 -19.67
N GLY B 617 22.65 15.80 -19.87
CA GLY B 617 23.61 15.68 -18.79
C GLY B 617 23.36 16.66 -17.66
N GLY B 618 23.18 17.93 -18.00
CA GLY B 618 22.97 18.94 -16.98
C GLY B 618 22.42 20.20 -17.59
N ASN B 619 22.07 21.13 -16.71
CA ASN B 619 21.49 22.40 -17.10
C ASN B 619 22.53 23.50 -16.98
N GLY B 620 22.64 24.32 -18.01
CA GLY B 620 23.58 25.43 -18.00
C GLY B 620 23.43 26.23 -19.26
N GLN B 621 24.07 27.40 -19.26
CA GLN B 621 23.98 28.29 -20.42
C GLN B 621 24.74 27.74 -21.61
N ASN B 622 25.60 26.75 -21.41
CA ASN B 622 26.38 26.17 -22.50
C ASN B 622 25.76 24.89 -23.04
N VAL B 623 24.54 24.57 -22.65
CA VAL B 623 23.88 23.34 -23.07
C VAL B 623 22.56 23.68 -23.73
N ALA B 624 22.23 22.94 -24.79
CA ALA B 624 20.95 23.08 -25.46
C ALA B 624 20.51 21.71 -25.96
N ARG B 625 19.20 21.52 -26.03
CA ARG B 625 18.61 20.27 -26.50
C ARG B 625 17.59 20.59 -27.59
N MET B 626 17.61 19.79 -28.66
CA MET B 626 16.77 20.04 -29.82
C MET B 626 15.89 18.81 -30.06
N PHE B 627 14.58 19.00 -30.12
CA PHE B 627 13.65 17.93 -30.44
C PHE B 627 13.27 18.04 -31.91
N ILE B 628 13.52 16.96 -32.66
CA ILE B 628 13.29 16.94 -34.10
C ILE B 628 12.27 15.87 -34.42
N ARG B 629 11.22 16.24 -35.14
CA ARG B 629 10.15 15.34 -35.51
C ARG B 629 10.11 15.20 -37.02
N LEU B 630 10.22 13.97 -37.50
CA LEU B 630 10.28 13.73 -38.94
C LEU B 630 8.88 13.69 -39.54
N LYS B 631 8.83 13.62 -40.87
CA LYS B 631 7.56 13.44 -41.55
C LYS B 631 7.02 12.04 -41.28
N ASP B 632 5.83 11.77 -41.83
CA ASP B 632 5.26 10.45 -41.68
C ASP B 632 6.09 9.43 -42.45
N TRP B 633 5.97 8.16 -42.06
CA TRP B 633 6.76 7.11 -42.68
C TRP B 633 6.50 7.03 -44.17
N SER B 634 5.27 7.31 -44.59
CA SER B 634 4.94 7.26 -46.01
C SER B 634 5.69 8.33 -46.79
N GLU B 635 5.76 9.55 -46.24
CA GLU B 635 6.34 10.66 -46.98
C GLU B 635 7.85 10.53 -47.10
N ARG B 636 8.50 9.92 -46.11
CA ARG B 636 9.95 9.79 -46.14
C ARG B 636 10.36 8.62 -47.03
N ASP B 637 11.57 8.71 -47.57
CA ASP B 637 12.11 7.64 -48.40
C ASP B 637 12.42 6.42 -47.54
N SER B 638 12.38 5.24 -48.17
CA SER B 638 12.62 4.00 -47.47
C SER B 638 14.11 3.70 -47.28
N LYS B 639 14.99 4.37 -48.01
CA LYS B 639 16.42 4.13 -47.92
C LYS B 639 17.13 5.33 -47.29
N THR B 640 16.93 6.53 -47.83
CA THR B 640 17.62 7.69 -47.28
C THR B 640 16.78 8.38 -46.22
N GLY B 641 15.46 8.29 -46.32
CA GLY B 641 14.59 8.98 -45.37
C GLY B 641 14.49 8.31 -44.03
N THR B 642 15.05 7.12 -43.88
CA THR B 642 15.00 6.40 -42.61
C THR B 642 15.71 7.21 -41.53
N SER B 643 15.17 7.15 -40.32
CA SER B 643 15.71 7.93 -39.20
C SER B 643 17.21 7.67 -39.01
N PHE B 644 17.62 6.40 -39.12
CA PHE B 644 19.02 6.07 -38.92
C PHE B 644 19.91 6.69 -39.99
N ALA B 645 19.43 6.72 -41.23
CA ALA B 645 20.21 7.30 -42.30
C ALA B 645 20.46 8.78 -42.08
N ILE B 646 19.41 9.53 -41.73
CA ILE B 646 19.58 10.96 -41.50
C ILE B 646 20.38 11.20 -40.23
N ILE B 647 20.28 10.28 -39.26
CA ILE B 647 21.13 10.36 -38.07
C ILE B 647 22.59 10.26 -38.46
N GLU B 648 22.93 9.30 -39.31
CA GLU B 648 24.31 9.14 -39.74
C GLU B 648 24.78 10.34 -40.55
N ARG B 649 23.92 10.86 -41.44
CA ARG B 649 24.31 12.02 -42.22
C ARG B 649 24.55 13.24 -41.32
N ALA B 650 23.71 13.42 -40.30
CA ALA B 650 23.93 14.51 -39.37
C ALA B 650 25.20 14.30 -38.55
N THR B 651 25.46 13.05 -38.15
CA THR B 651 26.67 12.76 -37.39
C THR B 651 27.92 13.08 -38.20
N LYS B 652 27.88 12.81 -39.50
CA LYS B 652 29.00 13.20 -40.35
C LYS B 652 29.19 14.71 -40.34
N ALA B 653 28.09 15.46 -40.42
CA ALA B 653 28.20 16.92 -40.51
C ALA B 653 28.54 17.54 -39.16
N PHE B 654 28.01 16.98 -38.08
CA PHE B 654 28.18 17.61 -36.77
C PHE B 654 29.62 17.45 -36.26
N ASN B 655 30.28 16.37 -36.64
CA ASN B 655 31.68 16.19 -36.24
C ASN B 655 32.59 17.26 -36.84
N GLN B 656 32.16 17.93 -37.90
CA GLN B 656 32.93 19.04 -38.44
C GLN B 656 32.82 20.28 -37.59
N ILE B 657 31.76 20.41 -36.79
CA ILE B 657 31.61 21.57 -35.92
C ILE B 657 32.62 21.48 -34.79
N LYS B 658 33.40 22.54 -34.62
CA LYS B 658 34.41 22.58 -33.56
C LYS B 658 34.08 23.53 -32.43
N GLU B 659 33.04 24.36 -32.59
CA GLU B 659 32.65 25.25 -31.51
C GLU B 659 32.00 24.50 -30.35
N ALA B 660 31.25 23.44 -30.64
CA ALA B 660 30.50 22.76 -29.60
C ALA B 660 30.40 21.27 -29.94
N ARG B 661 30.01 20.49 -28.95
CA ARG B 661 29.84 19.05 -29.09
C ARG B 661 28.39 18.78 -29.45
N VAL B 662 28.11 18.72 -30.74
CA VAL B 662 26.76 18.49 -31.25
C VAL B 662 26.65 17.03 -31.62
N ILE B 663 25.66 16.33 -31.05
CA ILE B 663 25.50 14.90 -31.24
C ILE B 663 24.02 14.60 -31.39
N ALA B 664 23.61 14.18 -32.58
CA ALA B 664 22.26 13.68 -32.78
C ALA B 664 22.13 12.31 -32.14
N SER B 665 20.89 11.92 -31.84
CA SER B 665 20.69 10.64 -31.18
C SER B 665 19.25 10.19 -31.35
N SER B 666 19.08 8.89 -31.52
CA SER B 666 17.77 8.25 -31.60
C SER B 666 17.20 8.07 -30.20
N PRO B 667 15.88 8.08 -30.04
CA PRO B 667 15.28 7.87 -28.72
C PRO B 667 15.58 6.47 -28.21
N PRO B 668 15.61 6.28 -26.90
CA PRO B 668 15.88 4.95 -26.36
C PRO B 668 14.77 3.97 -26.71
N ALA B 669 15.13 2.69 -26.75
CA ALA B 669 14.18 1.66 -27.14
C ALA B 669 12.99 1.62 -26.17
N ILE B 670 13.27 1.57 -24.88
CA ILE B 670 12.24 1.61 -23.85
C ILE B 670 12.34 2.98 -23.19
N SER B 671 11.28 3.78 -23.30
CA SER B 671 11.28 5.11 -22.73
C SER B 671 11.44 5.04 -21.22
N GLY B 672 12.35 5.84 -20.69
CA GLY B 672 12.71 5.83 -19.30
C GLY B 672 13.94 5.01 -18.99
N LEU B 673 14.34 4.11 -19.90
CA LEU B 673 15.54 3.30 -19.72
C LEU B 673 16.72 4.00 -20.39
N GLY B 674 17.19 5.04 -19.72
CA GLY B 674 18.31 5.81 -20.22
C GLY B 674 17.87 7.01 -21.03
N SER B 675 18.80 7.94 -21.19
CA SER B 675 18.49 9.18 -21.91
C SER B 675 18.43 8.99 -23.41
N SER B 676 19.26 8.10 -23.96
CA SER B 676 19.39 7.97 -25.40
C SER B 676 19.70 6.52 -25.78
N ALA B 677 19.52 6.22 -27.06
CA ALA B 677 19.81 4.89 -27.57
C ALA B 677 21.31 4.62 -27.50
N GLY B 678 21.66 3.35 -27.37
CA GLY B 678 23.03 2.91 -27.25
C GLY B 678 23.35 2.48 -25.83
N PHE B 679 24.62 2.09 -25.65
CA PHE B 679 25.06 1.63 -24.34
C PHE B 679 25.22 2.82 -23.39
N ASP B 680 24.97 2.55 -22.11
CA ASP B 680 25.19 3.52 -21.04
C ASP B 680 26.22 2.94 -20.09
N MET B 681 27.41 3.52 -20.07
CA MET B 681 28.49 3.07 -19.22
C MET B 681 28.73 4.09 -18.12
N GLU B 682 29.36 3.63 -17.04
CA GLU B 682 29.71 4.48 -15.91
C GLU B 682 31.15 4.23 -15.52
N LEU B 683 32.02 5.18 -15.83
CA LEU B 683 33.44 5.06 -15.49
C LEU B 683 33.66 5.44 -14.04
N GLN B 684 33.80 4.46 -13.16
CA GLN B 684 33.90 4.71 -11.73
C GLN B 684 35.35 4.85 -11.29
N ASP B 685 35.56 5.58 -10.21
CA ASP B 685 36.88 5.74 -9.60
C ASP B 685 36.98 4.78 -8.42
N HIS B 686 37.28 3.52 -8.74
CA HIS B 686 37.34 2.49 -7.71
C HIS B 686 38.47 2.75 -6.73
N ALA B 687 39.65 3.11 -7.23
CA ALA B 687 40.81 3.28 -6.36
C ALA B 687 40.59 4.39 -5.35
N GLY B 688 40.00 5.48 -5.76
CA GLY B 688 39.81 6.64 -4.91
C GLY B 688 40.67 7.83 -5.27
N ALA B 689 41.18 7.90 -6.50
CA ALA B 689 41.99 9.04 -6.90
C ALA B 689 41.16 10.31 -6.97
N GLY B 690 41.81 11.41 -7.30
CA GLY B 690 41.13 12.69 -7.30
C GLY B 690 40.17 12.85 -8.46
N HIS B 691 39.40 13.93 -8.40
CA HIS B 691 38.50 14.28 -9.49
C HIS B 691 39.27 14.54 -10.77
N ASP B 692 40.45 15.16 -10.65
CA ASP B 692 41.28 15.44 -11.82
C ASP B 692 41.70 14.16 -12.52
N ALA B 693 42.04 13.13 -11.73
CA ALA B 693 42.41 11.84 -12.31
C ALA B 693 41.23 11.25 -13.07
N LEU B 694 40.02 11.37 -12.50
CA LEU B 694 38.83 10.87 -13.18
C LEU B 694 38.61 11.62 -14.49
N MET B 695 38.80 12.93 -14.49
CA MET B 695 38.64 13.72 -15.71
C MET B 695 39.66 13.30 -16.76
N ALA B 696 40.90 13.08 -16.35
CA ALA B 696 41.93 12.66 -17.29
C ALA B 696 41.61 11.30 -17.87
N ALA B 697 41.13 10.38 -17.03
CA ALA B 697 40.72 9.07 -17.51
C ALA B 697 39.56 9.18 -18.49
N ARG B 698 38.61 10.05 -18.19
CA ARG B 698 37.47 10.26 -19.09
C ARG B 698 37.93 10.77 -20.44
N ASN B 699 38.84 11.75 -20.43
CA ASN B 699 39.34 12.30 -21.69
C ASN B 699 40.09 11.25 -22.49
N GLN B 700 40.92 10.45 -21.81
CA GLN B 700 41.64 9.39 -22.50
C GLN B 700 40.68 8.36 -23.09
N LEU B 701 39.66 7.99 -22.32
CA LEU B 701 38.69 7.00 -22.80
C LEU B 701 37.93 7.53 -24.00
N LEU B 702 37.53 8.81 -23.96
CA LEU B 702 36.83 9.40 -25.09
C LEU B 702 37.71 9.48 -26.32
N ALA B 703 39.00 9.79 -26.16
CA ALA B 703 39.91 9.77 -27.29
C ALA B 703 40.05 8.37 -27.88
N LEU B 704 40.18 7.36 -27.01
CA LEU B 704 40.26 5.98 -27.49
C LEU B 704 39.00 5.59 -28.25
N ALA B 705 37.84 5.96 -27.73
CA ALA B 705 36.59 5.62 -28.39
C ALA B 705 36.46 6.34 -29.73
N ALA B 706 36.87 7.60 -29.79
CA ALA B 706 36.85 8.33 -31.05
C ALA B 706 37.77 7.67 -32.08
N GLU B 707 38.90 7.16 -31.62
CA GLU B 707 39.80 6.44 -32.53
C GLU B 707 39.14 5.17 -33.07
N ASN B 708 38.44 4.44 -32.21
CA ASN B 708 37.91 3.14 -32.60
C ASN B 708 36.79 3.30 -33.63
N PRO B 709 36.83 2.58 -34.75
CA PRO B 709 35.84 2.79 -35.81
C PRO B 709 34.53 2.05 -35.58
N GLU B 710 34.41 1.24 -34.54
CA GLU B 710 33.19 0.50 -34.26
C GLU B 710 32.28 1.21 -33.27
N LEU B 711 32.62 2.43 -32.86
CA LEU B 711 31.81 3.22 -31.97
C LEU B 711 31.52 4.57 -32.59
N THR B 712 30.30 5.06 -32.41
CA THR B 712 29.91 6.35 -32.94
C THR B 712 29.14 7.12 -31.86
N ARG B 713 29.27 8.45 -31.91
CA ARG B 713 28.54 9.35 -31.04
C ARG B 713 28.78 9.03 -29.56
N VAL B 714 30.01 8.58 -29.26
CA VAL B 714 30.40 8.35 -27.88
C VAL B 714 30.74 9.68 -27.23
N ARG B 715 30.19 9.92 -26.05
CA ARG B 715 30.26 11.22 -25.42
C ARG B 715 30.20 11.07 -23.91
N HIS B 716 30.66 12.11 -23.22
CA HIS B 716 30.46 12.23 -21.78
C HIS B 716 29.10 12.86 -21.53
N ASN B 717 28.28 12.18 -20.73
CA ASN B 717 26.90 12.63 -20.55
C ASN B 717 26.83 13.97 -19.84
N GLY B 718 27.52 14.09 -18.71
CA GLY B 718 27.41 15.26 -17.87
C GLY B 718 28.24 16.44 -18.37
N LEU B 719 28.42 17.40 -17.47
CA LEU B 719 29.19 18.60 -17.78
C LEU B 719 30.67 18.37 -17.49
N ASP B 720 31.46 19.43 -17.56
CA ASP B 720 32.89 19.37 -17.29
C ASP B 720 33.30 20.60 -16.51
N ASP B 721 34.53 20.58 -16.00
CA ASP B 721 35.01 21.64 -15.11
C ASP B 721 34.92 23.01 -15.78
N SER B 722 34.47 23.99 -15.01
CA SER B 722 34.25 25.34 -15.49
C SER B 722 34.95 26.31 -14.53
N PRO B 723 35.32 27.49 -15.02
CA PRO B 723 35.87 28.50 -14.12
C PRO B 723 34.86 28.97 -13.10
N GLN B 724 35.35 29.34 -11.92
CA GLN B 724 34.52 29.89 -10.86
C GLN B 724 35.22 31.10 -10.27
N LEU B 725 34.42 32.03 -9.74
CA LEU B 725 34.94 33.24 -9.13
C LEU B 725 34.77 33.15 -7.62
N GLN B 726 35.83 33.49 -6.89
CA GLN B 726 35.82 33.47 -5.43
C GLN B 726 36.03 34.89 -4.94
N ILE B 727 35.16 35.32 -4.03
CA ILE B 727 35.23 36.65 -3.45
C ILE B 727 35.87 36.54 -2.07
N ASP B 728 37.03 37.15 -1.90
CA ASP B 728 37.74 37.13 -0.63
C ASP B 728 37.42 38.43 0.10
N ILE B 729 36.58 38.33 1.13
CA ILE B 729 36.14 39.48 1.92
C ILE B 729 36.96 39.51 3.20
N ASP B 730 37.63 40.63 3.44
CA ASP B 730 38.41 40.82 4.66
C ASP B 730 37.48 41.21 5.79
N GLN B 731 37.23 40.27 6.72
CA GLN B 731 36.38 40.58 7.87
C GLN B 731 37.01 41.66 8.74
N ARG B 732 38.33 41.66 8.87
CA ARG B 732 39.00 42.63 9.73
C ARG B 732 38.83 44.05 9.18
N LYS B 733 39.05 44.22 7.87
CA LYS B 733 38.83 45.53 7.26
C LYS B 733 37.37 45.95 7.37
N ALA B 734 36.46 45.01 7.19
CA ALA B 734 35.04 45.31 7.30
C ALA B 734 34.70 45.82 8.69
N GLN B 735 35.22 45.16 9.73
CA GLN B 735 34.99 45.62 11.09
C GLN B 735 35.64 46.97 11.34
N ALA B 736 36.85 47.18 10.81
CA ALA B 736 37.56 48.43 11.03
C ALA B 736 36.83 49.61 10.40
N LEU B 737 36.31 49.43 9.19
CA LEU B 737 35.60 50.50 8.52
C LEU B 737 34.21 50.69 9.12
N GLY B 738 33.72 49.73 9.89
CA GLY B 738 32.44 49.85 10.56
C GLY B 738 31.28 49.20 9.87
N VAL B 739 31.50 48.49 8.76
CA VAL B 739 30.43 47.82 8.03
C VAL B 739 30.28 46.41 8.57
N ALA B 740 29.03 45.93 8.63
CA ALA B 740 28.75 44.61 9.14
C ALA B 740 28.91 43.57 8.03
N ILE B 741 29.39 42.38 8.42
CA ILE B 741 29.59 41.31 7.44
C ILE B 741 28.24 40.86 6.87
N ASP B 742 27.20 40.90 7.70
CA ASP B 742 25.87 40.52 7.23
C ASP B 742 25.41 41.45 6.12
N ASP B 743 25.67 42.75 6.27
CA ASP B 743 25.30 43.71 5.23
C ASP B 743 26.05 43.43 3.94
N ILE B 744 27.34 43.11 4.04
CA ILE B 744 28.15 42.81 2.87
C ILE B 744 27.60 41.59 2.14
N ASN B 745 27.32 40.53 2.90
CA ASN B 745 26.80 39.31 2.29
C ASN B 745 25.44 39.54 1.66
N ASP B 746 24.57 40.30 2.34
CA ASP B 746 23.25 40.58 1.77
C ASP B 746 23.36 41.39 0.50
N THR B 747 24.24 42.40 0.48
CA THR B 747 24.42 43.20 -0.73
C THR B 747 24.92 42.34 -1.88
N LEU B 748 25.92 41.50 -1.61
CA LEU B 748 26.44 40.62 -2.67
C LEU B 748 25.36 39.69 -3.20
N GLN B 749 24.66 39.01 -2.29
CA GLN B 749 23.63 38.07 -2.70
C GLN B 749 22.54 38.76 -3.51
N THR B 750 22.02 39.88 -3.01
CA THR B 750 20.95 40.57 -3.72
C THR B 750 21.41 41.09 -5.07
N ALA B 751 22.61 41.66 -5.12
CA ALA B 751 23.08 42.25 -6.37
C ALA B 751 23.31 41.20 -7.44
N TRP B 752 24.01 40.12 -7.09
CA TRP B 752 24.37 39.14 -8.11
C TRP B 752 23.35 38.03 -8.24
N GLY B 753 22.75 37.59 -7.14
CA GLY B 753 21.68 36.63 -7.20
C GLY B 753 20.33 37.29 -7.02
N SER B 754 19.36 36.90 -7.83
CA SER B 754 18.03 37.47 -7.70
C SER B 754 17.46 37.15 -6.33
N SER B 755 17.03 38.20 -5.62
CA SER B 755 16.51 38.05 -4.27
C SER B 755 14.99 38.09 -4.32
N TYR B 756 14.36 36.94 -4.08
CA TYR B 756 12.90 36.82 -4.10
C TYR B 756 12.35 37.49 -2.86
N VAL B 757 11.91 38.74 -3.02
CA VAL B 757 11.45 39.52 -1.88
C VAL B 757 10.08 39.03 -1.42
N ASN B 758 9.06 39.25 -2.24
CA ASN B 758 7.69 38.91 -1.89
C ASN B 758 6.90 38.75 -3.19
N ASP B 759 5.58 38.71 -3.09
CA ASP B 759 4.72 38.43 -4.23
C ASP B 759 3.95 39.68 -4.63
N PHE B 760 3.42 39.64 -5.85
CA PHE B 760 2.55 40.69 -6.35
C PHE B 760 1.42 40.06 -7.16
N MET B 761 0.32 40.78 -7.29
CA MET B 761 -0.88 40.28 -7.95
C MET B 761 -0.83 40.68 -9.42
N ASP B 762 -1.12 39.72 -10.30
CA ASP B 762 -1.09 39.96 -11.75
C ASP B 762 -2.30 39.27 -12.38
N ARG B 763 -3.34 40.04 -12.67
CA ARG B 763 -4.51 39.54 -13.38
C ARG B 763 -5.10 38.31 -12.72
N GLY B 764 -5.19 38.32 -11.40
CA GLY B 764 -5.74 37.20 -10.66
C GLY B 764 -4.76 36.12 -10.29
N ARG B 765 -3.53 36.20 -10.76
CA ARG B 765 -2.48 35.25 -10.42
C ARG B 765 -1.45 35.92 -9.53
N VAL B 766 -1.06 35.25 -8.46
CA VAL B 766 -0.03 35.76 -7.57
C VAL B 766 1.33 35.35 -8.12
N LYS B 767 2.18 36.34 -8.38
CA LYS B 767 3.47 36.11 -9.00
C LYS B 767 4.57 36.78 -8.18
N LYS B 768 5.79 36.28 -8.35
CA LYS B 768 6.91 36.66 -7.49
C LYS B 768 7.48 38.02 -7.91
N VAL B 769 8.17 38.64 -6.96
CA VAL B 769 8.89 39.90 -7.19
C VAL B 769 10.36 39.63 -6.89
N TYR B 770 11.22 39.92 -7.86
CA TYR B 770 12.66 39.67 -7.74
C TYR B 770 13.42 40.99 -7.82
N VAL B 771 14.44 41.11 -6.98
CA VAL B 771 15.32 42.27 -6.97
C VAL B 771 16.71 41.81 -7.34
N GLN B 772 17.29 42.43 -8.35
CA GLN B 772 18.62 42.04 -8.82
C GLN B 772 19.27 43.25 -9.47
N ALA B 773 20.59 43.21 -9.56
CA ALA B 773 21.32 44.28 -10.24
C ALA B 773 21.00 44.28 -11.72
N ALA B 774 21.10 45.46 -12.33
CA ALA B 774 20.93 45.55 -13.77
C ALA B 774 22.00 44.74 -14.47
N ALA B 775 21.67 44.27 -15.67
CA ALA B 775 22.57 43.37 -16.40
C ALA B 775 23.99 43.91 -16.56
N PRO B 776 24.23 45.16 -16.98
CA PRO B 776 25.61 45.58 -17.21
C PRO B 776 26.47 45.66 -15.96
N TYR B 777 25.85 45.63 -14.78
CA TYR B 777 26.58 45.80 -13.53
C TYR B 777 26.91 44.49 -12.83
N ARG B 778 26.65 43.35 -13.47
CA ARG B 778 26.99 42.06 -12.90
C ARG B 778 27.60 41.16 -13.97
N MET B 779 28.50 41.73 -14.76
CA MET B 779 29.10 40.99 -15.86
C MET B 779 30.60 40.80 -15.72
N LEU B 780 31.28 41.72 -15.15
CA LEU B 780 32.71 41.51 -15.02
C LEU B 780 33.09 41.29 -13.56
N PRO B 781 34.19 40.60 -13.30
CA PRO B 781 34.64 40.43 -11.91
C PRO B 781 34.91 41.75 -11.22
N ASP B 782 35.24 42.80 -11.97
CA ASP B 782 35.50 44.11 -11.38
C ASP B 782 34.22 44.85 -11.05
N ASP B 783 33.06 44.35 -11.47
CA ASP B 783 31.81 45.05 -11.18
C ASP B 783 31.48 45.01 -9.69
N ILE B 784 32.15 44.13 -8.93
CA ILE B 784 31.90 44.07 -7.49
C ILE B 784 32.32 45.38 -6.83
N ASN B 785 33.38 46.00 -7.35
CA ASN B 785 33.88 47.26 -6.78
C ASN B 785 32.93 48.42 -6.98
N LEU B 786 31.90 48.27 -7.80
CA LEU B 786 30.97 49.38 -8.05
C LEU B 786 29.96 49.56 -6.93
N TRP B 787 29.82 48.58 -6.05
CA TRP B 787 28.81 48.63 -5.01
C TRP B 787 29.35 49.29 -3.75
N TYR B 788 28.44 49.94 -3.02
CA TYR B 788 28.78 50.64 -1.80
C TYR B 788 27.92 50.14 -0.66
N VAL B 789 28.55 49.81 0.46
CA VAL B 789 27.82 49.42 1.67
C VAL B 789 27.82 50.61 2.61
N ARG B 790 26.87 50.66 3.53
CA ARG B 790 26.69 51.80 4.42
C ARG B 790 27.43 51.53 5.72
N ASN B 791 28.35 52.43 6.07
CA ASN B 791 29.07 52.35 7.33
C ASN B 791 28.10 52.52 8.50
N LYS B 792 28.51 52.01 9.66
CA LYS B 792 27.69 52.14 10.86
C LYS B 792 27.37 53.60 11.15
N ASP B 793 28.32 54.49 10.93
CA ASP B 793 28.06 55.91 11.12
C ASP B 793 27.01 56.41 10.15
N GLY B 794 27.08 55.97 8.89
CA GLY B 794 26.09 56.34 7.91
C GLY B 794 26.66 56.62 6.53
N GLY B 795 27.99 56.71 6.44
CA GLY B 795 28.66 56.96 5.18
C GLY B 795 28.71 55.69 4.35
N MET B 796 28.85 55.87 3.04
CA MET B 796 28.96 54.73 2.15
C MET B 796 30.42 54.31 1.99
N VAL B 797 30.63 53.00 1.97
CA VAL B 797 31.97 52.43 1.85
C VAL B 797 32.08 51.65 0.55
N PRO B 798 33.05 51.96 -0.31
CA PRO B 798 33.19 51.20 -1.56
C PRO B 798 33.56 49.75 -1.28
N PHE B 799 33.10 48.86 -2.17
CA PHE B 799 33.40 47.45 -2.02
C PHE B 799 34.87 47.14 -2.26
N SER B 800 35.59 48.01 -2.96
CA SER B 800 37.00 47.74 -3.25
C SER B 800 37.84 47.77 -1.98
N ALA B 801 37.32 48.38 -0.93
CA ALA B 801 38.10 48.53 0.31
C ALA B 801 38.38 47.19 0.94
N PHE B 802 37.40 46.29 0.97
CA PHE B 802 37.48 45.06 1.74
C PHE B 802 37.13 43.81 0.93
N ALA B 803 37.19 43.90 -0.40
CA ALA B 803 36.79 42.75 -1.20
C ALA B 803 37.82 42.53 -2.29
N THR B 804 38.06 41.26 -2.59
CA THR B 804 39.01 40.88 -3.64
C THR B 804 38.48 39.63 -4.32
N SER B 805 38.58 39.59 -5.63
CA SER B 805 38.07 38.48 -6.44
C SER B 805 39.24 37.66 -6.97
N ARG B 806 39.11 36.35 -6.90
CA ARG B 806 40.15 35.42 -7.33
C ARG B 806 39.50 34.30 -8.13
N TRP B 807 40.09 33.98 -9.28
CA TRP B 807 39.54 32.94 -10.14
C TRP B 807 39.88 31.55 -9.61
N GLU B 808 39.03 30.60 -9.96
CA GLU B 808 39.21 29.22 -9.54
C GLU B 808 38.43 28.33 -10.49
N THR B 809 38.71 27.03 -10.45
CA THR B 809 38.04 26.06 -11.30
C THR B 809 37.33 25.02 -10.43
N GLY B 810 36.11 24.68 -10.83
CA GLY B 810 35.32 23.70 -10.11
C GLY B 810 34.32 23.04 -11.05
N SER B 811 33.75 21.96 -10.59
CA SER B 811 32.85 21.19 -11.44
C SER B 811 31.43 21.66 -11.27
N PRO B 812 30.76 22.11 -12.33
CA PRO B 812 29.34 22.45 -12.23
C PRO B 812 28.46 21.29 -11.82
N ARG B 813 28.84 20.05 -12.14
CA ARG B 813 28.00 18.90 -11.82
C ARG B 813 28.85 17.68 -11.51
N LEU B 814 29.09 17.44 -10.22
CA LEU B 814 29.76 16.22 -9.81
C LEU B 814 28.76 15.08 -9.69
N GLU B 815 29.12 13.91 -10.22
CA GLU B 815 28.21 12.79 -10.24
C GLU B 815 28.89 11.54 -9.68
N ARG B 816 28.07 10.69 -9.06
CA ARG B 816 28.53 9.44 -8.47
C ARG B 816 27.66 8.30 -8.98
N TYR B 817 28.06 7.09 -8.65
CA TYR B 817 27.31 5.90 -9.06
C TYR B 817 27.72 4.73 -8.19
N ASN B 818 26.75 4.20 -7.44
CA ASN B 818 27.00 3.10 -6.52
C ASN B 818 28.13 3.41 -5.54
N GLY B 819 28.18 4.64 -5.03
CA GLY B 819 29.09 5.03 -3.99
C GLY B 819 30.43 5.52 -4.48
N TYR B 820 30.77 5.30 -5.74
CA TYR B 820 32.04 5.74 -6.29
C TYR B 820 31.82 6.96 -7.16
N SER B 821 32.74 7.93 -7.06
CA SER B 821 32.73 9.05 -7.99
C SER B 821 32.92 8.50 -9.40
N ALA B 822 32.06 8.93 -10.31
CA ALA B 822 32.01 8.30 -11.62
C ALA B 822 31.61 9.35 -12.66
N VAL B 823 31.86 9.01 -13.92
CA VAL B 823 31.43 9.80 -15.06
C VAL B 823 30.66 8.89 -15.99
N GLU B 824 29.46 9.32 -16.38
CA GLU B 824 28.60 8.51 -17.24
C GLU B 824 28.96 8.78 -18.70
N ILE B 825 29.46 7.76 -19.38
CA ILE B 825 29.81 7.86 -20.79
C ILE B 825 28.75 7.13 -21.59
N VAL B 826 28.05 7.86 -22.44
CA VAL B 826 27.03 7.30 -23.31
C VAL B 826 27.59 7.25 -24.72
N GLY B 827 27.25 6.19 -25.44
CA GLY B 827 27.73 6.03 -26.79
C GLY B 827 26.73 5.31 -27.63
N GLU B 828 27.17 4.90 -28.81
CA GLU B 828 26.31 4.18 -29.74
C GLU B 828 27.17 3.30 -30.62
N ALA B 829 26.61 2.16 -31.00
CA ALA B 829 27.32 1.23 -31.85
C ALA B 829 27.48 1.79 -33.26
N ALA B 830 28.44 1.23 -33.98
CA ALA B 830 28.65 1.58 -35.37
C ALA B 830 27.45 1.14 -36.20
N PRO B 831 27.29 1.66 -37.42
CA PRO B 831 26.14 1.28 -38.24
C PRO B 831 26.04 -0.22 -38.50
N GLY B 832 27.15 -0.93 -38.38
CA GLY B 832 27.14 -2.36 -38.63
C GLY B 832 27.18 -3.23 -37.40
N VAL B 833 27.95 -2.80 -36.39
CA VAL B 833 28.18 -3.63 -35.21
C VAL B 833 26.98 -3.57 -34.29
N SER B 834 26.92 -4.50 -33.33
CA SER B 834 25.79 -4.63 -32.42
C SER B 834 26.09 -3.96 -31.09
N THR B 835 25.05 -3.78 -30.29
CA THR B 835 25.17 -3.13 -29.00
C THR B 835 26.07 -3.93 -28.08
N GLY B 836 25.91 -5.25 -28.06
CA GLY B 836 26.78 -6.09 -27.24
C GLY B 836 28.22 -6.01 -27.68
N THR B 837 28.47 -6.03 -28.99
CA THR B 837 29.82 -5.88 -29.49
C THR B 837 30.39 -4.52 -29.13
N ALA B 838 29.57 -3.46 -29.24
CA ALA B 838 30.05 -2.12 -28.91
C ALA B 838 30.43 -2.02 -27.44
N MET B 839 29.58 -2.56 -26.56
CA MET B 839 29.90 -2.48 -25.14
C MET B 839 31.08 -3.36 -24.78
N ASP B 840 31.27 -4.47 -25.47
CA ASP B 840 32.47 -5.28 -25.25
C ASP B 840 33.72 -4.53 -25.68
N ILE B 841 33.66 -3.83 -26.82
CA ILE B 841 34.78 -3.01 -27.25
C ILE B 841 35.07 -1.92 -26.22
N MET B 842 34.02 -1.29 -25.71
CA MET B 842 34.19 -0.25 -24.70
C MET B 842 34.83 -0.82 -23.43
N GLU B 843 34.42 -2.02 -23.04
CA GLU B 843 34.98 -2.65 -21.85
C GLU B 843 36.45 -3.00 -22.07
N SER B 844 36.82 -3.40 -23.28
CA SER B 844 38.23 -3.58 -23.58
C SER B 844 38.99 -2.26 -23.51
N LEU B 845 38.34 -1.17 -23.95
CA LEU B 845 39.00 0.14 -23.94
C LEU B 845 39.29 0.60 -22.52
N VAL B 846 38.35 0.39 -21.59
CA VAL B 846 38.56 0.84 -20.23
C VAL B 846 39.69 0.09 -19.54
N LYS B 847 40.09 -1.06 -20.08
CA LYS B 847 41.24 -1.77 -19.52
C LYS B 847 42.54 -1.05 -19.83
N GLN B 848 42.55 -0.18 -20.82
CA GLN B 848 43.74 0.58 -21.20
C GLN B 848 43.90 1.86 -20.40
N LEU B 849 42.98 2.15 -19.51
CA LEU B 849 43.05 3.30 -18.62
C LEU B 849 43.97 2.99 -17.45
N PRO B 850 44.45 4.02 -16.75
CA PRO B 850 45.28 3.76 -15.57
C PRO B 850 44.55 2.91 -14.55
N ASN B 851 45.30 2.04 -13.88
CA ASN B 851 44.71 1.11 -12.92
C ASN B 851 44.00 1.87 -11.81
N GLY B 852 42.83 1.35 -11.42
CA GLY B 852 42.00 1.99 -10.44
C GLY B 852 40.69 2.53 -10.98
N PHE B 853 40.48 2.48 -12.30
CA PHE B 853 39.23 2.91 -12.91
C PHE B 853 38.52 1.69 -13.47
N GLY B 854 37.27 1.50 -13.06
CA GLY B 854 36.46 0.41 -13.55
C GLY B 854 35.14 0.93 -14.07
N LEU B 855 34.46 0.08 -14.84
CA LEU B 855 33.22 0.45 -15.51
C LEU B 855 32.08 -0.37 -14.95
N GLU B 856 30.88 0.20 -15.01
CA GLU B 856 29.66 -0.50 -14.61
C GLU B 856 28.54 -0.06 -15.53
N TRP B 857 27.75 -1.01 -16.02
CA TRP B 857 26.72 -0.73 -17.00
C TRP B 857 25.41 -0.39 -16.29
N THR B 858 24.77 0.67 -16.76
CA THR B 858 23.52 1.15 -16.20
C THR B 858 22.44 1.15 -17.28
N ALA B 859 21.19 1.35 -16.84
CA ALA B 859 20.04 1.44 -17.74
C ALA B 859 19.95 0.24 -18.68
N MET B 860 19.73 0.51 -19.97
CA MET B 860 19.50 -0.57 -20.91
C MET B 860 20.72 -1.46 -21.05
N SER B 861 21.92 -0.91 -20.85
CA SER B 861 23.12 -1.75 -20.83
C SER B 861 23.05 -2.74 -19.68
N TYR B 862 22.63 -2.28 -18.50
CA TYR B 862 22.47 -3.18 -17.36
C TYR B 862 21.44 -4.25 -17.65
N GLN B 863 20.32 -3.87 -18.24
CA GLN B 863 19.28 -4.85 -18.55
C GLN B 863 19.76 -5.86 -19.58
N GLU B 864 20.49 -5.39 -20.60
CA GLU B 864 21.02 -6.30 -21.61
C GLU B 864 22.02 -7.28 -21.01
N ARG B 865 22.88 -6.79 -20.13
CA ARG B 865 23.82 -7.70 -19.47
C ARG B 865 23.08 -8.72 -18.61
N LEU B 866 22.02 -8.31 -17.95
CA LEU B 866 21.22 -9.27 -17.19
C LEU B 866 20.61 -10.29 -18.12
N SER B 867 20.11 -9.84 -19.26
CA SER B 867 19.44 -10.75 -20.18
C SER B 867 20.36 -11.86 -20.61
N GLY B 868 21.54 -11.51 -21.09
CA GLY B 868 22.46 -12.51 -21.57
C GLY B 868 22.83 -13.49 -20.49
N ALA B 869 23.08 -12.99 -19.30
CA ALA B 869 23.49 -13.84 -18.20
C ALA B 869 22.40 -14.84 -17.84
N GLN B 870 21.17 -14.37 -17.74
CA GLN B 870 20.08 -15.24 -17.35
C GLN B 870 19.70 -16.20 -18.47
N ALA B 871 20.07 -15.85 -19.70
CA ALA B 871 19.69 -16.69 -20.84
C ALA B 871 19.93 -18.16 -20.58
N PRO B 872 21.20 -18.56 -20.39
CA PRO B 872 21.44 -20.01 -20.24
C PRO B 872 20.56 -20.66 -19.18
N ALA B 873 20.29 -19.95 -18.09
CA ALA B 873 19.39 -20.48 -17.09
C ALA B 873 18.01 -20.66 -17.67
N LEU B 874 17.52 -19.67 -18.41
CA LEU B 874 16.19 -19.75 -18.98
C LEU B 874 16.08 -20.96 -19.87
N TYR B 875 17.09 -21.19 -20.69
CA TYR B 875 17.05 -22.31 -21.61
C TYR B 875 17.09 -23.63 -20.85
N ALA B 876 18.04 -23.78 -19.93
CA ALA B 876 18.16 -25.04 -19.20
C ALA B 876 16.87 -25.38 -18.47
N ILE B 877 16.28 -24.39 -17.79
CA ILE B 877 15.05 -24.65 -17.05
C ILE B 877 13.92 -25.01 -18.00
N SER B 878 13.82 -24.31 -19.13
CA SER B 878 12.77 -24.63 -20.09
C SER B 878 12.92 -26.05 -20.64
N LEU B 879 14.16 -26.42 -20.99
CA LEU B 879 14.39 -27.78 -21.49
C LEU B 879 14.03 -28.82 -20.45
N LEU B 880 14.42 -28.59 -19.19
CA LEU B 880 14.12 -29.55 -18.13
C LEU B 880 12.62 -29.68 -17.92
N VAL B 881 11.90 -28.56 -17.95
CA VAL B 881 10.46 -28.57 -17.74
C VAL B 881 9.78 -29.34 -18.86
N VAL B 882 10.21 -29.11 -20.10
CA VAL B 882 9.63 -29.84 -21.23
C VAL B 882 9.90 -31.33 -21.09
N PHE B 883 11.14 -31.69 -20.72
CA PHE B 883 11.47 -33.10 -20.54
C PHE B 883 10.59 -33.74 -19.48
N LEU B 884 10.42 -33.06 -18.36
CA LEU B 884 9.63 -33.62 -17.27
C LEU B 884 8.17 -33.76 -17.67
N CYS B 885 7.62 -32.77 -18.37
CA CYS B 885 6.23 -32.84 -18.80
C CYS B 885 6.02 -34.00 -19.77
N LEU B 886 6.95 -34.16 -20.71
CA LEU B 886 6.83 -35.28 -21.65
C LEU B 886 6.98 -36.61 -20.95
N ALA B 887 7.88 -36.71 -19.97
CA ALA B 887 8.03 -37.95 -19.23
C ALA B 887 6.76 -38.27 -18.45
N ALA B 888 6.15 -37.27 -17.83
CA ALA B 888 4.93 -37.49 -17.07
C ALA B 888 3.78 -37.90 -17.98
N LEU B 889 3.64 -37.24 -19.13
CA LEU B 889 2.51 -37.53 -20.00
C LEU B 889 2.59 -38.94 -20.59
N TYR B 890 3.78 -39.34 -21.03
CA TYR B 890 3.94 -40.63 -21.69
C TYR B 890 4.44 -41.72 -20.76
N GLU B 891 4.65 -41.40 -19.49
CA GLU B 891 5.05 -42.39 -18.47
C GLU B 891 6.27 -43.18 -18.91
N SER B 892 7.27 -42.46 -19.42
CA SER B 892 8.50 -43.09 -19.85
C SER B 892 9.64 -42.08 -19.74
N TRP B 893 10.85 -42.61 -19.58
CA TRP B 893 12.06 -41.81 -19.66
C TRP B 893 12.72 -41.92 -21.03
N SER B 894 12.19 -42.76 -21.93
CA SER B 894 12.78 -42.96 -23.24
C SER B 894 12.13 -42.10 -24.30
N VAL B 895 10.80 -41.98 -24.28
CA VAL B 895 10.11 -41.10 -25.22
C VAL B 895 10.55 -39.64 -25.08
N PRO B 896 10.51 -39.04 -23.88
CA PRO B 896 10.97 -37.64 -23.79
C PRO B 896 12.43 -37.45 -24.17
N PHE B 897 13.28 -38.43 -23.88
CA PHE B 897 14.69 -38.31 -24.24
C PHE B 897 14.86 -38.35 -25.75
N SER B 898 14.13 -39.25 -26.43
CA SER B 898 14.20 -39.31 -27.88
C SER B 898 13.65 -38.04 -28.51
N VAL B 899 12.56 -37.51 -27.94
CA VAL B 899 11.98 -36.27 -28.46
C VAL B 899 12.95 -35.11 -28.25
N MET B 900 13.58 -35.04 -27.09
CA MET B 900 14.41 -33.89 -26.75
C MET B 900 15.64 -33.80 -27.64
N LEU B 901 16.05 -34.91 -28.26
CA LEU B 901 17.22 -34.89 -29.11
C LEU B 901 17.01 -34.08 -30.39
N VAL B 902 15.75 -33.75 -30.71
CA VAL B 902 15.49 -33.01 -31.94
C VAL B 902 15.65 -31.51 -31.71
N VAL B 903 15.71 -31.07 -30.46
CA VAL B 903 15.78 -29.66 -30.12
C VAL B 903 16.96 -28.98 -30.82
N PRO B 904 18.17 -29.56 -30.83
CA PRO B 904 19.25 -28.92 -31.58
C PRO B 904 18.96 -28.76 -33.07
N LEU B 905 18.12 -29.62 -33.64
CA LEU B 905 17.87 -29.54 -35.08
C LEU B 905 17.10 -28.28 -35.45
N GLY B 906 16.36 -27.70 -34.51
CA GLY B 906 15.67 -26.45 -34.78
C GLY B 906 16.53 -25.26 -34.41
N VAL B 907 17.29 -25.40 -33.33
CA VAL B 907 18.14 -24.30 -32.88
C VAL B 907 19.17 -23.96 -33.93
N ILE B 908 19.70 -24.96 -34.61
CA ILE B 908 20.71 -24.73 -35.65
C ILE B 908 20.06 -23.92 -36.77
N GLY B 909 18.82 -24.24 -37.12
CA GLY B 909 18.14 -23.49 -38.17
C GLY B 909 17.87 -22.06 -37.77
N ALA B 910 17.41 -21.85 -36.53
CA ALA B 910 17.17 -20.49 -36.06
C ALA B 910 18.45 -19.68 -36.04
N LEU B 911 19.53 -20.26 -35.55
CA LEU B 911 20.81 -19.57 -35.52
C LEU B 911 21.29 -19.23 -36.92
N LEU B 912 21.17 -20.18 -37.86
CA LEU B 912 21.61 -19.93 -39.22
C LEU B 912 20.80 -18.81 -39.86
N ALA B 913 19.48 -18.83 -39.67
CA ALA B 913 18.64 -17.79 -40.26
C ALA B 913 18.98 -16.42 -39.68
N THR B 914 19.12 -16.34 -38.36
CA THR B 914 19.45 -15.05 -37.75
C THR B 914 20.82 -14.56 -38.21
N TRP B 915 21.79 -15.46 -38.31
CA TRP B 915 23.13 -15.08 -38.74
C TRP B 915 23.13 -14.61 -40.19
N MET B 916 22.38 -15.28 -41.06
CA MET B 916 22.35 -14.91 -42.47
C MET B 916 21.63 -13.58 -42.67
N ARG B 917 20.52 -13.36 -41.96
CA ARG B 917 19.78 -12.11 -42.13
C ARG B 917 20.49 -10.93 -41.49
N GLY B 918 21.54 -11.16 -40.71
CA GLY B 918 22.25 -10.08 -40.07
C GLY B 918 21.67 -9.62 -38.75
N LEU B 919 20.66 -10.30 -38.24
CA LEU B 919 20.07 -9.92 -36.96
C LEU B 919 21.00 -10.31 -35.81
N GLU B 920 20.52 -10.09 -34.60
CA GLU B 920 21.34 -10.23 -33.41
C GLU B 920 20.62 -11.08 -32.37
N ASN B 921 21.40 -11.61 -31.43
CA ASN B 921 20.89 -12.47 -30.36
C ASN B 921 20.31 -11.58 -29.27
N ASP B 922 19.11 -11.06 -29.53
CA ASP B 922 18.46 -10.18 -28.57
C ASP B 922 17.35 -10.87 -27.81
N VAL B 923 16.55 -10.10 -27.07
CA VAL B 923 15.48 -10.69 -26.29
C VAL B 923 14.50 -11.40 -27.19
N TYR B 924 14.19 -10.79 -28.33
CA TYR B 924 13.26 -11.41 -29.26
C TYR B 924 13.81 -12.73 -29.76
N PHE B 925 15.11 -12.78 -30.01
CA PHE B 925 15.72 -14.03 -30.45
C PHE B 925 15.57 -15.07 -29.37
N GLN B 926 15.73 -14.65 -28.13
CA GLN B 926 15.62 -15.58 -27.02
C GLN B 926 14.24 -16.21 -27.00
N VAL B 927 13.20 -15.37 -27.06
CA VAL B 927 11.84 -15.88 -27.02
C VAL B 927 11.56 -16.73 -28.25
N GLY B 928 12.21 -16.41 -29.36
CA GLY B 928 12.05 -17.19 -30.57
C GLY B 928 12.64 -18.57 -30.36
N LEU B 929 13.90 -18.64 -29.98
CA LEU B 929 14.52 -19.93 -29.70
C LEU B 929 13.60 -20.81 -28.87
N LEU B 930 12.92 -20.23 -27.87
CA LEU B 930 11.96 -21.01 -27.11
C LEU B 930 10.85 -21.55 -28.01
N THR B 931 10.33 -20.71 -28.90
CA THR B 931 9.29 -21.16 -29.82
C THR B 931 9.80 -22.28 -30.73
N VAL B 932 11.03 -22.14 -31.21
CA VAL B 932 11.60 -23.16 -32.09
C VAL B 932 11.77 -24.48 -31.36
N ILE B 933 12.21 -24.42 -30.10
CA ILE B 933 12.28 -25.62 -29.27
C ILE B 933 10.92 -26.29 -29.18
N GLY B 934 9.88 -25.49 -28.92
CA GLY B 934 8.54 -26.04 -28.85
C GLY B 934 8.11 -26.70 -30.14
N LEU B 935 8.37 -26.05 -31.27
CA LEU B 935 7.93 -26.59 -32.56
C LEU B 935 8.67 -27.87 -32.92
N SER B 936 9.98 -27.90 -32.67
CA SER B 936 10.74 -29.12 -32.92
C SER B 936 10.25 -30.26 -32.06
N ALA B 937 9.97 -29.99 -30.78
CA ALA B 937 9.40 -31.01 -29.93
C ALA B 937 8.03 -31.44 -30.44
N LYS B 938 7.28 -30.52 -31.04
CA LYS B 938 5.98 -30.87 -31.59
C LYS B 938 6.11 -31.88 -32.72
N ASN B 939 7.05 -31.64 -33.65
CA ASN B 939 7.25 -32.60 -34.73
C ASN B 939 7.73 -33.94 -34.20
N ALA B 940 8.67 -33.91 -33.26
CA ALA B 940 9.17 -35.14 -32.68
C ALA B 940 8.05 -35.92 -32.01
N ILE B 941 7.13 -35.21 -31.34
CA ILE B 941 5.97 -35.87 -30.75
C ILE B 941 5.09 -36.48 -31.81
N LEU B 942 4.79 -35.70 -32.87
CA LEU B 942 3.91 -36.20 -33.92
C LEU B 942 4.40 -37.51 -34.51
N ILE B 943 5.71 -37.72 -34.53
CA ILE B 943 6.19 -39.03 -34.99
C ILE B 943 6.25 -40.04 -33.85
N VAL B 944 6.90 -39.66 -32.74
CA VAL B 944 7.28 -40.62 -31.71
C VAL B 944 6.06 -41.17 -30.99
N GLU B 945 5.03 -40.35 -30.77
CA GLU B 945 3.86 -40.83 -30.06
C GLU B 945 3.21 -42.00 -30.80
N PHE B 946 2.98 -41.83 -32.10
CA PHE B 946 2.38 -42.91 -32.88
C PHE B 946 3.32 -44.11 -32.97
N ALA B 947 4.62 -43.86 -33.16
CA ALA B 947 5.55 -44.98 -33.24
C ALA B 947 5.57 -45.78 -31.95
N ASN B 948 5.57 -45.09 -30.81
CA ASN B 948 5.59 -45.75 -29.51
C ASN B 948 4.30 -46.51 -29.26
N GLU B 949 3.16 -45.92 -29.64
CA GLU B 949 1.88 -46.62 -29.48
C GLU B 949 1.86 -47.90 -30.29
N MET B 950 2.31 -47.83 -31.54
CA MET B 950 2.34 -49.03 -32.38
C MET B 950 3.31 -50.06 -31.83
N ASN B 951 4.44 -49.61 -31.27
CA ASN B 951 5.37 -50.53 -30.65
C ASN B 951 4.74 -51.23 -29.46
N GLN B 952 3.99 -50.48 -28.66
CA GLN B 952 3.29 -51.06 -27.52
C GLN B 952 2.25 -52.08 -27.98
N LYS B 953 1.61 -51.82 -29.12
CA LYS B 953 0.64 -52.78 -29.65
C LYS B 953 1.30 -54.12 -29.95
N GLY B 954 2.52 -54.10 -30.50
CA GLY B 954 3.23 -55.32 -30.80
C GLY B 954 3.99 -55.27 -32.11
N HIS B 955 3.83 -54.18 -32.86
CA HIS B 955 4.50 -54.04 -34.13
C HIS B 955 6.01 -53.96 -33.94
N ASP B 956 6.75 -54.43 -34.94
CA ASP B 956 8.20 -54.33 -34.90
C ASP B 956 8.61 -52.86 -34.86
N LEU B 957 9.76 -52.60 -34.22
CA LEU B 957 10.21 -51.23 -34.05
C LEU B 957 10.40 -50.54 -35.40
N PHE B 958 11.10 -51.20 -36.32
CA PHE B 958 11.29 -50.62 -37.65
C PHE B 958 9.97 -50.43 -38.37
N GLU B 959 9.11 -51.45 -38.33
CA GLU B 959 7.82 -51.34 -38.99
C GLU B 959 6.97 -50.24 -38.39
N ALA B 960 6.97 -50.16 -37.05
CA ALA B 960 6.18 -49.13 -36.38
C ALA B 960 6.68 -47.73 -36.76
N THR B 961 7.99 -47.53 -36.75
CA THR B 961 8.53 -46.21 -37.10
C THR B 961 8.24 -45.86 -38.55
N LEU B 962 8.40 -46.82 -39.46
CA LEU B 962 8.12 -46.54 -40.87
C LEU B 962 6.65 -46.22 -41.08
N HIS B 963 5.76 -46.95 -40.41
CA HIS B 963 4.34 -46.67 -40.54
C HIS B 963 4.01 -45.30 -39.99
N ALA B 964 4.61 -44.94 -38.85
CA ALA B 964 4.37 -43.62 -38.26
C ALA B 964 4.85 -42.52 -39.19
N CYS B 965 6.03 -42.70 -39.80
CA CYS B 965 6.53 -41.70 -40.73
C CYS B 965 5.64 -41.59 -41.95
N ARG B 966 5.18 -42.71 -42.49
CA ARG B 966 4.35 -42.69 -43.68
C ARG B 966 3.02 -42.00 -43.41
N GLN B 967 2.38 -42.34 -42.29
CA GLN B 967 1.05 -41.78 -42.02
C GLN B 967 1.12 -40.31 -41.63
N ARG B 968 2.03 -39.94 -40.74
CA ARG B 968 2.03 -38.61 -40.15
C ARG B 968 3.10 -37.70 -40.75
N LEU B 969 3.50 -37.98 -41.99
CA LEU B 969 4.31 -37.01 -42.72
C LEU B 969 3.48 -35.80 -43.11
N ARG B 970 2.27 -36.04 -43.63
CA ARG B 970 1.43 -34.94 -44.09
C ARG B 970 1.01 -34.00 -42.97
N PRO B 971 0.55 -34.48 -41.79
CA PRO B 971 0.26 -33.52 -40.72
C PRO B 971 1.46 -32.69 -40.31
N ILE B 972 2.64 -33.30 -40.26
CA ILE B 972 3.85 -32.56 -39.89
C ILE B 972 4.13 -31.48 -40.91
N LEU B 973 4.07 -31.83 -42.20
CA LEU B 973 4.31 -30.84 -43.24
C LEU B 973 3.27 -29.74 -43.20
N MET B 974 2.00 -30.10 -43.00
CA MET B 974 0.94 -29.10 -42.96
C MET B 974 1.17 -28.10 -41.84
N THR B 975 1.41 -28.61 -40.63
CA THR B 975 1.61 -27.70 -39.49
C THR B 975 2.87 -26.88 -39.65
N SER B 976 3.95 -27.49 -40.14
CA SER B 976 5.20 -26.76 -40.31
C SER B 976 5.05 -25.64 -41.34
N LEU B 977 4.44 -25.95 -42.48
CA LEU B 977 4.26 -24.92 -43.51
C LEU B 977 3.29 -23.86 -43.04
N ALA B 978 2.26 -24.25 -42.28
CA ALA B 978 1.34 -23.27 -41.73
C ALA B 978 2.08 -22.28 -40.84
N PHE B 979 2.95 -22.79 -39.97
CA PHE B 979 3.73 -21.90 -39.12
C PHE B 979 4.66 -21.02 -39.94
N ILE B 980 5.33 -21.62 -40.93
CA ILE B 980 6.29 -20.87 -41.73
C ILE B 980 5.61 -19.73 -42.46
N PHE B 981 4.46 -19.98 -43.07
CA PHE B 981 3.74 -18.96 -43.80
C PHE B 981 2.92 -18.05 -42.90
N GLY B 982 2.74 -18.39 -41.63
CA GLY B 982 2.16 -17.45 -40.70
C GLY B 982 3.20 -16.50 -40.14
N VAL B 983 4.46 -16.93 -40.16
CA VAL B 983 5.56 -16.08 -39.74
C VAL B 983 6.13 -15.26 -40.89
N LEU B 984 5.97 -15.72 -42.13
CA LEU B 984 6.52 -14.99 -43.28
C LEU B 984 6.12 -13.53 -43.34
N PRO B 985 4.87 -13.13 -43.08
CA PRO B 985 4.57 -11.69 -43.07
C PRO B 985 5.36 -10.91 -42.04
N MET B 986 5.70 -11.52 -40.90
CA MET B 986 6.54 -10.82 -39.93
C MET B 986 7.93 -10.58 -40.47
N ALA B 987 8.55 -11.63 -41.01
CA ALA B 987 9.93 -11.51 -41.48
C ALA B 987 10.05 -10.52 -42.63
N THR B 988 8.97 -10.32 -43.38
CA THR B 988 8.99 -9.45 -44.55
C THR B 988 8.18 -8.19 -44.38
N SER B 989 7.78 -7.84 -43.15
CA SER B 989 7.00 -6.64 -42.94
C SER B 989 7.84 -5.41 -43.26
N THR B 990 7.20 -4.40 -43.85
CA THR B 990 7.88 -3.20 -44.31
C THR B 990 7.16 -1.96 -43.80
N GLY B 991 6.78 -1.97 -42.53
CA GLY B 991 6.06 -0.86 -41.94
C GLY B 991 6.76 -0.40 -40.68
N ALA B 992 6.08 0.46 -39.94
CA ALA B 992 6.61 0.97 -38.68
C ALA B 992 6.78 -0.16 -37.69
N GLY B 993 7.87 -0.13 -36.94
CA GLY B 993 8.15 -1.20 -36.00
C GLY B 993 8.53 -2.51 -36.63
N SER B 994 9.05 -2.49 -37.86
CA SER B 994 9.37 -3.73 -38.55
C SER B 994 10.60 -4.41 -37.97
N GLY B 995 11.43 -3.67 -37.24
CA GLY B 995 12.63 -4.27 -36.66
C GLY B 995 12.32 -5.38 -35.69
N GLY B 996 11.38 -5.13 -34.77
CA GLY B 996 10.99 -6.17 -33.84
C GLY B 996 10.33 -7.35 -34.54
N GLN B 997 9.53 -7.06 -35.57
CA GLN B 997 8.89 -8.13 -36.32
C GLN B 997 9.92 -9.02 -36.98
N HIS B 998 10.93 -8.41 -37.61
CA HIS B 998 12.01 -9.19 -38.20
C HIS B 998 12.74 -10.01 -37.15
N ALA B 999 13.02 -9.41 -36.00
CA ALA B 999 13.75 -10.11 -34.95
C ALA B 999 12.99 -11.33 -34.45
N VAL B 1000 11.67 -11.19 -34.27
CA VAL B 1000 10.90 -12.33 -33.78
C VAL B 1000 10.58 -13.32 -34.88
N GLY B 1001 10.62 -12.91 -36.14
CA GLY B 1001 10.15 -13.78 -37.19
C GLY B 1001 11.22 -14.54 -37.94
N THR B 1002 12.36 -13.91 -38.21
CA THR B 1002 13.39 -14.56 -39.00
C THR B 1002 13.91 -15.80 -38.31
N GLY B 1003 14.28 -15.68 -37.03
CA GLY B 1003 14.81 -16.82 -36.30
C GLY B 1003 13.79 -17.93 -36.17
N VAL B 1004 12.54 -17.58 -35.90
CA VAL B 1004 11.49 -18.57 -35.76
C VAL B 1004 11.28 -19.33 -37.07
N MET B 1005 11.20 -18.60 -38.18
CA MET B 1005 10.99 -19.25 -39.47
C MET B 1005 12.16 -20.14 -39.84
N GLY B 1006 13.39 -19.67 -39.60
CA GLY B 1006 14.55 -20.49 -39.89
C GLY B 1006 14.61 -21.73 -39.04
N GLY B 1007 14.23 -21.61 -37.77
CA GLY B 1007 14.20 -22.77 -36.89
C GLY B 1007 13.16 -23.78 -37.32
N MET B 1008 11.99 -23.30 -37.75
CA MET B 1008 10.93 -24.20 -38.16
C MET B 1008 11.27 -24.89 -39.48
N ILE B 1009 12.00 -24.19 -40.36
CA ILE B 1009 12.39 -24.80 -41.63
C ILE B 1009 13.33 -25.98 -41.39
N SER B 1010 14.31 -25.80 -40.49
CA SER B 1010 15.25 -26.88 -40.22
C SER B 1010 14.59 -28.01 -39.44
N ALA B 1011 13.72 -27.66 -38.50
CA ALA B 1011 13.05 -28.65 -37.66
C ALA B 1011 11.94 -29.38 -38.39
N THR B 1012 11.81 -29.22 -39.71
CA THR B 1012 10.86 -29.98 -40.50
C THR B 1012 11.50 -30.70 -41.67
N ILE B 1013 12.76 -30.41 -41.99
CA ILE B 1013 13.50 -31.20 -42.98
C ILE B 1013 14.57 -32.06 -42.33
N LEU B 1014 14.88 -31.84 -41.07
CA LEU B 1014 15.79 -32.70 -40.31
C LEU B 1014 15.08 -33.57 -39.30
N ALA B 1015 13.98 -33.08 -38.71
CA ALA B 1015 13.25 -33.89 -37.75
C ALA B 1015 12.66 -35.13 -38.40
N ILE B 1016 12.09 -34.98 -39.59
CA ILE B 1016 11.40 -36.07 -40.27
C ILE B 1016 12.37 -37.22 -40.56
N TYR B 1017 13.67 -36.92 -40.55
CA TYR B 1017 14.70 -37.93 -40.77
C TYR B 1017 15.38 -38.37 -39.48
N PHE B 1018 15.80 -37.42 -38.65
CA PHE B 1018 16.58 -37.79 -37.46
C PHE B 1018 15.70 -38.38 -36.37
N VAL B 1019 14.47 -37.89 -36.22
CA VAL B 1019 13.60 -38.38 -35.15
C VAL B 1019 13.39 -39.88 -35.20
N PRO B 1020 13.09 -40.50 -36.35
CA PRO B 1020 13.00 -41.97 -36.38
C PRO B 1020 14.28 -42.65 -35.93
N LEU B 1021 15.44 -42.11 -36.32
CA LEU B 1021 16.70 -42.71 -35.91
C LEU B 1021 16.89 -42.62 -34.41
N PHE B 1022 16.57 -41.47 -33.82
CA PHE B 1022 16.67 -41.32 -32.37
C PHE B 1022 15.73 -42.29 -31.67
N PHE B 1023 14.51 -42.43 -32.18
CA PHE B 1023 13.54 -43.30 -31.54
C PHE B 1023 13.99 -44.76 -31.60
N VAL B 1024 14.45 -45.21 -32.77
CA VAL B 1024 14.86 -46.61 -32.88
C VAL B 1024 16.09 -46.86 -32.02
N LEU B 1025 17.02 -45.90 -31.98
CA LEU B 1025 18.22 -46.09 -31.17
C LEU B 1025 17.88 -46.18 -29.69
N VAL B 1026 17.04 -45.26 -29.20
CA VAL B 1026 16.69 -45.27 -27.79
C VAL B 1026 15.90 -46.52 -27.44
N ARG B 1027 14.96 -46.91 -28.29
CA ARG B 1027 14.16 -48.10 -28.02
C ARG B 1027 15.01 -49.36 -28.03
N ARG B 1028 15.95 -49.48 -28.96
CA ARG B 1028 16.82 -50.64 -28.96
C ARG B 1028 17.70 -50.67 -27.73
N ARG B 1029 18.18 -49.51 -27.30
CA ARG B 1029 18.98 -49.46 -26.08
C ARG B 1029 18.16 -49.86 -24.85
N PHE B 1030 16.90 -49.41 -24.78
CA PHE B 1030 16.01 -49.70 -23.67
C PHE B 1030 14.74 -50.35 -24.23
N PRO B 1031 14.75 -51.65 -24.44
CA PRO B 1031 13.58 -52.31 -25.05
C PRO B 1031 12.34 -52.21 -24.17
N LEU B 1032 11.19 -52.18 -24.81
CA LEU B 1032 9.94 -52.04 -24.07
C LEU B 1032 9.60 -53.28 -23.26
N LYS B 1033 8.82 -53.10 -22.20
CA LYS B 1033 8.44 -54.22 -21.35
C LYS B 1033 9.64 -55.12 -21.08
N MET C 1 -22.63 -39.25 -7.49
CA MET C 1 -22.63 -38.20 -6.48
C MET C 1 -23.86 -38.29 -5.59
N ALA C 2 -25.04 -38.21 -6.21
CA ALA C 2 -26.29 -38.29 -5.45
C ALA C 2 -26.41 -39.62 -4.72
N ASN C 3 -26.08 -40.72 -5.40
CA ASN C 3 -26.17 -42.04 -4.77
C ASN C 3 -25.20 -42.14 -3.60
N PHE C 4 -24.01 -41.57 -3.73
CA PHE C 4 -23.01 -41.62 -2.68
C PHE C 4 -23.54 -41.02 -1.38
N PHE C 5 -24.19 -39.85 -1.47
CA PHE C 5 -24.70 -39.22 -0.27
C PHE C 5 -26.03 -39.82 0.17
N ILE C 6 -26.76 -40.44 -0.75
CA ILE C 6 -27.96 -41.17 -0.37
C ILE C 6 -27.60 -42.34 0.54
N ASP C 7 -26.53 -43.05 0.19
CA ASP C 7 -26.06 -44.17 1.01
C ASP C 7 -25.30 -43.70 2.25
N ARG C 8 -24.89 -42.44 2.32
CA ARG C 8 -24.11 -41.91 3.44
C ARG C 8 -24.72 -40.60 3.90
N PRO C 9 -25.87 -40.66 4.60
CA PRO C 9 -26.49 -39.40 5.07
C PRO C 9 -25.64 -38.63 6.05
N ILE C 10 -24.85 -39.32 6.88
CA ILE C 10 -24.05 -38.63 7.89
C ILE C 10 -23.04 -37.71 7.23
N PHE C 11 -22.48 -38.14 6.10
CA PHE C 11 -21.53 -37.30 5.38
C PHE C 11 -22.19 -36.01 4.90
N ALA C 12 -23.41 -36.12 4.36
CA ALA C 12 -24.13 -34.93 3.91
C ALA C 12 -24.44 -34.01 5.08
N TRP C 13 -24.87 -34.58 6.20
CA TRP C 13 -25.13 -33.77 7.38
C TRP C 13 -23.88 -33.06 7.86
N VAL C 14 -22.74 -33.76 7.82
CA VAL C 14 -21.47 -33.16 8.24
C VAL C 14 -21.12 -31.99 7.34
N LEU C 15 -21.30 -32.16 6.03
CA LEU C 15 -21.02 -31.07 5.10
C LEU C 15 -21.93 -29.87 5.36
N ALA C 16 -23.21 -30.14 5.59
CA ALA C 16 -24.16 -29.05 5.86
C ALA C 16 -23.79 -28.31 7.14
N ILE C 17 -23.44 -29.05 8.18
CA ILE C 17 -23.11 -28.42 9.46
C ILE C 17 -21.81 -27.62 9.34
N LEU C 18 -20.85 -28.13 8.56
CA LEU C 18 -19.63 -27.38 8.32
C LEU C 18 -19.92 -26.08 7.59
N LEU C 19 -20.81 -26.13 6.60
CA LEU C 19 -21.21 -24.91 5.91
C LEU C 19 -21.86 -23.92 6.87
N CYS C 20 -22.74 -24.42 7.74
CA CYS C 20 -23.40 -23.53 8.69
C CYS C 20 -22.39 -22.91 9.66
N LEU C 21 -21.42 -23.70 10.12
CA LEU C 21 -20.42 -23.18 11.05
C LEU C 21 -19.56 -22.11 10.37
N THR C 22 -19.12 -22.37 9.14
CA THR C 22 -18.33 -21.37 8.43
C THR C 22 -19.14 -20.11 8.18
N GLY C 23 -20.43 -20.26 7.86
CA GLY C 23 -21.28 -19.10 7.69
C GLY C 23 -21.43 -18.29 8.96
N THR C 24 -21.58 -18.97 10.10
CA THR C 24 -21.68 -18.27 11.38
C THR C 24 -20.41 -17.50 11.69
N LEU C 25 -19.25 -18.14 11.46
CA LEU C 25 -17.99 -17.45 11.70
C LEU C 25 -17.83 -16.25 10.78
N ALA C 26 -18.21 -16.40 9.50
CA ALA C 26 -18.13 -15.29 8.57
C ALA C 26 -19.05 -14.15 8.99
N ILE C 27 -20.27 -14.48 9.42
CA ILE C 27 -21.21 -13.45 9.89
C ILE C 27 -20.59 -12.69 11.05
N PHE C 28 -19.99 -13.40 11.99
CA PHE C 28 -19.36 -12.73 13.12
C PHE C 28 -18.18 -11.88 12.68
N SER C 29 -17.52 -12.26 11.58
CA SER C 29 -16.35 -11.52 11.14
C SER C 29 -16.69 -10.47 10.09
N LEU C 30 -17.83 -10.61 9.42
CA LEU C 30 -18.16 -9.73 8.31
C LEU C 30 -18.40 -8.30 8.79
N PRO C 31 -17.89 -7.29 8.10
CA PRO C 31 -18.25 -5.91 8.43
C PRO C 31 -19.69 -5.61 8.05
N VAL C 32 -20.23 -4.57 8.67
CA VAL C 32 -21.60 -4.14 8.41
C VAL C 32 -21.56 -2.73 7.84
N GLU C 33 -22.28 -2.52 6.75
CA GLU C 33 -22.34 -1.22 6.08
C GLU C 33 -23.75 -1.00 5.58
N GLN C 34 -24.00 0.22 5.07
CA GLN C 34 -25.25 0.47 4.39
C GLN C 34 -25.10 0.30 2.88
N TYR C 35 -24.01 0.79 2.32
CA TYR C 35 -23.67 0.64 0.92
C TYR C 35 -22.21 0.25 0.79
N PRO C 36 -21.86 -0.53 -0.23
CA PRO C 36 -20.53 -1.13 -0.31
C PRO C 36 -19.44 -0.14 -0.74
N ASP C 37 -19.21 0.87 0.09
CA ASP C 37 -18.11 1.82 -0.09
C ASP C 37 -18.15 2.44 -1.49
N LEU C 38 -19.25 3.14 -1.77
CA LEU C 38 -19.41 3.85 -3.02
C LEU C 38 -18.82 5.26 -2.95
N ALA C 39 -18.34 5.66 -1.81
CA ALA C 39 -17.81 7.01 -1.61
C ALA C 39 -16.36 7.09 -2.08
N PRO C 40 -16.05 8.03 -2.96
CA PRO C 40 -14.67 8.23 -3.37
C PRO C 40 -13.84 8.75 -2.22
N PRO C 41 -12.57 8.34 -2.13
CA PRO C 41 -11.71 8.86 -1.06
C PRO C 41 -11.52 10.36 -1.18
N ASN C 42 -11.42 11.03 -0.04
CA ASN C 42 -11.26 12.48 0.01
C ASN C 42 -10.05 12.82 0.87
N VAL C 43 -9.33 13.87 0.47
CA VAL C 43 -8.21 14.38 1.22
C VAL C 43 -8.37 15.89 1.37
N ARG C 44 -8.25 16.38 2.60
CA ARG C 44 -8.47 17.79 2.90
C ARG C 44 -7.20 18.39 3.48
N VAL C 45 -6.77 19.51 2.90
CA VAL C 45 -5.65 20.29 3.42
C VAL C 45 -6.21 21.57 4.01
N THR C 46 -6.13 21.70 5.33
CA THR C 46 -6.74 22.81 6.04
C THR C 46 -5.66 23.72 6.62
N ALA C 47 -5.78 25.01 6.32
CA ALA C 47 -4.87 26.02 6.85
C ALA C 47 -5.67 27.10 7.53
N ASN C 48 -5.16 27.56 8.67
CA ASN C 48 -5.83 28.58 9.48
C ASN C 48 -4.93 29.80 9.57
N TYR C 49 -5.42 30.94 9.09
CA TYR C 49 -4.74 32.21 9.19
C TYR C 49 -5.62 33.14 10.02
N PRO C 50 -5.37 33.29 11.32
CA PRO C 50 -6.32 34.02 12.17
C PRO C 50 -6.42 35.48 11.77
N GLY C 51 -7.65 35.98 11.68
CA GLY C 51 -7.89 37.36 11.33
C GLY C 51 -7.64 37.72 9.89
N ALA C 52 -7.42 36.73 9.03
CA ALA C 52 -7.14 37.00 7.63
C ALA C 52 -8.44 37.32 6.90
N SER C 53 -8.33 37.66 5.63
CA SER C 53 -9.48 37.94 4.78
C SER C 53 -9.64 36.80 3.78
N ALA C 54 -10.81 36.75 3.14
CA ALA C 54 -11.03 35.75 2.12
C ALA C 54 -10.06 35.93 0.95
N GLN C 55 -9.88 37.17 0.50
CA GLN C 55 -8.95 37.44 -0.58
C GLN C 55 -7.51 37.16 -0.16
N THR C 56 -7.15 37.55 1.05
CA THR C 56 -5.80 37.31 1.56
C THR C 56 -5.48 35.82 1.57
N LEU C 57 -6.42 35.02 2.08
CA LEU C 57 -6.23 33.57 2.08
C LEU C 57 -6.15 33.02 0.67
N GLU C 58 -7.07 33.45 -0.20
CA GLU C 58 -7.10 32.89 -1.54
C GLU C 58 -5.84 33.25 -2.31
N ASN C 59 -5.18 34.35 -1.94
CA ASN C 59 -3.94 34.73 -2.61
C ASN C 59 -2.74 34.01 -2.01
N THR C 60 -2.60 34.03 -0.68
CA THR C 60 -1.35 33.59 -0.07
C THR C 60 -1.33 32.10 0.25
N VAL C 61 -2.48 31.45 0.37
CA VAL C 61 -2.52 30.07 0.81
C VAL C 61 -3.18 29.18 -0.21
N THR C 62 -4.45 29.45 -0.52
CA THR C 62 -5.24 28.53 -1.34
C THR C 62 -4.65 28.37 -2.73
N GLN C 63 -4.27 29.47 -3.37
CA GLN C 63 -3.67 29.39 -4.69
C GLN C 63 -2.32 28.69 -4.64
N VAL C 64 -1.53 28.96 -3.59
CA VAL C 64 -0.21 28.37 -3.47
C VAL C 64 -0.31 26.86 -3.35
N ILE C 65 -1.25 26.38 -2.55
CA ILE C 65 -1.43 24.94 -2.39
C ILE C 65 -1.87 24.30 -3.70
N GLU C 66 -2.78 24.95 -4.42
CA GLU C 66 -3.29 24.38 -5.66
C GLU C 66 -2.18 24.25 -6.69
N GLN C 67 -1.30 25.25 -6.79
CA GLN C 67 -0.23 25.21 -7.77
C GLN C 67 0.69 24.02 -7.56
N ASN C 68 0.77 23.52 -6.33
CA ASN C 68 1.65 22.40 -6.04
C ASN C 68 0.94 21.05 -6.08
N MET C 69 -0.39 21.03 -6.01
CA MET C 69 -1.14 19.78 -6.08
C MET C 69 -1.12 19.29 -7.53
N THR C 70 0.02 18.74 -7.93
CA THR C 70 0.23 18.30 -9.29
C THR C 70 0.75 16.86 -9.29
N GLY C 71 0.34 16.10 -10.29
CA GLY C 71 0.79 14.74 -10.44
C GLY C 71 0.12 13.73 -9.52
N LEU C 72 -0.95 14.11 -8.84
CA LEU C 72 -1.66 13.18 -7.98
C LEU C 72 -2.38 12.15 -8.83
N ASP C 73 -2.25 10.88 -8.43
CA ASP C 73 -2.84 9.79 -9.20
C ASP C 73 -4.33 9.68 -8.92
N ASN C 74 -5.11 9.44 -9.98
CA ASN C 74 -6.55 9.20 -9.88
C ASN C 74 -7.29 10.37 -9.24
N LEU C 75 -6.81 11.58 -9.50
CA LEU C 75 -7.43 12.78 -8.95
C LEU C 75 -8.62 13.13 -9.83
N MET C 76 -9.84 12.87 -9.32
CA MET C 76 -11.04 13.22 -10.06
C MET C 76 -11.18 14.73 -10.17
N TYR C 77 -11.26 15.41 -9.03
CA TYR C 77 -11.40 16.86 -9.01
C TYR C 77 -10.99 17.35 -7.63
N MET C 78 -10.61 18.62 -7.56
CA MET C 78 -10.27 19.25 -6.30
C MET C 78 -11.12 20.51 -6.13
N SER C 79 -11.66 20.68 -4.94
CA SER C 79 -12.46 21.85 -4.59
C SER C 79 -11.81 22.55 -3.41
N SER C 80 -11.60 23.85 -3.52
CA SER C 80 -10.97 24.64 -2.48
C SER C 80 -11.82 25.85 -2.16
N GLN C 81 -11.78 26.27 -0.90
CA GLN C 81 -12.54 27.43 -0.45
C GLN C 81 -11.70 28.25 0.51
N SER C 82 -11.79 29.57 0.39
CA SER C 82 -11.08 30.51 1.26
C SER C 82 -12.11 31.38 1.93
N SER C 83 -12.26 31.22 3.25
CA SER C 83 -13.30 31.91 4.00
C SER C 83 -12.71 33.08 4.77
N GLY C 84 -13.55 34.07 5.05
CA GLY C 84 -13.12 35.23 5.81
C GLY C 84 -12.93 34.95 7.28
N THR C 85 -13.36 33.78 7.76
CA THR C 85 -13.14 33.40 9.14
C THR C 85 -11.69 33.06 9.43
N GLY C 86 -10.84 32.99 8.40
CA GLY C 86 -9.45 32.66 8.58
C GLY C 86 -9.09 31.22 8.28
N GLN C 87 -10.02 30.44 7.71
CA GLN C 87 -9.78 29.04 7.41
C GLN C 87 -9.79 28.84 5.90
N ALA C 88 -8.77 28.14 5.40
CA ALA C 88 -8.69 27.77 3.99
C ALA C 88 -8.58 26.26 3.89
N SER C 89 -9.28 25.70 2.91
CA SER C 89 -9.33 24.25 2.76
C SER C 89 -9.21 23.89 1.30
N VAL C 90 -8.67 22.71 1.03
CA VAL C 90 -8.52 22.18 -0.32
C VAL C 90 -8.91 20.71 -0.26
N THR C 91 -10.05 20.36 -0.83
CA THR C 91 -10.56 19.00 -0.79
C THR C 91 -10.23 18.29 -2.09
N LEU C 92 -9.33 17.31 -2.03
CA LEU C 92 -8.92 16.53 -3.19
C LEU C 92 -9.65 15.18 -3.13
N SER C 93 -10.63 15.01 -4.00
CA SER C 93 -11.40 13.77 -4.05
C SER C 93 -10.83 12.88 -5.15
N PHE C 94 -10.46 11.65 -4.80
CA PHE C 94 -9.81 10.75 -5.73
C PHE C 94 -10.81 9.76 -6.31
N LYS C 95 -10.38 9.08 -7.37
CA LYS C 95 -11.23 8.09 -8.01
C LYS C 95 -11.49 6.92 -7.06
N ALA C 96 -12.66 6.33 -7.18
CA ALA C 96 -13.03 5.21 -6.32
C ALA C 96 -12.09 4.04 -6.55
N GLY C 97 -11.76 3.33 -5.48
CA GLY C 97 -10.83 2.23 -5.51
C GLY C 97 -9.40 2.64 -5.20
N THR C 98 -9.11 3.93 -5.21
CA THR C 98 -7.78 4.41 -4.84
C THR C 98 -7.55 4.14 -3.37
N ASP C 99 -6.33 3.77 -3.01
CA ASP C 99 -5.98 3.54 -1.61
C ASP C 99 -5.81 4.86 -0.87
N PRO C 100 -6.69 5.11 0.11
CA PRO C 100 -6.61 6.42 0.80
C PRO C 100 -5.23 6.72 1.35
N ASP C 101 -4.52 5.71 1.84
CA ASP C 101 -3.19 5.94 2.38
C ASP C 101 -2.23 6.43 1.31
N GLU C 102 -2.29 5.84 0.12
CA GLU C 102 -1.43 6.29 -0.97
C GLU C 102 -1.77 7.71 -1.39
N ALA C 103 -3.05 8.04 -1.43
CA ALA C 103 -3.46 9.39 -1.79
C ALA C 103 -2.95 10.40 -0.77
N VAL C 104 -3.07 10.08 0.52
CA VAL C 104 -2.58 10.96 1.56
C VAL C 104 -1.06 11.11 1.46
N GLN C 105 -0.37 10.00 1.17
CA GLN C 105 1.08 10.05 1.01
C GLN C 105 1.47 11.00 -0.12
N GLN C 106 0.80 10.88 -1.27
CA GLN C 106 1.12 11.73 -2.41
C GLN C 106 0.82 13.19 -2.10
N VAL C 107 -0.33 13.46 -1.47
CA VAL C 107 -0.72 14.84 -1.17
C VAL C 107 0.28 15.46 -0.20
N GLN C 108 0.64 14.72 0.85
CA GLN C 108 1.59 15.23 1.82
C GLN C 108 2.96 15.44 1.19
N ASN C 109 3.37 14.55 0.29
CA ASN C 109 4.65 14.70 -0.39
C ASN C 109 4.67 15.97 -1.24
N GLN C 110 3.61 16.21 -1.99
CA GLN C 110 3.53 17.43 -2.79
C GLN C 110 3.45 18.67 -1.91
N LEU C 111 2.67 18.60 -0.83
CA LEU C 111 2.42 19.78 -0.02
C LEU C 111 3.69 20.27 0.67
N GLN C 112 4.49 19.33 1.16
CA GLN C 112 5.65 19.68 2.00
C GLN C 112 6.60 20.63 1.29
N SER C 113 6.63 20.56 -0.05
CA SER C 113 7.45 21.50 -0.81
C SER C 113 6.97 22.93 -0.64
N ALA C 114 5.66 23.14 -0.58
CA ALA C 114 5.09 24.48 -0.58
C ALA C 114 4.83 25.04 0.82
N MET C 115 5.10 24.29 1.88
CA MET C 115 4.76 24.77 3.22
C MET C 115 5.59 25.98 3.61
N ARG C 116 6.85 26.03 3.17
CA ARG C 116 7.70 27.17 3.51
C ARG C 116 7.24 28.44 2.77
N LYS C 117 6.52 28.28 1.66
CA LYS C 117 6.06 29.45 0.92
C LYS C 117 4.92 30.16 1.65
N LEU C 118 4.17 29.43 2.47
CA LEU C 118 2.99 29.97 3.13
C LEU C 118 3.39 31.03 4.14
N PRO C 119 2.47 31.94 4.50
CA PRO C 119 2.80 32.98 5.48
C PRO C 119 3.24 32.39 6.80
N GLN C 120 3.96 33.20 7.58
CA GLN C 120 4.51 32.71 8.84
C GLN C 120 3.40 32.31 9.81
N ALA C 121 2.34 33.11 9.88
CA ALA C 121 1.25 32.79 10.79
C ALA C 121 0.59 31.47 10.43
N VAL C 122 0.43 31.20 9.14
CA VAL C 122 -0.15 29.93 8.70
C VAL C 122 0.73 28.78 9.13
N GLN C 123 2.04 28.91 8.94
CA GLN C 123 2.96 27.85 9.34
C GLN C 123 2.90 27.61 10.83
N ASN C 124 2.86 28.69 11.61
CA ASN C 124 2.77 28.54 13.07
C ASN C 124 1.48 27.84 13.46
N GLN C 125 0.37 28.20 12.83
CA GLN C 125 -0.87 27.48 13.06
C GLN C 125 -0.76 26.04 12.57
N GLY C 126 -0.11 25.83 11.42
CA GLY C 126 0.11 24.49 10.91
C GLY C 126 -0.99 24.01 9.99
N VAL C 127 -0.61 23.43 8.86
CA VAL C 127 -1.58 22.86 7.92
C VAL C 127 -1.75 21.38 8.24
N THR C 128 -2.97 20.90 8.05
CA THR C 128 -3.32 19.52 8.40
C THR C 128 -3.84 18.81 7.16
N VAL C 129 -3.38 17.57 6.97
CA VAL C 129 -3.82 16.74 5.85
C VAL C 129 -4.50 15.51 6.44
N ARG C 130 -5.81 15.40 6.23
CA ARG C 130 -6.60 14.30 6.76
C ARG C 130 -7.39 13.65 5.64
N LYS C 131 -7.48 12.32 5.68
CA LYS C 131 -8.32 11.59 4.72
C LYS C 131 -9.74 11.49 5.28
N THR C 132 -10.42 12.63 5.26
CA THR C 132 -11.75 12.76 5.82
C THR C 132 -12.70 13.36 4.80
N GLY C 133 -13.98 13.06 4.97
CA GLY C 133 -15.03 13.65 4.17
C GLY C 133 -15.57 14.91 4.80
N ASP C 134 -16.84 15.20 4.53
CA ASP C 134 -17.51 16.35 5.11
C ASP C 134 -18.65 15.97 6.04
N THR C 135 -19.39 14.91 5.72
CA THR C 135 -20.49 14.48 6.58
C THR C 135 -19.95 13.96 7.91
N ASN C 136 -20.61 14.34 8.99
CA ASN C 136 -20.27 13.86 10.33
C ASN C 136 -21.02 12.57 10.58
N ILE C 137 -20.28 11.51 10.93
CA ILE C 137 -20.95 10.24 11.23
C ILE C 137 -21.77 10.36 12.50
N LEU C 138 -21.25 11.09 13.50
CA LEU C 138 -22.05 11.41 14.67
C LEU C 138 -21.62 12.77 15.21
N THR C 139 -22.59 13.51 15.70
CA THR C 139 -22.38 14.85 16.27
C THR C 139 -22.80 14.79 17.74
N ILE C 140 -21.83 14.78 18.62
CA ILE C 140 -22.08 14.70 20.06
C ILE C 140 -22.26 16.11 20.61
N ALA C 141 -23.20 16.26 21.54
CA ALA C 141 -23.47 17.54 22.17
C ALA C 141 -23.25 17.41 23.66
N PHE C 142 -22.46 18.31 24.23
CA PHE C 142 -22.14 18.30 25.65
C PHE C 142 -22.86 19.45 26.33
N VAL C 143 -23.65 19.14 27.34
CA VAL C 143 -24.47 20.13 28.03
C VAL C 143 -24.33 19.93 29.53
N SER C 144 -24.27 21.04 30.26
CA SER C 144 -24.17 21.02 31.71
C SER C 144 -25.58 20.97 32.28
N THR C 145 -25.96 19.84 32.85
CA THR C 145 -27.31 19.67 33.39
C THR C 145 -27.56 20.62 34.55
N ASP C 146 -26.59 20.72 35.47
CA ASP C 146 -26.76 21.59 36.63
C ASP C 146 -26.64 23.07 36.29
N GLY C 147 -26.09 23.40 35.13
CA GLY C 147 -25.84 24.78 34.80
C GLY C 147 -24.64 25.38 35.48
N SER C 148 -23.85 24.58 36.20
CA SER C 148 -22.66 25.10 36.87
C SER C 148 -21.65 25.63 35.86
N MET C 149 -21.46 24.92 34.76
CA MET C 149 -20.50 25.32 33.74
C MET C 149 -21.23 26.00 32.59
N ASP C 150 -20.75 27.18 32.22
CA ASP C 150 -21.32 27.92 31.09
C ASP C 150 -20.81 27.33 29.78
N LYS C 151 -21.12 28.00 28.67
CA LYS C 151 -20.74 27.49 27.36
C LYS C 151 -19.22 27.40 27.22
N GLN C 152 -18.50 28.42 27.69
CA GLN C 152 -17.05 28.40 27.55
C GLN C 152 -16.43 27.30 28.39
N ASP C 153 -16.93 27.08 29.60
CA ASP C 153 -16.39 26.00 30.43
C ASP C 153 -16.61 24.64 29.78
N ILE C 154 -17.80 24.42 29.25
CA ILE C 154 -18.10 23.15 28.59
C ILE C 154 -17.20 22.96 27.38
N ALA C 155 -17.06 23.99 26.56
CA ALA C 155 -16.21 23.89 25.39
C ALA C 155 -14.76 23.64 25.76
N ASP C 156 -14.28 24.31 26.82
CA ASP C 156 -12.90 24.13 27.24
C ASP C 156 -12.68 22.71 27.75
N TYR C 157 -13.61 22.19 28.54
CA TYR C 157 -13.46 20.83 29.05
C TYR C 157 -13.46 19.83 27.89
N VAL C 158 -14.35 20.04 26.93
CA VAL C 158 -14.41 19.13 25.78
C VAL C 158 -13.09 19.16 25.02
N ALA C 159 -12.63 20.37 24.68
CA ALA C 159 -11.42 20.49 23.87
C ALA C 159 -10.18 20.03 24.63
N SER C 160 -10.26 20.02 25.96
CA SER C 160 -9.09 19.64 26.75
C SER C 160 -9.04 18.13 26.97
N ASN C 161 -10.13 17.53 27.45
CA ASN C 161 -10.11 16.16 27.91
C ASN C 161 -10.76 15.17 26.96
N ILE C 162 -11.59 15.63 26.03
CA ILE C 162 -12.40 14.74 25.20
C ILE C 162 -11.97 14.76 23.75
N GLN C 163 -11.69 15.94 23.20
CA GLN C 163 -11.41 16.04 21.77
C GLN C 163 -10.18 15.25 21.37
N ASP C 164 -9.10 15.39 22.15
CA ASP C 164 -7.87 14.68 21.81
C ASP C 164 -8.00 13.17 21.89
N PRO C 165 -8.52 12.57 22.97
CA PRO C 165 -8.65 11.10 22.99
C PRO C 165 -9.54 10.57 21.87
N LEU C 166 -10.60 11.30 21.53
CA LEU C 166 -11.48 10.84 20.46
C LEU C 166 -10.77 10.91 19.11
N SER C 167 -9.95 11.92 18.89
CA SER C 167 -9.23 12.05 17.62
C SER C 167 -8.24 10.93 17.39
N ARG C 168 -7.86 10.18 18.43
CA ARG C 168 -6.94 9.07 18.29
C ARG C 168 -7.65 7.73 18.21
N VAL C 169 -8.98 7.72 18.24
CA VAL C 169 -9.72 6.48 18.05
C VAL C 169 -9.54 6.00 16.63
N ASN C 170 -9.32 4.71 16.45
CA ASN C 170 -9.14 4.14 15.12
C ASN C 170 -10.40 4.37 14.30
N GLY C 171 -10.22 4.87 13.07
CA GLY C 171 -11.30 5.13 12.15
C GLY C 171 -11.72 6.58 12.09
N VAL C 172 -11.32 7.38 13.07
CA VAL C 172 -11.70 8.79 13.12
C VAL C 172 -10.73 9.59 12.26
N GLY C 173 -11.18 9.98 11.06
CA GLY C 173 -10.32 10.76 10.19
C GLY C 173 -10.06 12.16 10.73
N ASP C 174 -11.09 12.80 11.27
CA ASP C 174 -10.96 14.13 11.84
C ASP C 174 -12.17 14.40 12.71
N ILE C 175 -12.00 15.25 13.71
CA ILE C 175 -13.08 15.64 14.61
C ILE C 175 -12.95 17.13 14.87
N ASP C 176 -13.77 17.92 14.19
CA ASP C 176 -13.79 19.35 14.42
C ASP C 176 -14.64 19.66 15.66
N ALA C 177 -14.38 20.82 16.24
CA ALA C 177 -15.03 21.21 17.49
C ALA C 177 -15.88 22.44 17.25
N TYR C 178 -17.05 22.46 17.90
CA TYR C 178 -17.96 23.60 17.87
C TYR C 178 -17.78 24.43 19.13
N GLY C 179 -16.56 24.42 19.66
CA GLY C 179 -16.19 25.18 20.82
C GLY C 179 -14.70 25.03 21.05
N SER C 180 -14.01 26.13 21.34
CA SER C 180 -12.57 26.13 21.44
C SER C 180 -12.15 26.14 22.91
N GLN C 181 -10.96 25.62 23.16
CA GLN C 181 -10.43 25.54 24.51
C GLN C 181 -10.18 26.94 25.08
N TYR C 182 -9.87 26.97 26.37
CA TYR C 182 -9.57 28.23 27.02
C TYR C 182 -8.32 28.86 26.42
N SER C 183 -8.21 30.17 26.59
CA SER C 183 -7.04 30.92 26.13
C SER C 183 -6.96 32.21 26.92
N MET C 184 -5.74 32.62 27.23
CA MET C 184 -5.54 33.84 28.02
C MET C 184 -5.77 35.02 27.10
N ARG C 185 -7.03 35.44 27.00
CA ARG C 185 -7.40 36.57 26.16
C ARG C 185 -6.95 37.86 26.82
N ILE C 186 -6.28 38.72 26.05
CA ILE C 186 -5.80 40.00 26.54
C ILE C 186 -6.42 41.08 25.68
N TRP C 187 -7.23 41.94 26.28
CA TRP C 187 -8.02 42.94 25.57
C TRP C 187 -7.35 44.30 25.72
N LEU C 188 -6.72 44.78 24.66
CA LEU C 188 -6.01 46.05 24.69
C LEU C 188 -7.00 47.21 24.73
N ASP C 189 -6.64 48.23 25.49
CA ASP C 189 -7.41 49.47 25.54
C ASP C 189 -6.60 50.58 24.89
N PRO C 190 -6.99 51.03 23.69
CA PRO C 190 -6.15 52.03 23.00
C PRO C 190 -5.99 53.33 23.76
N ALA C 191 -7.01 53.74 24.52
CA ALA C 191 -6.89 54.96 25.32
C ALA C 191 -5.77 54.83 26.34
N LYS C 192 -5.73 53.70 27.05
CA LYS C 192 -4.68 53.50 28.04
C LYS C 192 -3.33 53.31 27.37
N LEU C 193 -3.31 52.64 26.22
CA LEU C 193 -2.06 52.45 25.49
C LEU C 193 -1.46 53.80 25.10
N ASN C 194 -2.29 54.72 24.62
CA ASN C 194 -1.80 56.06 24.30
C ASN C 194 -1.45 56.83 25.58
N SER C 195 -2.17 56.55 26.66
CA SER C 195 -1.93 57.26 27.92
C SER C 195 -0.52 57.03 28.42
N PHE C 196 -0.05 55.79 28.36
CA PHE C 196 1.28 55.42 28.84
C PHE C 196 2.33 55.47 27.75
N GLN C 197 1.98 55.98 26.57
CA GLN C 197 2.92 56.11 25.45
C GLN C 197 3.52 54.77 25.06
N MET C 198 2.68 53.75 24.97
CA MET C 198 3.10 52.41 24.58
C MET C 198 2.27 51.94 23.39
N THR C 199 2.90 51.24 22.47
CA THR C 199 2.22 50.67 21.32
C THR C 199 1.72 49.26 21.66
N ALA C 200 0.95 48.70 20.73
CA ALA C 200 0.48 47.32 20.91
C ALA C 200 1.65 46.36 20.86
N LYS C 201 2.72 46.72 20.15
CA LYS C 201 3.89 45.85 20.05
C LYS C 201 4.58 45.69 21.39
N ASP C 202 4.57 46.74 22.21
CA ASP C 202 5.18 46.65 23.54
C ASP C 202 4.51 45.58 24.37
N VAL C 203 3.18 45.49 24.29
CA VAL C 203 2.46 44.43 24.99
C VAL C 203 2.87 43.07 24.44
N THR C 204 2.92 42.95 23.11
CA THR C 204 3.26 41.66 22.50
C THR C 204 4.68 41.25 22.86
N ASP C 205 5.64 42.18 22.79
CA ASP C 205 7.01 41.86 23.11
C ASP C 205 7.16 41.49 24.58
N ALA C 206 6.50 42.24 25.47
CA ALA C 206 6.58 41.94 26.89
C ALA C 206 6.01 40.56 27.21
N ILE C 207 4.87 40.23 26.60
CA ILE C 207 4.29 38.92 26.81
C ILE C 207 5.20 37.82 26.28
N GLU C 208 5.76 38.03 25.09
CA GLU C 208 6.61 37.01 24.49
C GLU C 208 7.88 36.79 25.29
N SER C 209 8.41 37.84 25.91
CA SER C 209 9.65 37.70 26.67
C SER C 209 9.44 37.22 28.10
N GLN C 210 8.40 37.69 28.78
CA GLN C 210 8.17 37.35 30.18
C GLN C 210 7.27 36.15 30.36
N ASN C 211 6.80 35.53 29.29
CA ASN C 211 6.04 34.29 29.35
C ASN C 211 6.72 33.29 28.41
N ALA C 212 7.71 32.57 28.93
CA ALA C 212 8.44 31.61 28.12
C ALA C 212 9.10 30.59 29.03
N GLN C 213 9.39 29.42 28.47
CA GLN C 213 10.15 28.39 29.13
C GLN C 213 11.60 28.51 28.71
N ILE C 214 12.51 28.51 29.69
CA ILE C 214 13.93 28.71 29.44
C ILE C 214 14.67 27.42 29.76
N ALA C 215 15.50 26.97 28.82
CA ALA C 215 16.31 25.76 29.00
C ALA C 215 17.67 26.18 29.54
N VAL C 216 17.72 26.41 30.85
CA VAL C 216 18.95 26.93 31.46
C VAL C 216 20.05 25.89 31.42
N GLY C 217 19.77 24.68 31.87
CA GLY C 217 20.80 23.65 31.91
C GLY C 217 20.82 22.89 33.21
N GLN C 218 22.01 22.45 33.64
CA GLN C 218 22.14 21.65 34.84
C GLN C 218 23.33 22.12 35.65
N LEU C 219 23.25 21.92 36.96
CA LEU C 219 24.42 22.04 37.82
C LEU C 219 25.31 20.83 37.61
N GLY C 220 26.61 21.07 37.49
CA GLY C 220 27.53 19.97 37.24
C GLY C 220 27.27 19.22 35.96
N GLY C 221 26.94 19.93 34.88
CA GLY C 221 26.73 19.26 33.62
C GLY C 221 28.02 18.73 33.02
N THR C 222 27.86 17.86 32.04
CA THR C 222 29.08 17.32 31.47
C THR C 222 29.56 18.16 30.31
N PRO C 223 30.87 18.41 30.19
CA PRO C 223 31.93 17.98 31.09
C PRO C 223 31.95 18.80 32.37
N SER C 224 32.32 18.20 33.49
CA SER C 224 32.29 18.87 34.78
C SER C 224 33.69 18.85 35.40
N VAL C 225 33.93 19.83 36.27
CA VAL C 225 35.21 19.92 36.94
C VAL C 225 35.40 18.67 37.81
N ASP C 226 36.67 18.40 38.15
CA ASP C 226 36.99 17.17 38.88
C ASP C 226 36.34 17.18 40.26
N LYS C 227 35.95 15.99 40.71
CA LYS C 227 35.31 15.77 42.01
C LYS C 227 34.04 16.59 42.19
N GLN C 228 33.26 16.76 41.12
CA GLN C 228 31.99 17.45 41.24
C GLN C 228 31.05 16.65 42.14
N ALA C 229 30.38 17.34 43.05
CA ALA C 229 29.58 16.70 44.09
C ALA C 229 28.15 16.42 43.66
N LEU C 230 27.49 17.37 43.01
CA LEU C 230 26.06 17.27 42.73
C LEU C 230 25.79 17.55 41.27
N ASN C 231 24.73 16.94 40.75
CA ASN C 231 24.30 17.12 39.37
C ASN C 231 22.78 17.34 39.38
N ALA C 232 22.38 18.61 39.46
CA ALA C 232 20.97 18.95 39.63
C ALA C 232 20.50 19.83 38.47
N THR C 233 19.28 19.58 38.03
CA THR C 233 18.67 20.40 36.99
C THR C 233 18.35 21.80 37.54
N ILE C 234 18.48 22.80 36.67
CA ILE C 234 18.22 24.19 37.02
C ILE C 234 16.94 24.62 36.31
N ASN C 235 16.07 25.30 37.04
CA ASN C 235 14.81 25.80 36.49
C ASN C 235 14.81 27.32 36.55
N ALA C 236 14.31 27.94 35.49
CA ALA C 236 14.12 29.38 35.43
C ALA C 236 12.64 29.68 35.26
N GLN C 237 12.31 30.93 34.94
CA GLN C 237 10.92 31.30 34.73
C GLN C 237 10.24 30.31 33.78
N SER C 238 8.98 30.04 34.04
CA SER C 238 8.19 29.10 33.26
C SER C 238 6.95 29.81 32.74
N LEU C 239 6.11 29.06 32.04
CA LEU C 239 4.88 29.62 31.50
C LEU C 239 3.96 30.06 32.62
N LEU C 240 3.42 31.27 32.50
CA LEU C 240 2.47 31.75 33.49
C LEU C 240 1.16 30.98 33.38
N GLN C 241 0.46 30.85 34.51
CA GLN C 241 -0.75 30.05 34.52
C GLN C 241 -1.99 30.89 34.79
N THR C 242 -1.99 31.66 35.86
CA THR C 242 -3.19 32.38 36.26
C THR C 242 -3.30 33.70 35.51
N PRO C 243 -4.52 34.19 35.30
CA PRO C 243 -4.68 35.53 34.69
C PRO C 243 -4.06 36.63 35.52
N GLU C 244 -4.01 36.48 36.85
CA GLU C 244 -3.40 37.50 37.68
C GLU C 244 -1.91 37.64 37.37
N GLN C 245 -1.24 36.54 37.04
CA GLN C 245 0.17 36.61 36.68
C GLN C 245 0.36 37.43 35.41
N PHE C 246 -0.54 37.29 34.44
CA PHE C 246 -0.45 38.12 33.24
C PHE C 246 -0.75 39.59 33.54
N ARG C 247 -1.64 39.87 34.50
CA ARG C 247 -1.90 41.24 34.87
C ARG C 247 -0.71 41.90 35.56
N ASP C 248 0.28 41.12 35.99
CA ASP C 248 1.47 41.65 36.64
C ASP C 248 2.67 41.71 35.71
N ILE C 249 2.50 41.40 34.43
CA ILE C 249 3.61 41.50 33.49
C ILE C 249 4.04 42.95 33.39
N THR C 250 5.32 43.20 33.62
CA THR C 250 5.84 44.56 33.66
C THR C 250 6.18 45.03 32.24
N LEU C 251 5.59 46.15 31.83
CA LEU C 251 5.85 46.71 30.52
C LEU C 251 6.96 47.75 30.53
N ARG C 252 7.03 48.60 31.54
CA ARG C 252 8.11 49.55 31.69
C ARG C 252 8.22 50.03 33.12
N VAL C 253 9.43 50.06 33.66
CA VAL C 253 9.69 50.60 34.99
C VAL C 253 10.29 51.98 34.78
N ASN C 254 9.57 53.01 35.21
CA ASN C 254 10.05 54.37 35.07
C ASN C 254 11.22 54.63 36.01
N GLN C 255 12.01 55.66 35.69
CA GLN C 255 13.09 56.07 36.58
C GLN C 255 12.56 56.46 37.95
N ASP C 256 11.32 56.96 38.01
CA ASP C 256 10.69 57.25 39.28
C ASP C 256 10.48 55.99 40.12
N GLY C 257 10.45 54.82 39.49
CA GLY C 257 10.18 53.56 40.16
C GLY C 257 8.78 53.05 39.95
N SER C 258 7.87 53.90 39.48
CA SER C 258 6.51 53.47 39.20
C SER C 258 6.49 52.60 37.95
N GLU C 259 6.09 51.34 38.10
CA GLU C 259 6.07 50.41 36.99
C GLU C 259 4.71 50.44 36.30
N VAL C 260 4.72 50.16 35.01
CA VAL C 260 3.51 50.05 34.21
C VAL C 260 3.29 48.57 33.93
N ARG C 261 2.36 47.97 34.67
CA ARG C 261 2.05 46.55 34.48
C ARG C 261 1.10 46.38 33.32
N LEU C 262 0.95 45.12 32.89
CA LEU C 262 0.03 44.83 31.79
C LEU C 262 -1.40 45.16 32.16
N GLY C 263 -1.80 44.86 33.40
CA GLY C 263 -3.15 45.16 33.83
C GLY C 263 -3.48 46.63 33.85
N ASP C 264 -2.47 47.50 33.80
CA ASP C 264 -2.69 48.93 33.77
C ASP C 264 -3.03 49.45 32.38
N VAL C 265 -2.93 48.63 31.35
CA VAL C 265 -3.08 49.09 29.98
C VAL C 265 -4.03 48.19 29.21
N ALA C 266 -4.46 47.10 29.83
CA ALA C 266 -5.30 46.12 29.16
C ALA C 266 -6.07 45.35 30.21
N THR C 267 -7.01 44.52 29.74
CA THR C 267 -7.80 43.65 30.61
C THR C 267 -7.49 42.21 30.24
N VAL C 268 -7.17 41.40 31.24
CA VAL C 268 -6.76 40.02 31.05
C VAL C 268 -7.86 39.12 31.60
N GLU C 269 -8.34 38.20 30.78
CA GLU C 269 -9.32 37.22 31.20
C GLU C 269 -9.12 35.94 30.39
N MET C 270 -9.60 34.83 30.92
CA MET C 270 -9.44 33.53 30.29
C MET C 270 -10.73 33.21 29.53
N GLY C 271 -10.66 33.29 28.20
CA GLY C 271 -11.78 33.00 27.35
C GLY C 271 -11.39 32.03 26.24
N ALA C 272 -12.36 31.76 25.37
CA ALA C 272 -12.12 30.86 24.25
C ALA C 272 -11.11 31.46 23.29
N GLU C 273 -10.34 30.58 22.65
CA GLU C 273 -9.38 31.07 21.66
C GLU C 273 -10.06 31.46 20.36
N LYS C 274 -11.19 30.84 20.04
CA LYS C 274 -11.98 31.19 18.87
C LYS C 274 -13.42 31.40 19.30
N TYR C 275 -13.98 32.56 18.96
CA TYR C 275 -15.35 32.91 19.34
C TYR C 275 -16.34 32.74 18.21
N ASP C 276 -16.02 31.92 17.22
CA ASP C 276 -16.85 31.84 16.02
C ASP C 276 -18.14 31.04 16.23
N TYR C 277 -18.11 29.99 17.05
CA TYR C 277 -19.24 29.10 17.21
C TYR C 277 -20.03 29.42 18.47
N LEU C 278 -21.34 29.18 18.40
CA LEU C 278 -22.25 29.40 19.53
C LEU C 278 -23.39 28.41 19.37
N SER C 279 -23.32 27.28 20.06
CA SER C 279 -24.21 26.16 19.82
C SER C 279 -25.16 25.97 20.99
N ARG C 280 -26.37 25.48 20.67
CA ARG C 280 -27.40 25.22 21.65
C ARG C 280 -27.97 23.83 21.43
N PHE C 281 -28.39 23.18 22.51
CA PHE C 281 -29.03 21.87 22.45
C PHE C 281 -30.36 21.95 23.16
N ASN C 282 -31.45 21.82 22.40
CA ASN C 282 -32.81 21.89 22.94
C ASN C 282 -33.02 23.18 23.73
N GLY C 283 -32.47 24.27 23.22
CA GLY C 283 -32.60 25.56 23.88
C GLY C 283 -31.69 25.78 25.05
N LYS C 284 -30.71 24.90 25.28
CA LYS C 284 -29.78 25.03 26.37
C LYS C 284 -28.36 25.23 25.83
N PRO C 285 -27.52 25.98 26.54
CA PRO C 285 -26.13 26.15 26.10
C PRO C 285 -25.43 24.80 26.03
N ALA C 286 -24.57 24.64 25.03
CA ALA C 286 -23.89 23.37 24.82
C ALA C 286 -22.68 23.58 23.93
N SER C 287 -21.84 22.55 23.86
CA SER C 287 -20.72 22.50 22.93
C SER C 287 -20.74 21.15 22.24
N GLY C 288 -20.32 21.13 20.98
CA GLY C 288 -20.48 19.95 20.17
C GLY C 288 -19.17 19.51 19.54
N LEU C 289 -19.17 18.26 19.10
CA LEU C 289 -18.06 17.67 18.37
C LEU C 289 -18.60 16.98 17.13
N GLY C 290 -17.98 17.24 15.99
CA GLY C 290 -18.37 16.54 14.78
C GLY C 290 -17.34 15.50 14.38
N VAL C 291 -17.64 14.23 14.62
CA VAL C 291 -16.72 13.18 14.25
C VAL C 291 -16.88 12.86 12.77
N LYS C 292 -15.76 12.89 12.04
CA LYS C 292 -15.76 12.65 10.60
C LYS C 292 -15.02 11.35 10.32
N LEU C 293 -15.67 10.44 9.61
CA LEU C 293 -15.11 9.13 9.34
C LEU C 293 -13.90 9.24 8.42
N ALA C 294 -12.86 8.49 8.76
CA ALA C 294 -11.70 8.38 7.88
C ALA C 294 -12.10 7.70 6.58
N SER C 295 -11.59 8.21 5.47
CA SER C 295 -11.91 7.64 4.17
C SER C 295 -11.46 6.18 4.10
N GLY C 296 -12.39 5.30 3.73
CA GLY C 296 -12.08 3.89 3.64
C GLY C 296 -12.09 3.19 4.97
N ALA C 297 -13.10 3.45 5.79
CA ALA C 297 -13.23 2.80 7.09
C ALA C 297 -14.70 2.52 7.34
N ASN C 298 -14.97 1.52 8.16
CA ASN C 298 -16.34 1.11 8.46
C ASN C 298 -16.97 2.17 9.34
N GLU C 299 -18.13 2.69 8.92
CA GLU C 299 -18.79 3.75 9.68
C GLU C 299 -19.31 3.22 11.01
N MET C 300 -19.98 2.06 10.99
CA MET C 300 -20.60 1.55 12.20
C MET C 300 -19.57 1.20 13.26
N ALA C 301 -18.49 0.53 12.85
CA ALA C 301 -17.45 0.16 13.81
C ALA C 301 -16.79 1.39 14.40
N THR C 302 -16.51 2.39 13.56
CA THR C 302 -15.89 3.62 14.04
C THR C 302 -16.81 4.34 15.03
N ALA C 303 -18.11 4.43 14.71
CA ALA C 303 -19.03 5.09 15.61
C ALA C 303 -19.15 4.34 16.93
N GLU C 304 -19.18 3.00 16.87
CA GLU C 304 -19.24 2.21 18.09
C GLU C 304 -18.01 2.43 18.95
N LEU C 305 -16.83 2.47 18.32
CA LEU C 305 -15.59 2.71 19.07
C LEU C 305 -15.59 4.09 19.69
N VAL C 306 -16.04 5.09 18.94
CA VAL C 306 -16.03 6.45 19.46
C VAL C 306 -16.93 6.56 20.67
N LEU C 307 -18.16 6.09 20.55
CA LEU C 307 -19.09 6.19 21.67
C LEU C 307 -18.55 5.46 22.87
N ASN C 308 -17.98 4.27 22.66
CA ASN C 308 -17.46 3.50 23.78
C ASN C 308 -16.39 4.29 24.49
N ARG C 309 -15.50 4.90 23.72
CA ARG C 309 -14.44 5.70 24.32
C ARG C 309 -15.05 6.84 25.10
N LEU C 310 -16.09 7.45 24.54
CA LEU C 310 -16.73 8.56 25.21
C LEU C 310 -17.28 8.13 26.54
N ASP C 311 -17.86 6.94 26.59
CA ASP C 311 -18.39 6.44 27.83
C ASP C 311 -17.28 6.36 28.84
N GLU C 312 -16.15 5.81 28.44
CA GLU C 312 -15.03 5.67 29.33
C GLU C 312 -14.63 7.03 29.87
N LEU C 313 -14.55 8.00 28.97
CA LEU C 313 -14.18 9.35 29.38
C LEU C 313 -15.25 9.93 30.27
N ALA C 314 -16.50 9.56 30.03
CA ALA C 314 -17.61 10.11 30.80
C ALA C 314 -17.41 9.89 32.28
N GLN C 315 -16.65 8.86 32.62
CA GLN C 315 -16.44 8.54 34.02
C GLN C 315 -15.86 9.71 34.78
N TYR C 316 -14.97 10.47 34.16
CA TYR C 316 -14.31 11.57 34.87
C TYR C 316 -14.93 12.94 34.61
N PHE C 317 -16.15 12.98 34.11
CA PHE C 317 -16.81 14.23 33.81
C PHE C 317 -17.07 15.00 35.10
N PRO C 318 -17.02 16.34 35.08
CA PRO C 318 -17.43 17.11 36.25
C PRO C 318 -18.91 16.91 36.52
N HIS C 319 -19.31 17.19 37.75
CA HIS C 319 -20.70 17.02 38.12
C HIS C 319 -21.61 17.88 37.25
N GLY C 320 -22.60 17.24 36.63
CA GLY C 320 -23.59 17.92 35.82
C GLY C 320 -23.33 17.85 34.33
N LEU C 321 -22.11 17.53 33.91
CA LEU C 321 -21.80 17.48 32.49
C LEU C 321 -22.23 16.14 31.90
N GLU C 322 -22.95 16.19 30.78
CA GLU C 322 -23.41 14.97 30.14
C GLU C 322 -23.33 15.11 28.62
N TYR C 323 -23.02 14.02 27.94
CA TYR C 323 -22.97 14.06 26.48
C TYR C 323 -24.25 13.49 25.93
N LYS C 324 -24.72 14.03 24.82
CA LYS C 324 -25.97 13.57 24.23
C LYS C 324 -25.86 13.50 22.73
N VAL C 325 -25.89 12.30 22.17
CA VAL C 325 -25.75 12.15 20.73
C VAL C 325 -26.88 12.87 20.03
N ALA C 326 -26.54 13.86 19.21
CA ALA C 326 -27.53 14.70 18.57
C ALA C 326 -27.81 14.33 17.13
N TYR C 327 -26.83 13.77 16.42
CA TYR C 327 -27.00 13.42 15.02
C TYR C 327 -26.09 12.24 14.70
N GLU C 328 -26.64 11.03 14.72
CA GLU C 328 -25.87 9.83 14.40
C GLU C 328 -26.51 9.11 13.23
N THR C 329 -25.67 8.55 12.35
CA THR C 329 -26.14 7.90 11.15
C THR C 329 -26.23 6.39 11.26
N THR C 330 -25.40 5.77 12.11
CA THR C 330 -25.36 4.31 12.16
C THR C 330 -26.64 3.72 12.75
N SER C 331 -27.42 4.53 13.46
CA SER C 331 -28.69 4.04 13.99
C SER C 331 -29.61 3.58 12.87
N PHE C 332 -29.71 4.39 11.80
CA PHE C 332 -30.54 4.02 10.68
C PHE C 332 -30.04 2.75 10.01
N VAL C 333 -28.72 2.63 9.86
CA VAL C 333 -28.15 1.45 9.21
C VAL C 333 -28.48 0.20 10.02
N LYS C 334 -28.29 0.27 11.33
CA LYS C 334 -28.57 -0.88 12.18
C LYS C 334 -30.05 -1.23 12.13
N ALA C 335 -30.92 -0.23 12.19
CA ALA C 335 -32.36 -0.50 12.15
C ALA C 335 -32.76 -1.13 10.82
N SER C 336 -32.21 -0.64 9.72
CA SER C 336 -32.54 -1.18 8.40
C SER C 336 -32.07 -2.63 8.29
N ILE C 337 -30.85 -2.92 8.76
CA ILE C 337 -30.34 -4.28 8.68
C ILE C 337 -31.19 -5.21 9.54
N GLU C 338 -31.58 -4.74 10.72
CA GLU C 338 -32.45 -5.55 11.58
C GLU C 338 -33.79 -5.82 10.89
N ASP C 339 -34.33 -4.81 10.21
CA ASP C 339 -35.59 -4.98 9.51
C ASP C 339 -35.47 -5.98 8.37
N VAL C 340 -34.33 -5.94 7.66
CA VAL C 340 -34.13 -6.90 6.58
C VAL C 340 -33.99 -8.31 7.13
N VAL C 341 -33.32 -8.47 8.26
CA VAL C 341 -33.24 -9.78 8.89
C VAL C 341 -34.63 -10.26 9.31
N LYS C 342 -35.45 -9.35 9.84
CA LYS C 342 -36.81 -9.68 10.23
C LYS C 342 -37.61 -10.18 9.03
N THR C 343 -37.55 -9.46 7.91
CA THR C 343 -38.32 -9.87 6.75
C THR C 343 -37.76 -11.15 6.15
N LEU C 344 -36.45 -11.39 6.29
CA LEU C 344 -35.87 -12.64 5.83
C LEU C 344 -36.41 -13.83 6.62
N LEU C 345 -36.44 -13.70 7.95
CA LEU C 345 -36.98 -14.77 8.78
C LEU C 345 -38.47 -14.98 8.51
N GLU C 346 -39.20 -13.88 8.32
CA GLU C 346 -40.61 -14.00 7.99
C GLU C 346 -40.82 -14.68 6.65
N ALA C 347 -39.95 -14.38 5.68
CA ALA C 347 -40.01 -15.05 4.39
C ALA C 347 -39.75 -16.55 4.53
N ILE C 348 -38.78 -16.92 5.35
CA ILE C 348 -38.52 -18.34 5.58
C ILE C 348 -39.75 -19.01 6.19
N ALA C 349 -40.38 -18.36 7.16
CA ALA C 349 -41.57 -18.91 7.78
C ALA C 349 -42.70 -19.09 6.78
N LEU C 350 -42.91 -18.08 5.93
CA LEU C 350 -44.00 -18.15 4.95
C LEU C 350 -43.72 -19.23 3.91
N VAL C 351 -42.46 -19.37 3.49
CA VAL C 351 -42.10 -20.44 2.55
C VAL C 351 -42.36 -21.80 3.18
N PHE C 352 -42.00 -21.96 4.46
CA PHE C 352 -42.29 -23.19 5.16
C PHE C 352 -43.80 -23.47 5.18
N LEU C 353 -44.59 -22.43 5.45
CA LEU C 353 -46.04 -22.60 5.51
C LEU C 353 -46.60 -23.06 4.16
N VAL C 354 -46.14 -22.42 3.08
CA VAL C 354 -46.62 -22.75 1.74
C VAL C 354 -46.25 -24.18 1.38
N MET C 355 -45.00 -24.56 1.69
CA MET C 355 -44.56 -25.91 1.36
C MET C 355 -45.31 -26.95 2.18
N TYR C 356 -45.62 -26.64 3.44
CA TYR C 356 -46.42 -27.55 4.24
C TYR C 356 -47.83 -27.67 3.68
N LEU C 357 -48.40 -26.56 3.22
CA LEU C 357 -49.73 -26.60 2.62
C LEU C 357 -49.75 -27.50 1.40
N PHE C 358 -48.76 -27.35 0.52
CA PHE C 358 -48.78 -28.10 -0.73
C PHE C 358 -48.42 -29.57 -0.51
N LEU C 359 -47.44 -29.84 0.34
CA LEU C 359 -46.97 -31.22 0.51
C LEU C 359 -47.84 -32.00 1.49
N GLN C 360 -48.43 -31.32 2.46
CA GLN C 360 -49.27 -31.89 3.51
C GLN C 360 -48.51 -32.85 4.42
N ASN C 361 -47.19 -32.87 4.36
CA ASN C 361 -46.37 -33.72 5.22
C ASN C 361 -45.34 -32.84 5.92
N PHE C 362 -45.34 -32.87 7.25
CA PHE C 362 -44.33 -32.12 8.00
C PHE C 362 -42.94 -32.63 7.72
N ARG C 363 -42.79 -33.96 7.66
CA ARG C 363 -41.49 -34.56 7.39
C ARG C 363 -40.97 -34.15 6.02
N ALA C 364 -41.84 -34.17 5.01
CA ALA C 364 -41.44 -33.75 3.68
C ALA C 364 -41.17 -32.25 3.64
N THR C 365 -41.96 -31.46 4.36
CA THR C 365 -41.82 -30.02 4.39
C THR C 365 -40.49 -29.59 5.00
N LEU C 366 -40.01 -30.35 5.98
CA LEU C 366 -38.79 -29.96 6.67
C LEU C 366 -37.58 -30.00 5.75
N ILE C 367 -37.61 -30.88 4.74
CA ILE C 367 -36.44 -31.06 3.88
C ILE C 367 -36.06 -29.78 3.13
N PRO C 368 -36.97 -29.10 2.42
CA PRO C 368 -36.57 -27.85 1.75
C PRO C 368 -36.27 -26.74 2.73
N THR C 369 -36.93 -26.74 3.89
CA THR C 369 -36.72 -25.69 4.88
C THR C 369 -35.29 -25.70 5.38
N ILE C 370 -34.74 -26.89 5.65
CA ILE C 370 -33.36 -27.01 6.12
C ILE C 370 -32.39 -26.50 5.06
N ALA C 371 -32.77 -26.59 3.78
CA ALA C 371 -31.86 -26.17 2.72
C ALA C 371 -31.63 -24.66 2.73
N VAL C 372 -32.50 -23.90 3.39
CA VAL C 372 -32.35 -22.45 3.39
C VAL C 372 -31.18 -22.00 4.27
N PRO C 373 -31.13 -22.33 5.56
CA PRO C 373 -29.99 -21.86 6.37
C PRO C 373 -28.65 -22.31 5.84
N VAL C 374 -28.57 -23.52 5.30
CA VAL C 374 -27.30 -24.02 4.78
C VAL C 374 -26.82 -23.14 3.63
N VAL C 375 -27.72 -22.85 2.68
CA VAL C 375 -27.35 -22.04 1.53
C VAL C 375 -27.00 -20.62 1.97
N LEU C 376 -27.77 -20.07 2.91
CA LEU C 376 -27.50 -18.70 3.36
C LEU C 376 -26.15 -18.60 4.07
N MET C 377 -25.85 -19.59 4.92
CA MET C 377 -24.56 -19.58 5.59
C MET C 377 -23.42 -19.75 4.60
N GLY C 378 -23.60 -20.61 3.61
CA GLY C 378 -22.60 -20.72 2.56
C GLY C 378 -22.41 -19.41 1.81
N THR C 379 -23.51 -18.69 1.57
CA THR C 379 -23.41 -17.41 0.88
C THR C 379 -22.64 -16.40 1.72
N PHE C 380 -22.88 -16.40 3.03
CA PHE C 380 -22.11 -15.53 3.93
C PHE C 380 -20.63 -15.90 3.91
N SER C 381 -20.34 -17.20 3.87
CA SER C 381 -18.95 -17.64 3.78
C SER C 381 -18.31 -17.14 2.50
N VAL C 382 -19.05 -17.22 1.39
CA VAL C 382 -18.53 -16.73 0.11
C VAL C 382 -18.29 -15.23 0.18
N LEU C 383 -19.24 -14.50 0.78
CA LEU C 383 -19.09 -13.05 0.93
C LEU C 383 -17.82 -12.72 1.71
N TYR C 384 -17.58 -13.44 2.80
CA TYR C 384 -16.36 -13.21 3.57
C TYR C 384 -15.12 -13.55 2.74
N ALA C 385 -15.19 -14.62 1.95
CA ALA C 385 -14.03 -15.00 1.13
C ALA C 385 -13.73 -13.94 0.08
N PHE C 386 -14.77 -13.31 -0.47
CA PHE C 386 -14.60 -12.30 -1.51
C PHE C 386 -14.35 -10.91 -0.95
N GLY C 387 -14.38 -10.74 0.37
CA GLY C 387 -14.10 -9.44 0.94
C GLY C 387 -15.26 -8.47 0.95
N TYR C 388 -16.46 -8.93 0.62
CA TYR C 388 -17.62 -8.05 0.66
C TYR C 388 -18.09 -7.89 2.11
N SER C 389 -19.16 -7.12 2.29
CA SER C 389 -19.64 -6.79 3.63
C SER C 389 -21.16 -6.86 3.65
N VAL C 390 -21.70 -7.15 4.83
CA VAL C 390 -23.15 -7.17 5.02
C VAL C 390 -23.68 -5.76 4.84
N ASN C 391 -24.45 -5.55 3.78
CA ASN C 391 -25.03 -4.25 3.49
C ASN C 391 -26.43 -4.44 2.97
N THR C 392 -27.10 -3.32 2.66
CA THR C 392 -28.48 -3.39 2.20
C THR C 392 -28.59 -4.18 0.91
N LEU C 393 -27.64 -3.98 0.00
CA LEU C 393 -27.68 -4.70 -1.27
C LEU C 393 -27.51 -6.20 -1.07
N THR C 394 -26.49 -6.59 -0.30
CA THR C 394 -26.26 -8.01 -0.06
C THR C 394 -27.41 -8.64 0.69
N MET C 395 -27.95 -7.95 1.70
CA MET C 395 -29.07 -8.49 2.46
C MET C 395 -30.31 -8.63 1.59
N PHE C 396 -30.56 -7.64 0.71
CA PHE C 396 -31.68 -7.76 -0.22
C PHE C 396 -31.49 -8.96 -1.13
N ALA C 397 -30.27 -9.16 -1.63
CA ALA C 397 -30.00 -10.31 -2.47
C ALA C 397 -30.23 -11.62 -1.71
N MET C 398 -29.87 -11.63 -0.42
CA MET C 398 -30.17 -12.80 0.41
C MET C 398 -31.66 -13.05 0.46
N VAL C 399 -32.45 -12.02 0.77
CA VAL C 399 -33.90 -12.18 0.83
C VAL C 399 -34.46 -12.51 -0.54
N LEU C 400 -33.97 -11.80 -1.57
CA LEU C 400 -34.49 -12.01 -2.91
C LEU C 400 -34.19 -13.40 -3.44
N ALA C 401 -33.10 -14.01 -2.97
CA ALA C 401 -32.71 -15.33 -3.44
C ALA C 401 -33.31 -16.46 -2.62
N ILE C 402 -34.14 -16.16 -1.62
CA ILE C 402 -34.72 -17.21 -0.80
C ILE C 402 -35.57 -18.15 -1.63
N GLY C 403 -36.49 -17.59 -2.42
CA GLY C 403 -37.33 -18.44 -3.26
C GLY C 403 -36.52 -19.20 -4.29
N LEU C 404 -35.51 -18.55 -4.87
CA LEU C 404 -34.70 -19.18 -5.88
C LEU C 404 -34.02 -20.43 -5.34
N LEU C 405 -33.49 -20.35 -4.12
CA LEU C 405 -32.77 -21.50 -3.57
C LEU C 405 -33.73 -22.59 -3.11
N VAL C 406 -34.91 -22.22 -2.62
CA VAL C 406 -35.88 -23.25 -2.23
C VAL C 406 -36.51 -23.90 -3.45
N ASP C 407 -36.35 -23.29 -4.63
CA ASP C 407 -36.93 -23.87 -5.84
C ASP C 407 -36.42 -25.29 -6.07
N ASP C 408 -35.10 -25.48 -6.04
CA ASP C 408 -34.53 -26.79 -6.32
C ASP C 408 -34.96 -27.81 -5.28
N ALA C 409 -34.93 -27.42 -4.00
CA ALA C 409 -35.33 -28.34 -2.94
C ALA C 409 -36.78 -28.73 -3.08
N ILE C 410 -37.66 -27.76 -3.40
CA ILE C 410 -39.06 -28.06 -3.62
C ILE C 410 -39.22 -29.02 -4.77
N VAL C 411 -38.49 -28.78 -5.86
CA VAL C 411 -38.57 -29.67 -7.02
C VAL C 411 -38.24 -31.10 -6.63
N VAL C 412 -37.11 -31.27 -5.94
CA VAL C 412 -36.66 -32.63 -5.59
C VAL C 412 -37.65 -33.28 -4.63
N VAL C 413 -38.07 -32.56 -3.60
CA VAL C 413 -38.93 -33.15 -2.58
C VAL C 413 -40.29 -33.50 -3.18
N GLU C 414 -40.85 -32.61 -3.99
CA GLU C 414 -42.14 -32.88 -4.62
C GLU C 414 -42.04 -34.05 -5.59
N ASN C 415 -40.94 -34.14 -6.33
CA ASN C 415 -40.76 -35.28 -7.23
C ASN C 415 -40.71 -36.59 -6.45
N VAL C 416 -39.97 -36.61 -5.34
CA VAL C 416 -39.91 -37.81 -4.52
C VAL C 416 -41.29 -38.15 -3.98
N GLU C 417 -42.01 -37.14 -3.50
CA GLU C 417 -43.34 -37.37 -2.91
C GLU C 417 -44.30 -37.95 -3.94
N ARG C 418 -44.32 -37.37 -5.14
CA ARG C 418 -45.24 -37.88 -6.16
C ARG C 418 -44.82 -39.27 -6.64
N ILE C 419 -43.51 -39.52 -6.71
CA ILE C 419 -43.04 -40.85 -7.12
C ILE C 419 -43.50 -41.90 -6.12
N MET C 420 -43.31 -41.61 -4.83
CA MET C 420 -43.68 -42.61 -3.83
C MET C 420 -45.19 -42.71 -3.66
N SER C 421 -45.92 -41.62 -3.94
CA SER C 421 -47.37 -41.66 -3.81
C SER C 421 -48.02 -42.37 -4.99
N GLU C 422 -47.39 -42.35 -6.16
CA GLU C 422 -47.93 -43.01 -7.34
C GLU C 422 -47.30 -44.38 -7.54
N GLU C 423 -45.98 -44.47 -7.65
CA GLU C 423 -45.35 -45.76 -7.89
C GLU C 423 -45.26 -46.59 -6.62
N GLY C 424 -45.45 -46.00 -5.45
CA GLY C 424 -45.43 -46.75 -4.22
C GLY C 424 -44.07 -47.30 -3.83
N LEU C 425 -43.00 -46.65 -4.27
CA LEU C 425 -41.67 -47.18 -4.02
C LEU C 425 -41.22 -46.90 -2.59
N THR C 426 -40.14 -47.55 -2.18
CA THR C 426 -39.52 -47.26 -0.89
C THR C 426 -38.88 -45.87 -0.94
N PRO C 427 -38.76 -45.20 0.20
CA PRO C 427 -38.21 -43.84 0.19
C PRO C 427 -36.83 -43.73 -0.43
N ARG C 428 -35.94 -44.70 -0.18
CA ARG C 428 -34.62 -44.66 -0.78
C ARG C 428 -34.69 -44.86 -2.29
N GLU C 429 -35.47 -45.86 -2.73
CA GLU C 429 -35.65 -46.09 -4.15
C GLU C 429 -36.34 -44.90 -4.82
N ALA C 430 -37.33 -44.33 -4.14
CA ALA C 430 -38.01 -43.15 -4.68
C ALA C 430 -37.04 -42.00 -4.85
N THR C 431 -36.18 -41.77 -3.85
CA THR C 431 -35.19 -40.70 -3.95
C THR C 431 -34.23 -40.95 -5.11
N ARG C 432 -33.76 -42.20 -5.25
CA ARG C 432 -32.86 -42.52 -6.35
C ARG C 432 -33.53 -42.26 -7.70
N LYS C 433 -34.79 -42.69 -7.84
CA LYS C 433 -35.50 -42.49 -9.08
C LYS C 433 -35.68 -41.01 -9.38
N SER C 434 -36.04 -40.22 -8.36
CA SER C 434 -36.25 -38.79 -8.58
C SER C 434 -34.95 -38.10 -8.98
N MET C 435 -33.83 -38.46 -8.33
CA MET C 435 -32.56 -37.86 -8.70
C MET C 435 -32.19 -38.22 -10.13
N GLY C 436 -32.43 -39.47 -10.53
CA GLY C 436 -32.20 -39.84 -11.92
C GLY C 436 -33.09 -39.06 -12.87
N GLN C 437 -34.33 -38.80 -12.46
CA GLN C 437 -35.26 -38.06 -13.31
C GLN C 437 -34.81 -36.62 -13.52
N ILE C 438 -34.46 -35.93 -12.44
CA ILE C 438 -34.31 -34.47 -12.49
C ILE C 438 -32.89 -34.02 -12.19
N GLN C 439 -31.89 -34.88 -12.38
CA GLN C 439 -30.52 -34.47 -12.12
C GLN C 439 -30.10 -33.32 -13.04
N GLY C 440 -30.46 -33.39 -14.32
CA GLY C 440 -30.05 -32.37 -15.26
C GLY C 440 -30.89 -31.11 -15.18
N ALA C 441 -32.17 -31.26 -14.79
CA ALA C 441 -33.06 -30.11 -14.76
C ALA C 441 -32.59 -29.06 -13.76
N LEU C 442 -32.15 -29.51 -12.57
CA LEU C 442 -31.64 -28.58 -11.58
C LEU C 442 -30.41 -27.86 -12.10
N VAL C 443 -29.51 -28.60 -12.78
CA VAL C 443 -28.31 -27.99 -13.33
C VAL C 443 -28.67 -26.93 -14.36
N GLY C 444 -29.64 -27.22 -15.22
CA GLY C 444 -30.07 -26.25 -16.21
C GLY C 444 -30.69 -25.01 -15.61
N ILE C 445 -31.58 -25.21 -14.63
CA ILE C 445 -32.22 -24.08 -13.96
C ILE C 445 -31.17 -23.19 -13.31
N ALA C 446 -30.23 -23.81 -12.60
CA ALA C 446 -29.18 -23.05 -11.94
C ALA C 446 -28.29 -22.35 -12.95
N MET C 447 -28.01 -23.01 -14.07
CA MET C 447 -27.16 -22.41 -15.09
C MET C 447 -27.80 -21.16 -15.66
N VAL C 448 -29.10 -21.22 -15.96
CA VAL C 448 -29.76 -20.03 -16.52
C VAL C 448 -29.89 -18.94 -15.46
N LEU C 449 -30.16 -19.33 -14.21
CA LEU C 449 -30.27 -18.35 -13.14
C LEU C 449 -28.94 -17.61 -12.94
N SER C 450 -27.83 -18.35 -12.99
CA SER C 450 -26.53 -17.71 -12.86
C SER C 450 -26.18 -16.94 -14.13
N ALA C 451 -26.72 -17.36 -15.26
CA ALA C 451 -26.45 -16.67 -16.51
C ALA C 451 -27.09 -15.29 -16.54
N VAL C 452 -28.28 -15.17 -15.97
CA VAL C 452 -28.91 -13.84 -15.97
C VAL C 452 -28.15 -12.87 -15.08
N PHE C 453 -27.32 -13.37 -14.15
CA PHE C 453 -26.69 -12.51 -13.17
C PHE C 453 -25.19 -12.31 -13.39
N VAL C 454 -24.51 -13.23 -14.08
CA VAL C 454 -23.07 -13.10 -14.26
C VAL C 454 -22.67 -11.83 -15.01
N PRO C 455 -23.34 -11.52 -16.13
CA PRO C 455 -22.91 -10.30 -16.81
C PRO C 455 -23.09 -9.07 -15.94
N MET C 456 -24.03 -9.10 -15.01
CA MET C 456 -24.32 -7.93 -14.19
C MET C 456 -23.10 -7.45 -13.44
N ALA C 457 -22.28 -8.38 -12.96
CA ALA C 457 -21.10 -8.01 -12.17
C ALA C 457 -20.03 -7.28 -12.97
N PHE C 458 -19.84 -7.64 -14.23
CA PHE C 458 -18.77 -7.05 -15.03
C PHE C 458 -18.87 -5.53 -15.16
N PHE C 459 -20.08 -5.00 -15.22
CA PHE C 459 -20.25 -3.56 -15.39
C PHE C 459 -19.48 -2.80 -14.33
N GLY C 460 -18.82 -1.72 -14.73
CA GLY C 460 -18.03 -0.94 -13.79
C GLY C 460 -18.75 0.26 -13.23
N GLY C 461 -18.02 1.16 -12.57
CA GLY C 461 -18.63 2.32 -11.97
C GLY C 461 -19.34 2.00 -10.66
N THR C 462 -19.99 3.00 -10.10
CA THR C 462 -20.73 2.78 -8.87
C THR C 462 -21.89 1.84 -9.11
N THR C 463 -22.61 2.05 -10.20
CA THR C 463 -23.75 1.20 -10.52
C THR C 463 -23.26 -0.22 -10.71
N GLY C 464 -22.11 -0.38 -11.35
CA GLY C 464 -21.55 -1.70 -11.53
C GLY C 464 -21.25 -2.34 -10.19
N ALA C 465 -20.77 -1.55 -9.24
CA ALA C 465 -20.47 -2.07 -7.91
C ALA C 465 -21.73 -2.58 -7.25
N ILE C 466 -22.80 -1.81 -7.33
CA ILE C 466 -24.05 -2.22 -6.73
C ILE C 466 -24.47 -3.53 -7.36
N TYR C 467 -24.39 -3.60 -8.69
CA TYR C 467 -24.77 -4.81 -9.39
C TYR C 467 -23.92 -5.97 -8.93
N ARG C 468 -22.62 -5.72 -8.80
CA ARG C 468 -21.71 -6.78 -8.42
C ARG C 468 -22.11 -7.38 -7.09
N GLN C 469 -22.54 -6.54 -6.16
CA GLN C 469 -22.95 -7.03 -4.85
C GLN C 469 -24.05 -8.05 -5.01
N PHE C 470 -25.11 -7.68 -5.71
CA PHE C 470 -26.21 -8.60 -5.92
C PHE C 470 -25.75 -9.81 -6.69
N SER C 471 -24.97 -9.59 -7.73
CA SER C 471 -24.54 -10.70 -8.58
C SER C 471 -23.79 -11.74 -7.79
N ILE C 472 -22.75 -11.31 -7.07
CA ILE C 472 -21.94 -12.26 -6.35
C ILE C 472 -22.81 -13.03 -5.37
N THR C 473 -23.68 -12.32 -4.68
CA THR C 473 -24.51 -12.96 -3.67
C THR C 473 -25.44 -14.01 -4.29
N ILE C 474 -26.15 -13.63 -5.34
CA ILE C 474 -27.16 -14.52 -5.92
C ILE C 474 -26.49 -15.69 -6.64
N VAL C 475 -25.37 -15.45 -7.32
CA VAL C 475 -24.68 -16.54 -8.01
C VAL C 475 -24.15 -17.55 -7.00
N ALA C 476 -23.56 -17.08 -5.91
CA ALA C 476 -23.10 -18.00 -4.86
C ALA C 476 -24.27 -18.77 -4.28
N ALA C 477 -25.40 -18.10 -4.04
CA ALA C 477 -26.56 -18.78 -3.50
C ALA C 477 -27.05 -19.87 -4.46
N MET C 478 -27.05 -19.57 -5.76
CA MET C 478 -27.51 -20.56 -6.74
C MET C 478 -26.57 -21.76 -6.78
N VAL C 479 -25.26 -21.51 -6.77
CA VAL C 479 -24.30 -22.61 -6.80
C VAL C 479 -24.46 -23.49 -5.58
N LEU C 480 -24.60 -22.87 -4.41
CA LEU C 480 -24.81 -23.66 -3.20
C LEU C 480 -26.12 -24.42 -3.25
N SER C 481 -27.16 -23.82 -3.84
CA SER C 481 -28.42 -24.54 -3.99
C SER C 481 -28.25 -25.77 -4.86
N VAL C 482 -27.42 -25.66 -5.90
CA VAL C 482 -27.07 -26.86 -6.68
C VAL C 482 -26.42 -27.89 -5.78
N LEU C 483 -25.41 -27.46 -5.03
CA LEU C 483 -24.68 -28.40 -4.17
C LEU C 483 -25.59 -28.98 -3.09
N VAL C 484 -26.42 -28.14 -2.47
CA VAL C 484 -27.32 -28.62 -1.43
C VAL C 484 -28.35 -29.56 -2.01
N ALA C 485 -28.93 -29.21 -3.17
CA ALA C 485 -29.98 -30.04 -3.74
C ALA C 485 -29.47 -31.40 -4.19
N MET C 486 -28.18 -31.53 -4.47
CA MET C 486 -27.62 -32.80 -4.93
C MET C 486 -26.83 -33.52 -3.84
N ILE C 487 -26.75 -32.95 -2.64
CA ILE C 487 -26.02 -33.59 -1.55
C ILE C 487 -26.94 -33.80 -0.36
N LEU C 488 -27.45 -32.71 0.21
CA LEU C 488 -28.19 -32.80 1.45
C LEU C 488 -29.62 -33.30 1.22
N THR C 489 -30.33 -32.67 0.29
CA THR C 489 -31.72 -33.03 0.05
C THR C 489 -31.92 -34.49 -0.37
N PRO C 490 -31.09 -35.09 -1.25
CA PRO C 490 -31.30 -36.52 -1.52
C PRO C 490 -31.14 -37.38 -0.29
N ALA C 491 -30.16 -37.07 0.57
CA ALA C 491 -29.99 -37.83 1.79
C ALA C 491 -31.18 -37.68 2.71
N LEU C 492 -31.70 -36.46 2.84
CA LEU C 492 -32.86 -36.24 3.68
C LEU C 492 -34.08 -36.99 3.15
N CYS C 493 -34.29 -36.95 1.83
CA CYS C 493 -35.41 -37.66 1.24
C CYS C 493 -35.27 -39.16 1.43
N ALA C 494 -34.06 -39.68 1.34
CA ALA C 494 -33.83 -41.10 1.53
C ALA C 494 -33.94 -41.52 2.99
N THR C 495 -33.72 -40.62 3.94
CA THR C 495 -33.68 -40.99 5.35
C THR C 495 -34.85 -40.37 6.12
N LEU C 496 -35.03 -39.06 6.06
CA LEU C 496 -36.08 -38.43 6.85
C LEU C 496 -37.46 -38.89 6.41
N LEU C 497 -37.69 -38.97 5.11
CA LEU C 497 -39.01 -39.31 4.58
C LEU C 497 -39.48 -40.68 5.03
N LYS C 498 -40.55 -40.73 5.80
CA LYS C 498 -41.16 -41.97 6.21
C LYS C 498 -41.78 -42.66 5.00
N PRO C 499 -42.01 -43.97 5.07
CA PRO C 499 -42.73 -44.63 3.98
C PRO C 499 -44.13 -44.06 3.83
N LEU C 500 -44.65 -44.13 2.60
CA LEU C 500 -45.90 -43.48 2.26
C LEU C 500 -47.01 -43.87 3.23
N LYS C 501 -47.73 -42.86 3.73
CA LYS C 501 -48.83 -43.08 4.67
C LYS C 501 -50.04 -43.59 3.91
N LYS C 502 -49.93 -44.85 3.47
CA LYS C 502 -51.02 -45.47 2.72
C LYS C 502 -52.27 -45.59 3.57
N GLY C 503 -52.12 -45.92 4.85
CA GLY C 503 -53.27 -45.97 5.74
C GLY C 503 -53.96 -44.62 5.86
N GLU C 504 -53.17 -43.56 6.03
CA GLU C 504 -53.75 -42.22 6.06
C GLU C 504 -54.35 -41.85 4.70
N HIS C 505 -53.63 -42.15 3.61
CA HIS C 505 -54.06 -41.84 2.25
C HIS C 505 -54.44 -40.36 2.13
N HIS C 506 -55.71 -40.09 1.83
CA HIS C 506 -56.18 -38.71 1.80
C HIS C 506 -56.12 -38.11 3.20
N GLY C 507 -55.67 -36.86 3.29
CA GLY C 507 -55.51 -36.22 4.59
C GLY C 507 -56.81 -36.15 5.37
N GLN C 508 -57.92 -35.84 4.69
CA GLN C 508 -59.24 -35.76 5.31
C GLN C 508 -59.23 -34.78 6.50
N LYS C 509 -58.51 -33.67 6.33
CA LYS C 509 -58.48 -32.62 7.33
C LYS C 509 -59.58 -31.61 7.04
N GLY C 510 -59.83 -30.72 7.99
CA GLY C 510 -60.82 -29.68 7.81
C GLY C 510 -60.46 -28.76 6.65
N PHE C 511 -59.15 -28.58 6.42
CA PHE C 511 -58.65 -27.67 5.41
C PHE C 511 -57.92 -28.39 4.27
N PHE C 512 -57.22 -29.48 4.58
CA PHE C 512 -56.33 -30.08 3.59
C PHE C 512 -57.09 -30.89 2.55
N ALA C 513 -58.13 -31.60 2.97
CA ALA C 513 -58.92 -32.36 2.00
C ALA C 513 -59.60 -31.43 1.00
N TRP C 514 -60.19 -30.34 1.49
CA TRP C 514 -60.80 -29.36 0.61
C TRP C 514 -59.76 -28.73 -0.30
N PHE C 515 -58.57 -28.44 0.24
CA PHE C 515 -57.51 -27.86 -0.57
C PHE C 515 -57.09 -28.82 -1.69
N ASN C 516 -56.97 -30.11 -1.38
CA ASN C 516 -56.59 -31.08 -2.40
C ASN C 516 -57.67 -31.19 -3.48
N GLN C 517 -58.94 -31.20 -3.07
CA GLN C 517 -60.02 -31.28 -4.05
C GLN C 517 -60.02 -30.05 -4.95
N MET C 518 -59.84 -28.86 -4.35
CA MET C 518 -59.78 -27.62 -5.12
C MET C 518 -58.62 -27.65 -6.10
N PHE C 519 -57.45 -28.11 -5.63
CA PHE C 519 -56.28 -28.17 -6.50
C PHE C 519 -56.49 -29.14 -7.65
N ASN C 520 -57.13 -30.27 -7.38
CA ASN C 520 -57.38 -31.25 -8.43
C ASN C 520 -58.33 -30.69 -9.50
N ARG C 521 -59.44 -30.08 -9.06
CA ARG C 521 -60.38 -29.57 -10.04
C ARG C 521 -59.81 -28.38 -10.80
N ASN C 522 -59.01 -27.55 -10.13
CA ASN C 522 -58.36 -26.44 -10.84
C ASN C 522 -57.31 -26.96 -11.80
N ALA C 523 -56.64 -28.06 -11.46
CA ALA C 523 -55.69 -28.67 -12.38
C ALA C 523 -56.41 -29.22 -13.61
N GLU C 524 -57.57 -29.84 -13.41
CA GLU C 524 -58.36 -30.29 -14.56
C GLU C 524 -58.78 -29.11 -15.43
N ARG C 525 -59.21 -28.01 -14.80
CA ARG C 525 -59.56 -26.81 -15.55
C ARG C 525 -58.36 -26.28 -16.32
N TYR C 526 -57.18 -26.29 -15.70
CA TYR C 526 -55.96 -25.83 -16.35
C TYR C 526 -55.62 -26.72 -17.55
N GLU C 527 -55.76 -28.03 -17.39
CA GLU C 527 -55.50 -28.94 -18.49
C GLU C 527 -56.47 -28.69 -19.65
N LYS C 528 -57.74 -28.43 -19.34
CA LYS C 528 -58.68 -28.07 -20.39
C LYS C 528 -58.28 -26.77 -21.06
N GLY C 529 -57.84 -25.79 -20.28
CA GLY C 529 -57.46 -24.50 -20.83
C GLY C 529 -56.26 -24.59 -21.74
N VAL C 530 -55.28 -25.43 -21.39
CA VAL C 530 -54.13 -25.63 -22.25
C VAL C 530 -54.56 -26.28 -23.56
N ALA C 531 -55.54 -27.18 -23.50
CA ALA C 531 -56.02 -27.84 -24.71
C ALA C 531 -56.64 -26.85 -25.69
N LYS C 532 -56.97 -25.65 -25.23
CA LYS C 532 -57.60 -24.67 -26.12
C LYS C 532 -56.60 -24.07 -27.10
N ILE C 533 -55.31 -24.30 -26.90
CA ILE C 533 -54.31 -23.80 -27.85
C ILE C 533 -54.47 -24.49 -29.19
N LEU C 534 -54.98 -25.72 -29.19
CA LEU C 534 -55.24 -26.42 -30.43
C LEU C 534 -56.30 -25.70 -31.25
N HIS C 535 -57.30 -25.13 -30.58
CA HIS C 535 -58.39 -24.47 -31.28
C HIS C 535 -57.91 -23.27 -32.08
N ARG C 536 -57.39 -22.25 -31.39
CA ARG C 536 -57.00 -21.03 -32.07
C ARG C 536 -55.79 -20.43 -31.34
N SER C 537 -54.60 -20.69 -31.89
CA SER C 537 -53.38 -20.12 -31.33
C SER C 537 -53.22 -18.66 -31.73
N LEU C 538 -53.93 -18.21 -32.77
CA LEU C 538 -53.78 -16.83 -33.22
C LEU C 538 -54.26 -15.84 -32.16
N ARG C 539 -55.33 -16.19 -31.44
CA ARG C 539 -55.85 -15.31 -30.41
C ARG C 539 -54.76 -14.92 -29.42
N TRP C 540 -54.09 -15.93 -28.86
CA TRP C 540 -53.11 -15.65 -27.83
C TRP C 540 -51.82 -15.09 -28.41
N ILE C 541 -51.56 -15.32 -29.69
CA ILE C 541 -50.43 -14.63 -30.34
C ILE C 541 -50.70 -13.13 -30.38
N VAL C 542 -51.91 -12.75 -30.77
CA VAL C 542 -52.28 -11.34 -30.78
C VAL C 542 -52.24 -10.78 -29.37
N ILE C 543 -52.71 -11.57 -28.40
CA ILE C 543 -52.66 -11.15 -27.00
C ILE C 543 -51.21 -10.91 -26.56
N TYR C 544 -50.30 -11.79 -26.99
CA TYR C 544 -48.89 -11.63 -26.67
C TYR C 544 -48.31 -10.36 -27.28
N VAL C 545 -48.69 -10.06 -28.52
CA VAL C 545 -48.23 -8.83 -29.15
C VAL C 545 -48.75 -7.61 -28.38
N LEU C 546 -50.02 -7.67 -27.95
CA LEU C 546 -50.57 -6.60 -27.13
C LEU C 546 -49.81 -6.46 -25.83
N LEU C 547 -49.43 -7.59 -25.21
CA LEU C 547 -48.65 -7.54 -23.99
C LEU C 547 -47.29 -6.91 -24.23
N LEU C 548 -46.66 -7.21 -25.36
CA LEU C 548 -45.39 -6.57 -25.70
C LEU C 548 -45.56 -5.06 -25.83
N GLY C 549 -46.63 -4.64 -26.50
CA GLY C 549 -46.88 -3.20 -26.64
C GLY C 549 -47.10 -2.53 -25.30
N GLY C 550 -47.89 -3.16 -24.44
CA GLY C 550 -48.10 -2.62 -23.11
C GLY C 550 -46.83 -2.57 -22.29
N MET C 551 -45.98 -3.58 -22.43
CA MET C 551 -44.69 -3.59 -21.75
C MET C 551 -43.84 -2.40 -22.22
N VAL C 552 -43.80 -2.15 -23.52
CA VAL C 552 -43.02 -1.04 -24.03
C VAL C 552 -43.58 0.28 -23.49
N PHE C 553 -44.91 0.41 -23.49
CA PHE C 553 -45.54 1.63 -23.00
C PHE C 553 -45.21 1.88 -21.53
N LEU C 554 -45.35 0.84 -20.70
CA LEU C 554 -45.06 0.99 -19.29
C LEU C 554 -43.59 1.29 -19.04
N PHE C 555 -42.69 0.66 -19.81
CA PHE C 555 -41.27 0.94 -19.67
C PHE C 555 -40.97 2.39 -20.02
N LEU C 556 -41.62 2.91 -21.05
CA LEU C 556 -41.43 4.33 -21.39
C LEU C 556 -41.96 5.24 -20.29
N ARG C 557 -43.10 4.87 -19.69
CA ARG C 557 -43.71 5.74 -18.69
C ARG C 557 -42.86 5.86 -17.44
N LEU C 558 -42.11 4.81 -17.12
CA LEU C 558 -41.41 4.75 -15.84
C LEU C 558 -40.32 5.80 -15.76
N PRO C 559 -40.28 6.61 -14.70
CA PRO C 559 -39.16 7.54 -14.52
C PRO C 559 -37.89 6.80 -14.13
N THR C 560 -36.77 7.48 -14.34
CA THR C 560 -35.45 6.89 -14.10
C THR C 560 -34.79 7.59 -12.92
N SER C 561 -34.13 6.80 -12.07
CA SER C 561 -33.45 7.34 -10.91
C SER C 561 -32.36 6.38 -10.46
N PHE C 562 -31.55 6.83 -9.50
CA PHE C 562 -30.45 6.06 -8.94
C PHE C 562 -30.65 6.02 -7.43
N LEU C 563 -31.17 4.89 -6.93
CA LEU C 563 -31.49 4.63 -5.53
C LEU C 563 -32.65 5.50 -5.07
N PRO C 564 -33.52 5.00 -4.20
CA PRO C 564 -34.65 5.80 -3.73
C PRO C 564 -34.30 6.62 -2.50
N LEU C 565 -35.18 7.55 -2.13
CA LEU C 565 -35.03 8.33 -0.92
C LEU C 565 -35.67 7.59 0.24
N GLU C 566 -34.98 7.59 1.38
CA GLU C 566 -35.43 6.84 2.54
C GLU C 566 -35.43 7.73 3.78
N ASP C 567 -36.48 7.59 4.59
CA ASP C 567 -36.53 8.27 5.87
C ASP C 567 -35.44 7.72 6.78
N ARG C 568 -34.47 8.58 7.10
CA ARG C 568 -33.36 8.20 7.97
C ARG C 568 -33.58 8.63 9.41
N GLY C 569 -34.75 9.18 9.72
CA GLY C 569 -35.01 9.67 11.05
C GLY C 569 -34.24 10.93 11.39
N MET C 570 -33.72 11.63 10.39
CA MET C 570 -32.92 12.83 10.61
C MET C 570 -33.14 13.79 9.45
N PHE C 571 -32.92 15.08 9.73
CA PHE C 571 -32.80 16.08 8.68
C PHE C 571 -32.11 17.29 9.27
N THR C 572 -31.64 18.18 8.39
CA THR C 572 -30.83 19.32 8.79
C THR C 572 -31.40 20.58 8.16
N THR C 573 -31.45 21.66 8.94
CA THR C 573 -31.86 22.96 8.42
C THR C 573 -30.69 23.92 8.44
N SER C 574 -30.53 24.68 7.36
CA SER C 574 -29.46 25.63 7.21
C SER C 574 -30.02 27.04 7.21
N VAL C 575 -29.39 27.92 7.97
CA VAL C 575 -29.80 29.31 8.11
C VAL C 575 -28.67 30.18 7.58
N GLN C 576 -29.02 31.19 6.79
CA GLN C 576 -28.06 32.21 6.39
C GLN C 576 -28.79 33.54 6.23
N LEU C 577 -28.54 34.45 7.14
CA LEU C 577 -29.08 35.80 7.09
C LEU C 577 -28.38 36.61 6.02
N PRO C 578 -28.94 37.77 5.63
CA PRO C 578 -28.24 38.62 4.67
C PRO C 578 -26.85 38.99 5.15
N SER C 579 -25.91 39.09 4.22
CA SER C 579 -24.51 39.26 4.57
C SER C 579 -24.30 40.51 5.41
N GLY C 580 -23.38 40.42 6.37
CA GLY C 580 -23.14 41.45 7.34
C GLY C 580 -23.90 41.27 8.63
N SER C 581 -24.74 40.25 8.74
CA SER C 581 -25.48 39.99 9.96
C SER C 581 -24.53 39.54 11.07
N THR C 582 -24.79 40.03 12.27
CA THR C 582 -23.99 39.64 13.42
C THR C 582 -24.45 38.30 13.97
N GLN C 583 -23.71 37.81 14.97
CA GLN C 583 -24.03 36.52 15.56
C GLN C 583 -25.34 36.59 16.35
N GLN C 584 -25.64 37.73 16.95
CA GLN C 584 -26.83 37.86 17.77
C GLN C 584 -28.10 37.71 16.93
N GLN C 585 -28.11 38.31 15.74
CA GLN C 585 -29.27 38.20 14.87
C GLN C 585 -29.46 36.76 14.40
N THR C 586 -28.36 36.08 14.06
CA THR C 586 -28.44 34.68 13.68
C THR C 586 -28.98 33.84 14.83
N LEU C 587 -28.57 34.17 16.05
CA LEU C 587 -29.07 33.46 17.23
C LEU C 587 -30.56 33.70 17.39
N LYS C 588 -31.03 34.91 17.14
CA LYS C 588 -32.46 35.19 17.23
C LYS C 588 -33.25 34.37 16.21
N VAL C 589 -32.75 34.30 14.97
CA VAL C 589 -33.43 33.50 13.95
C VAL C 589 -33.42 32.03 14.33
N VAL C 590 -32.29 31.55 14.87
CA VAL C 590 -32.21 30.16 15.31
C VAL C 590 -33.20 29.90 16.42
N GLU C 591 -33.35 30.84 17.35
CA GLU C 591 -34.34 30.68 18.40
C GLU C 591 -35.75 30.63 17.84
N GLN C 592 -36.04 31.44 16.82
CA GLN C 592 -37.35 31.39 16.19
C GLN C 592 -37.61 30.02 15.57
N ILE C 593 -36.61 29.47 14.88
CA ILE C 593 -36.76 28.16 14.26
C ILE C 593 -36.91 27.07 15.32
N GLU C 594 -36.16 27.19 16.42
CA GLU C 594 -36.29 26.23 17.51
C GLU C 594 -37.69 26.28 18.12
N LYS C 595 -38.23 27.48 18.28
CA LYS C 595 -39.60 27.60 18.77
C LYS C 595 -40.58 26.94 17.82
N TYR C 596 -40.38 27.13 16.52
CA TYR C 596 -41.23 26.47 15.54
C TYR C 596 -41.17 24.95 15.70
N TYR C 597 -39.96 24.42 15.83
CA TYR C 597 -39.81 22.96 15.91
C TYR C 597 -40.37 22.40 17.22
N PHE C 598 -40.24 23.15 18.30
CA PHE C 598 -40.74 22.69 19.59
C PHE C 598 -42.21 23.01 19.81
N THR C 599 -42.84 23.72 18.87
CA THR C 599 -44.26 24.03 19.01
C THR C 599 -45.11 23.27 18.01
N HIS C 600 -44.81 23.42 16.71
CA HIS C 600 -45.66 22.84 15.69
C HIS C 600 -45.52 21.32 15.64
N GLU C 601 -44.29 20.81 15.69
CA GLU C 601 -44.05 19.38 15.59
C GLU C 601 -43.24 18.93 16.80
N LYS C 602 -43.93 18.64 17.89
CA LYS C 602 -43.29 18.15 19.10
C LYS C 602 -43.61 16.69 19.38
N ASP C 603 -44.26 16.00 18.44
CA ASP C 603 -44.49 14.58 18.54
C ASP C 603 -43.56 13.77 17.66
N ASN C 604 -42.68 14.42 16.90
CA ASN C 604 -41.75 13.72 16.03
C ASN C 604 -40.30 14.10 16.26
N ILE C 605 -40.02 15.21 16.95
CA ILE C 605 -38.66 15.68 17.14
C ILE C 605 -38.13 15.11 18.45
N MET C 606 -37.11 14.26 18.36
CA MET C 606 -36.46 13.79 19.58
C MET C 606 -35.61 14.89 20.20
N SER C 607 -34.83 15.59 19.39
CA SER C 607 -33.97 16.67 19.87
C SER C 607 -33.51 17.49 18.68
N VAL C 608 -33.25 18.77 18.94
CA VAL C 608 -32.64 19.67 17.96
C VAL C 608 -31.33 20.18 18.53
N PHE C 609 -30.37 20.43 17.65
CA PHE C 609 -29.06 20.92 18.04
C PHE C 609 -28.62 21.95 17.02
N ALA C 610 -28.55 23.21 17.44
CA ALA C 610 -28.25 24.32 16.56
C ALA C 610 -26.87 24.85 16.87
N THR C 611 -26.08 25.12 15.83
CA THR C 611 -24.72 25.63 15.97
C THR C 611 -24.62 26.93 15.17
N VAL C 612 -24.74 28.06 15.87
CA VAL C 612 -24.57 29.35 15.21
C VAL C 612 -23.12 29.54 14.83
N GLY C 613 -22.88 30.00 13.61
CA GLY C 613 -21.55 30.25 13.11
C GLY C 613 -21.05 29.21 12.13
N SER C 614 -21.73 28.08 12.01
CA SER C 614 -21.34 27.02 11.09
C SER C 614 -22.47 26.77 10.11
N GLY C 615 -22.13 26.67 8.82
CA GLY C 615 -23.11 26.46 7.80
C GLY C 615 -22.63 25.53 6.71
N PRO C 616 -23.56 24.88 6.01
CA PRO C 616 -23.17 24.02 4.89
C PRO C 616 -22.47 24.76 3.78
N GLY C 617 -22.82 26.03 3.55
CA GLY C 617 -22.17 26.85 2.55
C GLY C 617 -20.95 27.58 3.02
N GLY C 618 -20.47 27.30 4.23
CA GLY C 618 -19.31 27.99 4.74
C GLY C 618 -19.57 28.69 6.05
N ASN C 619 -18.57 28.73 6.93
CA ASN C 619 -18.75 29.32 8.24
C ASN C 619 -18.83 30.84 8.16
N GLY C 620 -19.39 31.43 9.21
CA GLY C 620 -19.54 32.86 9.30
C GLY C 620 -20.54 33.23 10.37
N GLN C 621 -20.53 34.50 10.75
CA GLN C 621 -21.45 34.96 11.79
C GLN C 621 -22.90 34.96 11.32
N ASN C 622 -23.15 34.98 10.02
CA ASN C 622 -24.50 35.09 9.48
C ASN C 622 -25.10 33.75 9.13
N VAL C 623 -24.43 32.64 9.43
CA VAL C 623 -24.92 31.32 9.06
C VAL C 623 -25.04 30.48 10.32
N ALA C 624 -25.90 29.46 10.25
CA ALA C 624 -26.08 28.52 11.34
C ALA C 624 -26.62 27.22 10.78
N ARG C 625 -26.13 26.10 11.31
CA ARG C 625 -26.55 24.78 10.88
C ARG C 625 -27.22 24.10 12.07
N MET C 626 -28.41 23.55 11.84
CA MET C 626 -29.22 22.95 12.90
C MET C 626 -29.41 21.48 12.60
N PHE C 627 -29.02 20.63 13.54
CA PHE C 627 -29.15 19.18 13.40
C PHE C 627 -30.41 18.73 14.14
N ILE C 628 -31.37 18.21 13.41
CA ILE C 628 -32.64 17.77 13.97
C ILE C 628 -32.70 16.24 13.90
N ARG C 629 -33.05 15.63 15.03
CA ARG C 629 -33.06 14.19 15.19
C ARG C 629 -34.48 13.74 15.50
N LEU C 630 -35.05 12.92 14.62
CA LEU C 630 -36.42 12.50 14.77
C LEU C 630 -36.53 11.28 15.70
N LYS C 631 -37.76 11.01 16.14
CA LYS C 631 -38.01 9.85 16.98
C LYS C 631 -37.99 8.59 16.14
N ASP C 632 -38.19 7.44 16.79
CA ASP C 632 -38.18 6.16 16.10
C ASP C 632 -39.34 6.09 15.12
N TRP C 633 -39.17 5.26 14.09
CA TRP C 633 -40.20 5.15 13.06
C TRP C 633 -41.52 4.66 13.64
N SER C 634 -41.46 3.84 14.69
CA SER C 634 -42.68 3.32 15.30
C SER C 634 -43.51 4.44 15.92
N GLU C 635 -42.85 5.35 16.63
CA GLU C 635 -43.58 6.42 17.32
C GLU C 635 -44.16 7.42 16.34
N ARG C 636 -43.54 7.59 15.18
CA ARG C 636 -44.05 8.54 14.20
C ARG C 636 -45.27 7.97 13.47
N ASP C 637 -46.05 8.86 12.87
CA ASP C 637 -47.33 8.47 12.28
C ASP C 637 -47.16 7.56 11.08
N SER C 638 -46.05 7.66 10.35
CA SER C 638 -45.78 6.88 9.15
C SER C 638 -46.70 7.28 8.00
N LYS C 639 -47.59 8.22 8.24
CA LYS C 639 -48.42 8.80 7.20
C LYS C 639 -48.28 10.31 7.12
N THR C 640 -48.22 10.99 8.27
CA THR C 640 -47.95 12.41 8.33
C THR C 640 -46.66 12.75 9.06
N GLY C 641 -46.14 11.83 9.87
CA GLY C 641 -44.91 12.04 10.60
C GLY C 641 -43.65 11.59 9.91
N THR C 642 -43.74 11.18 8.65
CA THR C 642 -42.54 10.78 7.93
C THR C 642 -41.62 11.97 7.73
N SER C 643 -40.33 11.68 7.55
CA SER C 643 -39.35 12.75 7.36
C SER C 643 -39.71 13.66 6.21
N PHE C 644 -40.24 13.09 5.13
CA PHE C 644 -40.56 13.90 3.95
C PHE C 644 -41.70 14.87 4.23
N ALA C 645 -42.75 14.40 4.91
CA ALA C 645 -43.87 15.27 5.24
C ALA C 645 -43.43 16.36 6.20
N ILE C 646 -42.61 16.01 7.19
CA ILE C 646 -42.10 16.99 8.13
C ILE C 646 -41.29 18.05 7.40
N ILE C 647 -40.45 17.61 6.46
CA ILE C 647 -39.64 18.55 5.70
C ILE C 647 -40.51 19.45 4.84
N GLU C 648 -41.58 18.91 4.28
CA GLU C 648 -42.48 19.72 3.47
C GLU C 648 -43.15 20.81 4.31
N ARG C 649 -43.73 20.42 5.45
CA ARG C 649 -44.36 21.42 6.31
C ARG C 649 -43.34 22.44 6.80
N ALA C 650 -42.15 21.97 7.17
CA ALA C 650 -41.11 22.86 7.66
C ALA C 650 -40.69 23.84 6.57
N THR C 651 -40.56 23.36 5.33
CA THR C 651 -40.10 24.23 4.27
C THR C 651 -41.16 25.25 3.89
N LYS C 652 -42.43 24.90 4.03
CA LYS C 652 -43.48 25.90 3.88
C LYS C 652 -43.36 26.97 4.95
N ALA C 653 -43.27 26.54 6.21
CA ALA C 653 -43.17 27.51 7.31
C ALA C 653 -41.91 28.36 7.19
N PHE C 654 -40.85 27.81 6.61
CA PHE C 654 -39.60 28.54 6.51
C PHE C 654 -39.61 29.49 5.32
N ASN C 655 -40.26 29.11 4.22
CA ASN C 655 -40.49 30.07 3.15
C ASN C 655 -41.35 31.22 3.62
N GLN C 656 -42.20 30.98 4.64
CA GLN C 656 -42.91 32.10 5.25
C GLN C 656 -41.95 33.07 5.92
N ILE C 657 -40.83 32.58 6.44
CA ILE C 657 -39.82 33.42 7.08
C ILE C 657 -39.10 34.23 6.01
N LYS C 658 -39.03 35.55 6.19
CA LYS C 658 -38.37 36.43 5.24
C LYS C 658 -37.13 37.12 5.79
N GLU C 659 -36.80 36.89 7.07
CA GLU C 659 -35.61 37.52 7.64
C GLU C 659 -34.33 36.84 7.16
N ALA C 660 -34.41 35.57 6.79
CA ALA C 660 -33.23 34.82 6.38
C ALA C 660 -33.67 33.71 5.42
N ARG C 661 -32.68 33.00 4.87
CA ARG C 661 -32.92 31.88 3.98
C ARG C 661 -32.71 30.60 4.77
N VAL C 662 -33.78 30.09 5.36
CA VAL C 662 -33.73 28.86 6.13
C VAL C 662 -34.26 27.73 5.27
N ILE C 663 -33.45 26.68 5.10
CA ILE C 663 -33.74 25.59 4.17
C ILE C 663 -33.64 24.29 4.93
N ALA C 664 -34.73 23.51 4.92
CA ALA C 664 -34.76 22.21 5.56
C ALA C 664 -34.52 21.13 4.51
N SER C 665 -33.46 20.35 4.69
CA SER C 665 -33.07 19.34 3.72
C SER C 665 -32.81 18.01 4.42
N SER C 666 -33.05 16.94 3.69
CA SER C 666 -32.80 15.58 4.15
C SER C 666 -31.34 15.19 3.89
N PRO C 667 -30.79 14.28 4.69
CA PRO C 667 -29.41 13.85 4.48
C PRO C 667 -29.25 13.12 3.16
N PRO C 668 -28.06 13.12 2.58
CA PRO C 668 -27.88 12.52 1.26
C PRO C 668 -28.10 11.01 1.29
N ALA C 669 -28.46 10.46 0.12
CA ALA C 669 -28.70 9.02 0.02
C ALA C 669 -27.46 8.23 0.37
N ILE C 670 -26.30 8.64 -0.14
CA ILE C 670 -25.03 8.02 0.18
C ILE C 670 -24.24 8.98 1.04
N SER C 671 -23.66 8.47 2.12
CA SER C 671 -23.01 9.34 3.10
C SER C 671 -21.85 10.10 2.47
N GLY C 672 -21.02 9.42 1.68
CA GLY C 672 -19.86 10.07 1.11
C GLY C 672 -20.20 11.13 0.08
N LEU C 673 -21.20 10.86 -0.75
CA LEU C 673 -21.51 11.73 -1.89
C LEU C 673 -22.31 12.93 -1.40
N GLY C 674 -21.67 14.09 -1.35
CA GLY C 674 -22.37 15.34 -1.12
C GLY C 674 -22.78 15.55 0.32
N SER C 675 -23.42 16.69 0.56
CA SER C 675 -23.95 17.02 1.88
C SER C 675 -25.47 17.00 1.93
N SER C 676 -26.14 16.94 0.78
CA SER C 676 -27.60 16.90 0.76
C SER C 676 -28.03 16.29 -0.57
N ALA C 677 -29.29 15.85 -0.61
CA ALA C 677 -29.84 15.25 -1.81
C ALA C 677 -30.06 16.32 -2.88
N GLY C 678 -30.10 15.87 -4.13
CA GLY C 678 -30.28 16.74 -5.27
C GLY C 678 -29.00 16.89 -6.08
N PHE C 679 -29.17 17.52 -7.24
CA PHE C 679 -28.05 17.69 -8.15
C PHE C 679 -27.06 18.70 -7.59
N ASP C 680 -25.78 18.49 -7.91
CA ASP C 680 -24.69 19.32 -7.43
C ASP C 680 -23.86 19.77 -8.63
N MET C 681 -23.73 21.08 -8.81
CA MET C 681 -23.08 21.66 -9.97
C MET C 681 -22.15 22.78 -9.54
N GLU C 682 -21.01 22.87 -10.21
CA GLU C 682 -20.04 23.94 -9.99
C GLU C 682 -20.05 24.86 -11.21
N LEU C 683 -20.28 26.15 -10.98
CA LEU C 683 -20.34 27.13 -12.06
C LEU C 683 -19.00 27.84 -12.14
N GLN C 684 -18.11 27.32 -13.00
CA GLN C 684 -16.76 27.84 -13.06
C GLN C 684 -16.68 29.10 -13.93
N ASP C 685 -15.51 29.71 -13.93
CA ASP C 685 -15.21 30.89 -14.74
C ASP C 685 -13.94 30.57 -15.54
N HIS C 686 -14.13 29.95 -16.70
CA HIS C 686 -12.99 29.53 -17.51
C HIS C 686 -12.22 30.72 -18.07
N ALA C 687 -12.93 31.74 -18.54
CA ALA C 687 -12.27 32.89 -19.15
C ALA C 687 -11.55 33.77 -18.16
N GLY C 688 -11.73 33.55 -16.86
CA GLY C 688 -11.11 34.42 -15.87
C GLY C 688 -11.63 35.84 -15.93
N ALA C 689 -12.93 36.01 -16.13
CA ALA C 689 -13.50 37.35 -16.24
C ALA C 689 -13.33 38.14 -14.96
N GLY C 690 -13.59 37.51 -13.82
CA GLY C 690 -13.45 38.18 -12.54
C GLY C 690 -14.49 37.69 -11.56
N HIS C 691 -14.27 38.06 -10.30
CA HIS C 691 -15.22 37.66 -9.26
C HIS C 691 -16.57 38.31 -9.46
N ASP C 692 -16.59 39.61 -9.79
CA ASP C 692 -17.85 40.30 -9.97
C ASP C 692 -18.64 39.72 -11.13
N ALA C 693 -17.97 39.41 -12.24
CA ALA C 693 -18.63 38.79 -13.37
C ALA C 693 -19.17 37.41 -12.98
N LEU C 694 -18.41 36.66 -12.19
CA LEU C 694 -18.87 35.35 -11.75
C LEU C 694 -20.13 35.46 -10.90
N MET C 695 -20.16 36.42 -9.98
CA MET C 695 -21.33 36.60 -9.13
C MET C 695 -22.53 37.04 -9.94
N ALA C 696 -22.32 37.94 -10.90
CA ALA C 696 -23.41 38.37 -11.77
C ALA C 696 -23.96 37.20 -12.56
N ALA C 697 -23.07 36.34 -13.09
CA ALA C 697 -23.51 35.16 -13.81
C ALA C 697 -24.25 34.20 -12.88
N ARG C 698 -23.82 34.09 -11.63
CA ARG C 698 -24.49 33.24 -10.66
C ARG C 698 -25.92 33.73 -10.43
N ASN C 699 -26.08 35.03 -10.23
CA ASN C 699 -27.42 35.59 -10.04
C ASN C 699 -28.28 35.38 -11.29
N GLN C 700 -27.69 35.56 -12.47
CA GLN C 700 -28.43 35.36 -13.71
C GLN C 700 -28.89 33.92 -13.85
N LEU C 701 -28.00 32.97 -13.53
CA LEU C 701 -28.36 31.56 -13.63
C LEU C 701 -29.44 31.20 -12.63
N LEU C 702 -29.36 31.75 -11.41
CA LEU C 702 -30.39 31.49 -10.42
C LEU C 702 -31.73 32.03 -10.87
N ALA C 703 -31.73 33.22 -11.48
CA ALA C 703 -32.98 33.78 -12.00
C ALA C 703 -33.55 32.90 -13.12
N LEU C 704 -32.69 32.43 -14.03
CA LEU C 704 -33.14 31.55 -15.10
C LEU C 704 -33.71 30.26 -14.55
N ALA C 705 -33.05 29.69 -13.53
CA ALA C 705 -33.56 28.46 -12.91
C ALA C 705 -34.90 28.69 -12.26
N ALA C 706 -35.05 29.80 -11.53
CA ALA C 706 -36.34 30.12 -10.92
C ALA C 706 -37.41 30.35 -11.98
N GLU C 707 -37.00 30.72 -13.20
CA GLU C 707 -37.97 30.83 -14.29
C GLU C 707 -38.54 29.47 -14.67
N ASN C 708 -37.72 28.43 -14.69
CA ASN C 708 -38.16 27.10 -15.11
C ASN C 708 -38.77 26.36 -13.94
N PRO C 709 -40.02 25.87 -14.04
CA PRO C 709 -40.59 25.06 -12.97
C PRO C 709 -40.03 23.65 -12.88
N GLU C 710 -39.25 23.21 -13.88
CA GLU C 710 -38.68 21.88 -13.87
C GLU C 710 -37.61 21.71 -12.79
N LEU C 711 -37.10 22.79 -12.23
CA LEU C 711 -36.04 22.75 -11.23
C LEU C 711 -36.53 23.46 -9.98
N THR C 712 -36.26 22.87 -8.83
CA THR C 712 -36.73 23.40 -7.56
C THR C 712 -35.56 23.54 -6.60
N ARG C 713 -35.64 24.57 -5.75
CA ARG C 713 -34.64 24.85 -4.73
C ARG C 713 -33.24 25.08 -5.32
N VAL C 714 -33.17 25.66 -6.52
CA VAL C 714 -31.87 25.99 -7.09
C VAL C 714 -31.30 27.18 -6.32
N ARG C 715 -30.09 27.00 -5.80
CA ARG C 715 -29.52 27.96 -4.87
C ARG C 715 -28.01 27.88 -4.92
N HIS C 716 -27.36 28.90 -4.38
CA HIS C 716 -25.91 28.96 -4.29
C HIS C 716 -25.48 28.42 -2.93
N ASN C 717 -24.66 27.37 -2.94
CA ASN C 717 -24.19 26.76 -1.71
C ASN C 717 -22.96 27.51 -1.21
N GLY C 718 -23.17 28.77 -0.85
CA GLY C 718 -22.09 29.61 -0.42
C GLY C 718 -22.60 30.89 0.19
N LEU C 719 -21.69 31.83 0.37
CA LEU C 719 -21.99 33.10 1.02
C LEU C 719 -22.01 34.22 -0.01
N ASP C 720 -23.04 35.05 0.06
CA ASP C 720 -23.19 36.17 -0.87
C ASP C 720 -22.15 37.25 -0.57
N ASP C 721 -21.88 38.08 -1.58
CA ASP C 721 -20.94 39.17 -1.42
C ASP C 721 -21.44 40.16 -0.36
N SER C 722 -20.50 40.73 0.38
CA SER C 722 -20.81 41.62 1.48
C SER C 722 -19.94 42.86 1.39
N PRO C 723 -20.45 44.01 1.85
CA PRO C 723 -19.58 45.18 1.99
C PRO C 723 -18.48 44.90 3.00
N GLN C 724 -17.27 45.36 2.69
CA GLN C 724 -16.13 45.17 3.58
C GLN C 724 -15.27 46.43 3.59
N LEU C 725 -14.82 46.82 4.77
CA LEU C 725 -14.08 48.06 4.93
C LEU C 725 -12.68 47.92 4.32
N GLN C 726 -12.19 49.03 3.79
CA GLN C 726 -10.84 49.11 3.23
C GLN C 726 -10.10 50.25 3.91
N ILE C 727 -9.03 49.93 4.62
CA ILE C 727 -8.20 50.94 5.28
C ILE C 727 -6.98 51.18 4.40
N ASP C 728 -6.94 52.35 3.77
CA ASP C 728 -5.82 52.71 2.90
C ASP C 728 -4.95 53.73 3.63
N ILE C 729 -3.65 53.43 3.70
CA ILE C 729 -2.69 54.23 4.46
C ILE C 729 -1.80 54.98 3.47
N ASP C 730 -1.69 56.28 3.65
CA ASP C 730 -0.81 57.10 2.83
C ASP C 730 0.63 56.85 3.26
N GLN C 731 1.37 56.08 2.46
CA GLN C 731 2.74 55.71 2.84
C GLN C 731 3.62 56.95 2.99
N ARG C 732 3.53 57.88 2.04
CA ARG C 732 4.35 59.08 2.10
C ARG C 732 4.03 59.89 3.34
N LYS C 733 2.73 60.06 3.65
CA LYS C 733 2.36 60.80 4.84
C LYS C 733 2.73 60.03 6.10
N ALA C 734 2.71 58.70 6.02
CA ALA C 734 3.06 57.88 7.18
C ALA C 734 4.52 58.05 7.55
N GLN C 735 5.42 57.96 6.55
CA GLN C 735 6.84 58.06 6.87
C GLN C 735 7.33 59.49 6.89
N ALA C 736 6.49 60.44 6.46
CA ALA C 736 6.83 61.85 6.63
C ALA C 736 6.74 62.24 8.11
N LEU C 737 5.90 61.55 8.87
CA LEU C 737 5.79 61.76 10.30
C LEU C 737 6.73 60.87 11.10
N GLY C 738 7.59 60.11 10.43
CA GLY C 738 8.50 59.23 11.13
C GLY C 738 7.90 57.93 11.62
N VAL C 739 6.77 57.52 11.05
CA VAL C 739 6.07 56.30 11.47
C VAL C 739 6.35 55.22 10.45
N ALA C 740 6.96 54.12 10.91
CA ALA C 740 7.31 53.02 10.02
C ALA C 740 6.05 52.30 9.57
N ILE C 741 6.02 51.92 8.28
CA ILE C 741 4.87 51.18 7.75
C ILE C 741 4.73 49.85 8.47
N ASP C 742 5.85 49.22 8.80
CA ASP C 742 5.78 47.97 9.55
C ASP C 742 5.09 48.16 10.90
N ASP C 743 5.37 49.29 11.57
CA ASP C 743 4.77 49.52 12.88
C ASP C 743 3.26 49.67 12.78
N ILE C 744 2.78 50.44 11.79
CA ILE C 744 1.35 50.64 11.67
C ILE C 744 0.66 49.36 11.23
N ASN C 745 1.29 48.59 10.35
CA ASN C 745 0.74 47.28 10.01
C ASN C 745 0.67 46.38 11.22
N ASP C 746 1.71 46.40 12.06
CA ASP C 746 1.74 45.55 13.24
C ASP C 746 0.64 45.91 14.22
N THR C 747 0.48 47.20 14.52
CA THR C 747 -0.56 47.58 15.45
C THR C 747 -1.94 47.33 14.87
N LEU C 748 -2.11 47.51 13.56
CA LEU C 748 -3.40 47.26 12.94
C LEU C 748 -3.77 45.78 13.01
N GLN C 749 -2.82 44.89 12.70
CA GLN C 749 -3.13 43.47 12.69
C GLN C 749 -3.22 42.89 14.09
N THR C 750 -2.49 43.46 15.06
CA THR C 750 -2.57 42.98 16.43
C THR C 750 -3.83 43.47 17.11
N ALA C 751 -4.26 44.70 16.80
CA ALA C 751 -5.42 45.27 17.48
C ALA C 751 -6.72 44.70 16.91
N TRP C 752 -6.96 44.92 15.62
CA TRP C 752 -8.20 44.47 15.03
C TRP C 752 -8.22 42.95 14.85
N GLY C 753 -7.13 42.39 14.35
CA GLY C 753 -7.00 40.95 14.28
C GLY C 753 -6.48 40.37 15.56
N SER C 754 -6.41 39.05 15.59
CA SER C 754 -5.90 38.34 16.76
C SER C 754 -4.42 38.04 16.57
N SER C 755 -3.64 38.21 17.63
CA SER C 755 -2.20 37.95 17.60
C SER C 755 -1.86 36.86 18.58
N TYR C 756 -1.52 35.69 18.08
CA TYR C 756 -1.14 34.54 18.91
C TYR C 756 0.32 34.69 19.30
N VAL C 757 0.55 35.23 20.50
CA VAL C 757 1.91 35.52 20.92
C VAL C 757 2.65 34.24 21.26
N ASN C 758 2.19 33.52 22.29
CA ASN C 758 2.82 32.28 22.69
C ASN C 758 1.84 31.42 23.50
N ASP C 759 2.34 30.42 24.19
CA ASP C 759 1.51 29.48 24.93
C ASP C 759 1.65 29.69 26.42
N PHE C 760 0.63 29.27 27.16
CA PHE C 760 0.63 29.27 28.60
C PHE C 760 0.01 27.97 29.09
N MET C 761 0.40 27.53 30.28
CA MET C 761 -0.05 26.26 30.82
C MET C 761 -1.23 26.47 31.75
N ASP C 762 -2.33 25.77 31.49
CA ASP C 762 -3.55 25.87 32.30
C ASP C 762 -3.99 24.47 32.69
N ARG C 763 -3.78 24.13 33.96
CA ARG C 763 -4.21 22.85 34.53
C ARG C 763 -3.67 21.67 33.71
N GLY C 764 -2.41 21.78 33.30
CA GLY C 764 -1.71 20.69 32.66
C GLY C 764 -1.65 20.76 31.14
N ARG C 765 -2.44 21.62 30.52
CA ARG C 765 -2.44 21.78 29.07
C ARG C 765 -1.84 23.12 28.68
N VAL C 766 -1.09 23.14 27.58
CA VAL C 766 -0.46 24.38 27.11
C VAL C 766 -1.43 24.99 26.11
N LYS C 767 -2.19 25.97 26.59
CA LYS C 767 -3.14 26.65 25.74
C LYS C 767 -2.53 27.95 25.20
N LYS C 768 -3.19 28.52 24.19
CA LYS C 768 -2.65 29.67 23.48
C LYS C 768 -2.94 30.97 24.24
N VAL C 769 -2.16 32.00 23.90
CA VAL C 769 -2.33 33.35 24.43
C VAL C 769 -2.56 34.28 23.26
N TYR C 770 -3.67 35.01 23.28
CA TYR C 770 -4.03 35.92 22.20
C TYR C 770 -4.11 37.35 22.71
N VAL C 771 -3.64 38.28 21.89
CA VAL C 771 -3.70 39.70 22.17
C VAL C 771 -4.55 40.35 21.10
N GLN C 772 -5.58 41.08 21.51
CA GLN C 772 -6.50 41.73 20.58
C GLN C 772 -7.09 42.94 21.28
N ALA C 773 -7.66 43.84 20.47
CA ALA C 773 -8.34 45.00 21.02
C ALA C 773 -9.57 44.57 21.80
N ALA C 774 -9.93 45.37 22.80
CA ALA C 774 -11.16 45.11 23.53
C ALA C 774 -12.35 45.28 22.61
N ALA C 775 -13.42 44.55 22.89
CA ALA C 775 -14.60 44.55 22.01
C ALA C 775 -15.15 45.94 21.73
N PRO C 776 -15.34 46.83 22.70
CA PRO C 776 -15.93 48.15 22.38
C PRO C 776 -15.06 48.98 21.45
N TYR C 777 -13.78 48.67 21.29
CA TYR C 777 -12.87 49.51 20.51
C TYR C 777 -12.58 48.94 19.12
N ARG C 778 -13.34 47.94 18.68
CA ARG C 778 -13.18 47.45 17.31
C ARG C 778 -14.53 47.13 16.68
N MET C 779 -15.54 47.96 16.94
CA MET C 779 -16.88 47.71 16.43
C MET C 779 -17.24 48.59 15.24
N LEU C 780 -16.68 49.79 15.13
CA LEU C 780 -17.07 50.73 14.11
C LEU C 780 -15.86 51.18 13.31
N PRO C 781 -16.06 51.63 12.07
CA PRO C 781 -14.91 52.14 11.29
C PRO C 781 -14.19 53.29 11.96
N ASP C 782 -14.90 54.11 12.74
CA ASP C 782 -14.25 55.24 13.41
C ASP C 782 -13.33 54.78 14.53
N ASP C 783 -13.40 53.51 14.93
CA ASP C 783 -12.51 53.02 15.97
C ASP C 783 -11.06 52.94 15.53
N ILE C 784 -10.79 53.08 14.23
CA ILE C 784 -9.40 53.08 13.78
C ILE C 784 -8.67 54.29 14.32
N ASN C 785 -9.34 55.43 14.43
CA ASN C 785 -8.71 56.67 14.86
C ASN C 785 -8.33 56.67 16.33
N LEU C 786 -8.78 55.69 17.11
CA LEU C 786 -8.47 55.63 18.53
C LEU C 786 -7.07 55.08 18.80
N TRP C 787 -6.36 54.61 17.79
CA TRP C 787 -5.07 53.95 17.97
C TRP C 787 -3.95 54.92 17.64
N TYR C 788 -2.91 54.88 18.47
CA TYR C 788 -1.76 55.78 18.34
C TYR C 788 -0.51 54.96 18.10
N VAL C 789 0.21 55.29 17.03
CA VAL C 789 1.48 54.64 16.73
C VAL C 789 2.61 55.54 17.19
N ARG C 790 3.81 54.98 17.33
CA ARG C 790 4.97 55.70 17.85
C ARG C 790 5.95 55.95 16.70
N ASN C 791 6.43 57.19 16.60
CA ASN C 791 7.36 57.56 15.55
C ASN C 791 8.80 57.33 15.99
N LYS C 792 9.74 57.83 15.18
CA LYS C 792 11.15 57.67 15.52
C LYS C 792 11.50 58.38 16.81
N ASP C 793 10.97 59.59 16.99
CA ASP C 793 11.29 60.40 18.16
C ASP C 793 10.60 59.93 19.42
N GLY C 794 9.70 58.95 19.32
CA GLY C 794 8.96 58.48 20.47
C GLY C 794 7.60 59.14 20.67
N GLY C 795 7.29 60.18 19.91
CA GLY C 795 5.97 60.78 20.01
C GLY C 795 4.89 59.85 19.49
N MET C 796 3.68 60.04 19.99
CA MET C 796 2.54 59.22 19.62
C MET C 796 1.69 59.96 18.60
N VAL C 797 1.43 59.32 17.46
CA VAL C 797 0.64 59.94 16.40
C VAL C 797 -0.67 59.17 16.24
N PRO C 798 -1.80 59.86 16.09
CA PRO C 798 -3.06 59.15 15.92
C PRO C 798 -3.14 58.50 14.55
N PHE C 799 -4.00 57.49 14.44
CA PHE C 799 -4.19 56.82 13.17
C PHE C 799 -4.87 57.74 12.17
N SER C 800 -5.65 58.71 12.64
CA SER C 800 -6.35 59.61 11.75
C SER C 800 -5.37 60.49 10.97
N ALA C 801 -4.13 60.59 11.46
CA ALA C 801 -3.15 61.44 10.80
C ALA C 801 -2.83 60.95 9.40
N PHE C 802 -2.72 59.64 9.21
CA PHE C 802 -2.21 59.07 7.98
C PHE C 802 -3.05 57.94 7.41
N ALA C 803 -4.21 57.65 8.01
CA ALA C 803 -5.01 56.52 7.55
C ALA C 803 -6.46 56.93 7.42
N THR C 804 -7.10 56.43 6.38
CA THR C 804 -8.51 56.65 6.12
C THR C 804 -9.17 55.31 5.83
N SER C 805 -10.50 55.31 5.86
CA SER C 805 -11.28 54.11 5.64
C SER C 805 -12.29 54.36 4.54
N ARG C 806 -12.60 53.30 3.78
CA ARG C 806 -13.52 53.40 2.66
C ARG C 806 -14.23 52.06 2.47
N TRP C 807 -15.55 52.12 2.32
CA TRP C 807 -16.33 50.90 2.13
C TRP C 807 -16.14 50.35 0.73
N GLU C 808 -16.19 49.02 0.63
CA GLU C 808 -16.01 48.35 -0.65
C GLU C 808 -16.69 47.00 -0.59
N THR C 809 -17.14 46.51 -1.75
CA THR C 809 -17.78 45.21 -1.82
C THR C 809 -16.75 44.10 -1.92
N GLY C 810 -17.02 43.00 -1.22
CA GLY C 810 -16.13 41.86 -1.24
C GLY C 810 -16.89 40.59 -0.93
N SER C 811 -16.17 39.48 -0.95
CA SER C 811 -16.76 38.18 -0.69
C SER C 811 -16.22 37.59 0.59
N PRO C 812 -17.09 37.14 1.50
CA PRO C 812 -16.59 36.51 2.73
C PRO C 812 -16.06 35.10 2.51
N ARG C 813 -16.32 34.49 1.36
CA ARG C 813 -15.88 33.13 1.09
C ARG C 813 -15.66 32.98 -0.41
N LEU C 814 -14.43 32.62 -0.79
CA LEU C 814 -14.07 32.42 -2.18
C LEU C 814 -13.77 30.94 -2.41
N GLU C 815 -14.47 30.34 -3.35
CA GLU C 815 -14.31 28.93 -3.67
C GLU C 815 -13.79 28.77 -5.09
N ARG C 816 -12.90 27.78 -5.27
CA ARG C 816 -12.23 27.55 -6.54
C ARG C 816 -12.34 26.07 -6.89
N TYR C 817 -13.18 25.75 -7.86
CA TYR C 817 -13.25 24.38 -8.35
C TYR C 817 -12.17 24.15 -9.41
N ASN C 818 -11.50 23.01 -9.29
CA ASN C 818 -10.26 22.78 -10.03
C ASN C 818 -9.34 23.97 -9.87
N GLY C 819 -8.90 24.56 -10.99
CA GLY C 819 -8.08 25.75 -10.94
C GLY C 819 -8.80 27.05 -11.21
N TYR C 820 -10.11 27.03 -11.40
CA TYR C 820 -10.88 28.21 -11.78
C TYR C 820 -11.81 28.62 -10.67
N SER C 821 -11.98 29.94 -10.51
CA SER C 821 -12.96 30.46 -9.57
C SER C 821 -14.34 29.97 -9.94
N ALA C 822 -15.10 29.50 -8.95
CA ALA C 822 -16.38 28.88 -9.23
C ALA C 822 -17.34 29.16 -8.08
N VAL C 823 -18.63 28.99 -8.37
CA VAL C 823 -19.69 29.09 -7.38
C VAL C 823 -20.51 27.80 -7.46
N GLU C 824 -20.52 27.03 -6.39
CA GLU C 824 -21.29 25.80 -6.38
C GLU C 824 -22.78 26.11 -6.32
N ILE C 825 -23.54 25.47 -7.19
CA ILE C 825 -24.98 25.70 -7.26
C ILE C 825 -25.72 24.39 -7.06
N VAL C 826 -26.10 24.09 -5.82
CA VAL C 826 -26.85 22.89 -5.51
C VAL C 826 -28.32 23.15 -5.81
N GLY C 827 -29.12 22.08 -5.79
CA GLY C 827 -30.54 22.24 -6.05
C GLY C 827 -31.24 20.90 -5.95
N GLU C 828 -32.48 20.88 -6.45
CA GLU C 828 -33.30 19.68 -6.48
C GLU C 828 -34.02 19.61 -7.82
N ALA C 829 -34.48 18.40 -8.15
CA ALA C 829 -35.24 18.15 -9.36
C ALA C 829 -36.72 18.06 -9.02
N ALA C 830 -37.55 18.62 -9.90
CA ALA C 830 -38.99 18.58 -9.69
C ALA C 830 -39.50 17.14 -9.80
N PRO C 831 -40.60 16.81 -9.13
CA PRO C 831 -41.16 15.47 -9.27
C PRO C 831 -41.53 15.16 -10.72
N GLY C 832 -41.32 13.92 -11.12
CA GLY C 832 -41.61 13.51 -12.47
C GLY C 832 -40.42 13.59 -13.40
N VAL C 833 -39.87 14.80 -13.58
CA VAL C 833 -38.71 14.96 -14.45
C VAL C 833 -37.51 14.28 -13.82
N SER C 834 -36.83 13.45 -14.63
CA SER C 834 -35.69 12.69 -14.12
C SER C 834 -34.54 13.63 -13.78
N THR C 835 -33.69 13.18 -12.86
CA THR C 835 -32.56 13.99 -12.43
C THR C 835 -31.63 14.29 -13.61
N GLY C 836 -31.47 13.34 -14.52
CA GLY C 836 -30.66 13.59 -15.71
C GLY C 836 -31.26 14.68 -16.58
N THR C 837 -32.58 14.67 -16.73
CA THR C 837 -33.24 15.73 -17.50
C THR C 837 -33.08 17.07 -16.82
N ALA C 838 -33.18 17.10 -15.49
CA ALA C 838 -32.96 18.35 -14.76
C ALA C 838 -31.53 18.84 -14.96
N MET C 839 -30.56 17.93 -14.95
CA MET C 839 -29.18 18.30 -15.20
C MET C 839 -29.01 18.87 -16.61
N ASP C 840 -29.68 18.28 -17.59
CA ASP C 840 -29.62 18.81 -18.95
C ASP C 840 -30.26 20.20 -19.02
N ILE C 841 -31.35 20.42 -18.27
CA ILE C 841 -31.95 21.75 -18.22
C ILE C 841 -30.97 22.75 -17.63
N MET C 842 -30.27 22.35 -16.56
CA MET C 842 -29.25 23.23 -15.99
C MET C 842 -28.13 23.51 -16.98
N GLU C 843 -27.78 22.51 -17.79
CA GLU C 843 -26.78 22.73 -18.83
C GLU C 843 -27.28 23.74 -19.86
N SER C 844 -28.56 23.67 -20.21
CA SER C 844 -29.13 24.67 -21.10
C SER C 844 -29.06 26.06 -20.47
N LEU C 845 -29.36 26.15 -19.18
CA LEU C 845 -29.31 27.42 -18.48
C LEU C 845 -27.90 28.01 -18.50
N VAL C 846 -26.89 27.18 -18.20
CA VAL C 846 -25.52 27.69 -18.19
C VAL C 846 -25.06 28.01 -19.61
N LYS C 847 -25.63 27.34 -20.62
CA LYS C 847 -25.38 27.75 -21.99
C LYS C 847 -25.96 29.14 -22.25
N GLN C 848 -27.11 29.43 -21.65
CA GLN C 848 -27.72 30.75 -21.83
C GLN C 848 -26.87 31.85 -21.21
N LEU C 849 -25.92 31.49 -20.34
CA LEU C 849 -25.06 32.48 -19.69
C LEU C 849 -24.07 33.05 -20.68
N PRO C 850 -23.46 34.19 -20.35
CA PRO C 850 -22.40 34.74 -21.20
C PRO C 850 -21.23 33.77 -21.34
N ASN C 851 -20.39 34.04 -22.33
CA ASN C 851 -19.28 33.17 -22.65
C ASN C 851 -18.23 33.20 -21.55
N GLY C 852 -17.50 32.10 -21.41
CA GLY C 852 -16.44 31.98 -20.43
C GLY C 852 -16.80 31.20 -19.18
N PHE C 853 -18.08 30.90 -18.97
CA PHE C 853 -18.53 30.19 -17.79
C PHE C 853 -19.04 28.81 -18.19
N GLY C 854 -18.47 27.78 -17.60
CA GLY C 854 -18.90 26.42 -17.86
C GLY C 854 -19.22 25.68 -16.58
N LEU C 855 -19.86 24.53 -16.69
CA LEU C 855 -20.27 23.76 -15.52
C LEU C 855 -19.56 22.42 -15.47
N GLU C 856 -19.35 21.92 -14.26
CA GLU C 856 -18.77 20.60 -14.03
C GLU C 856 -19.55 19.96 -12.89
N TRP C 857 -20.30 18.91 -13.19
CA TRP C 857 -21.02 18.19 -12.15
C TRP C 857 -20.04 17.53 -11.20
N THR C 858 -20.38 17.53 -9.91
CA THR C 858 -19.49 17.03 -8.88
C THR C 858 -20.25 16.10 -7.93
N ALA C 859 -19.50 15.18 -7.32
CA ALA C 859 -19.98 14.28 -6.28
C ALA C 859 -21.14 13.45 -6.84
N MET C 860 -22.31 13.44 -6.19
CA MET C 860 -23.39 12.55 -6.61
C MET C 860 -23.82 12.83 -8.03
N SER C 861 -23.92 14.11 -8.40
CA SER C 861 -24.29 14.45 -9.77
C SER C 861 -23.25 13.94 -10.76
N TYR C 862 -21.97 14.07 -10.43
CA TYR C 862 -20.92 13.57 -11.30
C TYR C 862 -21.06 12.07 -11.51
N GLN C 863 -21.23 11.32 -10.43
CA GLN C 863 -21.34 9.87 -10.55
C GLN C 863 -22.61 9.46 -11.28
N GLU C 864 -23.71 10.18 -11.04
CA GLU C 864 -24.96 9.88 -11.73
C GLU C 864 -24.85 10.14 -13.22
N ARG C 865 -24.16 11.23 -13.59
CA ARG C 865 -23.92 11.50 -15.00
C ARG C 865 -23.04 10.42 -15.63
N LEU C 866 -22.07 9.90 -14.86
CA LEU C 866 -21.21 8.85 -15.40
C LEU C 866 -22.00 7.59 -15.73
N SER C 867 -22.93 7.20 -14.86
CA SER C 867 -23.61 5.92 -14.98
C SER C 867 -25.06 6.12 -15.43
N GLY C 868 -25.80 5.01 -15.48
CA GLY C 868 -27.21 5.03 -15.82
C GLY C 868 -27.55 4.62 -17.24
N ALA C 869 -26.56 4.55 -18.12
CA ALA C 869 -26.80 4.17 -19.50
C ALA C 869 -26.36 2.74 -19.81
N GLN C 870 -25.99 1.99 -18.78
CA GLN C 870 -25.50 0.63 -19.00
C GLN C 870 -26.61 -0.40 -18.90
N ALA C 871 -27.83 0.05 -18.66
CA ALA C 871 -28.95 -0.88 -18.50
C ALA C 871 -29.24 -1.66 -19.79
N PRO C 872 -29.68 -0.96 -20.85
CA PRO C 872 -30.05 -1.71 -22.06
C PRO C 872 -28.98 -2.68 -22.52
N ALA C 873 -27.72 -2.29 -22.40
CA ALA C 873 -26.64 -3.19 -22.74
C ALA C 873 -26.71 -4.43 -21.88
N LEU C 874 -26.82 -4.22 -20.57
CA LEU C 874 -26.87 -5.35 -19.65
C LEU C 874 -27.97 -6.30 -20.05
N TYR C 875 -29.17 -5.75 -20.24
CA TYR C 875 -30.29 -6.60 -20.59
C TYR C 875 -29.99 -7.39 -21.86
N ALA C 876 -29.49 -6.71 -22.89
CA ALA C 876 -29.24 -7.39 -24.15
C ALA C 876 -28.21 -8.50 -23.98
N ILE C 877 -27.09 -8.21 -23.32
CA ILE C 877 -26.05 -9.20 -23.14
C ILE C 877 -26.55 -10.35 -22.28
N SER C 878 -27.29 -10.05 -21.21
CA SER C 878 -27.82 -11.10 -20.36
C SER C 878 -28.78 -11.99 -21.13
N LEU C 879 -29.66 -11.41 -21.94
CA LEU C 879 -30.60 -12.21 -22.72
C LEU C 879 -29.86 -13.09 -23.73
N LEU C 880 -28.83 -12.54 -24.37
CA LEU C 880 -28.06 -13.34 -25.32
C LEU C 880 -27.38 -14.51 -24.62
N VAL C 881 -26.81 -14.26 -23.43
CA VAL C 881 -26.16 -15.32 -22.67
C VAL C 881 -27.16 -16.39 -22.29
N VAL C 882 -28.35 -15.98 -21.86
CA VAL C 882 -29.38 -16.95 -21.48
C VAL C 882 -29.78 -17.78 -22.68
N PHE C 883 -29.95 -17.14 -23.84
CA PHE C 883 -30.31 -17.89 -25.04
C PHE C 883 -29.25 -18.90 -25.39
N LEU C 884 -27.97 -18.52 -25.31
CA LEU C 884 -26.90 -19.44 -25.62
C LEU C 884 -26.86 -20.60 -24.63
N CYS C 885 -27.06 -20.33 -23.35
CA CYS C 885 -27.08 -21.40 -22.36
C CYS C 885 -28.23 -22.36 -22.61
N LEU C 886 -29.39 -21.83 -22.98
CA LEU C 886 -30.53 -22.68 -23.30
C LEU C 886 -30.23 -23.54 -24.53
N ALA C 887 -29.62 -22.94 -25.55
CA ALA C 887 -29.26 -23.69 -26.75
C ALA C 887 -28.31 -24.82 -26.41
N ALA C 888 -27.35 -24.56 -25.51
CA ALA C 888 -26.45 -25.61 -25.07
C ALA C 888 -27.20 -26.70 -24.31
N LEU C 889 -28.17 -26.32 -23.49
CA LEU C 889 -28.86 -27.30 -22.65
C LEU C 889 -29.78 -28.18 -23.48
N TYR C 890 -30.57 -27.59 -24.36
CA TYR C 890 -31.56 -28.33 -25.13
C TYR C 890 -31.06 -28.82 -26.48
N GLU C 891 -29.83 -28.48 -26.85
CA GLU C 891 -29.25 -28.88 -28.12
C GLU C 891 -30.13 -28.48 -29.29
N SER C 892 -30.70 -27.27 -29.23
CA SER C 892 -31.52 -26.77 -30.32
C SER C 892 -31.43 -25.25 -30.35
N TRP C 893 -31.70 -24.69 -31.52
CA TRP C 893 -31.82 -23.25 -31.69
C TRP C 893 -33.28 -22.81 -31.72
N SER C 894 -34.20 -23.68 -31.32
CA SER C 894 -35.62 -23.39 -31.40
C SER C 894 -36.26 -23.39 -30.01
N VAL C 895 -35.92 -24.39 -29.20
CA VAL C 895 -36.43 -24.50 -27.84
C VAL C 895 -36.11 -23.26 -27.01
N PRO C 896 -34.89 -22.69 -27.10
CA PRO C 896 -34.66 -21.43 -26.39
C PRO C 896 -35.62 -20.32 -26.79
N PHE C 897 -35.97 -20.23 -28.06
CA PHE C 897 -36.97 -19.24 -28.47
C PHE C 897 -38.30 -19.48 -27.77
N SER C 898 -38.66 -20.74 -27.57
CA SER C 898 -39.85 -21.05 -26.79
C SER C 898 -39.70 -20.55 -25.36
N VAL C 899 -38.53 -20.77 -24.76
CA VAL C 899 -38.30 -20.32 -23.39
C VAL C 899 -38.19 -18.80 -23.33
N MET C 900 -37.41 -18.21 -24.25
CA MET C 900 -37.12 -16.78 -24.15
C MET C 900 -38.35 -15.90 -24.38
N LEU C 901 -39.45 -16.47 -24.89
CA LEU C 901 -40.63 -15.66 -25.11
C LEU C 901 -41.40 -15.37 -23.82
N VAL C 902 -41.07 -16.04 -22.72
CA VAL C 902 -41.77 -15.79 -21.47
C VAL C 902 -41.13 -14.71 -20.63
N VAL C 903 -39.97 -14.19 -21.04
CA VAL C 903 -39.35 -13.06 -20.36
C VAL C 903 -40.31 -11.88 -20.36
N PRO C 904 -40.92 -11.50 -21.49
CA PRO C 904 -41.89 -10.40 -21.45
C PRO C 904 -43.06 -10.65 -20.52
N LEU C 905 -43.46 -11.91 -20.34
CA LEU C 905 -44.57 -12.21 -19.45
C LEU C 905 -44.30 -11.83 -18.01
N GLY C 906 -43.03 -11.84 -17.59
CA GLY C 906 -42.70 -11.38 -16.26
C GLY C 906 -42.36 -9.92 -16.24
N VAL C 907 -41.76 -9.43 -17.33
CA VAL C 907 -41.39 -8.02 -17.42
C VAL C 907 -42.64 -7.14 -17.35
N ILE C 908 -43.70 -7.53 -18.06
CA ILE C 908 -44.92 -6.72 -18.06
C ILE C 908 -45.50 -6.63 -16.66
N GLY C 909 -45.53 -7.76 -15.94
CA GLY C 909 -46.07 -7.74 -14.60
C GLY C 909 -45.23 -6.92 -13.64
N ALA C 910 -43.91 -7.03 -13.74
CA ALA C 910 -43.05 -6.22 -12.87
C ALA C 910 -43.23 -4.75 -13.15
N LEU C 911 -43.30 -4.37 -14.43
CA LEU C 911 -43.51 -2.97 -14.80
C LEU C 911 -44.85 -2.47 -14.31
N LEU C 912 -45.89 -3.29 -14.46
CA LEU C 912 -47.23 -2.89 -14.03
C LEU C 912 -47.29 -2.71 -12.52
N ALA C 913 -46.63 -3.60 -11.78
CA ALA C 913 -46.60 -3.46 -10.32
C ALA C 913 -45.83 -2.21 -9.92
N THR C 914 -44.71 -1.94 -10.58
CA THR C 914 -43.91 -0.77 -10.24
C THR C 914 -44.69 0.51 -10.52
N TRP C 915 -45.32 0.62 -11.69
CA TRP C 915 -46.06 1.82 -12.05
C TRP C 915 -47.31 1.98 -11.20
N MET C 916 -47.98 0.87 -10.88
CA MET C 916 -49.22 0.95 -10.11
C MET C 916 -48.98 1.52 -8.72
N ARG C 917 -47.88 1.13 -8.08
CA ARG C 917 -47.51 1.68 -6.78
C ARG C 917 -46.83 3.03 -6.90
N GLY C 918 -46.56 3.49 -8.12
CA GLY C 918 -45.94 4.78 -8.31
C GLY C 918 -44.46 4.81 -8.01
N LEU C 919 -43.79 3.66 -8.07
CA LEU C 919 -42.37 3.61 -7.81
C LEU C 919 -41.60 4.13 -9.04
N GLU C 920 -40.29 3.92 -9.04
CA GLU C 920 -39.42 4.49 -10.04
C GLU C 920 -38.44 3.44 -10.54
N ASN C 921 -38.09 3.53 -11.83
CA ASN C 921 -37.09 2.64 -12.39
C ASN C 921 -35.71 3.04 -11.89
N ASP C 922 -35.16 2.23 -10.99
CA ASP C 922 -33.84 2.52 -10.43
C ASP C 922 -33.00 1.26 -10.36
N VAL C 923 -31.88 1.34 -9.64
CA VAL C 923 -30.99 0.19 -9.55
C VAL C 923 -31.74 -0.99 -8.97
N TYR C 924 -32.49 -0.77 -7.90
CA TYR C 924 -33.23 -1.85 -7.28
C TYR C 924 -34.21 -2.45 -8.27
N PHE C 925 -34.84 -1.60 -9.07
CA PHE C 925 -35.80 -2.09 -10.03
C PHE C 925 -35.12 -2.97 -11.05
N GLN C 926 -33.95 -2.54 -11.52
CA GLN C 926 -33.25 -3.31 -12.54
C GLN C 926 -32.94 -4.71 -12.03
N VAL C 927 -32.40 -4.80 -10.83
CA VAL C 927 -32.06 -6.12 -10.29
C VAL C 927 -33.33 -6.94 -10.14
N GLY C 928 -34.42 -6.31 -9.75
CA GLY C 928 -35.68 -7.02 -9.65
C GLY C 928 -36.03 -7.60 -11.00
N LEU C 929 -35.94 -6.78 -12.03
CA LEU C 929 -36.26 -7.23 -13.38
C LEU C 929 -35.43 -8.45 -13.76
N LEU C 930 -34.13 -8.43 -13.43
CA LEU C 930 -33.29 -9.58 -13.74
C LEU C 930 -33.74 -10.82 -12.97
N THR C 931 -34.12 -10.65 -11.70
CA THR C 931 -34.62 -11.78 -10.92
C THR C 931 -35.90 -12.33 -11.53
N VAL C 932 -36.79 -11.43 -11.95
CA VAL C 932 -38.05 -11.85 -12.56
C VAL C 932 -37.79 -12.61 -13.85
N ILE C 933 -36.84 -12.11 -14.66
CA ILE C 933 -36.48 -12.79 -15.90
C ILE C 933 -35.98 -14.20 -15.59
N GLY C 934 -35.11 -14.32 -14.58
CA GLY C 934 -34.59 -15.62 -14.23
C GLY C 934 -35.67 -16.59 -13.77
N LEU C 935 -36.59 -16.12 -12.93
CA LEU C 935 -37.64 -16.99 -12.42
C LEU C 935 -38.61 -17.39 -13.54
N SER C 936 -38.93 -16.46 -14.42
CA SER C 936 -39.76 -16.81 -15.57
C SER C 936 -39.07 -17.84 -16.44
N ALA C 937 -37.75 -17.69 -16.64
CA ALA C 937 -37.00 -18.65 -17.40
C ALA C 937 -37.04 -20.03 -16.75
N LYS C 938 -36.90 -20.09 -15.43
CA LYS C 938 -36.95 -21.38 -14.73
C LYS C 938 -38.32 -22.04 -14.89
N ASN C 939 -39.37 -21.24 -14.71
CA ASN C 939 -40.74 -21.76 -14.86
C ASN C 939 -40.95 -22.32 -16.25
N ALA C 940 -40.47 -21.61 -17.27
CA ALA C 940 -40.55 -22.12 -18.63
C ALA C 940 -39.72 -23.39 -18.79
N ILE C 941 -38.53 -23.42 -18.16
CA ILE C 941 -37.59 -24.51 -18.35
C ILE C 941 -38.20 -25.82 -17.89
N LEU C 942 -38.84 -25.81 -16.71
CA LEU C 942 -39.44 -27.04 -16.20
C LEU C 942 -40.35 -27.67 -17.25
N ILE C 943 -41.35 -26.90 -17.71
CA ILE C 943 -42.34 -27.43 -18.63
C ILE C 943 -41.71 -27.85 -19.94
N VAL C 944 -40.85 -26.99 -20.50
CA VAL C 944 -40.33 -27.27 -21.84
C VAL C 944 -39.40 -28.47 -21.81
N GLU C 945 -38.61 -28.63 -20.75
CA GLU C 945 -37.71 -29.77 -20.68
C GLU C 945 -38.48 -31.07 -20.51
N PHE C 946 -39.52 -31.05 -19.65
CA PHE C 946 -40.30 -32.27 -19.48
C PHE C 946 -41.02 -32.64 -20.77
N ALA C 947 -41.62 -31.65 -21.44
CA ALA C 947 -42.31 -31.93 -22.69
C ALA C 947 -41.34 -32.40 -23.77
N ASN C 948 -40.15 -31.80 -23.83
CA ASN C 948 -39.16 -32.20 -24.81
C ASN C 948 -38.72 -33.64 -24.60
N GLU C 949 -38.46 -34.02 -23.34
CA GLU C 949 -38.11 -35.41 -23.06
C GLU C 949 -39.25 -36.35 -23.42
N MET C 950 -40.48 -35.97 -23.09
CA MET C 950 -41.62 -36.83 -23.36
C MET C 950 -41.80 -37.06 -24.86
N ASN C 951 -41.68 -36.01 -25.67
CA ASN C 951 -41.86 -36.18 -27.11
C ASN C 951 -40.64 -36.85 -27.73
N GLN C 952 -39.46 -36.67 -27.13
CA GLN C 952 -38.28 -37.39 -27.58
C GLN C 952 -38.45 -38.89 -27.39
N LYS C 953 -39.07 -39.30 -26.28
CA LYS C 953 -39.36 -40.71 -26.08
C LYS C 953 -40.29 -41.25 -27.16
N GLY C 954 -41.12 -40.39 -27.76
CA GLY C 954 -41.97 -40.79 -28.86
C GLY C 954 -43.41 -40.36 -28.71
N HIS C 955 -43.73 -39.68 -27.61
CA HIS C 955 -45.11 -39.31 -27.34
C HIS C 955 -45.58 -38.23 -28.31
N ASP C 956 -46.90 -38.14 -28.48
CA ASP C 956 -47.48 -37.09 -29.29
C ASP C 956 -47.19 -35.72 -28.69
N LEU C 957 -47.03 -34.72 -29.55
CA LEU C 957 -46.66 -33.39 -29.09
C LEU C 957 -47.67 -32.84 -28.09
N PHE C 958 -48.96 -32.84 -28.47
CA PHE C 958 -49.99 -32.35 -27.57
C PHE C 958 -50.05 -33.20 -26.30
N GLU C 959 -49.99 -34.52 -26.45
CA GLU C 959 -50.02 -35.39 -25.28
C GLU C 959 -48.81 -35.14 -24.39
N ALA C 960 -47.63 -34.98 -24.99
CA ALA C 960 -46.42 -34.76 -24.20
C ALA C 960 -46.51 -33.46 -23.42
N THR C 961 -46.91 -32.36 -24.09
CA THR C 961 -46.96 -31.08 -23.41
C THR C 961 -48.04 -31.07 -22.34
N LEU C 962 -49.17 -31.71 -22.61
CA LEU C 962 -50.24 -31.78 -21.61
C LEU C 962 -49.80 -32.56 -20.38
N HIS C 963 -49.15 -33.71 -20.60
CA HIS C 963 -48.65 -34.50 -19.47
C HIS C 963 -47.61 -33.73 -18.68
N ALA C 964 -46.70 -33.04 -19.38
CA ALA C 964 -45.68 -32.26 -18.70
C ALA C 964 -46.30 -31.15 -17.86
N CYS C 965 -47.28 -30.45 -18.42
CA CYS C 965 -47.96 -29.40 -17.67
C CYS C 965 -48.68 -29.96 -16.46
N ARG C 966 -49.35 -31.10 -16.62
CA ARG C 966 -50.08 -31.70 -15.50
C ARG C 966 -49.13 -32.07 -14.37
N GLN C 967 -47.97 -32.63 -14.72
CA GLN C 967 -47.02 -33.02 -13.68
C GLN C 967 -46.38 -31.79 -13.03
N ARG C 968 -46.00 -30.79 -13.83
CA ARG C 968 -45.21 -29.69 -13.31
C ARG C 968 -46.04 -28.54 -12.77
N LEU C 969 -47.38 -28.61 -12.85
CA LEU C 969 -48.20 -27.54 -12.31
C LEU C 969 -47.95 -27.35 -10.81
N ARG C 970 -47.97 -28.43 -10.06
CA ARG C 970 -47.77 -28.32 -8.61
C ARG C 970 -46.41 -27.76 -8.25
N PRO C 971 -45.28 -28.22 -8.82
CA PRO C 971 -44.00 -27.56 -8.51
C PRO C 971 -43.99 -26.08 -8.88
N ILE C 972 -44.55 -25.72 -10.03
CA ILE C 972 -44.51 -24.34 -10.48
C ILE C 972 -45.30 -23.45 -9.52
N LEU C 973 -46.54 -23.82 -9.23
CA LEU C 973 -47.36 -23.02 -8.33
C LEU C 973 -46.75 -23.00 -6.94
N MET C 974 -46.23 -24.12 -6.48
CA MET C 974 -45.66 -24.19 -5.14
C MET C 974 -44.46 -23.25 -5.01
N THR C 975 -43.50 -23.37 -5.92
CA THR C 975 -42.32 -22.52 -5.87
C THR C 975 -42.69 -21.05 -6.03
N SER C 976 -43.60 -20.74 -6.96
CA SER C 976 -43.94 -19.37 -7.23
C SER C 976 -44.66 -18.73 -6.04
N LEU C 977 -45.59 -19.46 -5.43
CA LEU C 977 -46.26 -18.94 -4.24
C LEU C 977 -45.27 -18.77 -3.09
N ALA C 978 -44.35 -19.72 -2.93
CA ALA C 978 -43.34 -19.59 -1.89
C ALA C 978 -42.52 -18.33 -2.10
N PHE C 979 -42.11 -18.07 -3.34
CA PHE C 979 -41.35 -16.87 -3.63
C PHE C 979 -42.17 -15.61 -3.40
N ILE C 980 -43.44 -15.61 -3.84
CA ILE C 980 -44.28 -14.43 -3.72
C ILE C 980 -44.47 -14.07 -2.26
N PHE C 981 -44.78 -15.06 -1.42
CA PHE C 981 -44.90 -14.78 -0.01
C PHE C 981 -43.54 -14.49 0.63
N GLY C 982 -42.46 -14.95 0.00
CA GLY C 982 -41.14 -14.60 0.50
C GLY C 982 -40.84 -13.12 0.36
N VAL C 983 -41.16 -12.55 -0.80
CA VAL C 983 -40.94 -11.11 -1.01
C VAL C 983 -42.12 -10.28 -0.58
N LEU C 984 -43.21 -10.90 -0.14
CA LEU C 984 -44.38 -10.15 0.32
C LEU C 984 -44.06 -9.21 1.48
N PRO C 985 -43.32 -9.60 2.53
CA PRO C 985 -43.00 -8.61 3.57
C PRO C 985 -42.22 -7.42 3.05
N MET C 986 -41.33 -7.63 2.07
CA MET C 986 -40.60 -6.52 1.48
C MET C 986 -41.55 -5.52 0.84
N ALA C 987 -42.54 -6.03 0.11
CA ALA C 987 -43.49 -5.13 -0.56
C ALA C 987 -44.37 -4.39 0.44
N THR C 988 -44.56 -4.95 1.63
CA THR C 988 -45.39 -4.34 2.66
C THR C 988 -44.60 -3.93 3.89
N SER C 989 -43.27 -3.85 3.77
CA SER C 989 -42.45 -3.48 4.92
C SER C 989 -42.74 -2.04 5.33
N THR C 990 -42.87 -1.81 6.64
CA THR C 990 -43.10 -0.49 7.21
C THR C 990 -42.09 -0.28 8.33
N GLY C 991 -40.98 0.36 8.00
CA GLY C 991 -39.95 0.58 8.99
C GLY C 991 -38.75 1.26 8.38
N ALA C 992 -37.60 1.06 9.01
CA ALA C 992 -36.36 1.63 8.51
C ALA C 992 -36.00 1.03 7.16
N GLY C 993 -35.57 1.89 6.24
CA GLY C 993 -35.21 1.41 4.92
C GLY C 993 -36.35 0.85 4.11
N SER C 994 -37.59 1.24 4.41
CA SER C 994 -38.73 0.69 3.71
C SER C 994 -38.74 1.09 2.24
N GLY C 995 -38.05 2.18 1.89
CA GLY C 995 -38.05 2.62 0.50
C GLY C 995 -37.43 1.61 -0.44
N GLY C 996 -36.22 1.18 -0.14
CA GLY C 996 -35.57 0.18 -1.00
C GLY C 996 -36.27 -1.16 -0.96
N GLN C 997 -36.76 -1.55 0.22
CA GLN C 997 -37.48 -2.82 0.34
C GLN C 997 -38.72 -2.81 -0.53
N HIS C 998 -39.48 -1.71 -0.52
CA HIS C 998 -40.61 -1.60 -1.43
C HIS C 998 -40.16 -1.61 -2.87
N ALA C 999 -39.12 -0.84 -3.21
CA ALA C 999 -38.68 -0.72 -4.59
C ALA C 999 -38.29 -2.07 -5.17
N VAL C 1000 -37.76 -2.96 -4.34
CA VAL C 1000 -37.48 -4.31 -4.80
C VAL C 1000 -38.75 -5.16 -4.81
N GLY C 1001 -39.39 -5.28 -3.65
CA GLY C 1001 -40.43 -6.28 -3.47
C GLY C 1001 -41.63 -6.06 -4.37
N THR C 1002 -42.05 -4.81 -4.55
CA THR C 1002 -43.23 -4.55 -5.36
C THR C 1002 -43.04 -5.06 -6.78
N GLY C 1003 -41.93 -4.65 -7.41
CA GLY C 1003 -41.67 -5.09 -8.77
C GLY C 1003 -41.50 -6.59 -8.87
N VAL C 1004 -40.75 -7.18 -7.94
CA VAL C 1004 -40.48 -8.61 -8.03
C VAL C 1004 -41.77 -9.41 -7.84
N MET C 1005 -42.59 -9.01 -6.87
CA MET C 1005 -43.84 -9.73 -6.60
C MET C 1005 -44.81 -9.59 -7.76
N GLY C 1006 -44.91 -8.40 -8.33
CA GLY C 1006 -45.77 -8.24 -9.50
C GLY C 1006 -45.31 -9.09 -10.67
N GLY C 1007 -44.00 -9.11 -10.92
CA GLY C 1007 -43.47 -9.96 -11.96
C GLY C 1007 -43.78 -11.42 -11.72
N MET C 1008 -43.67 -11.86 -10.47
CA MET C 1008 -43.95 -13.26 -10.15
C MET C 1008 -45.42 -13.59 -10.35
N ILE C 1009 -46.32 -12.69 -9.94
CA ILE C 1009 -47.75 -12.94 -10.13
C ILE C 1009 -48.08 -13.06 -11.61
N SER C 1010 -47.53 -12.13 -12.41
CA SER C 1010 -47.75 -12.19 -13.85
C SER C 1010 -47.18 -13.48 -14.43
N ALA C 1011 -46.00 -13.88 -13.97
CA ALA C 1011 -45.40 -15.12 -14.44
C ALA C 1011 -46.31 -16.32 -14.16
N THR C 1012 -46.80 -16.42 -12.93
CA THR C 1012 -47.68 -17.53 -12.58
C THR C 1012 -48.91 -17.55 -13.48
N ILE C 1013 -49.59 -16.41 -13.62
CA ILE C 1013 -50.87 -16.41 -14.33
C ILE C 1013 -50.66 -16.59 -15.83
N LEU C 1014 -49.53 -16.11 -16.37
CA LEU C 1014 -49.38 -16.07 -17.82
C LEU C 1014 -48.59 -17.26 -18.34
N ALA C 1015 -47.43 -17.54 -17.75
CA ALA C 1015 -46.50 -18.49 -18.34
C ALA C 1015 -47.09 -19.89 -18.42
N ILE C 1016 -47.80 -20.31 -17.37
CA ILE C 1016 -48.32 -21.67 -17.30
C ILE C 1016 -49.25 -21.95 -18.48
N TYR C 1017 -49.84 -20.90 -19.03
CA TYR C 1017 -50.69 -21.03 -20.21
C TYR C 1017 -49.98 -20.72 -21.51
N PHE C 1018 -48.98 -19.82 -21.48
CA PHE C 1018 -48.36 -19.40 -22.73
C PHE C 1018 -47.24 -20.34 -23.17
N VAL C 1019 -46.44 -20.84 -22.23
CA VAL C 1019 -45.28 -21.66 -22.60
C VAL C 1019 -45.68 -22.96 -23.29
N PRO C 1020 -46.81 -23.61 -22.97
CA PRO C 1020 -47.20 -24.74 -23.83
C PRO C 1020 -47.48 -24.32 -25.25
N LEU C 1021 -48.12 -23.16 -25.41
CA LEU C 1021 -48.39 -22.65 -26.76
C LEU C 1021 -47.09 -22.39 -27.51
N PHE C 1022 -46.13 -21.73 -26.85
CA PHE C 1022 -44.85 -21.44 -27.49
C PHE C 1022 -44.12 -22.73 -27.86
N PHE C 1023 -44.07 -23.68 -26.92
CA PHE C 1023 -43.35 -24.92 -27.19
C PHE C 1023 -43.97 -25.67 -28.35
N VAL C 1024 -45.30 -25.82 -28.35
CA VAL C 1024 -45.96 -26.56 -29.42
C VAL C 1024 -45.78 -25.86 -30.75
N LEU C 1025 -45.97 -24.53 -30.77
CA LEU C 1025 -45.85 -23.78 -32.02
C LEU C 1025 -44.45 -23.88 -32.60
N VAL C 1026 -43.43 -23.70 -31.74
CA VAL C 1026 -42.06 -23.74 -32.23
C VAL C 1026 -41.69 -25.14 -32.69
N ARG C 1027 -42.10 -26.17 -31.93
CA ARG C 1027 -41.78 -27.53 -32.33
C ARG C 1027 -42.46 -27.89 -33.65
N ARG C 1028 -43.69 -27.44 -33.85
CA ARG C 1028 -44.35 -27.63 -35.14
C ARG C 1028 -43.60 -26.92 -36.24
N ARG C 1029 -43.13 -25.70 -35.98
CA ARG C 1029 -42.38 -24.97 -36.99
C ARG C 1029 -41.03 -25.62 -37.28
N PHE C 1030 -40.38 -26.16 -36.24
CA PHE C 1030 -39.06 -26.79 -36.37
C PHE C 1030 -39.13 -28.19 -35.76
N PRO C 1031 -39.48 -29.20 -36.54
CA PRO C 1031 -39.67 -30.54 -35.99
C PRO C 1031 -38.35 -31.20 -35.63
N LEU C 1032 -38.43 -32.25 -34.81
CA LEU C 1032 -37.23 -32.97 -34.40
C LEU C 1032 -36.90 -34.10 -35.36
N LYS C 1033 -35.80 -34.80 -35.11
CA LYS C 1033 -35.40 -35.90 -35.98
C LYS C 1033 -34.80 -37.05 -35.17
C11 LLL D . -0.88 0.27 -7.54
O11 LLL D . -1.78 0.53 -6.47
C21 LLL D . 0.43 1.12 -7.40
N21 LLL D . 0.50 1.73 -6.07
C31 LLL D . 0.48 2.18 -8.51
C41 LLL D . 0.31 1.53 -9.90
C51 LLL D . -0.89 0.59 -9.95
O51 LLL D . -1.62 0.71 -8.69
C61 LLL D . -0.45 -0.92 -10.15
N61 LLL D . -0.83 -1.48 -11.44
C12 LLL D . -3.56 -1.31 -3.19
N12 LLL D . -4.02 -2.21 -2.12
C22 LLL D . -3.88 -1.88 -4.60
C32 LLL D . -3.50 -0.91 -5.74
N32 LLL D . -3.79 -1.48 -7.07
C42 LLL D . -1.93 -0.62 -5.64
C52 LLL D . -1.64 -0.05 -4.18
O52 LLL D . -0.19 0.12 -4.10
C62 LLL D . -1.99 -1.14 -3.11
O62 LLL D . -1.77 -0.46 -1.87
C13 LLL D . -1.27 -1.36 -0.89
C23 LLL D . -1.49 -0.90 0.59
O23 LLL D . -0.73 0.32 0.73
C33 LLL D . -0.97 -1.91 1.62
N33 LLL D . -2.06 -2.82 2.05
C43 LLL D . 0.25 -2.74 1.00
O43 LLL D . -0.32 -3.88 0.30
C53 LLL D . 1.01 -1.91 -0.04
O53 LLL D . 0.15 -1.40 -1.12
C83 LLL D . 1.24 -3.27 2.03
C93 LLL D . -3.42 -2.20 1.90
#